data_7NY1
#
_entry.id   7NY1
#
_cell.length_a   1.00
_cell.length_b   1.00
_cell.length_c   1.00
_cell.angle_alpha   90.00
_cell.angle_beta   90.00
_cell.angle_gamma   90.00
#
_symmetry.space_group_name_H-M   'P 1'
#
loop_
_entity.id
_entity.type
_entity.pdbx_description
1 polymer 'Plasma membrane ATPase'
2 non-polymer "ADENOSINE-5'-DIPHOSPHATE"
3 non-polymer 'MAGNESIUM ION'
4 non-polymer 'POTASSIUM ION'
#
_entity_poly.entity_id   1
_entity_poly.type   'polypeptide(L)'
_entity_poly.pdbx_seq_one_letter_code
;MADHSASGAPALSTNIESGKFDEKAAEAAAYQPKPKVEDDEDEDIDALIEDLESHDGHDAEEEEEEATPGGGRVVPEDML
QTDTRVGLTSEEVVQRRRKYGLNQMKEEKENHFLKFLGFFVGPIQFVMEGAAVLAAGLEDWVDFGVICGLLLLNAVVGFV
QEFQAGSIVDELKKTLALKAVVLRDGTLKEIEAPEVVPGDILQVEEGTIIPADGRIVTDDAFLQVDQSALTGESLAVDKH
KGDQVFASSAVKRGEAFVVITATGDNTFVGRAAALVNAASGGSGHFTEVLNGIGTILLILVIFTLLIVWVSSFYRSNPIV
QILEFTLAITIIGVPVGLPAVVTTTMAVGAAYLAKKKAIVQKLSAIESLAGVEILCSDKTGTLTKNKLSLHDPYTVAGVD
PEDLMLTACLAASRKKKGIDAIDKAFLKSLKYYPRAKSVLSKYKVLQFHPFDPVSKKVVAVVESPQGERITCVKGAPLFV
LKTVEEDHPIPEEVDQAYKNKVAEFATRGFRSLGVARKRGEGSWEILGIMPCMDPPRHDTYKTVCEAKTLGLSIKMLTGD
AVGIARETSRQLGLGTNIYNAERLGLGGGGDMPGSEVYDFVEAADGFAEVFPQHKYNVVEILQQRGYLVAMTGDGVNDAP
SLKKADTGIAVEGSSDAARSAADIVFLAPGLGAIIDALKTSRQIFHRMYAYVVYRIALSIHLEIFLGLWIAILNRSLNIE
LVVFIAIFADVATLAIAYDNAPYSQTPVKWNLPKLWGMSVLLGVVLAVGTWITVTTMYAQGENGGIVQNFGNMDEVLFLQ
ISLTENWLIFITRANGPFWSSIPSWQLSGAIFLVDILATCFTIWGWFEHSDTSIVAVVRIWIFSFGIFCIMGGVYYILQD
SVGFDNLMHGKSPKGNQKQRSLEDFVVSLQRVSTQHEKSQ
;
_entity_poly.pdbx_strand_id   A,B,C,D,E,F
#
loop_
_chem_comp.id
_chem_comp.type
_chem_comp.name
_chem_comp.formula
ADP non-polymer ADENOSINE-5'-DIPHOSPHATE 'C10 H15 N5 O10 P2'
K non-polymer 'POTASSIUM ION' 'K 1'
MG non-polymer 'MAGNESIUM ION' 'Mg 2'
#
# COMPACT_ATOMS: atom_id res chain seq x y z
N GLU A 66 17.33 66.02 -2.02
CA GLU A 66 18.13 67.18 -2.41
C GLU A 66 18.35 67.20 -3.92
N ALA A 67 17.61 68.07 -4.62
CA ALA A 67 17.78 68.22 -6.06
C ALA A 67 18.31 69.60 -6.43
N THR A 68 17.61 70.67 -6.06
CA THR A 68 18.09 72.02 -6.31
C THR A 68 19.09 72.52 -5.24
N PRO A 69 18.85 72.30 -3.94
CA PRO A 69 19.80 72.82 -2.94
C PRO A 69 20.86 71.84 -2.49
N GLY A 70 20.97 70.67 -3.12
CA GLY A 70 21.94 69.67 -2.71
C GLY A 70 22.99 69.38 -3.75
N GLY A 71 23.35 70.40 -4.55
CA GLY A 71 24.36 70.25 -5.55
C GLY A 71 23.82 70.08 -6.95
N GLY A 72 22.81 70.87 -7.31
CA GLY A 72 22.27 70.84 -8.65
C GLY A 72 21.56 72.11 -9.04
N ARG A 73 21.96 72.69 -10.16
CA ARG A 73 21.37 73.91 -10.71
C ARG A 73 21.86 74.03 -12.15
N VAL A 74 21.67 75.20 -12.76
CA VAL A 74 21.98 75.35 -14.19
C VAL A 74 23.47 75.17 -14.47
N VAL A 75 24.33 75.70 -13.61
CA VAL A 75 25.77 75.70 -13.91
C VAL A 75 26.39 74.30 -13.83
N PRO A 76 25.85 73.32 -13.10
CA PRO A 76 26.21 71.93 -13.36
C PRO A 76 25.27 71.18 -14.31
N GLU A 77 24.27 71.84 -14.89
CA GLU A 77 23.30 71.17 -15.75
C GLU A 77 23.38 71.64 -17.20
N ASP A 78 23.20 72.94 -17.44
CA ASP A 78 23.20 73.47 -18.81
C ASP A 78 24.56 74.00 -19.24
N MET A 79 25.41 74.42 -18.30
CA MET A 79 26.78 74.74 -18.64
C MET A 79 27.57 73.51 -19.05
N LEU A 80 27.06 72.31 -18.74
CA LEU A 80 27.57 71.09 -19.36
C LEU A 80 27.42 71.17 -20.87
N GLN A 81 26.22 71.52 -21.34
CA GLN A 81 25.90 71.56 -22.76
C GLN A 81 26.13 72.97 -23.30
N THR A 82 27.38 73.42 -23.16
CA THR A 82 27.86 74.61 -23.84
C THR A 82 28.87 74.29 -24.93
N ASP A 83 29.53 73.13 -24.86
CA ASP A 83 30.42 72.64 -25.90
C ASP A 83 29.69 71.64 -26.78
N THR A 84 30.42 71.12 -27.76
CA THR A 84 29.87 70.08 -28.63
C THR A 84 29.80 68.75 -27.89
N ARG A 85 29.36 67.73 -28.61
CA ARG A 85 29.27 66.39 -28.02
C ARG A 85 30.64 65.87 -27.62
N VAL A 86 31.64 66.08 -28.46
CA VAL A 86 32.98 65.53 -28.24
C VAL A 86 33.88 66.67 -27.79
N GLY A 87 34.14 66.73 -26.48
CA GLY A 87 35.06 67.69 -25.92
C GLY A 87 34.79 68.02 -24.47
N LEU A 88 35.84 68.10 -23.65
CA LEU A 88 35.71 68.51 -22.26
C LEU A 88 37.08 68.95 -21.77
N THR A 89 37.14 70.10 -21.10
CA THR A 89 38.39 70.65 -20.61
C THR A 89 38.18 71.29 -19.25
N SER A 90 39.27 71.35 -18.48
CA SER A 90 39.40 72.21 -17.31
C SER A 90 38.35 71.89 -16.24
N GLU A 91 38.51 70.71 -15.63
CA GLU A 91 37.90 70.52 -14.32
C GLU A 91 38.53 71.54 -13.39
N GLU A 92 37.79 72.60 -13.05
CA GLU A 92 38.50 73.80 -12.63
C GLU A 92 38.85 73.84 -11.15
N VAL A 93 37.86 74.10 -10.30
CA VAL A 93 38.08 74.26 -8.85
C VAL A 93 36.94 73.54 -8.12
N VAL A 94 36.54 72.37 -8.61
CA VAL A 94 35.18 71.83 -8.47
C VAL A 94 34.57 71.95 -7.08
N GLN A 95 35.40 72.18 -6.06
CA GLN A 95 35.04 72.52 -4.66
C GLN A 95 34.50 71.35 -3.86
N ARG A 96 34.18 70.21 -4.49
CA ARG A 96 33.64 69.07 -3.77
C ARG A 96 33.75 67.85 -4.66
N ARG A 97 34.44 66.82 -4.20
CA ARG A 97 34.49 65.54 -4.90
C ARG A 97 33.77 64.53 -4.02
N ARG A 98 32.45 64.50 -4.14
CA ARG A 98 31.59 63.56 -3.43
C ARG A 98 31.24 62.47 -4.44
N LYS A 99 32.15 61.52 -4.60
CA LYS A 99 32.09 60.57 -5.70
C LYS A 99 32.34 59.12 -5.31
N TYR A 100 33.01 58.85 -4.20
CA TYR A 100 33.57 57.53 -3.91
C TYR A 100 32.66 56.73 -2.98
N GLY A 101 31.47 56.41 -3.47
CA GLY A 101 30.53 55.65 -2.66
C GLY A 101 30.25 56.37 -1.35
N LEU A 102 29.52 57.47 -1.42
CA LEU A 102 29.51 58.51 -0.41
C LEU A 102 29.45 57.96 1.01
N ASN A 103 30.51 58.21 1.77
CA ASN A 103 30.58 57.88 3.20
C ASN A 103 30.28 56.41 3.47
N GLN A 104 30.79 55.54 2.59
CA GLN A 104 30.67 54.09 2.78
C GLN A 104 32.03 53.44 2.98
N MET A 105 32.96 53.63 2.05
CA MET A 105 34.31 53.12 2.22
C MET A 105 35.21 54.15 2.91
N LYS A 106 35.02 55.42 2.62
CA LYS A 106 35.78 56.50 3.24
C LYS A 106 35.24 56.88 4.61
N GLU A 107 34.12 56.31 5.02
CA GLU A 107 33.53 56.61 6.33
C GLU A 107 34.48 56.26 7.45
N GLU A 108 34.93 57.28 8.19
CA GLU A 108 35.90 57.13 9.27
C GLU A 108 37.16 56.43 8.75
N LYS A 109 37.82 57.13 7.84
CA LYS A 109 38.92 56.54 7.07
C LYS A 109 40.06 56.09 7.98
N GLU A 110 40.51 54.85 7.77
CA GLU A 110 41.68 54.26 8.40
C GLU A 110 41.76 54.62 9.89
N ASN A 111 40.72 54.24 10.63
CA ASN A 111 40.74 54.46 12.07
C ASN A 111 41.88 53.67 12.71
N HIS A 112 41.97 52.37 12.41
CA HIS A 112 43.14 51.54 12.62
C HIS A 112 43.55 51.43 14.08
N PHE A 113 42.79 52.04 15.00
CA PHE A 113 43.04 51.88 16.43
C PHE A 113 41.79 51.61 17.24
N LEU A 114 40.59 51.84 16.72
CA LEU A 114 39.37 51.43 17.41
C LEU A 114 38.94 50.02 17.04
N LYS A 115 39.58 49.40 16.06
CA LYS A 115 39.42 47.96 15.85
C LYS A 115 40.22 47.17 16.87
N PHE A 116 41.37 47.69 17.29
CA PHE A 116 42.19 46.99 18.29
C PHE A 116 41.50 46.97 19.64
N LEU A 117 41.02 48.12 20.11
CA LEU A 117 40.31 48.15 21.38
C LEU A 117 38.94 47.49 21.28
N GLY A 118 38.37 47.43 20.07
CA GLY A 118 37.09 46.76 19.90
C GLY A 118 37.17 45.27 20.21
N PHE A 119 38.33 44.66 19.99
CA PHE A 119 38.52 43.25 20.33
C PHE A 119 38.81 43.04 21.81
N PHE A 120 39.06 44.11 22.56
CA PHE A 120 39.27 44.02 23.99
C PHE A 120 37.98 44.20 24.78
N VAL A 121 36.84 44.38 24.10
CA VAL A 121 35.56 44.58 24.75
C VAL A 121 34.56 43.59 24.17
N GLY A 122 33.83 42.91 25.05
CA GLY A 122 32.85 41.93 24.64
C GLY A 122 32.45 41.05 25.80
N PRO A 123 31.62 40.04 25.53
CA PRO A 123 31.22 39.12 26.60
C PRO A 123 32.38 38.34 27.19
N ILE A 124 33.11 37.61 26.35
CA ILE A 124 34.22 36.79 26.84
C ILE A 124 35.36 37.68 27.33
N GLN A 125 35.65 38.76 26.60
CA GLN A 125 36.73 39.66 27.01
C GLN A 125 36.44 40.28 28.37
N PHE A 126 35.16 40.52 28.69
CA PHE A 126 34.82 40.98 30.03
C PHE A 126 35.11 39.92 31.07
N VAL A 127 34.84 38.66 30.76
CA VAL A 127 35.17 37.57 31.69
C VAL A 127 36.67 37.52 31.94
N MET A 128 37.46 37.65 30.87
CA MET A 128 38.91 37.66 31.03
C MET A 128 39.41 38.87 31.80
N GLU A 129 38.79 40.04 31.59
CA GLU A 129 39.16 41.22 32.36
C GLU A 129 38.84 41.04 33.84
N GLY A 130 37.67 40.48 34.14
CA GLY A 130 37.35 40.19 35.52
C GLY A 130 38.30 39.18 36.13
N ALA A 131 38.74 38.20 35.34
CA ALA A 131 39.72 37.24 35.81
C ALA A 131 41.05 37.92 36.14
N ALA A 132 41.52 38.77 35.24
CA ALA A 132 42.80 39.46 35.44
C ALA A 132 42.73 40.48 36.58
N VAL A 133 41.54 41.02 36.85
CA VAL A 133 41.42 41.94 37.97
C VAL A 133 41.31 41.18 39.29
N LEU A 134 40.52 40.11 39.32
CA LEU A 134 40.33 39.32 40.54
C LEU A 134 41.52 38.44 40.86
N ALA A 135 42.65 38.58 40.16
CA ALA A 135 43.89 37.91 40.56
C ALA A 135 44.70 38.79 41.49
N ALA A 136 44.03 39.29 42.54
CA ALA A 136 44.62 40.23 43.50
C ALA A 136 45.24 41.42 42.79
N GLY A 137 44.59 41.87 41.72
CA GLY A 137 45.14 42.96 40.93
C GLY A 137 46.47 42.58 40.31
N LEU A 138 47.45 43.47 40.45
CA LEU A 138 48.80 43.27 39.93
C LEU A 138 49.74 42.70 40.99
N GLU A 139 49.22 41.88 41.90
CA GLU A 139 50.04 41.33 42.98
C GLU A 139 51.27 40.61 42.44
N ASP A 140 51.07 39.54 41.66
CA ASP A 140 52.15 38.77 41.09
C ASP A 140 51.85 38.47 39.64
N TRP A 141 52.88 38.51 38.80
CA TRP A 141 52.74 38.31 37.36
C TRP A 141 52.87 36.83 37.00
N VAL A 142 51.95 36.03 37.56
CA VAL A 142 51.88 34.61 37.23
C VAL A 142 50.49 34.28 36.70
N ASP A 143 49.45 34.59 37.46
CA ASP A 143 48.09 34.42 36.98
C ASP A 143 47.67 35.61 36.12
N PHE A 144 47.88 36.82 36.64
CA PHE A 144 47.58 38.03 35.87
C PHE A 144 48.37 38.04 34.57
N GLY A 145 49.66 37.70 34.64
CA GLY A 145 50.49 37.74 33.45
C GLY A 145 49.99 36.81 32.36
N VAL A 146 49.68 35.56 32.74
CA VAL A 146 49.27 34.58 31.73
C VAL A 146 47.88 34.91 31.18
N ILE A 147 46.97 35.38 32.05
CA ILE A 147 45.63 35.71 31.57
C ILE A 147 45.67 36.90 30.62
N CYS A 148 46.40 37.96 31.00
CA CYS A 148 46.53 39.11 30.12
C CYS A 148 47.27 38.74 28.85
N GLY A 149 48.23 37.81 28.92
CA GLY A 149 48.89 37.35 27.71
C GLY A 149 47.93 36.65 26.77
N LEU A 150 47.06 35.80 27.29
CA LEU A 150 46.07 35.14 26.43
C LEU A 150 45.12 36.15 25.83
N LEU A 151 44.64 37.10 26.64
CA LEU A 151 43.73 38.12 26.11
C LEU A 151 44.40 38.94 25.02
N LEU A 152 45.64 39.35 25.24
CA LEU A 152 46.38 40.12 24.23
C LEU A 152 46.60 39.29 22.99
N LEU A 153 46.90 38.00 23.13
CA LEU A 153 47.12 37.16 21.96
C LEU A 153 45.84 37.03 21.15
N ASN A 154 44.71 36.82 21.80
CA ASN A 154 43.44 36.75 21.08
C ASN A 154 43.15 38.06 20.37
N ALA A 155 43.33 39.19 21.05
CA ALA A 155 43.08 40.48 20.43
C ALA A 155 43.99 40.73 19.24
N VAL A 156 45.28 40.43 19.36
CA VAL A 156 46.23 40.66 18.27
C VAL A 156 45.95 39.74 17.10
N VAL A 157 45.65 38.46 17.36
CA VAL A 157 45.36 37.53 16.28
C VAL A 157 44.09 37.97 15.54
N GLY A 158 43.05 38.36 16.29
CA GLY A 158 41.84 38.84 15.64
C GLY A 158 42.08 40.09 14.82
N PHE A 159 42.86 41.03 15.35
CA PHE A 159 43.15 42.25 14.61
C PHE A 159 43.93 41.95 13.34
N VAL A 160 44.94 41.09 13.42
CA VAL A 160 45.74 40.75 12.24
C VAL A 160 44.87 40.06 11.20
N GLN A 161 44.03 39.13 11.63
CA GLN A 161 43.18 38.42 10.68
C GLN A 161 42.19 39.36 10.01
N GLU A 162 41.56 40.25 10.77
CA GLU A 162 40.64 41.20 10.17
C GLU A 162 41.36 42.16 9.22
N PHE A 163 42.57 42.58 9.60
CA PHE A 163 43.35 43.46 8.72
C PHE A 163 43.68 42.76 7.41
N GLN A 164 44.10 41.50 7.48
CA GLN A 164 44.42 40.76 6.26
C GLN A 164 43.18 40.56 5.40
N ALA A 165 42.05 40.23 6.03
CA ALA A 165 40.83 39.99 5.27
C ALA A 165 40.24 41.28 4.68
N GLY A 166 40.50 42.43 5.28
CA GLY A 166 39.98 43.68 4.76
C GLY A 166 40.93 44.37 3.82
N SER A 167 42.21 44.00 3.86
CA SER A 167 43.21 44.55 2.96
C SER A 167 43.37 43.73 1.69
N ILE A 168 42.65 42.62 1.57
CA ILE A 168 42.71 41.81 0.36
C ILE A 168 41.36 41.72 -0.35
N VAL A 169 40.25 41.93 0.35
CA VAL A 169 38.97 42.03 -0.34
C VAL A 169 38.85 43.37 -1.06
N ASP A 170 39.58 44.39 -0.59
CA ASP A 170 39.60 45.67 -1.28
C ASP A 170 40.48 45.63 -2.53
N GLU A 171 41.51 44.79 -2.53
CA GLU A 171 42.33 44.64 -3.73
C GLU A 171 41.56 43.96 -4.85
N LEU A 172 40.59 43.11 -4.50
CA LEU A 172 39.70 42.55 -5.52
C LEU A 172 38.67 43.56 -5.97
N LYS A 173 38.19 44.42 -5.06
CA LYS A 173 37.27 45.47 -5.45
C LYS A 173 37.93 46.45 -6.41
N LYS A 174 39.21 46.75 -6.19
CA LYS A 174 39.91 47.71 -7.05
C LYS A 174 40.03 47.19 -8.48
N THR A 175 40.33 45.92 -8.65
CA THR A 175 40.52 45.33 -9.97
C THR A 175 39.21 45.01 -10.67
N LEU A 176 38.08 45.48 -10.14
CA LEU A 176 36.77 45.15 -10.69
C LEU A 176 35.85 46.38 -10.73
N ALA A 177 36.39 47.57 -10.46
CA ALA A 177 35.58 48.78 -10.46
C ALA A 177 35.08 49.10 -11.87
N LEU A 178 33.86 49.62 -11.94
CA LEU A 178 33.20 49.92 -13.20
C LEU A 178 33.77 51.22 -13.76
N LYS A 179 34.86 51.09 -14.50
CA LYS A 179 35.51 52.24 -15.11
C LYS A 179 34.58 52.93 -16.10
N ALA A 180 34.66 54.26 -16.16
CA ALA A 180 33.72 55.10 -16.90
C ALA A 180 34.43 55.88 -17.98
N VAL A 181 33.83 55.93 -19.18
CA VAL A 181 34.45 56.56 -20.34
C VAL A 181 33.80 57.92 -20.58
N VAL A 182 34.64 58.94 -20.78
CA VAL A 182 34.21 60.27 -21.19
C VAL A 182 35.16 60.69 -22.30
N LEU A 183 34.62 61.19 -23.41
CA LEU A 183 35.44 61.54 -24.56
C LEU A 183 35.72 63.04 -24.57
N ARG A 184 36.99 63.40 -24.57
CA ARG A 184 37.45 64.78 -24.67
C ARG A 184 38.05 65.00 -26.06
N ASP A 185 38.68 66.17 -26.24
CA ASP A 185 39.26 66.56 -27.52
C ASP A 185 40.02 65.41 -28.20
N GLY A 186 40.85 64.69 -27.44
CA GLY A 186 41.58 63.57 -27.95
C GLY A 186 40.91 62.24 -27.65
N THR A 187 41.60 61.16 -28.02
CA THR A 187 41.11 59.81 -27.78
C THR A 187 41.45 59.41 -26.34
N LEU A 188 40.79 60.07 -25.40
CA LEU A 188 40.97 59.75 -24.00
C LEU A 188 40.55 58.31 -23.73
N LYS A 189 41.42 57.56 -23.04
CA LYS A 189 41.18 56.15 -22.86
C LYS A 189 39.91 55.89 -22.07
N GLU A 190 39.89 56.27 -20.79
CA GLU A 190 38.76 56.04 -19.92
C GLU A 190 39.11 56.61 -18.54
N ILE A 191 38.08 56.88 -17.73
CA ILE A 191 38.26 57.46 -16.41
C ILE A 191 37.93 56.41 -15.36
N GLU A 192 38.81 56.26 -14.38
CA GLU A 192 38.57 55.34 -13.27
C GLU A 192 37.35 55.81 -12.49
N ALA A 193 36.56 54.83 -12.02
CA ALA A 193 35.12 54.97 -11.79
C ALA A 193 34.69 56.21 -11.00
N PRO A 194 35.09 56.39 -9.74
CA PRO A 194 34.51 57.50 -8.97
C PRO A 194 35.09 58.85 -9.32
N GLU A 195 36.39 58.94 -9.62
CA GLU A 195 37.04 60.24 -9.81
C GLU A 195 36.69 60.79 -11.20
N VAL A 196 35.41 61.09 -11.35
CA VAL A 196 34.88 61.83 -12.49
C VAL A 196 34.07 63.01 -11.95
N VAL A 197 34.28 64.19 -12.51
CA VAL A 197 33.67 65.40 -11.99
C VAL A 197 32.17 65.38 -12.21
N PRO A 198 31.37 65.90 -11.28
CA PRO A 198 29.93 66.02 -11.51
C PRO A 198 29.64 67.06 -12.59
N GLY A 199 28.45 66.96 -13.16
CA GLY A 199 28.11 67.84 -14.27
C GLY A 199 29.01 67.65 -15.46
N ASP A 200 29.28 66.40 -15.83
CA ASP A 200 30.18 66.08 -16.95
C ASP A 200 29.47 65.13 -17.90
N ILE A 201 29.96 65.13 -19.15
CA ILE A 201 29.38 64.26 -20.16
C ILE A 201 29.67 62.80 -19.80
N LEU A 202 28.95 61.90 -20.44
CA LEU A 202 29.11 60.47 -20.27
C LEU A 202 28.74 59.75 -21.55
N GLN A 203 29.33 58.58 -21.77
CA GLN A 203 29.04 57.76 -22.94
C GLN A 203 28.64 56.37 -22.46
N VAL A 204 27.34 56.12 -22.37
CA VAL A 204 26.82 54.80 -22.06
C VAL A 204 26.63 54.05 -23.36
N GLU A 205 27.26 52.88 -23.48
CA GLU A 205 27.38 52.18 -24.76
C GLU A 205 27.09 50.70 -24.56
N GLU A 206 25.84 50.31 -24.86
CA GLU A 206 25.46 48.91 -25.08
C GLU A 206 25.95 47.98 -23.98
N GLY A 207 25.36 48.14 -22.80
CA GLY A 207 25.67 47.24 -21.70
C GLY A 207 26.78 47.74 -20.80
N THR A 208 26.65 48.97 -20.31
CA THR A 208 27.59 49.54 -19.36
C THR A 208 26.81 50.08 -18.17
N ILE A 209 27.30 49.79 -16.97
CA ILE A 209 26.66 50.31 -15.77
C ILE A 209 26.79 51.83 -15.74
N ILE A 210 25.66 52.51 -15.64
CA ILE A 210 25.62 53.96 -15.71
C ILE A 210 26.37 54.54 -14.51
N PRO A 211 27.56 55.09 -14.71
CA PRO A 211 28.43 55.43 -13.57
C PRO A 211 27.86 56.51 -12.66
N ALA A 212 27.14 57.48 -13.23
CA ALA A 212 26.66 58.61 -12.45
C ALA A 212 25.21 58.89 -12.79
N ASP A 213 24.42 59.20 -11.77
CA ASP A 213 23.02 59.54 -11.97
C ASP A 213 22.90 60.84 -12.77
N GLY A 214 21.79 60.99 -13.47
CA GLY A 214 21.58 62.24 -14.21
C GLY A 214 20.53 62.09 -15.28
N ARG A 215 20.69 62.89 -16.34
CA ARG A 215 19.71 63.02 -17.41
C ARG A 215 20.41 62.93 -18.76
N ILE A 216 19.61 62.72 -19.81
CA ILE A 216 20.12 62.44 -21.15
C ILE A 216 20.51 63.75 -21.83
N VAL A 217 21.36 63.66 -22.86
CA VAL A 217 21.80 64.82 -23.63
C VAL A 217 20.89 64.96 -24.85
N THR A 218 20.79 66.20 -25.33
CA THR A 218 19.85 66.62 -26.38
C THR A 218 19.82 65.74 -27.62
N ASP A 219 20.90 65.00 -27.91
CA ASP A 219 20.92 64.17 -29.11
C ASP A 219 19.82 63.12 -29.05
N ASP A 220 19.18 62.88 -30.20
CA ASP A 220 17.98 62.05 -30.27
C ASP A 220 18.34 60.58 -30.46
N ALA A 221 18.05 59.77 -29.44
CA ALA A 221 18.21 58.33 -29.46
C ALA A 221 17.59 57.77 -28.19
N PHE A 222 17.04 56.57 -28.29
CA PHE A 222 16.40 55.91 -27.16
C PHE A 222 17.27 54.74 -26.70
N LEU A 223 17.53 54.70 -25.39
CA LEU A 223 18.30 53.62 -24.78
C LEU A 223 17.42 52.88 -23.80
N GLN A 224 17.37 51.56 -23.93
CA GLN A 224 16.55 50.72 -23.06
C GLN A 224 17.38 50.39 -21.83
N VAL A 225 17.12 51.08 -20.73
CA VAL A 225 17.85 50.87 -19.49
C VAL A 225 17.30 49.64 -18.79
N ASP A 226 18.18 48.73 -18.40
CA ASP A 226 17.78 47.54 -17.66
C ASP A 226 17.56 47.92 -16.20
N GLN A 227 16.30 47.83 -15.77
CA GLN A 227 15.88 48.24 -14.43
C GLN A 227 15.32 47.04 -13.69
N SER A 228 14.64 47.31 -12.58
CA SER A 228 14.19 46.40 -11.51
C SER A 228 15.32 46.13 -10.53
N ALA A 229 16.52 46.68 -10.77
CA ALA A 229 17.55 46.71 -9.72
C ALA A 229 17.22 47.77 -8.68
N LEU A 230 16.66 48.90 -9.11
CA LEU A 230 16.22 49.96 -8.22
C LEU A 230 14.73 50.26 -8.33
N THR A 231 14.06 49.80 -9.38
CA THR A 231 12.63 50.02 -9.61
C THR A 231 11.92 48.67 -9.63
N GLY A 232 10.66 48.69 -10.06
CA GLY A 232 9.87 47.48 -10.06
C GLY A 232 9.87 46.68 -11.36
N GLU A 233 9.52 47.33 -12.47
CA GLU A 233 9.27 46.61 -13.71
C GLU A 233 10.56 46.04 -14.30
N SER A 234 10.48 44.79 -14.76
CA SER A 234 11.59 44.10 -15.38
C SER A 234 11.59 44.22 -16.90
N LEU A 235 10.60 44.90 -17.48
CA LEU A 235 10.46 45.01 -18.92
C LEU A 235 11.34 46.17 -19.41
N ALA A 236 11.14 46.58 -20.66
CA ALA A 236 11.89 47.69 -21.24
C ALA A 236 11.47 49.00 -20.59
N VAL A 237 12.35 49.58 -19.80
CA VAL A 237 12.14 50.92 -19.24
C VAL A 237 12.83 51.89 -20.18
N ASP A 238 12.10 52.35 -21.19
CA ASP A 238 12.69 53.11 -22.29
C ASP A 238 12.52 54.61 -22.03
N LYS A 239 13.43 55.16 -21.22
CA LYS A 239 13.55 56.60 -21.14
C LYS A 239 14.17 57.12 -22.43
N HIS A 240 13.62 58.21 -22.95
CA HIS A 240 13.98 58.70 -24.27
C HIS A 240 14.79 59.99 -24.22
N LYS A 241 14.25 61.04 -23.61
CA LYS A 241 14.95 62.33 -23.56
C LYS A 241 14.61 63.05 -22.27
N GLY A 242 15.63 63.51 -21.56
CA GLY A 242 15.46 64.35 -20.40
C GLY A 242 14.95 63.66 -19.15
N ASP A 243 14.74 62.35 -19.20
CA ASP A 243 14.25 61.63 -18.03
C ASP A 243 15.39 61.36 -17.06
N GLN A 244 15.02 60.87 -15.87
CA GLN A 244 16.00 60.61 -14.82
C GLN A 244 16.69 59.28 -15.09
N VAL A 245 17.94 59.33 -15.52
CA VAL A 245 18.74 58.14 -15.76
C VAL A 245 19.35 57.71 -14.43
N PHE A 246 19.06 56.47 -14.03
CA PHE A 246 19.41 55.99 -12.70
C PHE A 246 20.79 55.36 -12.69
N ALA A 247 21.61 55.76 -11.72
CA ALA A 247 22.95 55.22 -11.59
C ALA A 247 22.88 53.77 -11.11
N SER A 248 24.00 53.07 -11.30
CA SER A 248 24.11 51.65 -10.96
C SER A 248 23.03 50.82 -11.66
N SER A 249 22.76 51.17 -12.91
CA SER A 249 21.80 50.44 -13.73
C SER A 249 22.41 50.23 -15.11
N ALA A 250 21.98 49.16 -15.77
CA ALA A 250 22.51 48.78 -17.07
C ALA A 250 21.68 49.39 -18.20
N VAL A 251 22.19 49.27 -19.41
CA VAL A 251 21.47 49.67 -20.61
C VAL A 251 21.40 48.46 -21.55
N LYS A 252 20.18 48.02 -21.84
CA LYS A 252 19.99 46.86 -22.70
C LYS A 252 20.46 47.13 -24.11
N ARG A 253 20.14 48.31 -24.64
CA ARG A 253 20.56 48.72 -25.98
C ARG A 253 20.35 50.21 -26.09
N GLY A 254 21.23 50.88 -26.84
CA GLY A 254 21.07 52.30 -27.07
C GLY A 254 22.41 52.98 -27.22
N GLU A 255 22.34 54.25 -27.63
CA GLU A 255 23.53 55.08 -27.81
C GLU A 255 23.15 56.52 -27.46
N ALA A 256 23.42 56.92 -26.23
CA ALA A 256 23.06 58.25 -25.77
C ALA A 256 24.15 58.78 -24.85
N PHE A 257 24.06 60.08 -24.55
CA PHE A 257 24.98 60.75 -23.66
C PHE A 257 24.21 61.27 -22.45
N VAL A 258 24.89 61.33 -21.31
CA VAL A 258 24.26 61.61 -20.03
C VAL A 258 24.88 62.85 -19.40
N VAL A 259 24.03 63.67 -18.77
CA VAL A 259 24.49 64.79 -17.96
C VAL A 259 24.34 64.44 -16.50
N ILE A 260 25.40 64.67 -15.73
CA ILE A 260 25.49 64.16 -14.37
C ILE A 260 24.65 65.02 -13.44
N THR A 261 23.80 64.37 -12.64
CA THR A 261 23.03 65.01 -11.59
C THR A 261 22.98 64.07 -10.40
N ALA A 262 23.29 64.59 -9.21
CA ALA A 262 23.36 63.78 -7.99
C ALA A 262 24.40 62.67 -8.13
N THR A 263 25.66 63.09 -8.23
CA THR A 263 26.76 62.17 -8.50
C THR A 263 26.94 61.12 -7.41
N GLY A 264 26.42 61.36 -6.21
CA GLY A 264 26.49 60.36 -5.16
C GLY A 264 25.25 60.35 -4.28
N ASP A 265 24.24 61.11 -4.66
CA ASP A 265 23.03 61.29 -3.88
C ASP A 265 21.95 60.33 -4.34
N ASN A 266 20.99 60.08 -3.44
CA ASN A 266 19.75 59.34 -3.66
C ASN A 266 19.90 58.13 -4.57
N THR A 267 20.97 57.37 -4.40
CA THR A 267 21.15 56.13 -5.14
C THR A 267 20.19 55.07 -4.60
N PHE A 268 19.00 55.00 -5.17
CA PHE A 268 17.93 54.15 -4.66
C PHE A 268 17.85 52.83 -5.43
N GLY A 284 27.06 36.25 3.75
CA GLY A 284 26.67 35.28 2.76
C GLY A 284 25.84 34.14 3.32
N HIS A 285 26.37 32.92 3.24
CA HIS A 285 25.69 31.76 3.78
C HIS A 285 26.56 31.04 4.79
N PHE A 286 27.89 31.09 4.61
CA PHE A 286 28.77 30.50 5.60
C PHE A 286 28.76 31.30 6.90
N THR A 287 28.44 32.60 6.81
CA THR A 287 28.36 33.41 8.01
C THR A 287 27.19 32.99 8.90
N GLU A 288 26.04 32.69 8.30
CA GLU A 288 24.90 32.21 9.08
C GLU A 288 25.17 30.85 9.70
N VAL A 289 25.85 29.97 8.95
CA VAL A 289 26.23 28.67 9.49
C VAL A 289 27.16 28.85 10.68
N LEU A 290 28.13 29.77 10.55
CA LEU A 290 29.03 30.06 11.66
C LEU A 290 28.28 30.62 12.86
N ASN A 291 27.30 31.49 12.61
CA ASN A 291 26.52 32.04 13.71
C ASN A 291 25.75 30.96 14.45
N GLY A 292 25.13 30.04 13.70
CA GLY A 292 24.43 28.93 14.35
C GLY A 292 25.37 28.03 15.12
N ILE A 293 26.53 27.74 14.55
CA ILE A 293 27.51 26.89 15.23
C ILE A 293 27.98 27.56 16.51
N GLY A 294 28.25 28.86 16.45
CA GLY A 294 28.67 29.58 17.64
C GLY A 294 27.60 29.62 18.70
N THR A 295 26.34 29.75 18.30
CA THR A 295 25.24 29.72 19.26
C THR A 295 25.16 28.36 19.95
N ILE A 296 25.30 27.27 19.19
CA ILE A 296 25.23 25.95 19.79
C ILE A 296 26.42 25.72 20.71
N LEU A 297 27.60 26.24 20.33
CA LEU A 297 28.77 26.12 21.20
C LEU A 297 28.57 26.90 22.49
N LEU A 298 27.96 28.08 22.40
CA LEU A 298 27.63 28.84 23.61
C LEU A 298 26.68 28.07 24.49
N ILE A 299 25.69 27.40 23.89
CA ILE A 299 24.76 26.59 24.66
C ILE A 299 25.51 25.47 25.39
N LEU A 300 26.44 24.83 24.70
CA LEU A 300 27.21 23.76 25.33
C LEU A 300 28.06 24.28 26.48
N VAL A 301 28.69 25.44 26.29
CA VAL A 301 29.50 26.02 27.36
C VAL A 301 28.64 26.39 28.55
N ILE A 302 27.44 26.90 28.30
CA ILE A 302 26.54 27.25 29.40
C ILE A 302 26.11 26.00 30.15
N PHE A 303 25.84 24.91 29.43
CA PHE A 303 25.47 23.67 30.10
C PHE A 303 26.61 23.15 30.97
N THR A 304 27.85 23.20 30.44
CA THR A 304 29.00 22.77 31.24
C THR A 304 29.19 23.65 32.47
N LEU A 305 29.03 24.96 32.30
CA LEU A 305 29.17 25.87 33.43
C LEU A 305 28.09 25.62 34.46
N LEU A 306 26.88 25.29 34.02
CA LEU A 306 25.81 24.97 34.96
C LEU A 306 26.15 23.73 35.76
N ILE A 307 26.70 22.70 35.09
CA ILE A 307 27.11 21.50 35.82
C ILE A 307 28.17 21.84 36.85
N VAL A 308 29.16 22.64 36.45
CA VAL A 308 30.26 22.99 37.35
C VAL A 308 29.76 23.79 38.54
N TRP A 309 28.90 24.77 38.30
CA TRP A 309 28.40 25.60 39.39
C TRP A 309 27.51 24.80 40.33
N VAL A 310 26.67 23.90 39.79
CA VAL A 310 25.83 23.07 40.65
C VAL A 310 26.69 22.17 41.52
N SER A 311 27.69 21.52 40.91
CA SER A 311 28.53 20.60 41.66
C SER A 311 29.42 21.33 42.65
N SER A 312 29.75 22.59 42.39
CA SER A 312 30.48 23.37 43.37
C SER A 312 29.58 23.84 44.50
N PHE A 313 28.31 24.12 44.20
CA PHE A 313 27.38 24.50 45.25
C PHE A 313 27.15 23.34 46.22
N TYR A 314 27.00 22.13 45.70
CA TYR A 314 26.81 20.99 46.60
C TYR A 314 28.04 20.74 47.47
N ARG A 315 29.22 21.11 47.00
CA ARG A 315 30.44 20.97 47.79
C ARG A 315 30.79 22.22 48.58
N SER A 316 29.98 23.27 48.47
CA SER A 316 30.20 24.53 49.19
C SER A 316 31.60 25.08 48.91
N ASN A 317 31.99 25.03 47.64
CA ASN A 317 33.28 25.59 47.25
C ASN A 317 33.28 27.10 47.49
N PRO A 318 34.40 27.68 47.91
CA PRO A 318 34.48 29.13 47.99
C PRO A 318 34.32 29.75 46.61
N ILE A 319 33.80 30.98 46.59
CA ILE A 319 33.46 31.61 45.31
C ILE A 319 34.69 31.76 44.43
N VAL A 320 35.87 31.89 45.02
CA VAL A 320 37.09 32.06 44.22
C VAL A 320 37.38 30.81 43.41
N GLN A 321 37.25 29.63 44.03
CA GLN A 321 37.49 28.39 43.29
C GLN A 321 36.46 28.20 42.19
N ILE A 322 35.20 28.54 42.47
CA ILE A 322 34.17 28.45 41.44
C ILE A 322 34.51 29.36 40.27
N LEU A 323 34.99 30.57 40.58
CA LEU A 323 35.35 31.51 39.53
C LEU A 323 36.54 30.99 38.72
N GLU A 324 37.50 30.35 39.36
CA GLU A 324 38.61 29.76 38.62
C GLU A 324 38.12 28.67 37.68
N PHE A 325 37.23 27.81 38.16
CA PHE A 325 36.67 26.76 37.30
C PHE A 325 35.95 27.36 36.10
N THR A 326 35.07 28.34 36.36
CA THR A 326 34.30 28.92 35.28
C THR A 326 35.18 29.68 34.31
N LEU A 327 36.27 30.28 34.78
CA LEU A 327 37.21 30.94 33.88
C LEU A 327 37.89 29.93 32.97
N ALA A 328 38.34 28.81 33.53
CA ALA A 328 38.98 27.79 32.71
C ALA A 328 38.04 27.27 31.63
N ILE A 329 36.80 26.99 32.02
CA ILE A 329 35.86 26.44 31.05
C ILE A 329 35.42 27.48 30.03
N THR A 330 35.30 28.74 30.43
CA THR A 330 35.01 29.79 29.46
C THR A 330 36.16 29.92 28.45
N ILE A 331 37.40 29.82 28.92
CA ILE A 331 38.55 29.91 28.02
C ILE A 331 38.55 28.76 27.02
N ILE A 332 38.28 27.54 27.49
CA ILE A 332 38.37 26.41 26.57
C ILE A 332 37.15 26.29 25.65
N GLY A 333 35.98 26.70 26.13
CA GLY A 333 34.75 26.33 25.46
C GLY A 333 34.41 27.19 24.25
N VAL A 334 34.26 28.49 24.46
CA VAL A 334 33.87 29.38 23.38
C VAL A 334 35.08 29.69 22.50
N PRO A 335 35.00 29.39 21.21
CA PRO A 335 36.10 29.77 20.30
C PRO A 335 36.06 31.27 20.05
N VAL A 336 37.14 31.95 20.43
CA VAL A 336 37.17 33.41 20.35
C VAL A 336 37.10 33.87 18.91
N GLY A 337 37.88 33.23 18.03
CA GLY A 337 38.02 33.73 16.68
C GLY A 337 37.64 32.76 15.57
N LEU A 338 36.56 32.01 15.77
CA LEU A 338 36.09 31.11 14.70
C LEU A 338 35.66 31.88 13.45
N PRO A 339 34.71 32.82 13.52
CA PRO A 339 34.34 33.54 12.28
C PRO A 339 35.48 34.34 11.69
N ALA A 340 36.38 34.88 12.53
CA ALA A 340 37.48 35.66 12.01
C ALA A 340 38.42 34.81 11.16
N VAL A 341 38.78 33.63 11.65
CA VAL A 341 39.68 32.77 10.89
C VAL A 341 38.97 32.15 9.70
N VAL A 342 37.66 31.92 9.79
CA VAL A 342 36.93 31.47 8.61
C VAL A 342 36.94 32.53 7.52
N THR A 343 36.70 33.79 7.90
CA THR A 343 36.77 34.87 6.91
C THR A 343 38.18 35.03 6.37
N THR A 344 39.19 34.81 7.21
CA THR A 344 40.57 34.86 6.74
C THR A 344 40.85 33.77 5.71
N THR A 345 40.34 32.56 5.96
CA THR A 345 40.49 31.48 4.99
C THR A 345 39.81 31.84 3.68
N MET A 346 38.59 32.38 3.76
CA MET A 346 37.89 32.80 2.55
C MET A 346 38.67 33.87 1.80
N ALA A 347 39.23 34.84 2.52
CA ALA A 347 39.94 35.93 1.87
C ALA A 347 41.24 35.46 1.23
N VAL A 348 41.98 34.60 1.91
CA VAL A 348 43.21 34.06 1.32
C VAL A 348 42.88 33.23 0.10
N GLY A 349 41.81 32.44 0.17
CA GLY A 349 41.39 31.67 -0.99
C GLY A 349 40.96 32.54 -2.14
N ALA A 350 40.26 33.64 -1.85
CA ALA A 350 39.85 34.56 -2.91
C ALA A 350 41.06 35.23 -3.55
N ALA A 351 42.05 35.59 -2.74
CA ALA A 351 43.29 36.13 -3.30
C ALA A 351 43.98 35.13 -4.20
N TYR A 352 44.05 33.86 -3.76
CA TYR A 352 44.68 32.84 -4.58
C TYR A 352 43.89 32.63 -5.88
N LEU A 353 42.57 32.69 -5.82
CA LEU A 353 41.75 32.58 -7.02
C LEU A 353 42.01 33.74 -7.97
N ALA A 354 42.04 34.96 -7.44
CA ALA A 354 42.32 36.13 -8.28
C ALA A 354 43.71 36.05 -8.88
N LYS A 355 44.64 35.38 -8.22
CA LYS A 355 45.93 35.10 -8.84
C LYS A 355 45.76 34.19 -10.04
N LYS A 356 44.81 33.26 -9.98
CA LYS A 356 44.50 32.34 -11.08
C LYS A 356 43.57 32.97 -12.12
N LYS A 357 43.44 34.29 -12.12
CA LYS A 357 42.57 35.01 -13.05
C LYS A 357 41.10 34.62 -12.85
N ALA A 358 40.64 34.79 -11.60
CA ALA A 358 39.23 34.57 -11.27
C ALA A 358 38.90 35.45 -10.08
N ILE A 359 38.34 36.63 -10.36
CA ILE A 359 38.04 37.61 -9.32
C ILE A 359 36.64 37.38 -8.81
N VAL A 360 36.50 37.34 -7.49
CA VAL A 360 35.25 37.00 -6.83
C VAL A 360 34.57 38.28 -6.37
N GLN A 361 33.28 38.43 -6.70
CA GLN A 361 32.57 39.65 -6.36
C GLN A 361 32.30 39.73 -4.87
N LYS A 362 31.56 38.77 -4.34
CA LYS A 362 31.28 38.68 -2.90
C LYS A 362 31.99 37.46 -2.35
N LEU A 363 32.55 37.59 -1.14
CA LEU A 363 33.35 36.51 -0.57
C LEU A 363 32.55 35.22 -0.42
N SER A 364 31.22 35.30 -0.38
CA SER A 364 30.40 34.11 -0.26
C SER A 364 30.33 33.30 -1.55
N ALA A 365 30.81 33.83 -2.67
CA ALA A 365 30.75 33.09 -3.92
C ALA A 365 31.70 31.91 -3.94
N ILE A 366 32.68 31.87 -3.04
CA ILE A 366 33.59 30.73 -2.97
C ILE A 366 32.81 29.45 -2.63
N GLU A 367 32.00 29.52 -1.58
CA GLU A 367 31.21 28.36 -1.18
C GLU A 367 30.19 27.98 -2.25
N SER A 368 29.56 28.99 -2.87
CA SER A 368 28.59 28.70 -3.93
C SER A 368 29.26 27.98 -5.09
N LEU A 369 30.44 28.44 -5.51
CA LEU A 369 31.15 27.75 -6.59
C LEU A 369 31.56 26.35 -6.17
N ALA A 370 31.97 26.19 -4.91
CA ALA A 370 32.32 24.84 -4.43
C ALA A 370 31.11 23.92 -4.46
N GLY A 371 29.91 24.46 -4.31
CA GLY A 371 28.72 23.63 -4.23
C GLY A 371 27.99 23.33 -5.51
N VAL A 372 28.37 23.95 -6.63
CA VAL A 372 27.61 23.80 -7.86
C VAL A 372 27.69 22.36 -8.37
N GLU A 373 26.56 21.86 -8.87
CA GLU A 373 26.49 20.53 -9.46
C GLU A 373 26.30 20.56 -10.97
N ILE A 374 25.67 21.59 -11.50
CA ILE A 374 25.43 21.72 -12.93
C ILE A 374 26.00 23.05 -13.39
N LEU A 375 26.80 23.01 -14.44
CA LEU A 375 27.41 24.20 -15.03
C LEU A 375 26.84 24.39 -16.43
N CYS A 376 25.94 25.35 -16.58
CA CYS A 376 25.32 25.64 -17.86
C CYS A 376 26.13 26.73 -18.55
N SER A 377 26.96 26.34 -19.51
CA SER A 377 27.89 27.25 -20.15
C SER A 377 27.53 27.42 -21.62
N ASP A 378 27.56 28.67 -22.09
CA ASP A 378 27.38 28.94 -23.50
C ASP A 378 28.54 28.37 -24.30
N LYS A 379 28.22 27.79 -25.46
CA LYS A 379 29.25 27.14 -26.27
C LYS A 379 30.26 28.15 -26.78
N THR A 380 29.80 29.28 -27.28
CA THR A 380 30.69 30.24 -27.94
C THR A 380 31.42 31.05 -26.89
N GLY A 381 32.75 31.01 -26.95
CA GLY A 381 33.59 31.75 -26.04
C GLY A 381 34.05 30.99 -24.82
N THR A 382 33.38 29.89 -24.46
CA THR A 382 33.76 29.07 -23.33
C THR A 382 34.21 27.68 -23.77
N LEU A 383 33.35 26.96 -24.49
CA LEU A 383 33.70 25.64 -25.00
C LEU A 383 34.40 25.70 -26.35
N THR A 384 34.50 26.87 -26.96
CA THR A 384 35.12 27.00 -28.26
C THR A 384 35.65 28.42 -28.42
N LYS A 385 36.59 28.59 -29.34
CA LYS A 385 37.24 29.87 -29.54
C LYS A 385 36.32 30.81 -30.33
N ASN A 386 36.61 32.10 -30.24
CA ASN A 386 35.81 33.10 -30.93
C ASN A 386 36.29 33.41 -32.34
N LYS A 387 37.41 32.85 -32.78
CA LYS A 387 37.88 33.07 -34.14
C LYS A 387 37.40 31.93 -35.03
N LEU A 388 36.79 32.29 -36.16
CA LEU A 388 36.12 31.33 -37.04
C LEU A 388 36.94 31.10 -38.30
N SER A 389 36.91 29.86 -38.77
CA SER A 389 37.57 29.47 -40.01
C SER A 389 36.52 29.31 -41.10
N LEU A 390 36.79 29.89 -42.27
CA LEU A 390 35.85 29.88 -43.39
C LEU A 390 36.34 28.91 -44.44
N HIS A 391 35.46 28.00 -44.87
CA HIS A 391 35.83 26.90 -45.76
C HIS A 391 34.90 26.88 -46.97
N ASP A 392 35.37 27.45 -48.09
CA ASP A 392 34.72 27.32 -49.40
C ASP A 392 33.24 27.68 -49.37
N PRO A 393 32.89 28.97 -49.31
CA PRO A 393 31.48 29.37 -49.33
C PRO A 393 30.67 28.63 -50.38
N TYR A 394 29.45 28.22 -49.98
CA TYR A 394 28.55 27.46 -50.84
C TYR A 394 27.91 28.41 -51.84
N THR A 395 28.63 28.68 -52.93
CA THR A 395 28.15 29.57 -53.97
C THR A 395 27.35 28.83 -55.04
N VAL A 396 26.85 27.64 -54.72
CA VAL A 396 26.01 26.88 -55.64
C VAL A 396 24.58 27.36 -55.42
N ALA A 397 24.10 28.20 -56.33
CA ALA A 397 22.79 28.84 -56.20
C ALA A 397 22.24 29.09 -57.59
N GLY A 398 21.28 30.00 -57.69
CA GLY A 398 20.71 30.38 -58.96
C GLY A 398 21.60 31.35 -59.72
N VAL A 399 21.00 32.44 -60.21
CA VAL A 399 21.74 33.40 -61.02
C VAL A 399 22.92 34.00 -60.27
N ASP A 400 22.82 34.12 -58.94
CA ASP A 400 23.84 34.78 -58.14
C ASP A 400 25.09 33.92 -58.02
N PRO A 401 26.17 34.26 -58.75
CA PRO A 401 27.34 33.38 -58.77
C PRO A 401 28.27 33.51 -57.58
N GLU A 402 28.50 34.75 -57.12
CA GLU A 402 29.50 35.01 -56.10
C GLU A 402 29.07 36.08 -55.11
N ASP A 403 27.80 36.49 -55.13
CA ASP A 403 27.36 37.63 -54.33
C ASP A 403 27.37 37.36 -52.84
N LEU A 404 27.62 36.12 -52.42
CA LEU A 404 27.66 35.81 -50.99
C LEU A 404 28.64 36.69 -50.25
N MET A 405 29.89 36.73 -50.72
CA MET A 405 30.93 37.49 -50.02
C MET A 405 30.57 38.98 -49.98
N LEU A 406 30.19 39.54 -51.12
CA LEU A 406 29.92 40.97 -51.21
C LEU A 406 28.77 41.37 -50.30
N THR A 407 27.66 40.63 -50.39
CA THR A 407 26.47 41.01 -49.62
C THR A 407 26.68 40.74 -48.14
N ALA A 408 27.39 39.66 -47.79
CA ALA A 408 27.65 39.37 -46.39
C ALA A 408 28.55 40.41 -45.76
N CYS A 409 29.63 40.79 -46.44
CA CYS A 409 30.49 41.85 -45.95
C CYS A 409 29.81 43.20 -45.99
N LEU A 410 28.74 43.34 -46.78
CA LEU A 410 27.98 44.57 -46.79
C LEU A 410 27.34 44.84 -45.43
N ALA A 411 27.02 43.79 -44.67
CA ALA A 411 26.39 43.91 -43.37
C ALA A 411 27.39 43.99 -42.23
N ALA A 412 28.59 44.50 -42.49
CA ALA A 412 29.63 44.61 -41.47
C ALA A 412 29.56 45.97 -40.80
N SER A 413 29.53 45.97 -39.46
CA SER A 413 29.55 47.23 -38.73
C SER A 413 30.88 47.95 -38.89
N ARG A 414 31.97 47.20 -39.02
CA ARG A 414 33.28 47.74 -39.38
C ARG A 414 33.80 48.78 -38.39
N LYS A 415 33.39 48.66 -37.11
CA LYS A 415 33.92 49.58 -36.11
C LYS A 415 35.34 49.20 -35.71
N LYS A 416 35.63 47.90 -35.64
CA LYS A 416 36.92 47.35 -35.21
C LYS A 416 37.28 47.71 -33.78
N LYS A 417 36.31 48.21 -33.00
CA LYS A 417 36.46 48.39 -31.57
C LYS A 417 35.26 47.90 -30.76
N GLY A 418 34.17 47.51 -31.42
CA GLY A 418 33.02 46.97 -30.73
C GLY A 418 32.36 45.85 -31.51
N ILE A 419 33.02 45.41 -32.59
CA ILE A 419 32.47 44.35 -33.42
C ILE A 419 32.59 43.02 -32.69
N ASP A 420 31.67 42.11 -33.00
CA ASP A 420 31.62 40.81 -32.33
C ASP A 420 32.58 39.84 -33.02
N ALA A 421 32.54 38.57 -32.60
CA ALA A 421 33.40 37.56 -33.19
C ALA A 421 33.00 37.22 -34.62
N ILE A 422 31.70 37.26 -34.93
CA ILE A 422 31.24 36.91 -36.26
C ILE A 422 31.76 37.88 -37.30
N ASP A 423 31.74 39.18 -36.97
CA ASP A 423 32.09 40.20 -37.96
C ASP A 423 33.54 40.09 -38.42
N LYS A 424 34.44 39.72 -37.51
CA LYS A 424 35.86 39.73 -37.84
C LYS A 424 36.19 38.74 -38.96
N ALA A 425 35.64 37.53 -38.89
CA ALA A 425 36.03 36.48 -39.84
C ALA A 425 35.71 36.86 -41.27
N PHE A 426 34.64 37.63 -41.50
CA PHE A 426 34.32 38.08 -42.84
C PHE A 426 35.42 38.98 -43.40
N LEU A 427 35.93 39.89 -42.57
CA LEU A 427 36.97 40.80 -43.03
C LEU A 427 38.30 40.08 -43.19
N LYS A 428 38.66 39.20 -42.25
CA LYS A 428 39.92 38.49 -42.35
C LYS A 428 39.96 37.57 -43.55
N SER A 429 38.80 37.06 -43.98
CA SER A 429 38.70 36.19 -45.14
C SER A 429 38.14 36.91 -46.35
N LEU A 430 38.52 38.18 -46.55
CA LEU A 430 38.12 38.96 -47.71
C LEU A 430 39.21 38.96 -48.79
N LYS A 431 39.97 37.88 -48.90
CA LYS A 431 41.00 37.76 -49.94
C LYS A 431 40.35 37.39 -51.28
N TYR A 432 39.48 38.27 -51.75
CA TYR A 432 38.76 38.09 -52.99
C TYR A 432 39.20 39.15 -53.99
N TYR A 433 39.52 38.73 -55.20
CA TYR A 433 40.12 39.60 -56.20
C TYR A 433 39.14 40.52 -56.94
N PRO A 434 37.98 40.02 -57.45
CA PRO A 434 37.21 40.84 -58.40
C PRO A 434 36.68 42.15 -57.87
N ARG A 435 36.01 42.14 -56.72
CA ARG A 435 35.31 43.34 -56.27
C ARG A 435 35.43 43.62 -54.77
N ALA A 436 36.27 42.88 -54.04
CA ALA A 436 36.34 43.09 -52.59
C ALA A 436 36.85 44.49 -52.26
N LYS A 437 37.65 45.09 -53.14
CA LYS A 437 38.07 46.47 -52.93
C LYS A 437 36.93 47.44 -53.22
N SER A 438 36.17 47.19 -54.29
CA SER A 438 35.10 48.09 -54.68
C SER A 438 33.80 47.86 -53.93
N VAL A 439 33.70 46.76 -53.17
CA VAL A 439 32.45 46.46 -52.48
C VAL A 439 32.28 47.27 -51.20
N LEU A 440 33.37 47.77 -50.62
CA LEU A 440 33.31 48.52 -49.37
C LEU A 440 33.25 50.03 -49.61
N SER A 441 33.13 50.46 -50.86
CA SER A 441 33.12 51.87 -51.22
C SER A 441 31.72 52.29 -51.64
N LYS A 442 31.26 53.42 -51.11
CA LYS A 442 30.02 54.11 -51.47
C LYS A 442 28.78 53.33 -51.02
N TYR A 443 28.91 52.13 -50.48
CA TYR A 443 27.77 51.37 -49.96
C TYR A 443 27.37 51.97 -48.60
N LYS A 444 26.87 53.20 -48.67
CA LYS A 444 26.50 53.92 -47.44
C LYS A 444 25.33 53.24 -46.76
N VAL A 445 25.46 53.02 -45.46
CA VAL A 445 24.44 52.32 -44.68
C VAL A 445 23.33 53.31 -44.31
N LEU A 446 22.09 52.92 -44.57
CA LEU A 446 20.93 53.71 -44.18
C LEU A 446 20.31 53.19 -42.89
N GLN A 447 19.92 51.92 -42.87
CA GLN A 447 19.41 51.26 -41.68
C GLN A 447 20.23 50.01 -41.42
N PHE A 448 20.53 49.76 -40.15
CA PHE A 448 21.34 48.61 -39.73
C PHE A 448 20.72 48.04 -38.46
N HIS A 449 19.82 47.07 -38.64
CA HIS A 449 19.25 46.39 -37.48
C HIS A 449 20.29 45.47 -36.87
N PRO A 450 20.63 45.63 -35.60
CA PRO A 450 21.65 44.77 -34.99
C PRO A 450 21.14 43.34 -34.84
N PHE A 451 22.09 42.43 -34.65
CA PHE A 451 21.79 41.01 -34.45
C PHE A 451 20.90 40.82 -33.23
N ASP A 452 19.66 40.40 -33.45
CA ASP A 452 18.70 40.19 -32.38
C ASP A 452 18.68 38.74 -31.97
N PRO A 453 18.94 38.40 -30.71
CA PRO A 453 18.98 36.99 -30.31
C PRO A 453 17.66 36.26 -30.53
N VAL A 454 16.53 36.94 -30.36
CA VAL A 454 15.24 36.31 -30.59
C VAL A 454 15.02 36.01 -32.07
N SER A 455 15.75 36.70 -32.95
CA SER A 455 15.62 36.50 -34.39
C SER A 455 16.80 35.77 -35.02
N LYS A 456 17.97 35.79 -34.38
CA LYS A 456 19.19 35.20 -34.95
C LYS A 456 19.42 35.71 -36.37
N LYS A 457 19.35 37.04 -36.52
CA LYS A 457 19.26 37.64 -37.84
C LYS A 457 19.66 39.10 -37.77
N VAL A 458 20.64 39.48 -38.57
CA VAL A 458 21.05 40.88 -38.73
C VAL A 458 20.55 41.37 -40.08
N VAL A 459 19.89 42.53 -40.08
CA VAL A 459 19.31 43.10 -41.29
C VAL A 459 19.87 44.51 -41.46
N ALA A 460 20.39 44.80 -42.65
CA ALA A 460 20.96 46.10 -42.96
C ALA A 460 20.37 46.63 -44.26
N VAL A 461 20.13 47.93 -44.31
CA VAL A 461 19.65 48.60 -45.52
C VAL A 461 20.69 49.66 -45.89
N VAL A 462 21.24 49.54 -47.10
CA VAL A 462 22.33 50.41 -47.54
C VAL A 462 22.01 50.93 -48.94
N GLU A 463 22.82 51.89 -49.38
CA GLU A 463 22.73 52.45 -50.72
C GLU A 463 23.76 51.79 -51.64
N SER A 464 23.53 51.95 -52.94
CA SER A 464 24.41 51.40 -53.96
C SER A 464 24.61 52.42 -55.07
N PRO A 465 25.73 52.34 -55.80
CA PRO A 465 25.92 53.25 -56.94
C PRO A 465 24.84 53.12 -57.99
N GLN A 466 24.29 51.92 -58.17
CA GLN A 466 23.14 51.73 -59.05
C GLN A 466 21.88 52.39 -58.52
N GLY A 467 21.88 52.83 -57.26
CA GLY A 467 20.76 53.54 -56.68
C GLY A 467 19.76 52.69 -55.93
N GLU A 468 19.90 51.37 -55.98
CA GLU A 468 18.95 50.50 -55.31
C GLU A 468 19.19 50.50 -53.80
N ARG A 469 18.19 50.02 -53.06
CA ARG A 469 18.26 49.87 -51.60
C ARG A 469 18.45 48.38 -51.31
N ILE A 470 19.71 47.94 -51.30
CA ILE A 470 20.03 46.53 -51.08
C ILE A 470 19.87 46.27 -49.58
N THR A 471 18.76 45.62 -49.21
CA THR A 471 18.49 45.29 -47.81
C THR A 471 19.06 43.91 -47.53
N CYS A 472 20.32 43.87 -47.11
CA CYS A 472 20.95 42.60 -46.78
C CYS A 472 20.36 42.02 -45.50
N VAL A 473 20.25 40.69 -45.47
CA VAL A 473 19.82 39.95 -44.29
C VAL A 473 20.74 38.76 -44.11
N LYS A 474 21.19 38.55 -42.87
CA LYS A 474 22.14 37.48 -42.57
C LYS A 474 21.82 36.91 -41.20
N GLY A 475 21.77 35.58 -41.11
CA GLY A 475 21.46 34.93 -39.85
C GLY A 475 21.54 33.42 -39.90
N ALA A 476 20.75 32.75 -39.08
CA ALA A 476 20.70 31.30 -39.13
C ALA A 476 20.18 30.85 -40.49
N PRO A 477 20.72 29.76 -41.04
CA PRO A 477 20.35 29.38 -42.42
C PRO A 477 18.86 29.14 -42.61
N LEU A 478 18.19 28.58 -41.61
CA LEU A 478 16.75 28.35 -41.74
C LEU A 478 15.98 29.66 -41.65
N PHE A 479 16.44 30.58 -40.80
CA PHE A 479 15.71 31.83 -40.58
C PHE A 479 15.76 32.73 -41.81
N VAL A 480 16.84 32.69 -42.58
CA VAL A 480 16.89 33.46 -43.82
C VAL A 480 15.83 32.95 -44.79
N LEU A 481 15.67 31.63 -44.89
CA LEU A 481 14.61 31.08 -45.73
C LEU A 481 13.23 31.44 -45.20
N LYS A 482 13.06 31.42 -43.87
CA LYS A 482 11.80 31.90 -43.29
C LYS A 482 11.55 33.36 -43.65
N THR A 483 12.61 34.12 -43.86
CA THR A 483 12.46 35.51 -44.30
C THR A 483 12.10 35.60 -45.78
N VAL A 484 12.69 34.73 -46.61
CA VAL A 484 12.51 34.80 -48.06
C VAL A 484 11.37 33.90 -48.54
N GLU A 485 10.54 33.39 -47.62
CA GLU A 485 9.44 32.52 -48.01
C GLU A 485 8.32 33.27 -48.71
N GLU A 486 8.32 34.61 -48.68
CA GLU A 486 7.25 35.37 -49.29
C GLU A 486 7.40 35.44 -50.80
N ASP A 487 8.50 36.01 -51.28
CA ASP A 487 8.79 36.09 -52.70
C ASP A 487 9.66 34.91 -53.12
N HIS A 488 9.33 34.33 -54.28
CA HIS A 488 9.96 33.09 -54.73
C HIS A 488 9.75 32.03 -53.66
N PRO A 489 8.51 31.61 -53.41
CA PRO A 489 8.18 30.86 -52.20
C PRO A 489 8.52 29.38 -52.32
N ILE A 490 9.58 28.97 -51.63
CA ILE A 490 9.96 27.57 -51.42
C ILE A 490 9.85 26.73 -52.68
N PRO A 491 10.71 26.95 -53.70
CA PRO A 491 10.77 25.98 -54.80
C PRO A 491 11.42 24.69 -54.34
N GLU A 492 10.85 23.56 -54.77
CA GLU A 492 11.34 22.26 -54.32
C GLU A 492 12.75 21.98 -54.81
N GLU A 493 13.13 22.56 -55.95
CA GLU A 493 14.47 22.32 -56.49
C GLU A 493 15.55 22.90 -55.59
N VAL A 494 15.33 24.09 -55.05
CA VAL A 494 16.34 24.80 -54.28
C VAL A 494 16.21 24.55 -52.78
N ASP A 495 14.97 24.45 -52.28
CA ASP A 495 14.78 24.27 -50.84
C ASP A 495 15.34 22.95 -50.35
N GLN A 496 15.10 21.87 -51.10
CA GLN A 496 15.62 20.57 -50.69
C GLN A 496 17.14 20.57 -50.70
N ALA A 497 17.75 21.14 -51.74
CA ALA A 497 19.21 21.22 -51.80
C ALA A 497 19.76 22.07 -50.66
N TYR A 498 19.09 23.18 -50.34
CA TYR A 498 19.53 24.05 -49.26
C TYR A 498 19.50 23.32 -47.92
N LYS A 499 18.39 22.64 -47.63
CA LYS A 499 18.29 21.90 -46.38
C LYS A 499 19.30 20.77 -46.32
N ASN A 500 19.50 20.06 -47.44
CA ASN A 500 20.49 18.99 -47.47
C ASN A 500 21.89 19.53 -47.23
N LYS A 501 22.22 20.68 -47.81
CA LYS A 501 23.55 21.23 -47.64
C LYS A 501 23.78 21.74 -46.22
N VAL A 502 22.75 22.36 -45.62
CA VAL A 502 22.93 22.82 -44.24
C VAL A 502 23.05 21.63 -43.30
N ALA A 503 22.31 20.56 -43.55
CA ALA A 503 22.49 19.34 -42.75
C ALA A 503 23.87 18.75 -42.94
N GLU A 504 24.38 18.75 -44.18
CA GLU A 504 25.71 18.22 -44.45
C GLU A 504 26.78 19.02 -43.72
N PHE A 505 26.68 20.34 -43.75
CA PHE A 505 27.67 21.16 -43.04
C PHE A 505 27.49 21.07 -41.54
N ALA A 506 26.28 20.77 -41.06
CA ALA A 506 26.12 20.41 -39.66
C ALA A 506 26.88 19.14 -39.34
N THR A 507 26.80 18.14 -40.22
CA THR A 507 27.55 16.90 -40.02
C THR A 507 29.05 17.14 -40.03
N ARG A 508 29.50 18.15 -40.77
CA ARG A 508 30.91 18.51 -40.84
C ARG A 508 31.33 19.48 -39.74
N GLY A 509 30.45 19.76 -38.79
CA GLY A 509 30.78 20.67 -37.70
C GLY A 509 31.03 22.09 -38.14
N PHE A 510 30.17 22.62 -39.02
CA PHE A 510 30.35 23.94 -39.58
C PHE A 510 29.17 24.83 -39.21
N ARG A 511 29.46 25.97 -38.59
CA ARG A 511 28.44 27.00 -38.42
C ARG A 511 28.14 27.63 -39.77
N SER A 512 26.86 27.72 -40.11
CA SER A 512 26.44 28.19 -41.41
C SER A 512 25.64 29.48 -41.27
N LEU A 513 25.79 30.36 -42.26
CA LEU A 513 25.09 31.64 -42.31
C LEU A 513 24.45 31.81 -43.68
N GLY A 514 23.17 32.15 -43.70
CA GLY A 514 22.45 32.39 -44.93
C GLY A 514 22.28 33.87 -45.20
N VAL A 515 22.23 34.22 -46.48
CA VAL A 515 22.10 35.60 -46.92
C VAL A 515 21.03 35.70 -48.00
N ALA A 516 20.17 36.71 -47.90
CA ALA A 516 19.19 37.02 -48.93
C ALA A 516 19.29 38.50 -49.27
N ARG A 517 19.01 38.84 -50.52
CA ARG A 517 19.24 40.17 -51.05
C ARG A 517 17.96 40.75 -51.64
N LYS A 518 17.90 42.08 -51.67
CA LYS A 518 16.74 42.82 -52.18
C LYS A 518 17.23 43.87 -53.17
N ARG A 519 17.21 43.53 -54.47
CA ARG A 519 17.57 44.51 -55.49
C ARG A 519 16.46 45.53 -55.65
N GLY A 520 15.29 45.07 -56.10
CA GLY A 520 14.15 45.93 -56.36
C GLY A 520 13.13 45.87 -55.24
N GLU A 521 11.87 46.13 -55.61
CA GLU A 521 10.77 46.07 -54.66
C GLU A 521 10.04 44.73 -54.69
N GLY A 522 10.37 43.85 -55.63
CA GLY A 522 9.71 42.56 -55.71
C GLY A 522 10.63 41.41 -56.06
N SER A 523 11.91 41.53 -55.66
CA SER A 523 12.90 40.50 -55.96
C SER A 523 13.48 39.98 -54.65
N TRP A 524 13.52 38.65 -54.51
CA TRP A 524 14.08 38.02 -53.32
C TRP A 524 14.74 36.71 -53.77
N GLU A 525 16.03 36.77 -54.04
CA GLU A 525 16.80 35.57 -54.35
C GLU A 525 17.46 35.04 -53.09
N ILE A 526 17.73 33.73 -53.10
CA ILE A 526 18.43 33.07 -52.02
C ILE A 526 19.87 32.84 -52.46
N LEU A 527 20.82 33.37 -51.70
CA LEU A 527 22.21 33.39 -52.12
C LEU A 527 22.96 32.11 -51.74
N GLY A 528 22.86 31.67 -50.50
CA GLY A 528 23.49 30.45 -50.08
C GLY A 528 23.92 30.51 -48.63
N ILE A 529 24.63 29.47 -48.21
CA ILE A 529 25.11 29.32 -46.84
C ILE A 529 26.61 29.52 -46.80
N MET A 530 27.09 30.05 -45.68
CA MET A 530 28.51 30.32 -45.47
C MET A 530 29.05 29.39 -44.38
N PRO A 531 29.89 28.42 -44.71
CA PRO A 531 30.35 27.44 -43.71
C PRO A 531 31.50 27.91 -42.83
N CYS A 532 31.17 28.66 -41.79
CA CYS A 532 32.16 29.04 -40.80
C CYS A 532 32.39 27.90 -39.82
N MET A 533 33.52 27.96 -39.12
CA MET A 533 33.86 26.93 -38.14
C MET A 533 34.75 27.53 -37.06
N ASP A 534 34.35 27.34 -35.81
CA ASP A 534 35.16 27.73 -34.66
C ASP A 534 35.56 26.50 -33.85
N PRO A 535 36.81 26.06 -33.93
CA PRO A 535 37.18 24.80 -33.29
C PRO A 535 37.17 24.94 -31.78
N PRO A 536 36.95 23.86 -31.05
CA PRO A 536 37.03 23.92 -29.59
C PRO A 536 38.44 24.21 -29.12
N ARG A 537 38.54 24.83 -27.95
CA ARG A 537 39.84 25.13 -27.38
C ARG A 537 40.60 23.84 -27.11
N HIS A 538 41.92 23.90 -27.28
CA HIS A 538 42.73 22.69 -27.25
C HIS A 538 42.69 21.99 -25.90
N ASP A 539 42.28 22.68 -24.83
CA ASP A 539 42.16 22.09 -23.51
C ASP A 539 40.72 21.75 -23.15
N THR A 540 39.77 21.93 -24.06
CA THR A 540 38.37 21.79 -23.71
C THR A 540 37.97 20.32 -23.52
N TYR A 541 38.46 19.44 -24.39
CA TYR A 541 38.03 18.04 -24.32
C TYR A 541 38.45 17.40 -23.00
N LYS A 542 39.73 17.54 -22.64
CA LYS A 542 40.20 16.96 -21.39
C LYS A 542 39.60 17.67 -20.18
N THR A 543 39.29 18.96 -20.31
CA THR A 543 38.61 19.67 -19.23
C THR A 543 37.22 19.10 -18.99
N VAL A 544 36.49 18.80 -20.07
CA VAL A 544 35.16 18.21 -19.92
C VAL A 544 35.28 16.80 -19.39
N CYS A 545 36.31 16.05 -19.81
CA CYS A 545 36.51 14.71 -19.27
C CYS A 545 36.75 14.75 -17.76
N GLU A 546 37.59 15.69 -17.30
CA GLU A 546 37.88 15.75 -15.87
C GLU A 546 36.73 16.35 -15.09
N ALA A 547 35.89 17.17 -15.74
CA ALA A 547 34.73 17.73 -15.05
C ALA A 547 33.71 16.66 -14.68
N LYS A 548 33.73 15.51 -15.35
CA LYS A 548 32.85 14.42 -14.98
C LYS A 548 33.34 13.70 -13.74
N THR A 549 34.65 13.70 -13.50
CA THR A 549 35.18 13.15 -12.26
C THR A 549 34.99 14.08 -11.07
N LEU A 550 34.72 15.35 -11.32
CA LEU A 550 34.49 16.33 -10.27
C LEU A 550 33.04 16.40 -9.82
N GLY A 551 32.17 15.57 -10.39
CA GLY A 551 30.78 15.58 -10.03
C GLY A 551 29.92 16.56 -10.79
N LEU A 552 30.51 17.40 -11.62
CA LEU A 552 29.72 18.34 -12.42
C LEU A 552 29.02 17.63 -13.57
N SER A 553 28.08 18.34 -14.18
CA SER A 553 27.41 17.88 -15.40
C SER A 553 27.23 19.12 -16.27
N ILE A 554 28.04 19.23 -17.30
CA ILE A 554 28.07 20.42 -18.14
C ILE A 554 26.90 20.39 -19.12
N LYS A 555 26.13 21.47 -19.15
CA LYS A 555 25.02 21.62 -20.08
C LYS A 555 25.34 22.76 -21.02
N MET A 556 25.62 22.44 -22.27
CA MET A 556 25.92 23.47 -23.26
C MET A 556 24.67 24.23 -23.65
N LEU A 557 24.83 25.50 -23.97
CA LEU A 557 23.73 26.34 -24.46
C LEU A 557 24.18 27.02 -25.75
N THR A 558 23.56 26.62 -26.85
CA THR A 558 23.89 27.14 -28.17
C THR A 558 22.70 27.85 -28.77
N GLY A 559 22.95 28.98 -29.41
CA GLY A 559 21.93 29.58 -30.24
C GLY A 559 21.83 28.96 -31.60
N ASP A 560 22.67 27.98 -31.88
CA ASP A 560 22.71 27.29 -33.16
C ASP A 560 21.52 26.34 -33.28
N ALA A 561 21.38 25.73 -34.44
CA ALA A 561 20.37 24.70 -34.61
C ALA A 561 20.80 23.43 -33.89
N VAL A 562 19.89 22.45 -33.85
CA VAL A 562 20.14 21.24 -33.09
C VAL A 562 21.27 20.43 -33.70
N GLY A 563 21.37 20.41 -35.03
CA GLY A 563 22.39 19.59 -35.67
C GLY A 563 23.80 20.02 -35.34
N ILE A 564 24.06 21.33 -35.43
CA ILE A 564 25.39 21.85 -35.10
C ILE A 564 25.72 21.59 -33.64
N ALA A 565 24.75 21.82 -32.75
CA ALA A 565 24.99 21.57 -31.34
C ALA A 565 25.29 20.10 -31.07
N ARG A 566 24.57 19.21 -31.73
CA ARG A 566 24.80 17.78 -31.53
C ARG A 566 26.17 17.36 -32.05
N GLU A 567 26.58 17.90 -33.19
CA GLU A 567 27.91 17.57 -33.71
C GLU A 567 29.00 18.13 -32.80
N THR A 568 28.80 19.33 -32.24
CA THR A 568 29.75 19.86 -31.28
C THR A 568 29.82 19.00 -30.04
N SER A 569 28.67 18.51 -29.57
CA SER A 569 28.67 17.61 -28.43
C SER A 569 29.43 16.33 -28.71
N ARG A 570 29.27 15.78 -29.92
CA ARG A 570 30.03 14.60 -30.30
C ARG A 570 31.52 14.90 -30.34
N GLN A 571 31.90 16.08 -30.85
CA GLN A 571 33.30 16.46 -30.89
C GLN A 571 33.89 16.58 -29.50
N LEU A 572 33.15 17.18 -28.57
CA LEU A 572 33.65 17.48 -27.24
C LEU A 572 33.48 16.31 -26.26
N GLY A 573 32.89 15.21 -26.69
CA GLY A 573 32.57 14.14 -25.76
C GLY A 573 31.59 14.55 -24.69
N LEU A 574 30.67 15.46 -25.02
CA LEU A 574 29.72 15.99 -24.07
C LEU A 574 28.41 15.20 -24.01
N GLY A 575 28.28 14.16 -24.84
CA GLY A 575 27.03 13.42 -24.90
C GLY A 575 26.03 14.11 -25.80
N THR A 576 25.22 13.34 -26.52
CA THR A 576 24.33 13.88 -27.53
C THR A 576 22.88 13.69 -27.09
N ASN A 577 22.40 14.60 -26.25
CA ASN A 577 20.98 14.76 -25.95
C ASN A 577 20.72 16.26 -26.01
N ILE A 578 20.47 16.77 -27.21
CA ILE A 578 20.26 18.19 -27.44
C ILE A 578 18.81 18.41 -27.85
N TYR A 579 18.12 19.27 -27.12
CA TYR A 579 16.72 19.57 -27.37
C TYR A 579 16.57 21.03 -27.71
N ASN A 580 15.77 21.32 -28.74
CA ASN A 580 15.47 22.70 -29.07
C ASN A 580 14.70 23.34 -27.91
N ALA A 581 15.13 24.53 -27.50
CA ALA A 581 14.57 25.14 -26.30
C ALA A 581 13.09 25.46 -26.47
N GLU A 582 12.71 26.05 -27.60
CA GLU A 582 11.32 26.43 -27.80
C GLU A 582 10.42 25.20 -27.89
N ARG A 583 10.86 24.18 -28.62
CA ARG A 583 10.05 22.96 -28.76
C ARG A 583 9.86 22.27 -27.42
N LEU A 584 10.90 22.26 -26.59
CA LEU A 584 10.85 21.48 -25.36
C LEU A 584 9.79 21.99 -24.40
N GLY A 585 9.67 23.31 -24.26
CA GLY A 585 8.68 23.86 -23.37
C GLY A 585 9.18 24.98 -22.49
N LEU A 586 10.39 25.45 -22.75
CA LEU A 586 10.94 26.57 -22.00
C LEU A 586 10.22 27.85 -22.39
N GLY A 587 9.21 28.24 -21.63
CA GLY A 587 8.37 29.36 -21.99
C GLY A 587 6.98 28.89 -22.35
N GLY A 588 6.53 29.21 -23.56
CA GLY A 588 5.29 28.65 -24.06
C GLY A 588 5.48 27.21 -24.47
N GLY A 589 4.91 26.29 -23.68
CA GLY A 589 5.11 24.88 -23.93
C GLY A 589 4.39 24.38 -25.16
N GLY A 590 4.75 23.16 -25.55
CA GLY A 590 4.14 22.51 -26.69
C GLY A 590 3.20 21.42 -26.26
N ASP A 591 2.46 21.66 -25.17
CA ASP A 591 1.53 20.74 -24.54
C ASP A 591 2.29 19.52 -24.00
N MET A 592 3.60 19.64 -23.80
CA MET A 592 4.36 18.60 -23.13
C MET A 592 3.97 18.58 -21.65
N PRO A 593 3.64 17.41 -21.09
CA PRO A 593 3.29 17.35 -19.67
C PRO A 593 4.38 17.97 -18.81
N GLY A 594 3.97 18.75 -17.82
CA GLY A 594 4.92 19.52 -17.04
C GLY A 594 5.89 18.65 -16.26
N SER A 595 5.43 17.49 -15.79
CA SER A 595 6.30 16.62 -15.02
C SER A 595 7.46 16.09 -15.83
N GLU A 596 7.35 16.09 -17.16
CA GLU A 596 8.37 15.53 -18.02
C GLU A 596 9.21 16.57 -18.74
N VAL A 597 8.72 17.80 -18.89
CA VAL A 597 9.58 18.86 -19.40
C VAL A 597 10.68 19.18 -18.41
N TYR A 598 10.36 19.15 -17.12
CA TYR A 598 11.38 19.31 -16.08
C TYR A 598 12.39 18.16 -16.15
N ASP A 599 11.90 16.94 -16.37
CA ASP A 599 12.79 15.79 -16.47
C ASP A 599 13.70 15.89 -17.67
N PHE A 600 13.17 16.35 -18.81
CA PHE A 600 14.00 16.53 -20.00
C PHE A 600 15.04 17.62 -19.78
N VAL A 601 14.66 18.71 -19.12
CA VAL A 601 15.63 19.77 -18.85
C VAL A 601 16.73 19.27 -17.93
N GLU A 602 16.36 18.52 -16.88
CA GLU A 602 17.34 18.03 -15.92
C GLU A 602 18.34 17.08 -16.59
N ALA A 603 17.84 16.13 -17.36
CA ALA A 603 18.68 15.17 -18.06
C ALA A 603 18.78 15.60 -19.52
N ALA A 604 19.62 16.60 -19.75
CA ALA A 604 19.81 17.14 -21.09
C ALA A 604 21.27 17.55 -21.24
N ASP A 605 21.92 17.07 -22.29
CA ASP A 605 23.31 17.40 -22.52
C ASP A 605 23.50 18.78 -23.15
N GLY A 606 22.42 19.45 -23.53
CA GLY A 606 22.53 20.76 -24.11
C GLY A 606 21.16 21.30 -24.47
N PHE A 607 21.17 22.53 -24.99
CA PHE A 607 19.94 23.19 -25.43
C PHE A 607 20.29 24.05 -26.64
N ALA A 608 19.75 23.68 -27.80
CA ALA A 608 20.02 24.40 -29.02
C ALA A 608 18.93 25.43 -29.30
N GLU A 609 19.30 26.46 -30.04
CA GLU A 609 18.41 27.57 -30.40
C GLU A 609 17.78 28.16 -29.13
N VAL A 610 18.63 28.73 -28.30
CA VAL A 610 18.23 29.26 -27.00
C VAL A 610 18.19 30.78 -27.08
N PHE A 611 17.10 31.35 -26.59
CA PHE A 611 16.93 32.79 -26.46
C PHE A 611 17.28 33.23 -25.05
N PRO A 612 17.43 34.54 -24.82
CA PRO A 612 17.78 34.99 -23.46
C PRO A 612 16.82 34.54 -22.38
N GLN A 613 15.52 34.50 -22.65
CA GLN A 613 14.56 34.10 -21.61
C GLN A 613 14.69 32.62 -21.28
N HIS A 614 15.06 31.80 -22.26
CA HIS A 614 15.21 30.37 -22.01
C HIS A 614 16.31 30.10 -21.00
N LYS A 615 17.33 30.95 -20.94
CA LYS A 615 18.39 30.78 -19.97
C LYS A 615 17.85 30.90 -18.55
N TYR A 616 17.04 31.93 -18.30
CA TYR A 616 16.43 32.10 -16.99
C TYR A 616 15.48 30.95 -16.69
N ASN A 617 14.71 30.51 -17.69
CA ASN A 617 13.79 29.40 -17.44
C ASN A 617 14.55 28.12 -17.11
N VAL A 618 15.67 27.88 -17.78
CA VAL A 618 16.48 26.70 -17.47
C VAL A 618 17.03 26.78 -16.05
N VAL A 619 17.51 27.95 -15.65
CA VAL A 619 18.02 28.10 -14.29
C VAL A 619 16.90 27.87 -13.28
N GLU A 620 15.73 28.44 -13.53
CA GLU A 620 14.60 28.29 -12.61
C GLU A 620 14.17 26.83 -12.50
N ILE A 621 14.13 26.12 -13.63
CA ILE A 621 13.71 24.72 -13.61
C ILE A 621 14.75 23.87 -12.89
N LEU A 622 16.03 24.09 -13.16
CA LEU A 622 17.06 23.22 -12.60
C LEU A 622 17.17 23.38 -11.09
N GLN A 623 16.79 24.53 -10.55
CA GLN A 623 16.80 24.72 -9.10
C GLN A 623 15.60 24.07 -8.42
N GLN A 624 14.50 23.87 -9.13
CA GLN A 624 13.36 23.16 -8.55
C GLN A 624 13.71 21.73 -8.20
N ARG A 625 14.51 21.08 -9.04
CA ARG A 625 14.91 19.70 -8.80
C ARG A 625 15.90 19.56 -7.64
N GLY A 626 16.43 20.66 -7.14
CA GLY A 626 17.37 20.62 -6.03
C GLY A 626 18.82 20.72 -6.41
N TYR A 627 19.15 21.43 -7.48
CA TYR A 627 20.53 21.62 -7.89
C TYR A 627 21.02 23.02 -7.57
N LEU A 628 22.33 23.19 -7.64
CA LEU A 628 22.98 24.49 -7.55
C LEU A 628 23.62 24.75 -8.90
N VAL A 629 23.10 25.74 -9.62
CA VAL A 629 23.43 25.95 -11.02
C VAL A 629 24.42 27.11 -11.15
N ALA A 630 25.46 26.90 -11.95
CA ALA A 630 26.44 27.94 -12.26
C ALA A 630 26.25 28.31 -13.73
N MET A 631 25.98 29.59 -13.98
CA MET A 631 25.71 30.04 -15.33
C MET A 631 26.88 30.84 -15.88
N THR A 632 27.23 30.57 -17.14
CA THR A 632 28.26 31.32 -17.84
C THR A 632 27.57 32.46 -18.57
N GLY A 633 27.71 33.67 -18.05
CA GLY A 633 27.08 34.84 -18.62
C GLY A 633 28.07 35.72 -19.37
N ASP A 634 27.55 36.45 -20.35
CA ASP A 634 28.35 37.36 -21.15
C ASP A 634 27.37 38.32 -21.82
N GLY A 635 27.51 39.61 -21.56
CA GLY A 635 26.59 40.58 -22.09
C GLY A 635 25.42 40.85 -21.19
N VAL A 636 24.62 41.84 -21.58
CA VAL A 636 23.51 42.29 -20.76
C VAL A 636 22.28 41.40 -20.91
N ASN A 637 22.24 40.57 -21.96
CA ASN A 637 21.05 39.75 -22.20
C ASN A 637 20.82 38.76 -21.06
N ASP A 638 21.89 38.15 -20.57
CA ASP A 638 21.79 37.09 -19.57
C ASP A 638 22.04 37.59 -18.16
N ALA A 639 21.85 38.88 -17.91
CA ALA A 639 21.98 39.39 -16.54
C ALA A 639 20.94 38.79 -15.59
N PRO A 640 19.65 38.73 -15.92
CA PRO A 640 18.70 38.09 -14.98
C PRO A 640 19.02 36.63 -14.71
N SER A 641 19.49 35.90 -15.72
CA SER A 641 19.88 34.50 -15.50
C SER A 641 21.09 34.43 -14.59
N LEU A 642 22.04 35.35 -14.75
CA LEU A 642 23.19 35.38 -13.86
C LEU A 642 22.78 35.66 -12.42
N LYS A 643 21.82 36.57 -12.23
CA LYS A 643 21.35 36.85 -10.87
C LYS A 643 20.59 35.66 -10.29
N LYS A 644 19.77 35.00 -11.10
CA LYS A 644 18.97 33.89 -10.58
C LYS A 644 19.84 32.67 -10.29
N ALA A 645 20.91 32.47 -11.04
CA ALA A 645 21.77 31.32 -10.83
C ALA A 645 22.44 31.41 -9.46
N ASP A 646 22.71 30.24 -8.88
CA ASP A 646 23.37 30.20 -7.57
C ASP A 646 24.78 30.77 -7.66
N THR A 647 25.45 30.58 -8.80
CA THR A 647 26.80 31.11 -9.02
C THR A 647 26.88 31.63 -10.45
N GLY A 648 26.55 32.91 -10.63
CA GLY A 648 26.66 33.52 -11.93
C GLY A 648 28.11 33.78 -12.27
N ILE A 649 28.60 33.20 -13.35
CA ILE A 649 30.00 33.32 -13.76
C ILE A 649 30.04 34.22 -14.98
N ALA A 650 30.74 35.35 -14.86
CA ALA A 650 30.93 36.26 -15.98
C ALA A 650 32.21 35.84 -16.72
N VAL A 651 32.05 35.36 -17.94
CA VAL A 651 33.16 34.79 -18.70
C VAL A 651 33.96 35.93 -19.34
N GLU A 652 35.14 35.60 -19.85
CA GLU A 652 36.02 36.57 -20.52
C GLU A 652 35.26 37.38 -21.56
N GLY A 653 35.60 38.67 -21.65
CA GLY A 653 35.01 39.55 -22.63
C GLY A 653 33.59 39.97 -22.33
N SER A 654 33.12 39.78 -21.10
CA SER A 654 31.76 40.15 -20.75
C SER A 654 31.62 41.66 -20.66
N SER A 655 30.37 42.12 -20.74
CA SER A 655 30.08 43.53 -20.59
C SER A 655 30.09 43.93 -19.11
N ASP A 656 30.01 45.24 -18.87
CA ASP A 656 30.04 45.72 -17.50
C ASP A 656 28.85 45.21 -16.70
N ALA A 657 27.66 45.21 -17.30
CA ALA A 657 26.47 44.74 -16.60
C ALA A 657 26.56 43.26 -16.27
N ALA A 658 27.09 42.46 -17.19
CA ALA A 658 27.19 41.01 -16.96
C ALA A 658 28.07 40.72 -15.75
N ARG A 659 29.22 41.37 -15.66
CA ARG A 659 30.10 41.13 -14.53
C ARG A 659 29.60 41.80 -13.25
N SER A 660 28.81 42.86 -13.37
CA SER A 660 28.22 43.45 -12.17
C SER A 660 27.13 42.55 -11.60
N ALA A 661 26.42 41.83 -12.45
CA ALA A 661 25.35 40.95 -11.99
C ALA A 661 25.85 39.55 -11.63
N ALA A 662 27.11 39.23 -11.91
CA ALA A 662 27.64 37.91 -11.67
C ALA A 662 28.25 37.80 -10.28
N ASP A 663 28.64 36.59 -9.92
CA ASP A 663 29.31 36.32 -8.65
C ASP A 663 30.81 36.18 -8.80
N ILE A 664 31.28 35.57 -9.89
CA ILE A 664 32.71 35.44 -10.16
C ILE A 664 32.97 36.02 -11.54
N VAL A 665 33.94 36.91 -11.62
CA VAL A 665 34.35 37.54 -12.88
C VAL A 665 35.69 36.97 -13.29
N PHE A 666 35.76 36.42 -14.49
CA PHE A 666 36.97 35.76 -14.96
C PHE A 666 37.74 36.69 -15.90
N LEU A 667 39.07 36.64 -15.78
CA LEU A 667 39.96 37.35 -16.70
C LEU A 667 40.77 36.40 -17.55
N ALA A 668 40.35 35.15 -17.65
CA ALA A 668 40.94 34.17 -18.55
C ALA A 668 39.83 33.43 -19.28
N PRO A 669 40.03 33.09 -20.54
CA PRO A 669 38.99 32.42 -21.32
C PRO A 669 39.04 30.90 -21.16
N GLY A 670 37.97 30.26 -21.59
CA GLY A 670 37.90 28.82 -21.64
C GLY A 670 37.26 28.21 -20.41
N LEU A 671 36.92 26.92 -20.55
CA LEU A 671 36.38 26.15 -19.44
C LEU A 671 37.47 25.67 -18.50
N GLY A 672 38.72 25.65 -18.95
CA GLY A 672 39.80 25.24 -18.07
C GLY A 672 39.94 26.15 -16.86
N ALA A 673 39.83 27.46 -17.08
CA ALA A 673 39.89 28.40 -15.98
C ALA A 673 38.74 28.19 -15.00
N ILE A 674 37.54 27.94 -15.53
CA ILE A 674 36.38 27.73 -14.67
C ILE A 674 36.57 26.47 -13.82
N ILE A 675 37.07 25.40 -14.43
CA ILE A 675 37.25 24.16 -13.69
C ILE A 675 38.36 24.29 -12.66
N ASP A 676 39.45 24.99 -13.01
CA ASP A 676 40.51 25.22 -12.04
C ASP A 676 40.00 26.05 -10.86
N ALA A 677 39.19 27.06 -11.13
CA ALA A 677 38.59 27.84 -10.05
C ALA A 677 37.65 27.00 -9.21
N LEU A 678 36.92 26.07 -9.84
CA LEU A 678 36.07 25.16 -9.10
C LEU A 678 36.89 24.30 -8.13
N LYS A 679 37.99 23.75 -8.63
CA LYS A 679 38.84 22.92 -7.77
C LYS A 679 39.43 23.74 -6.63
N THR A 680 39.85 24.96 -6.92
CA THR A 680 40.41 25.82 -5.88
C THR A 680 39.36 26.15 -4.83
N SER A 681 38.13 26.45 -5.26
CA SER A 681 37.06 26.75 -4.32
C SER A 681 36.74 25.54 -3.46
N ARG A 682 36.78 24.35 -4.04
CA ARG A 682 36.57 23.14 -3.24
C ARG A 682 37.68 22.98 -2.21
N GLN A 683 38.92 23.28 -2.58
CA GLN A 683 40.01 23.23 -1.62
C GLN A 683 39.80 24.22 -0.48
N ILE A 684 39.38 25.44 -0.81
CA ILE A 684 39.15 26.45 0.21
C ILE A 684 38.04 26.02 1.16
N PHE A 685 36.96 25.45 0.59
CA PHE A 685 35.87 24.97 1.43
C PHE A 685 36.35 23.81 2.30
N HIS A 686 37.22 22.96 1.79
CA HIS A 686 37.76 21.88 2.60
C HIS A 686 38.55 22.44 3.78
N ARG A 687 39.35 23.48 3.54
CA ARG A 687 40.06 24.13 4.65
C ARG A 687 39.09 24.66 5.69
N MET A 688 38.05 25.35 5.24
CA MET A 688 37.06 25.90 6.16
C MET A 688 36.37 24.81 6.97
N TYR A 689 35.91 23.75 6.30
CA TYR A 689 35.20 22.68 6.98
C TYR A 689 36.11 21.95 7.95
N ALA A 690 37.35 21.69 7.55
CA ALA A 690 38.30 21.01 8.43
C ALA A 690 38.55 21.83 9.67
N TYR A 691 38.74 23.15 9.52
CA TYR A 691 38.96 23.97 10.70
C TYR A 691 37.74 23.99 11.61
N VAL A 692 36.54 24.07 11.04
CA VAL A 692 35.33 24.12 11.87
C VAL A 692 35.19 22.84 12.67
N VAL A 693 35.39 21.70 12.00
CA VAL A 693 35.30 20.41 12.69
C VAL A 693 36.36 20.32 13.78
N TYR A 694 37.59 20.74 13.47
CA TYR A 694 38.65 20.83 14.47
C TYR A 694 38.22 21.62 15.69
N ARG A 695 37.74 22.83 15.47
CA ARG A 695 37.48 23.75 16.56
C ARG A 695 36.38 23.22 17.46
N ILE A 696 35.25 22.81 16.87
CA ILE A 696 34.16 22.37 17.73
C ILE A 696 34.44 20.99 18.32
N ALA A 697 35.22 20.14 17.66
CA ALA A 697 35.59 18.86 18.24
C ALA A 697 36.46 19.05 19.48
N LEU A 698 37.46 19.92 19.41
CA LEU A 698 38.29 20.09 20.59
C LEU A 698 37.56 20.87 21.67
N SER A 699 36.64 21.77 21.30
CA SER A 699 35.80 22.41 22.29
C SER A 699 35.00 21.38 23.07
N ILE A 700 34.29 20.49 22.36
CA ILE A 700 33.51 19.45 23.04
C ILE A 700 34.41 18.57 23.89
N HIS A 701 35.52 18.10 23.31
CA HIS A 701 36.53 17.33 24.02
C HIS A 701 36.84 17.94 25.36
N LEU A 702 37.38 19.14 25.34
CA LEU A 702 37.99 19.67 26.54
C LEU A 702 36.92 20.14 27.52
N GLU A 703 35.74 20.54 27.04
CA GLU A 703 34.70 20.91 27.99
C GLU A 703 34.12 19.68 28.69
N ILE A 704 33.84 18.59 27.95
CA ILE A 704 33.29 17.42 28.62
C ILE A 704 34.37 16.63 29.33
N PHE A 705 35.63 17.01 29.20
CA PHE A 705 36.62 16.47 30.13
C PHE A 705 36.72 17.31 31.39
N LEU A 706 36.98 18.61 31.26
CA LEU A 706 37.19 19.43 32.46
C LEU A 706 35.92 19.57 33.29
N GLY A 707 34.77 19.77 32.66
CA GLY A 707 33.54 19.87 33.42
C GLY A 707 33.20 18.59 34.16
N LEU A 708 33.34 17.46 33.48
CA LEU A 708 33.11 16.18 34.14
C LEU A 708 34.10 15.95 35.28
N TRP A 709 35.36 16.35 35.08
CA TRP A 709 36.37 16.10 36.10
C TRP A 709 36.16 17.01 37.30
N ILE A 710 35.70 18.24 37.07
CA ILE A 710 35.32 19.12 38.16
C ILE A 710 34.10 18.57 38.89
N ALA A 711 33.08 18.13 38.15
CA ALA A 711 31.87 17.65 38.79
C ALA A 711 32.13 16.42 39.62
N ILE A 712 32.83 15.44 39.05
CA ILE A 712 33.06 14.17 39.75
C ILE A 712 34.05 14.36 40.90
N LEU A 713 35.12 15.13 40.68
CA LEU A 713 36.27 15.07 41.57
C LEU A 713 36.72 16.43 42.09
N ASN A 714 35.97 17.50 41.81
CA ASN A 714 36.27 18.83 42.36
C ASN A 714 37.70 19.26 42.04
N ARG A 715 38.18 18.87 40.87
CA ARG A 715 39.54 19.16 40.45
C ARG A 715 39.52 19.67 39.02
N SER A 716 40.51 20.50 38.70
CA SER A 716 40.66 21.02 37.35
C SER A 716 42.12 21.32 37.09
N LEU A 717 42.45 21.48 35.81
CA LEU A 717 43.82 21.79 35.43
C LEU A 717 44.24 23.14 36.01
N ASN A 718 45.53 23.30 36.23
CA ASN A 718 46.06 24.58 36.65
C ASN A 718 45.71 25.65 35.62
N ILE A 719 45.39 26.85 36.10
CA ILE A 719 44.86 27.87 35.21
C ILE A 719 45.90 28.26 34.15
N GLU A 720 47.18 28.30 34.51
CA GLU A 720 48.20 28.62 33.53
C GLU A 720 48.26 27.57 32.43
N LEU A 721 48.17 26.29 32.81
CA LEU A 721 48.22 25.22 31.82
C LEU A 721 47.03 25.27 30.88
N VAL A 722 45.84 25.56 31.40
CA VAL A 722 44.66 25.60 30.54
C VAL A 722 44.71 26.82 29.62
N VAL A 723 45.25 27.94 30.11
CA VAL A 723 45.49 29.09 29.25
C VAL A 723 46.44 28.73 28.13
N PHE A 724 47.50 28.00 28.44
CA PHE A 724 48.44 27.62 27.38
C PHE A 724 47.85 26.61 26.42
N ILE A 725 46.95 25.74 26.89
CA ILE A 725 46.22 24.86 25.98
C ILE A 725 45.41 25.69 25.00
N ALA A 726 44.73 26.73 25.50
CA ALA A 726 43.97 27.60 24.62
C ALA A 726 44.88 28.33 23.63
N ILE A 727 46.05 28.78 24.09
CA ILE A 727 46.98 29.47 23.20
C ILE A 727 47.46 28.54 22.10
N PHE A 728 47.81 27.30 22.45
CA PHE A 728 48.26 26.34 21.46
C PHE A 728 47.19 26.02 20.42
N ALA A 729 45.92 26.27 20.74
CA ALA A 729 44.85 26.13 19.78
C ALA A 729 44.63 27.37 18.94
N ASP A 730 45.41 28.42 19.18
CA ASP A 730 45.41 29.62 18.33
C ASP A 730 46.72 29.82 17.61
N VAL A 731 47.65 28.87 17.74
CA VAL A 731 48.90 28.90 17.00
C VAL A 731 48.89 27.88 15.86
N ALA A 732 48.35 26.69 16.10
CA ALA A 732 48.19 25.68 15.07
C ALA A 732 46.99 25.94 14.18
N THR A 733 46.36 27.11 14.29
CA THR A 733 45.22 27.47 13.46
C THR A 733 45.43 28.71 12.62
N LEU A 734 46.43 29.54 12.91
CA LEU A 734 46.75 30.63 12.01
C LEU A 734 47.49 30.15 10.78
N ALA A 735 47.62 28.83 10.57
CA ALA A 735 48.27 28.27 9.41
C ALA A 735 47.35 27.40 8.57
N ILE A 736 46.13 27.11 9.03
CA ILE A 736 45.24 26.23 8.27
C ILE A 736 44.86 26.88 6.95
N ALA A 737 44.80 28.22 6.91
CA ALA A 737 44.44 28.91 5.67
C ALA A 737 45.51 28.81 4.60
N TYR A 738 46.71 28.34 4.94
CA TYR A 738 47.81 28.18 3.99
C TYR A 738 48.28 26.73 4.05
N ASP A 739 47.65 25.85 3.28
CA ASP A 739 48.12 24.47 3.21
C ASP A 739 47.58 23.82 1.94
N ASN A 740 48.16 22.67 1.59
CA ASN A 740 47.80 21.94 0.38
C ASN A 740 46.61 21.04 0.66
N ALA A 741 45.47 21.69 0.88
CA ALA A 741 44.25 20.93 1.16
C ALA A 741 43.75 20.27 -0.12
N PRO A 742 43.35 19.00 -0.07
CA PRO A 742 42.77 18.36 -1.25
C PRO A 742 41.34 18.82 -1.47
N TYR A 743 40.88 18.65 -2.71
CA TYR A 743 39.52 19.00 -3.08
C TYR A 743 38.66 17.75 -3.17
N SER A 744 37.40 17.89 -2.76
CA SER A 744 36.47 16.77 -2.84
C SER A 744 36.20 16.41 -4.29
N GLN A 745 35.92 15.13 -4.51
CA GLN A 745 35.58 14.64 -5.85
C GLN A 745 34.11 14.79 -6.17
N THR A 746 33.30 15.30 -5.24
CA THR A 746 31.89 15.58 -5.43
C THR A 746 31.60 16.96 -4.88
N PRO A 747 30.54 17.61 -5.36
CA PRO A 747 30.19 18.95 -4.84
C PRO A 747 30.01 18.90 -3.33
N VAL A 748 30.58 19.89 -2.65
CA VAL A 748 30.70 19.88 -1.20
C VAL A 748 29.76 20.92 -0.62
N LYS A 749 29.09 20.56 0.47
CA LYS A 749 28.07 21.40 1.06
C LYS A 749 28.09 21.24 2.57
N TRP A 750 27.50 22.21 3.26
CA TRP A 750 27.34 22.15 4.71
C TRP A 750 26.32 21.08 5.06
N ASN A 751 26.78 19.91 5.46
CA ASN A 751 25.91 18.88 6.01
C ASN A 751 25.98 19.01 7.53
N LEU A 752 25.24 19.99 8.05
CA LEU A 752 25.35 20.32 9.46
C LEU A 752 25.06 19.15 10.40
N PRO A 753 24.02 18.32 10.19
CA PRO A 753 23.88 17.15 11.07
C PRO A 753 25.08 16.22 11.04
N LYS A 754 25.65 15.97 9.85
CA LYS A 754 26.82 15.11 9.77
C LYS A 754 28.04 15.78 10.39
N LEU A 755 28.17 17.10 10.20
CA LEU A 755 29.27 17.83 10.81
C LEU A 755 29.21 17.72 12.34
N TRP A 756 28.04 17.95 12.91
CA TRP A 756 27.90 17.86 14.35
C TRP A 756 28.12 16.44 14.85
N GLY A 757 27.62 15.45 14.13
CA GLY A 757 27.86 14.07 14.54
C GLY A 757 29.33 13.72 14.55
N MET A 758 30.03 14.07 13.47
CA MET A 758 31.46 13.79 13.39
C MET A 758 32.23 14.49 14.50
N SER A 759 31.91 15.77 14.74
CA SER A 759 32.66 16.52 15.74
C SER A 759 32.37 16.04 17.14
N VAL A 760 31.12 15.72 17.44
CA VAL A 760 30.79 15.18 18.76
C VAL A 760 31.49 13.86 18.98
N LEU A 761 31.52 12.99 17.95
CA LEU A 761 32.21 11.72 18.12
C LEU A 761 33.70 11.91 18.32
N LEU A 762 34.33 12.83 17.58
CA LEU A 762 35.75 13.07 17.75
C LEU A 762 36.05 13.62 19.14
N GLY A 763 35.22 14.56 19.61
CA GLY A 763 35.41 15.10 20.93
C GLY A 763 35.21 14.07 22.03
N VAL A 764 34.24 13.18 21.84
CA VAL A 764 34.02 12.11 22.80
C VAL A 764 35.21 11.17 22.83
N VAL A 765 35.77 10.83 21.66
CA VAL A 765 36.94 9.97 21.62
C VAL A 765 38.12 10.63 22.34
N LEU A 766 38.33 11.92 22.08
CA LEU A 766 39.42 12.63 22.73
C LEU A 766 39.22 12.68 24.24
N ALA A 767 37.99 12.93 24.68
CA ALA A 767 37.69 12.98 26.11
C ALA A 767 37.89 11.62 26.76
N VAL A 768 37.52 10.54 26.07
CA VAL A 768 37.74 9.21 26.61
C VAL A 768 39.23 8.93 26.74
N GLY A 769 40.02 9.35 25.75
CA GLY A 769 41.46 9.19 25.87
C GLY A 769 42.03 9.94 27.06
N THR A 770 41.59 11.18 27.25
CA THR A 770 42.10 11.97 28.37
C THR A 770 41.65 11.39 29.71
N TRP A 771 40.41 10.90 29.78
CA TRP A 771 39.92 10.28 31.01
C TRP A 771 40.68 9.00 31.32
N ILE A 772 41.02 8.22 30.30
CA ILE A 772 41.87 7.06 30.52
C ILE A 772 43.22 7.49 31.07
N THR A 773 43.79 8.56 30.49
CA THR A 773 45.09 9.05 30.96
C THR A 773 45.05 9.40 32.43
N VAL A 774 44.00 10.12 32.86
CA VAL A 774 43.98 10.56 34.26
C VAL A 774 43.56 9.43 35.21
N THR A 775 42.69 8.52 34.76
CA THR A 775 42.31 7.42 35.62
C THR A 775 43.43 6.40 35.78
N THR A 776 44.40 6.38 34.87
CA THR A 776 45.59 5.58 35.12
C THR A 776 46.35 6.08 36.33
N MET A 777 46.51 7.40 36.45
CA MET A 777 47.23 7.95 37.60
C MET A 777 46.43 7.87 38.88
N TYR A 778 45.10 7.96 38.80
CA TYR A 778 44.30 7.58 39.97
C TYR A 778 44.48 6.12 40.34
N ALA A 779 44.53 5.23 39.36
CA ALA A 779 44.64 3.81 39.66
C ALA A 779 45.98 3.48 40.30
N GLN A 780 47.08 3.95 39.70
CA GLN A 780 48.41 3.54 40.10
C GLN A 780 49.23 4.67 40.71
N GLY A 781 48.58 5.68 41.27
CA GLY A 781 49.28 6.76 41.93
C GLY A 781 49.75 7.83 40.96
N GLU A 782 50.16 8.97 41.53
CA GLU A 782 50.53 10.13 40.72
C GLU A 782 51.69 9.81 39.79
N ASN A 783 52.63 8.99 40.23
CA ASN A 783 53.83 8.69 39.47
C ASN A 783 53.96 7.20 39.19
N GLY A 784 52.84 6.54 38.88
CA GLY A 784 52.91 5.12 38.62
C GLY A 784 52.03 4.62 37.49
N GLY A 785 51.23 5.48 36.88
CA GLY A 785 50.26 5.02 35.92
C GLY A 785 50.78 5.10 34.50
N ILE A 786 50.28 6.06 33.72
CA ILE A 786 50.83 6.30 32.40
C ILE A 786 52.28 6.78 32.51
N VAL A 787 52.66 7.37 33.63
CA VAL A 787 54.05 7.74 33.92
C VAL A 787 54.75 6.54 34.52
N GLN A 788 56.05 6.42 34.27
CA GLN A 788 56.80 5.26 34.75
C GLN A 788 57.65 5.58 35.97
N ASN A 789 58.54 6.55 35.87
CA ASN A 789 59.45 6.82 36.98
C ASN A 789 58.90 7.89 37.93
N PHE A 790 58.56 9.06 37.40
CA PHE A 790 57.97 10.11 38.22
C PHE A 790 57.22 11.06 37.30
N GLY A 791 56.34 11.86 37.90
CA GLY A 791 55.58 12.82 37.15
C GLY A 791 54.57 13.50 38.04
N ASN A 792 53.71 14.30 37.41
CA ASN A 792 52.60 14.92 38.11
C ASN A 792 51.41 14.95 37.18
N MET A 793 50.22 14.83 37.77
CA MET A 793 49.01 14.65 36.99
C MET A 793 48.77 15.82 36.03
N ASP A 794 48.99 17.05 36.51
CA ASP A 794 48.55 18.21 35.74
C ASP A 794 49.38 18.38 34.47
N GLU A 795 50.70 18.26 34.58
CA GLU A 795 51.53 18.43 33.40
C GLU A 795 51.39 17.27 32.43
N VAL A 796 51.16 16.05 32.94
CA VAL A 796 50.91 14.92 32.06
C VAL A 796 49.62 15.11 31.29
N LEU A 797 48.57 15.57 31.97
CA LEU A 797 47.33 15.87 31.28
C LEU A 797 47.52 16.99 30.28
N PHE A 798 48.34 17.99 30.63
CA PHE A 798 48.65 19.07 29.70
C PHE A 798 49.26 18.53 28.42
N LEU A 799 50.27 17.68 28.55
CA LEU A 799 50.94 17.13 27.38
C LEU A 799 50.00 16.28 26.55
N GLN A 800 49.23 15.41 27.20
CA GLN A 800 48.32 14.53 26.47
C GLN A 800 47.27 15.34 25.73
N ILE A 801 46.66 16.31 26.41
CA ILE A 801 45.63 17.14 25.79
C ILE A 801 46.21 17.92 24.62
N SER A 802 47.39 18.53 24.82
CA SER A 802 47.99 19.31 23.75
C SER A 802 48.27 18.45 22.52
N LEU A 803 48.90 17.29 22.73
CA LEU A 803 49.25 16.45 21.59
C LEU A 803 48.00 15.97 20.87
N THR A 804 47.06 15.37 21.59
CA THR A 804 45.90 14.80 20.94
C THR A 804 45.00 15.87 20.35
N GLU A 805 45.06 17.11 20.85
CA GLU A 805 44.23 18.16 20.31
C GLU A 805 44.84 18.74 19.04
N ASN A 806 46.13 19.07 19.07
CA ASN A 806 46.74 19.67 17.89
C ASN A 806 46.87 18.66 16.76
N TRP A 807 47.14 17.39 17.06
CA TRP A 807 47.22 16.41 15.99
C TRP A 807 45.87 16.15 15.33
N LEU A 808 44.77 16.62 15.92
CA LEU A 808 43.45 16.39 15.33
C LEU A 808 43.32 17.05 13.97
N ILE A 809 44.09 18.12 13.72
CA ILE A 809 43.94 18.83 12.46
C ILE A 809 44.40 17.98 11.29
N PHE A 810 45.38 17.08 11.50
CA PHE A 810 45.88 16.24 10.42
C PHE A 810 44.85 15.25 9.89
N ILE A 811 43.83 14.91 10.67
CA ILE A 811 42.83 13.98 10.17
C ILE A 811 41.62 14.70 9.60
N THR A 812 41.35 15.92 10.02
CA THR A 812 40.25 16.69 9.44
C THR A 812 40.59 17.25 8.06
N ARG A 813 41.86 17.51 7.78
CA ARG A 813 42.28 18.05 6.50
C ARG A 813 42.66 16.97 5.51
N ALA A 814 41.80 15.98 5.32
CA ALA A 814 42.15 14.87 4.45
C ALA A 814 40.89 14.28 3.83
N ASN A 815 41.08 13.62 2.70
CA ASN A 815 40.03 12.84 2.04
C ASN A 815 40.28 11.39 2.39
N GLY A 816 39.54 10.88 3.37
CA GLY A 816 39.73 9.53 3.83
C GLY A 816 40.85 9.45 4.86
N PRO A 817 41.81 8.55 4.62
CA PRO A 817 42.90 8.38 5.58
C PRO A 817 43.76 9.62 5.68
N PHE A 818 44.32 9.84 6.87
CA PHE A 818 45.12 11.03 7.12
C PHE A 818 46.44 11.02 6.39
N TRP A 819 46.87 9.88 5.86
CA TRP A 819 48.14 9.78 5.14
C TRP A 819 47.98 10.00 3.65
N SER A 820 46.77 10.29 3.17
CA SER A 820 46.57 10.47 1.74
C SER A 820 47.38 11.65 1.21
N SER A 821 47.11 12.85 1.71
CA SER A 821 47.82 14.04 1.29
C SER A 821 48.86 14.42 2.33
N ILE A 822 49.97 14.99 1.86
CA ILE A 822 51.04 15.44 2.72
C ILE A 822 50.73 16.87 3.16
N PRO A 823 50.67 17.16 4.46
CA PRO A 823 50.39 18.53 4.89
C PRO A 823 51.53 19.47 4.52
N SER A 824 51.20 20.75 4.38
CA SER A 824 52.19 21.75 4.02
C SER A 824 53.23 21.89 5.12
N TRP A 825 54.42 22.38 4.74
CA TRP A 825 55.50 22.53 5.72
C TRP A 825 55.12 23.52 6.81
N GLN A 826 54.29 24.51 6.48
CA GLN A 826 53.93 25.53 7.48
C GLN A 826 53.10 24.93 8.60
N LEU A 827 52.04 24.18 8.25
CA LEU A 827 51.21 23.57 9.27
C LEU A 827 51.98 22.56 10.09
N SER A 828 52.76 21.70 9.42
CA SER A 828 53.53 20.69 10.13
C SER A 828 54.54 21.33 11.07
N GLY A 829 55.23 22.37 10.62
CA GLY A 829 56.17 23.05 11.48
C GLY A 829 55.51 23.73 12.66
N ALA A 830 54.40 24.43 12.41
CA ALA A 830 53.72 25.12 13.50
C ALA A 830 53.16 24.16 14.53
N ILE A 831 52.80 22.95 14.12
CA ILE A 831 52.29 21.97 15.06
C ILE A 831 53.41 21.23 15.78
N PHE A 832 54.49 20.92 15.07
CA PHE A 832 55.63 20.27 15.70
C PHE A 832 56.30 21.18 16.73
N LEU A 833 56.34 22.48 16.46
CA LEU A 833 56.88 23.42 17.43
C LEU A 833 56.03 23.45 18.70
N VAL A 834 54.71 23.43 18.55
CA VAL A 834 53.83 23.41 19.72
C VAL A 834 54.00 22.10 20.48
N ASP A 835 54.16 20.99 19.76
CA ASP A 835 54.38 19.71 20.43
C ASP A 835 55.69 19.72 21.20
N ILE A 836 56.73 20.33 20.64
CA ILE A 836 58.00 20.44 21.34
C ILE A 836 57.86 21.31 22.58
N LEU A 837 57.12 22.42 22.47
CA LEU A 837 56.90 23.26 23.65
C LEU A 837 56.14 22.53 24.74
N ALA A 838 55.10 21.78 24.38
CA ALA A 838 54.36 21.01 25.38
C ALA A 838 55.24 19.95 26.03
N THR A 839 56.08 19.29 25.22
CA THR A 839 56.98 18.28 25.77
C THR A 839 57.97 18.92 26.74
N CYS A 840 58.48 20.10 26.40
CA CYS A 840 59.39 20.80 27.32
C CYS A 840 58.68 21.20 28.60
N PHE A 841 57.45 21.71 28.48
CA PHE A 841 56.62 22.00 29.63
C PHE A 841 56.56 20.79 30.55
N THR A 842 56.29 19.62 29.99
CA THR A 842 56.14 18.42 30.81
C THR A 842 57.47 18.00 31.42
N ILE A 843 58.55 18.01 30.64
CA ILE A 843 59.82 17.52 31.13
C ILE A 843 60.33 18.37 32.29
N TRP A 844 60.24 19.69 32.16
CA TRP A 844 60.76 20.54 33.22
C TRP A 844 59.70 21.10 34.15
N GLY A 845 58.42 20.98 33.79
CA GLY A 845 57.35 21.32 34.72
C GLY A 845 57.42 22.74 35.24
N TRP A 846 57.62 23.71 34.37
CA TRP A 846 57.83 25.07 34.86
C TRP A 846 56.54 25.86 35.04
N PHE A 847 55.43 25.18 35.32
CA PHE A 847 54.26 25.86 35.87
C PHE A 847 53.65 25.08 37.02
N GLU A 848 54.26 23.96 37.41
CA GLU A 848 53.87 23.22 38.61
C GLU A 848 55.12 22.87 39.41
N HIS A 849 54.91 22.13 40.50
CA HIS A 849 55.94 21.99 41.53
C HIS A 849 56.90 20.84 41.29
N SER A 850 56.69 20.02 40.28
CA SER A 850 57.56 18.88 40.05
C SER A 850 57.67 18.61 38.56
N ASP A 851 58.77 17.95 38.18
CA ASP A 851 59.03 17.61 36.80
C ASP A 851 58.59 16.17 36.50
N THR A 852 58.66 15.81 35.22
CA THR A 852 58.19 14.53 34.73
C THR A 852 59.34 13.77 34.08
N SER A 853 59.33 12.46 34.22
CA SER A 853 60.41 11.64 33.72
C SER A 853 60.47 11.68 32.19
N ILE A 854 61.67 11.46 31.65
CA ILE A 854 61.85 11.48 30.21
C ILE A 854 61.22 10.27 29.55
N VAL A 855 60.96 9.21 30.31
CA VAL A 855 60.28 8.05 29.75
C VAL A 855 58.76 8.21 29.85
N ALA A 856 58.29 8.97 30.85
CA ALA A 856 56.87 9.26 30.94
C ALA A 856 56.37 10.04 29.74
N VAL A 857 57.16 11.00 29.27
CA VAL A 857 56.74 11.74 28.08
C VAL A 857 56.75 10.84 26.86
N VAL A 858 57.68 9.88 26.80
CA VAL A 858 57.68 8.94 25.68
C VAL A 858 56.41 8.11 25.69
N ARG A 859 56.01 7.63 26.87
CA ARG A 859 54.78 6.84 26.96
C ARG A 859 53.56 7.68 26.63
N ILE A 860 53.56 8.95 27.05
CA ILE A 860 52.45 9.84 26.72
C ILE A 860 52.38 10.06 25.22
N TRP A 861 53.54 10.21 24.56
CA TRP A 861 53.56 10.35 23.11
C TRP A 861 53.01 9.12 22.42
N ILE A 862 53.40 7.93 22.90
CA ILE A 862 52.90 6.69 22.30
C ILE A 862 51.40 6.59 22.46
N PHE A 863 50.89 6.87 23.67
CA PHE A 863 49.46 6.78 23.90
C PHE A 863 48.69 7.82 23.09
N SER A 864 49.25 9.03 22.98
CA SER A 864 48.61 10.07 22.18
C SER A 864 48.59 9.71 20.71
N PHE A 865 49.66 9.06 20.23
CA PHE A 865 49.66 8.59 18.85
C PHE A 865 48.63 7.49 18.63
N GLY A 866 48.47 6.61 19.60
CA GLY A 866 47.42 5.60 19.49
C GLY A 866 46.03 6.21 19.46
N ILE A 867 45.79 7.20 20.31
CA ILE A 867 44.50 7.91 20.30
C ILE A 867 44.31 8.61 18.97
N PHE A 868 45.38 9.22 18.45
CA PHE A 868 45.31 9.87 17.15
C PHE A 868 44.96 8.88 16.05
N CYS A 869 45.56 7.69 16.08
CA CYS A 869 45.28 6.70 15.06
C CYS A 869 43.85 6.19 15.15
N ILE A 870 43.36 5.90 16.36
CA ILE A 870 41.98 5.41 16.46
C ILE A 870 40.98 6.49 16.08
N MET A 871 41.28 7.75 16.44
CA MET A 871 40.42 8.86 16.06
C MET A 871 40.42 9.09 14.56
N GLY A 872 41.58 8.98 13.92
CA GLY A 872 41.64 9.10 12.47
C GLY A 872 40.93 7.95 11.78
N GLY A 873 41.03 6.74 12.34
CA GLY A 873 40.29 5.63 11.78
C GLY A 873 38.79 5.80 11.90
N VAL A 874 38.33 6.33 13.03
CA VAL A 874 36.92 6.65 13.18
C VAL A 874 36.49 7.69 12.16
N TYR A 875 37.31 8.72 11.97
CA TYR A 875 36.98 9.77 10.99
C TYR A 875 36.94 9.21 9.58
N TYR A 876 37.83 8.26 9.27
CA TYR A 876 37.88 7.68 7.93
C TYR A 876 36.72 6.74 7.68
N ILE A 877 36.34 5.95 8.69
CA ILE A 877 35.25 4.99 8.53
C ILE A 877 33.93 5.73 8.27
N LEU A 878 33.68 6.77 9.05
CA LEU A 878 32.42 7.50 8.96
C LEU A 878 32.45 8.63 7.92
N GLN A 879 33.55 8.77 7.18
CA GLN A 879 33.61 9.82 6.17
C GLN A 879 32.59 9.60 5.07
N ASP A 880 32.40 8.35 4.64
CA ASP A 880 31.40 8.03 3.64
C ASP A 880 30.62 6.78 4.04
N SER A 892 17.30 9.86 -14.84
CA SER A 892 16.28 9.28 -13.97
C SER A 892 15.35 10.35 -13.42
N PRO A 893 14.05 10.06 -13.42
CA PRO A 893 13.08 11.02 -12.86
C PRO A 893 13.28 11.23 -11.37
N LYS A 894 13.73 12.41 -10.97
CA LYS A 894 14.00 12.72 -9.57
C LYS A 894 12.74 13.22 -8.86
N GLY A 895 11.75 12.33 -8.77
CA GLY A 895 10.53 12.70 -8.09
C GLY A 895 9.59 11.54 -7.81
N ASN A 896 8.87 11.63 -6.70
CA ASN A 896 7.77 10.72 -6.40
C ASN A 896 6.52 11.24 -7.08
N GLN A 897 5.36 10.66 -6.78
CA GLN A 897 4.11 11.15 -7.36
C GLN A 897 3.87 12.60 -6.98
N LYS A 898 4.19 12.97 -5.74
CA LYS A 898 3.98 14.34 -5.29
C LYS A 898 4.79 15.33 -6.11
N GLN A 899 6.06 15.03 -6.34
CA GLN A 899 6.94 15.98 -7.00
C GLN A 899 6.57 16.15 -8.48
N ARG A 900 6.37 15.04 -9.19
CA ARG A 900 5.96 15.13 -10.59
C ARG A 900 4.61 15.82 -10.71
N SER A 901 3.68 15.53 -9.80
CA SER A 901 2.39 16.20 -9.82
C SER A 901 2.55 17.70 -9.61
N LEU A 902 3.44 18.10 -8.69
CA LEU A 902 3.65 19.52 -8.43
C LEU A 902 4.23 20.24 -9.64
N GLU A 903 5.25 19.64 -10.28
CA GLU A 903 5.84 20.27 -11.46
C GLU A 903 4.83 20.34 -12.60
N ASP A 904 4.07 19.26 -12.80
CA ASP A 904 3.04 19.27 -13.83
C ASP A 904 2.02 20.36 -13.57
N PHE A 905 1.61 20.51 -12.31
CA PHE A 905 0.65 21.55 -11.95
C PHE A 905 1.22 22.94 -12.21
N VAL A 906 2.50 23.15 -11.89
CA VAL A 906 3.12 24.45 -12.12
C VAL A 906 3.11 24.80 -13.60
N VAL A 907 3.60 23.87 -14.43
CA VAL A 907 3.67 24.15 -15.86
C VAL A 907 2.27 24.30 -16.46
N SER A 908 1.32 23.47 -16.01
CA SER A 908 -0.05 23.54 -16.51
C SER A 908 -0.70 24.87 -16.15
N LEU A 909 -0.48 25.35 -14.92
CA LEU A 909 -1.08 26.62 -14.54
C LEU A 909 -0.46 27.77 -15.32
N GLN A 910 0.85 27.69 -15.59
CA GLN A 910 1.47 28.68 -16.49
C GLN A 910 0.79 28.68 -17.85
N ARG A 911 0.60 27.48 -18.42
CA ARG A 911 0.03 27.38 -19.75
C ARG A 911 -1.41 27.88 -19.79
N VAL A 912 -2.22 27.51 -18.79
CA VAL A 912 -3.61 27.95 -18.79
C VAL A 912 -3.71 29.44 -18.53
N SER A 913 -2.81 29.99 -17.71
CA SER A 913 -2.78 31.44 -17.54
C SER A 913 -2.50 32.14 -18.86
N THR A 914 -1.53 31.64 -19.62
CA THR A 914 -1.28 32.20 -20.95
C THR A 914 -2.50 32.04 -21.86
N GLN A 915 -3.14 30.87 -21.80
CA GLN A 915 -4.24 30.58 -22.70
C GLN A 915 -5.43 31.49 -22.46
N HIS A 916 -5.76 31.69 -21.21
CA HIS A 916 -6.86 32.54 -20.85
C HIS A 916 -6.47 33.94 -21.14
N GLU A 917 -5.24 34.31 -20.85
CA GLU A 917 -4.82 35.68 -21.08
C GLU A 917 -4.95 36.03 -22.56
N LYS A 918 -4.78 35.04 -23.44
CA LYS A 918 -5.08 35.25 -24.85
C LYS A 918 -6.53 35.65 -25.05
N SER A 919 -7.42 35.14 -24.20
CA SER A 919 -8.83 35.51 -24.18
C SER A 919 -9.51 35.21 -25.51
N GLN A 920 -9.47 33.92 -25.88
CA GLN A 920 -10.10 33.38 -27.09
C GLN A 920 -10.02 34.31 -28.31
N GLU B 66 58.82 19.38 -28.76
CA GLU B 66 60.02 19.23 -29.58
C GLU B 66 59.68 18.68 -30.96
N ALA B 67 59.66 19.56 -31.96
CA ALA B 67 59.40 19.13 -33.34
C ALA B 67 60.62 19.32 -34.24
N THR B 68 61.15 20.54 -34.36
CA THR B 68 62.36 20.78 -35.13
C THR B 68 63.65 20.49 -34.34
N PRO B 69 63.78 20.89 -33.08
CA PRO B 69 65.04 20.64 -32.36
C PRO B 69 65.06 19.37 -31.53
N GLY B 70 64.04 18.52 -31.62
CA GLY B 70 63.98 17.32 -30.82
C GLY B 70 64.03 16.04 -31.63
N GLY B 71 64.72 16.08 -32.77
CA GLY B 71 64.86 14.91 -33.60
C GLY B 71 63.97 14.92 -34.82
N GLY B 72 63.87 16.07 -35.49
CA GLY B 72 63.09 16.16 -36.71
C GLY B 72 63.51 17.31 -37.60
N ARG B 73 63.81 17.00 -38.85
CA ARG B 73 64.20 17.97 -39.86
C ARG B 73 64.10 17.27 -41.22
N VAL B 74 64.66 17.88 -42.26
CA VAL B 74 64.48 17.35 -43.61
C VAL B 74 65.11 15.96 -43.77
N VAL B 75 66.29 15.74 -43.19
CA VAL B 75 67.01 14.49 -43.44
C VAL B 75 66.35 13.28 -42.78
N PRO B 76 65.54 13.41 -41.72
CA PRO B 76 64.61 12.32 -41.38
C PRO B 76 63.20 12.47 -41.95
N GLU B 77 62.93 13.49 -42.77
CA GLU B 77 61.60 13.72 -43.29
C GLU B 77 61.52 13.54 -44.81
N ASP B 78 62.31 14.28 -45.57
CA ASP B 78 62.26 14.22 -47.03
C ASP B 78 63.29 13.28 -47.61
N MET B 79 64.40 13.04 -46.92
CA MET B 79 65.32 11.98 -47.34
C MET B 79 64.71 10.61 -47.18
N LEU B 80 63.62 10.48 -46.42
CA LEU B 80 62.80 9.27 -46.48
C LEU B 80 62.26 9.06 -47.88
N GLN B 81 61.68 10.12 -48.47
CA GLN B 81 61.07 10.05 -49.79
C GLN B 81 62.08 10.45 -50.87
N THR B 82 63.18 9.69 -50.89
CA THR B 82 64.13 9.74 -52.00
C THR B 82 64.11 8.47 -52.84
N ASP B 83 63.64 7.36 -52.29
CA ASP B 83 63.44 6.12 -53.01
C ASP B 83 61.98 5.97 -53.42
N THR B 84 61.68 4.86 -54.09
CA THR B 84 60.31 4.57 -54.46
C THR B 84 59.51 4.12 -53.23
N ARG B 85 58.25 3.77 -53.48
CA ARG B 85 57.39 3.30 -52.39
C ARG B 85 57.91 2.01 -51.79
N VAL B 86 58.37 1.09 -52.63
CA VAL B 86 58.80 -0.24 -52.18
C VAL B 86 60.32 -0.28 -52.22
N GLY B 87 60.94 -0.13 -51.05
CA GLY B 87 62.38 -0.24 -50.92
C GLY B 87 62.94 0.51 -49.74
N LEU B 88 63.87 -0.11 -49.01
CA LEU B 88 64.57 0.55 -47.91
C LEU B 88 65.84 -0.22 -47.62
N THR B 89 66.96 0.50 -47.48
CA THR B 89 68.25 -0.12 -47.24
C THR B 89 69.05 0.72 -46.27
N SER B 90 69.99 0.05 -45.58
CA SER B 90 71.09 0.68 -44.86
C SER B 90 70.59 1.63 -43.77
N GLU B 91 70.00 1.04 -42.73
CA GLU B 91 69.94 1.78 -41.47
C GLU B 91 71.38 2.02 -41.03
N GLU B 92 71.86 3.25 -41.17
CA GLU B 92 73.31 3.40 -41.27
C GLU B 92 74.02 3.51 -39.93
N VAL B 93 73.93 4.66 -39.28
CA VAL B 93 74.64 4.92 -38.03
C VAL B 93 73.70 5.67 -37.08
N VAL B 94 72.43 5.27 -37.05
CA VAL B 94 71.29 6.14 -36.73
C VAL B 94 71.49 7.04 -35.52
N GLN B 95 72.47 6.74 -34.66
CA GLN B 95 72.98 7.57 -33.55
C GLN B 95 72.05 7.60 -32.34
N ARG B 96 70.81 7.12 -32.45
CA ARG B 96 69.88 7.14 -31.33
C ARG B 96 68.74 6.20 -31.64
N ARG B 97 68.50 5.23 -30.78
CA ARG B 97 67.35 4.35 -30.89
C ARG B 97 66.46 4.63 -29.68
N ARG B 98 65.65 5.68 -29.81
CA ARG B 98 64.68 6.07 -28.79
C ARG B 98 63.33 5.54 -29.27
N LYS B 99 63.09 4.26 -29.00
CA LYS B 99 61.98 3.55 -29.61
C LYS B 99 61.16 2.69 -28.65
N TYR B 100 61.71 2.29 -27.52
CA TYR B 100 61.14 1.22 -26.71
C TYR B 100 60.32 1.78 -25.54
N GLY B 101 59.23 2.47 -25.87
CA GLY B 101 58.39 3.05 -24.84
C GLY B 101 59.20 3.97 -23.95
N LEU B 102 59.58 5.12 -24.48
CA LEU B 102 60.70 5.93 -23.99
C LEU B 102 60.72 6.04 -22.47
N ASN B 103 61.76 5.49 -21.86
CA ASN B 103 62.02 5.62 -20.42
C ASN B 103 60.83 5.17 -19.58
N GLN B 104 60.18 4.09 -20.01
CA GLN B 104 59.10 3.48 -19.24
C GLN B 104 59.45 2.08 -18.76
N MET B 105 59.82 1.18 -19.68
CA MET B 105 60.26 -0.15 -19.28
C MET B 105 61.77 -0.18 -19.07
N LYS B 106 62.53 0.57 -19.86
CA LYS B 106 63.97 0.65 -19.73
C LYS B 106 64.41 1.63 -18.65
N GLU B 107 63.47 2.36 -18.05
CA GLU B 107 63.78 3.32 -17.00
C GLU B 107 64.45 2.65 -15.82
N GLU B 108 65.70 2.99 -15.56
CA GLU B 108 66.51 2.38 -14.50
C GLU B 108 66.53 0.86 -14.65
N LYS B 109 67.14 0.44 -15.76
CA LYS B 109 67.08 -0.94 -16.20
C LYS B 109 67.68 -1.88 -15.16
N GLU B 110 66.94 -2.94 -14.84
CA GLU B 110 67.38 -4.04 -14.00
C GLU B 110 68.18 -3.56 -12.80
N ASN B 111 67.55 -2.71 -11.98
CA ASN B 111 68.19 -2.26 -10.75
C ASN B 111 68.47 -3.45 -9.83
N HIS B 112 67.44 -4.26 -9.57
CA HIS B 112 67.56 -5.60 -9.01
C HIS B 112 68.19 -5.63 -7.63
N PHE B 113 68.51 -4.46 -7.06
CA PHE B 113 69.01 -4.39 -5.69
C PHE B 113 68.35 -3.30 -4.85
N LEU B 114 67.67 -2.34 -5.44
CA LEU B 114 66.89 -1.37 -4.67
C LEU B 114 65.46 -1.84 -4.42
N LYS B 115 65.04 -2.94 -5.06
CA LYS B 115 63.81 -3.59 -4.66
C LYS B 115 63.99 -4.41 -3.39
N PHE B 116 65.19 -4.97 -3.20
CA PHE B 116 65.46 -5.76 -1.99
C PHE B 116 65.49 -4.87 -0.76
N LEU B 117 66.23 -3.76 -0.82
CA LEU B 117 66.27 -2.84 0.32
C LEU B 117 64.95 -2.09 0.47
N GLY B 118 64.19 -1.95 -0.61
CA GLY B 118 62.90 -1.30 -0.51
C GLY B 118 61.93 -2.05 0.39
N PHE B 119 62.06 -3.37 0.46
CA PHE B 119 61.23 -4.17 1.34
C PHE B 119 61.72 -4.15 2.78
N PHE B 120 62.91 -3.62 3.04
CA PHE B 120 63.44 -3.47 4.38
C PHE B 120 63.09 -2.13 5.00
N VAL B 121 62.36 -1.28 4.29
CA VAL B 121 61.98 0.04 4.78
C VAL B 121 60.48 0.21 4.64
N GLY B 122 59.83 0.68 5.71
CA GLY B 122 58.40 0.86 5.72
C GLY B 122 57.89 1.03 7.14
N PRO B 123 56.57 1.12 7.29
CA PRO B 123 56.00 1.25 8.64
C PRO B 123 56.27 0.04 9.52
N ILE B 124 55.87 -1.16 9.06
CA ILE B 124 56.06 -2.36 9.87
C ILE B 124 57.54 -2.71 9.97
N GLN B 125 58.27 -2.58 8.86
CA GLN B 125 59.69 -2.88 8.89
C GLN B 125 60.44 -2.00 9.86
N PHE B 126 60.00 -0.75 10.03
CA PHE B 126 60.59 0.11 11.05
C PHE B 126 60.31 -0.42 12.45
N VAL B 127 59.10 -0.93 12.68
CA VAL B 127 58.78 -1.53 13.97
C VAL B 127 59.68 -2.72 14.25
N MET B 128 59.88 -3.56 13.24
CA MET B 128 60.77 -4.71 13.41
C MET B 128 62.23 -4.29 13.62
N GLU B 129 62.67 -3.24 12.93
CA GLU B 129 64.03 -2.74 13.16
C GLU B 129 64.19 -2.21 14.57
N GLY B 130 63.21 -1.46 15.06
CA GLY B 130 63.26 -1.00 16.43
C GLY B 130 63.24 -2.15 17.42
N ALA B 131 62.50 -3.22 17.10
CA ALA B 131 62.49 -4.40 17.95
C ALA B 131 63.87 -5.06 17.99
N ALA B 132 64.49 -5.24 16.82
CA ALA B 132 65.80 -5.86 16.75
C ALA B 132 66.89 -5.00 17.37
N VAL B 133 66.72 -3.68 17.38
CA VAL B 133 67.70 -2.82 18.01
C VAL B 133 67.51 -2.80 19.52
N LEU B 134 66.26 -2.70 19.98
CA LEU B 134 65.96 -2.65 21.40
C LEU B 134 66.10 -4.00 22.08
N ALA B 135 66.60 -5.02 21.41
CA ALA B 135 66.94 -6.28 22.07
C ALA B 135 68.38 -6.26 22.57
N ALA B 136 68.72 -5.20 23.31
CA ALA B 136 70.07 -4.95 23.80
C ALA B 136 71.09 -5.03 22.67
N GLY B 137 70.71 -4.53 21.50
CA GLY B 137 71.58 -4.61 20.35
C GLY B 137 71.85 -6.05 19.96
N LEU B 138 73.13 -6.36 19.73
CA LEU B 138 73.57 -7.69 19.37
C LEU B 138 74.05 -8.49 20.59
N GLU B 139 73.42 -8.28 21.74
CA GLU B 139 73.82 -8.96 22.97
C GLU B 139 73.82 -10.47 22.80
N ASP B 140 72.64 -11.04 22.53
CA ASP B 140 72.50 -12.48 22.34
C ASP B 140 71.62 -12.75 21.14
N TRP B 141 71.96 -13.79 20.38
CA TRP B 141 71.27 -14.13 19.14
C TRP B 141 70.11 -15.09 19.43
N VAL B 142 69.17 -14.62 20.25
CA VAL B 142 67.95 -15.37 20.53
C VAL B 142 66.74 -14.53 20.16
N ASP B 143 66.62 -13.33 20.72
CA ASP B 143 65.56 -12.42 20.32
C ASP B 143 65.93 -11.68 19.04
N PHE B 144 67.12 -11.09 19.02
CA PHE B 144 67.61 -10.42 17.81
C PHE B 144 67.64 -11.38 16.64
N GLY B 145 68.15 -12.59 16.86
CA GLY B 145 68.27 -13.55 15.78
C GLY B 145 66.91 -13.90 15.16
N VAL B 146 65.93 -14.20 16.01
CA VAL B 146 64.63 -14.61 15.50
C VAL B 146 63.90 -13.43 14.84
N ILE B 147 64.01 -12.24 15.42
CA ILE B 147 63.34 -11.09 14.82
C ILE B 147 63.94 -10.74 13.47
N CYS B 148 65.28 -10.71 13.39
CA CYS B 148 65.92 -10.43 12.11
C CYS B 148 65.66 -11.55 11.12
N GLY B 149 65.52 -12.79 11.59
CA GLY B 149 65.17 -13.87 10.69
C GLY B 149 63.78 -13.69 10.09
N LEU B 150 62.81 -13.28 10.91
CA LEU B 150 61.47 -13.03 10.38
C LEU B 150 61.49 -11.87 9.40
N LEU B 151 62.20 -10.79 9.73
CA LEU B 151 62.26 -9.65 8.82
C LEU B 151 62.90 -10.04 7.50
N LEU B 152 63.99 -10.80 7.56
CA LEU B 152 64.65 -11.26 6.34
C LEU B 152 63.76 -12.17 5.54
N LEU B 153 63.01 -13.05 6.21
CA LEU B 153 62.12 -13.95 5.49
C LEU B 153 61.02 -13.18 4.78
N ASN B 154 60.42 -12.19 5.45
CA ASN B 154 59.41 -11.38 4.79
C ASN B 154 60.00 -10.64 3.60
N ALA B 155 61.17 -10.03 3.77
CA ALA B 155 61.79 -9.31 2.67
C ALA B 155 62.11 -10.23 1.49
N VAL B 156 62.67 -11.41 1.75
CA VAL B 156 63.01 -12.34 0.68
C VAL B 156 61.78 -12.88 -0.01
N VAL B 157 60.73 -13.23 0.75
CA VAL B 157 59.51 -13.73 0.14
C VAL B 157 58.87 -12.65 -0.74
N GLY B 158 58.82 -11.42 -0.24
CA GLY B 158 58.27 -10.34 -1.04
C GLY B 158 59.08 -10.09 -2.30
N PHE B 159 60.40 -10.12 -2.19
CA PHE B 159 61.24 -9.91 -3.37
C PHE B 159 61.05 -11.02 -4.39
N VAL B 160 61.01 -12.27 -3.94
CA VAL B 160 60.83 -13.39 -4.87
C VAL B 160 59.47 -13.31 -5.54
N GLN B 161 58.43 -12.98 -4.78
CA GLN B 161 57.10 -12.89 -5.37
C GLN B 161 57.00 -11.76 -6.38
N GLU B 162 57.56 -10.59 -6.06
CA GLU B 162 57.56 -9.49 -7.03
C GLU B 162 58.38 -9.83 -8.27
N PHE B 163 59.51 -10.51 -8.08
CA PHE B 163 60.32 -10.92 -9.22
C PHE B 163 59.57 -11.88 -10.13
N GLN B 164 58.88 -12.86 -9.54
CA GLN B 164 58.11 -13.79 -10.34
C GLN B 164 56.97 -13.10 -11.07
N ALA B 165 56.28 -12.18 -10.37
CA ALA B 165 55.14 -11.49 -10.98
C ALA B 165 55.58 -10.50 -12.06
N GLY B 166 56.79 -9.97 -11.98
CA GLY B 166 57.26 -9.03 -12.99
C GLY B 166 58.02 -9.69 -14.11
N SER B 167 58.48 -10.91 -13.90
CA SER B 167 59.17 -11.68 -14.92
C SER B 167 58.24 -12.54 -15.75
N ILE B 168 56.95 -12.56 -15.41
CA ILE B 168 55.97 -13.33 -16.18
C ILE B 168 54.90 -12.44 -16.80
N VAL B 169 54.65 -11.25 -16.28
CA VAL B 169 53.77 -10.32 -16.97
C VAL B 169 54.46 -9.72 -18.18
N ASP B 170 55.80 -9.67 -18.16
CA ASP B 170 56.55 -9.20 -19.32
C ASP B 170 56.61 -10.24 -20.42
N GLU B 171 56.57 -11.53 -20.05
CA GLU B 171 56.54 -12.57 -21.07
C GLU B 171 55.21 -12.57 -21.83
N LEU B 172 54.14 -12.13 -21.18
CA LEU B 172 52.88 -11.95 -21.89
C LEU B 172 52.89 -10.68 -22.73
N LYS B 173 53.56 -9.63 -22.27
CA LYS B 173 53.70 -8.42 -23.07
C LYS B 173 54.49 -8.69 -24.34
N LYS B 174 55.53 -9.54 -24.24
CA LYS B 174 56.36 -9.83 -25.41
C LYS B 174 55.58 -10.56 -26.49
N THR B 175 54.73 -11.50 -26.11
CA THR B 175 53.96 -12.30 -27.07
C THR B 175 52.74 -11.55 -27.60
N LEU B 176 52.62 -10.26 -27.33
CA LEU B 176 51.45 -9.49 -27.72
C LEU B 176 51.83 -8.11 -28.28
N ALA B 177 53.11 -7.88 -28.52
CA ALA B 177 53.56 -6.59 -29.02
C ALA B 177 53.05 -6.35 -30.45
N LEU B 178 52.72 -5.11 -30.75
CA LEU B 178 52.15 -4.73 -32.03
C LEU B 178 53.27 -4.67 -33.08
N LYS B 179 53.56 -5.81 -33.68
CA LYS B 179 54.60 -5.89 -34.69
C LYS B 179 54.25 -5.03 -35.90
N ALA B 180 55.27 -4.42 -36.49
CA ALA B 180 55.12 -3.40 -37.53
C ALA B 180 55.76 -3.85 -38.83
N VAL B 181 55.06 -3.63 -39.94
CA VAL B 181 55.50 -4.10 -41.25
C VAL B 181 56.08 -2.92 -42.04
N VAL B 182 57.26 -3.14 -42.63
CA VAL B 182 57.88 -2.21 -43.56
C VAL B 182 58.37 -3.04 -44.73
N LEU B 183 58.07 -2.62 -45.95
CA LEU B 183 58.42 -3.40 -47.13
C LEU B 183 59.70 -2.85 -47.76
N ARG B 184 60.71 -3.71 -47.89
CA ARG B 184 61.97 -3.41 -48.54
C ARG B 184 62.03 -4.11 -49.88
N ASP B 185 63.20 -4.09 -50.52
CA ASP B 185 63.40 -4.68 -51.83
C ASP B 185 62.76 -6.05 -51.96
N GLY B 186 62.95 -6.91 -50.97
CA GLY B 186 62.35 -8.23 -50.96
C GLY B 186 61.07 -8.28 -50.14
N THR B 187 60.53 -9.50 -50.02
CA THR B 187 59.31 -9.73 -49.25
C THR B 187 59.68 -9.86 -47.77
N LEU B 188 60.11 -8.74 -47.20
CA LEU B 188 60.43 -8.70 -45.78
C LEU B 188 59.20 -9.05 -44.96
N LYS B 189 59.36 -9.97 -44.01
CA LYS B 189 58.22 -10.47 -43.26
C LYS B 189 57.56 -9.35 -42.46
N GLU B 190 58.26 -8.83 -41.45
CA GLU B 190 57.72 -7.79 -40.58
C GLU B 190 58.80 -7.45 -39.56
N ILE B 191 58.69 -6.27 -38.95
CA ILE B 191 59.66 -5.78 -37.98
C ILE B 191 59.02 -5.79 -36.59
N GLU B 192 59.74 -6.34 -35.63
CA GLU B 192 59.28 -6.35 -34.24
C GLU B 192 59.18 -4.91 -33.74
N ALA B 193 58.15 -4.65 -32.92
CA ALA B 193 57.51 -3.34 -32.80
C ALA B 193 58.45 -2.15 -32.60
N PRO B 194 59.23 -2.07 -31.52
CA PRO B 194 59.99 -0.83 -31.28
C PRO B 194 61.22 -0.70 -32.15
N GLU B 195 61.93 -1.79 -32.44
CA GLU B 195 63.21 -1.71 -33.14
C GLU B 195 62.97 -1.47 -34.63
N VAL B 196 62.42 -0.30 -34.92
CA VAL B 196 62.29 0.23 -36.27
C VAL B 196 62.88 1.62 -36.27
N VAL B 197 63.71 1.92 -37.27
CA VAL B 197 64.45 3.18 -37.31
C VAL B 197 63.49 4.35 -37.52
N PRO B 198 63.74 5.50 -36.90
CA PRO B 198 62.92 6.67 -37.20
C PRO B 198 63.18 7.18 -38.61
N GLY B 199 62.24 7.97 -39.11
CA GLY B 199 62.33 8.42 -40.48
C GLY B 199 62.32 7.29 -41.48
N ASP B 200 61.42 6.33 -41.30
CA ASP B 200 61.33 5.16 -42.16
C ASP B 200 59.90 5.01 -42.65
N ILE B 201 59.76 4.30 -43.78
CA ILE B 201 58.43 4.07 -44.35
C ILE B 201 57.63 3.16 -43.42
N LEU B 202 56.32 3.13 -43.64
CA LEU B 202 55.40 2.30 -42.90
C LEU B 202 54.23 1.92 -43.78
N GLN B 203 53.62 0.79 -43.48
CA GLN B 203 52.45 0.30 -44.21
C GLN B 203 51.33 0.02 -43.21
N VAL B 204 50.43 1.00 -43.04
CA VAL B 204 49.24 0.82 -42.22
C VAL B 204 48.14 0.26 -43.11
N GLU B 205 47.59 -0.90 -42.72
CA GLU B 205 46.72 -1.67 -43.60
C GLU B 205 45.50 -2.15 -42.81
N GLU B 206 44.39 -1.40 -42.94
CA GLU B 206 43.05 -1.87 -42.58
C GLU B 206 43.00 -2.47 -41.17
N GLY B 207 43.16 -1.62 -40.18
CA GLY B 207 43.03 -2.06 -38.80
C GLY B 207 44.33 -2.48 -38.16
N THR B 208 45.35 -1.62 -38.23
CA THR B 208 46.63 -1.86 -37.59
C THR B 208 46.99 -0.64 -36.74
N ILE B 209 47.44 -0.89 -35.52
CA ILE B 209 47.85 0.20 -34.65
C ILE B 209 49.07 0.87 -35.24
N ILE B 210 48.98 2.19 -35.45
CA ILE B 210 50.02 2.95 -36.12
C ILE B 210 51.27 2.93 -35.25
N PRO B 211 52.31 2.18 -35.64
CA PRO B 211 53.43 1.94 -34.72
C PRO B 211 54.21 3.18 -34.35
N ALA B 212 54.35 4.13 -35.28
CA ALA B 212 55.18 5.31 -35.04
C ALA B 212 54.45 6.55 -35.50
N ASP B 213 54.56 7.62 -34.71
CA ASP B 213 53.96 8.89 -35.06
C ASP B 213 54.59 9.45 -36.32
N GLY B 214 53.84 10.27 -37.04
CA GLY B 214 54.41 10.90 -38.23
C GLY B 214 53.34 11.42 -39.17
N ARG B 215 53.69 11.44 -40.46
CA ARG B 215 52.87 12.04 -41.50
C ARG B 215 52.76 11.08 -42.68
N ILE B 216 51.81 11.37 -43.57
CA ILE B 216 51.44 10.47 -44.67
C ILE B 216 52.42 10.66 -45.82
N VAL B 217 52.51 9.67 -46.70
CA VAL B 217 53.37 9.70 -47.87
C VAL B 217 52.56 10.21 -49.06
N THR B 218 53.27 10.81 -50.01
CA THR B 218 52.71 11.54 -51.16
C THR B 218 51.61 10.80 -51.92
N ASP B 219 51.59 9.47 -51.86
CA ASP B 219 50.58 8.72 -52.62
C ASP B 219 49.18 9.10 -52.15
N ASP B 220 48.26 9.21 -53.11
CA ASP B 220 46.92 9.75 -52.84
C ASP B 220 45.97 8.65 -52.41
N ALA B 221 45.53 8.72 -51.15
CA ALA B 221 44.53 7.84 -50.57
C ALA B 221 44.17 8.38 -49.19
N PHE B 222 42.92 8.19 -48.80
CA PHE B 222 42.43 8.65 -47.51
C PHE B 222 42.20 7.46 -46.59
N LEU B 223 42.76 7.54 -45.38
CA LEU B 223 42.59 6.51 -44.37
C LEU B 223 41.85 7.10 -43.18
N GLN B 224 40.79 6.41 -42.76
CA GLN B 224 39.98 6.88 -41.63
C GLN B 224 40.60 6.33 -40.36
N VAL B 225 41.33 7.18 -39.65
CA VAL B 225 42.00 6.76 -38.42
C VAL B 225 40.99 6.76 -37.28
N ASP B 226 40.94 5.67 -36.54
CA ASP B 226 40.05 5.57 -35.38
C ASP B 226 40.70 6.32 -34.21
N GLN B 227 40.07 7.41 -33.81
CA GLN B 227 40.57 8.29 -32.76
C GLN B 227 39.58 8.31 -31.60
N SER B 228 39.77 9.29 -30.72
CA SER B 228 39.18 9.45 -29.38
C SER B 228 39.95 8.63 -28.36
N ALA B 229 40.97 7.88 -28.78
CA ALA B 229 41.91 7.31 -27.81
C ALA B 229 42.87 8.39 -27.30
N LEU B 230 43.26 9.32 -28.18
CA LEU B 230 44.09 10.45 -27.81
C LEU B 230 43.43 11.80 -28.06
N THR B 231 42.36 11.84 -28.84
CA THR B 231 41.63 13.06 -29.16
C THR B 231 40.20 12.96 -28.64
N GLY B 232 39.35 13.89 -29.05
CA GLY B 232 37.98 13.91 -28.57
C GLY B 232 36.97 13.18 -29.43
N GLU B 233 36.88 13.52 -30.71
CA GLU B 233 35.79 13.04 -31.55
C GLU B 233 35.90 11.55 -31.82
N SER B 234 34.77 10.86 -31.73
CA SER B 234 34.69 9.43 -32.00
C SER B 234 34.27 9.12 -33.43
N LEU B 235 34.03 10.14 -34.25
CA LEU B 235 33.57 9.95 -35.62
C LEU B 235 34.77 9.71 -36.53
N ALA B 236 34.56 9.77 -37.83
CA ALA B 236 35.63 9.57 -38.81
C ALA B 236 36.57 10.76 -38.76
N VAL B 237 37.79 10.54 -38.27
CA VAL B 237 38.85 11.54 -38.31
C VAL B 237 39.66 11.23 -39.55
N ASP B 238 39.26 11.83 -40.68
CA ASP B 238 39.80 11.46 -41.98
C ASP B 238 40.92 12.43 -42.37
N LYS B 239 42.11 12.18 -41.84
CA LYS B 239 43.29 12.84 -42.36
C LYS B 239 43.62 12.29 -43.74
N HIS B 240 43.95 13.17 -44.67
CA HIS B 240 44.09 12.79 -46.07
C HIS B 240 45.54 12.82 -46.54
N LYS B 241 46.22 13.95 -46.43
CA LYS B 241 47.60 14.05 -46.90
C LYS B 241 48.37 15.03 -46.03
N GLY B 242 49.54 14.60 -45.56
CA GLY B 242 50.45 15.47 -44.85
C GLY B 242 50.05 15.84 -43.43
N ASP B 243 48.93 15.32 -42.94
CA ASP B 243 48.49 15.64 -41.59
C ASP B 243 49.27 14.82 -40.57
N GLN B 244 49.09 15.15 -39.30
CA GLN B 244 49.79 14.48 -38.21
C GLN B 244 49.09 13.17 -37.90
N VAL B 245 49.71 12.05 -38.29
CA VAL B 245 49.20 10.72 -38.01
C VAL B 245 49.66 10.34 -36.61
N PHE B 246 48.70 10.03 -35.73
CA PHE B 246 48.97 9.84 -34.32
C PHE B 246 49.30 8.38 -34.03
N ALA B 247 50.39 8.15 -33.30
CA ALA B 247 50.79 6.80 -32.93
C ALA B 247 49.82 6.23 -31.90
N SER B 248 49.86 4.91 -31.76
CA SER B 248 48.97 4.17 -30.86
C SER B 248 47.51 4.45 -31.18
N SER B 249 47.20 4.56 -32.46
CA SER B 249 45.84 4.74 -32.93
C SER B 249 45.57 3.80 -34.09
N ALA B 250 44.31 3.43 -34.25
CA ALA B 250 43.90 2.48 -35.28
C ALA B 250 43.51 3.21 -36.57
N VAL B 251 43.32 2.42 -37.61
CA VAL B 251 42.81 2.91 -38.89
C VAL B 251 41.55 2.11 -39.25
N LYS B 252 40.41 2.81 -39.34
CA LYS B 252 39.15 2.15 -39.65
C LYS B 252 39.17 1.55 -41.05
N ARG B 253 39.70 2.29 -42.02
CA ARG B 253 39.81 1.82 -43.40
C ARG B 253 40.78 2.74 -44.12
N GLY B 254 41.53 2.18 -45.06
CA GLY B 254 42.43 2.98 -45.86
C GLY B 254 43.66 2.20 -46.25
N GLU B 255 44.44 2.80 -47.15
CA GLU B 255 45.69 2.21 -47.64
C GLU B 255 46.65 3.36 -47.92
N ALA B 256 47.52 3.65 -46.96
CA ALA B 256 48.46 4.75 -47.09
C ALA B 256 49.79 4.37 -46.45
N PHE B 257 50.80 5.17 -46.72
CA PHE B 257 52.13 5.00 -46.17
C PHE B 257 52.48 6.19 -45.29
N VAL B 258 53.29 5.95 -44.27
CA VAL B 258 53.56 6.93 -43.23
C VAL B 258 55.05 7.23 -43.16
N VAL B 259 55.39 8.49 -42.94
CA VAL B 259 56.76 8.89 -42.65
C VAL B 259 56.89 9.21 -41.18
N ILE B 260 57.92 8.65 -40.55
CA ILE B 260 58.04 8.65 -39.10
C ILE B 260 58.51 10.01 -38.62
N THR B 261 57.79 10.57 -37.65
CA THR B 261 58.19 11.80 -36.96
C THR B 261 57.84 11.65 -35.49
N ALA B 262 58.79 11.97 -34.62
CA ALA B 262 58.64 11.80 -33.17
C ALA B 262 58.35 10.33 -32.82
N THR B 263 59.36 9.49 -33.08
CA THR B 263 59.21 8.04 -32.92
C THR B 263 58.88 7.63 -31.49
N GLY B 264 59.15 8.48 -30.51
CA GLY B 264 58.79 8.17 -29.14
C GLY B 264 58.36 9.39 -28.35
N ASP B 265 58.23 10.52 -29.03
CA ASP B 265 57.93 11.80 -28.41
C ASP B 265 56.43 12.08 -28.45
N ASN B 266 55.99 12.96 -27.55
CA ASN B 266 54.65 13.54 -27.46
C ASN B 266 53.54 12.56 -27.79
N THR B 267 53.63 11.33 -27.31
CA THR B 267 52.56 10.35 -27.46
C THR B 267 51.40 10.74 -26.55
N PHE B 268 50.48 11.54 -27.06
CA PHE B 268 49.39 12.09 -26.26
C PHE B 268 48.10 11.30 -26.43
N GLY B 284 43.95 -2.52 -11.06
CA GLY B 284 42.66 -2.95 -11.57
C GLY B 284 41.53 -2.73 -10.61
N HIS B 285 40.88 -3.82 -10.17
CA HIS B 285 39.80 -3.71 -9.21
C HIS B 285 40.09 -4.55 -7.97
N PHE B 286 40.83 -5.66 -8.14
CA PHE B 286 41.23 -6.44 -6.98
C PHE B 286 42.24 -5.69 -6.13
N THR B 287 43.01 -4.78 -6.74
CA THR B 287 43.97 -3.99 -5.99
C THR B 287 43.27 -3.04 -5.03
N GLU B 288 42.18 -2.40 -5.47
CA GLU B 288 41.44 -1.51 -4.58
C GLU B 288 40.78 -2.29 -3.46
N VAL B 289 40.25 -3.48 -3.76
CA VAL B 289 39.67 -4.32 -2.72
C VAL B 289 40.74 -4.71 -1.70
N LEU B 290 41.94 -5.06 -2.18
CA LEU B 290 43.03 -5.36 -1.27
C LEU B 290 43.41 -4.16 -0.42
N ASN B 291 43.42 -2.97 -1.02
CA ASN B 291 43.76 -1.77 -0.26
C ASN B 291 42.75 -1.53 0.84
N GLY B 292 41.46 -1.67 0.53
CA GLY B 292 40.44 -1.51 1.56
C GLY B 292 40.55 -2.54 2.66
N ILE B 293 40.81 -3.80 2.28
CA ILE B 293 40.95 -4.87 3.26
C ILE B 293 42.15 -4.59 4.16
N GLY B 294 43.27 -4.15 3.57
CA GLY B 294 44.43 -3.83 4.36
C GLY B 294 44.20 -2.66 5.30
N THR B 295 43.44 -1.66 4.86
CA THR B 295 43.10 -0.55 5.73
C THR B 295 42.27 -1.01 6.92
N ILE B 296 41.28 -1.86 6.67
CA ILE B 296 40.44 -2.35 7.76
C ILE B 296 41.26 -3.21 8.71
N LEU B 297 42.19 -4.00 8.18
CA LEU B 297 43.07 -4.80 9.04
C LEU B 297 43.96 -3.92 9.88
N LEU B 298 44.48 -2.83 9.31
CA LEU B 298 45.25 -1.87 10.09
C LEU B 298 44.41 -1.26 11.19
N ILE B 299 43.15 -0.95 10.90
CA ILE B 299 42.25 -0.41 11.93
C ILE B 299 42.09 -1.42 13.06
N LEU B 300 41.91 -2.69 12.72
CA LEU B 300 41.75 -3.72 13.74
C LEU B 300 43.01 -3.86 14.60
N VAL B 301 44.18 -3.81 13.96
CA VAL B 301 45.44 -3.93 14.70
C VAL B 301 45.61 -2.73 15.63
N ILE B 302 45.22 -1.54 15.16
CA ILE B 302 45.33 -0.35 16.00
C ILE B 302 44.39 -0.46 17.19
N PHE B 303 43.19 -0.98 16.98
CA PHE B 303 42.26 -1.16 18.10
C PHE B 303 42.82 -2.14 19.12
N THR B 304 43.38 -3.25 18.64
CA THR B 304 43.98 -4.23 19.56
C THR B 304 45.16 -3.61 20.33
N LEU B 305 46.00 -2.86 19.63
CA LEU B 305 47.13 -2.21 20.29
C LEU B 305 46.67 -1.20 21.31
N LEU B 306 45.57 -0.50 21.02
CA LEU B 306 45.03 0.45 21.99
C LEU B 306 44.56 -0.27 23.24
N ILE B 307 43.88 -1.41 23.07
CA ILE B 307 43.45 -2.20 24.23
C ILE B 307 44.66 -2.63 25.04
N VAL B 308 45.70 -3.12 24.37
CA VAL B 308 46.88 -3.63 25.06
C VAL B 308 47.59 -2.50 25.81
N TRP B 309 47.75 -1.34 25.17
CA TRP B 309 48.44 -0.24 25.81
C TRP B 309 47.64 0.32 26.99
N VAL B 310 46.32 0.40 26.85
CA VAL B 310 45.50 0.88 27.96
C VAL B 310 45.59 -0.08 29.14
N SER B 311 45.48 -1.39 28.86
CA SER B 311 45.51 -2.37 29.95
C SER B 311 46.90 -2.46 30.57
N SER B 312 47.95 -2.15 29.81
CA SER B 312 49.28 -2.10 30.40
C SER B 312 49.48 -0.84 31.21
N PHE B 313 48.87 0.27 30.80
CA PHE B 313 48.96 1.49 31.59
C PHE B 313 48.28 1.32 32.94
N TYR B 314 47.11 0.69 32.97
CA TYR B 314 46.45 0.49 34.25
C TYR B 314 47.25 -0.43 35.17
N ARG B 315 48.06 -1.33 34.61
CA ARG B 315 48.90 -2.21 35.41
C ARG B 315 50.30 -1.64 35.62
N SER B 316 50.59 -0.47 35.08
CA SER B 316 51.90 0.17 35.22
C SER B 316 53.02 -0.76 34.76
N ASN B 317 52.80 -1.42 33.63
CA ASN B 317 53.82 -2.28 33.06
C ASN B 317 55.03 -1.44 32.66
N PRO B 318 56.24 -1.97 32.82
CA PRO B 318 57.41 -1.26 32.30
C PRO B 318 57.32 -1.15 30.78
N ILE B 319 57.95 -0.10 30.24
CA ILE B 319 57.80 0.20 28.82
C ILE B 319 58.33 -0.96 27.97
N VAL B 320 59.31 -1.72 28.47
CA VAL B 320 59.87 -2.82 27.70
C VAL B 320 58.83 -3.91 27.48
N GLN B 321 58.07 -4.26 28.52
CA GLN B 321 57.04 -5.27 28.37
C GLN B 321 55.93 -4.80 27.43
N ILE B 322 55.56 -3.53 27.52
CA ILE B 322 54.56 -2.99 26.60
C ILE B 322 55.06 -3.08 25.17
N LEU B 323 56.35 -2.78 24.96
CA LEU B 323 56.91 -2.86 23.62
C LEU B 323 56.94 -4.29 23.12
N GLU B 324 57.22 -5.25 23.99
CA GLU B 324 57.16 -6.65 23.58
C GLU B 324 55.75 -7.05 23.16
N PHE B 325 54.76 -6.64 23.93
CA PHE B 325 53.37 -6.94 23.58
C PHE B 325 53.01 -6.33 22.23
N THR B 326 53.33 -5.05 22.03
CA THR B 326 52.96 -4.38 20.80
C THR B 326 53.72 -4.95 19.62
N LEU B 327 54.96 -5.43 19.82
CA LEU B 327 55.69 -6.07 18.74
C LEU B 327 55.02 -7.38 18.35
N ALA B 328 54.62 -8.19 19.33
CA ALA B 328 53.96 -9.45 19.01
C ALA B 328 52.67 -9.21 18.22
N ILE B 329 51.88 -8.24 18.67
CA ILE B 329 50.60 -8.00 18.00
C ILE B 329 50.80 -7.36 16.63
N THR B 330 51.81 -6.51 16.47
CA THR B 330 52.11 -5.97 15.15
C THR B 330 52.54 -7.09 14.20
N ILE B 331 53.33 -8.04 14.69
CA ILE B 331 53.75 -9.16 13.86
C ILE B 331 52.56 -10.00 13.42
N ILE B 332 51.64 -10.30 14.35
CA ILE B 332 50.55 -11.19 13.97
C ILE B 332 49.47 -10.48 13.16
N GLY B 333 49.25 -9.19 13.41
CA GLY B 333 48.06 -8.54 12.93
C GLY B 333 48.10 -8.11 11.48
N VAL B 334 49.06 -7.28 11.13
CA VAL B 334 49.15 -6.76 9.77
C VAL B 334 49.78 -7.81 8.86
N PRO B 335 49.09 -8.24 7.80
CA PRO B 335 49.71 -9.15 6.84
C PRO B 335 50.73 -8.42 5.99
N VAL B 336 51.99 -8.85 6.07
CA VAL B 336 53.07 -8.14 5.40
C VAL B 336 52.90 -8.22 3.89
N GLY B 337 52.58 -9.39 3.38
CA GLY B 337 52.59 -9.59 1.95
C GLY B 337 51.28 -10.04 1.32
N LEU B 338 50.16 -9.51 1.79
CA LEU B 338 48.87 -9.85 1.19
C LEU B 338 48.79 -9.41 -0.28
N PRO B 339 48.98 -8.13 -0.62
CA PRO B 339 48.89 -7.77 -2.05
C PRO B 339 49.95 -8.43 -2.90
N ALA B 340 51.14 -8.68 -2.34
CA ALA B 340 52.20 -9.31 -3.12
C ALA B 340 51.81 -10.73 -3.52
N VAL B 341 51.29 -11.51 -2.58
CA VAL B 341 50.92 -12.89 -2.91
C VAL B 341 49.66 -12.92 -3.75
N VAL B 342 48.76 -11.94 -3.59
CA VAL B 342 47.60 -11.87 -4.49
C VAL B 342 48.06 -11.61 -5.93
N THR B 343 48.99 -10.66 -6.11
CA THR B 343 49.51 -10.40 -7.44
C THR B 343 50.27 -11.61 -7.98
N THR B 344 50.96 -12.35 -7.10
CA THR B 344 51.63 -13.57 -7.53
C THR B 344 50.62 -14.61 -8.01
N THR B 345 49.51 -14.76 -7.29
CA THR B 345 48.47 -15.68 -7.73
C THR B 345 47.92 -15.27 -9.09
N MET B 346 47.66 -13.97 -9.26
CA MET B 346 47.17 -13.48 -10.54
C MET B 346 48.18 -13.75 -11.66
N ALA B 347 49.46 -13.54 -11.39
CA ALA B 347 50.48 -13.72 -12.42
C ALA B 347 50.65 -15.18 -12.79
N VAL B 348 50.67 -16.07 -11.80
CA VAL B 348 50.77 -17.49 -12.09
C VAL B 348 49.55 -17.96 -12.87
N GLY B 349 48.36 -17.47 -12.50
CA GLY B 349 47.17 -17.81 -13.24
C GLY B 349 47.20 -17.30 -14.67
N ALA B 350 47.71 -16.09 -14.86
CA ALA B 350 47.82 -15.54 -16.21
C ALA B 350 48.81 -16.34 -17.05
N ALA B 351 49.91 -16.78 -16.45
CA ALA B 351 50.84 -17.64 -17.16
C ALA B 351 50.18 -18.96 -17.54
N TYR B 352 49.42 -19.54 -16.62
CA TYR B 352 48.74 -20.79 -16.94
C TYR B 352 47.71 -20.59 -18.05
N LEU B 353 47.02 -19.45 -18.04
CA LEU B 353 46.07 -19.14 -19.10
C LEU B 353 46.77 -18.98 -20.45
N ALA B 354 47.89 -18.25 -20.46
CA ALA B 354 48.64 -18.08 -21.71
C ALA B 354 49.18 -19.42 -22.20
N LYS B 355 49.43 -20.36 -21.30
CA LYS B 355 49.75 -21.71 -21.73
C LYS B 355 48.58 -22.35 -22.45
N LYS B 356 47.36 -22.04 -22.03
CA LYS B 356 46.13 -22.53 -22.66
C LYS B 356 45.72 -21.71 -23.88
N LYS B 357 46.64 -20.91 -24.43
CA LYS B 357 46.38 -20.06 -25.59
C LYS B 357 45.31 -19.01 -25.27
N ALA B 358 45.58 -18.23 -24.21
CA ALA B 358 44.72 -17.11 -23.84
C ALA B 358 45.58 -16.08 -23.13
N ILE B 359 46.06 -15.09 -23.88
CA ILE B 359 46.96 -14.08 -23.34
C ILE B 359 46.15 -12.92 -22.80
N VAL B 360 46.49 -12.50 -21.59
CA VAL B 360 45.72 -11.48 -20.87
C VAL B 360 46.44 -10.15 -20.98
N GLN B 361 45.71 -9.11 -21.37
CA GLN B 361 46.33 -7.81 -21.58
C GLN B 361 46.73 -7.17 -20.26
N LYS B 362 45.76 -6.92 -19.39
CA LYS B 362 46.01 -6.39 -18.06
C LYS B 362 45.68 -7.47 -17.04
N LEU B 363 46.49 -7.55 -15.98
CA LEU B 363 46.32 -8.62 -14.99
C LEU B 363 44.95 -8.60 -14.34
N SER B 364 44.26 -7.46 -14.37
CA SER B 364 42.93 -7.36 -13.78
C SER B 364 41.86 -8.04 -14.62
N ALA B 365 42.18 -8.45 -15.85
CA ALA B 365 41.17 -9.10 -16.69
C ALA B 365 40.81 -10.49 -16.20
N ILE B 366 41.64 -11.09 -15.34
CA ILE B 366 41.33 -12.40 -14.80
C ILE B 366 40.04 -12.34 -13.98
N GLU B 367 39.97 -11.38 -13.06
CA GLU B 367 38.78 -11.23 -12.23
C GLU B 367 37.56 -10.86 -13.07
N SER B 368 37.75 -9.98 -14.05
CA SER B 368 36.63 -9.60 -14.92
C SER B 368 36.09 -10.81 -15.67
N LEU B 369 36.98 -11.64 -16.22
CA LEU B 369 36.51 -12.84 -16.91
C LEU B 369 35.83 -13.80 -15.94
N ALA B 370 36.35 -13.90 -14.72
CA ALA B 370 35.71 -14.77 -13.73
C ALA B 370 34.32 -14.26 -13.39
N GLY B 371 34.08 -12.96 -13.50
CA GLY B 371 32.81 -12.39 -13.10
C GLY B 371 31.74 -12.27 -14.16
N VAL B 372 32.05 -12.55 -15.43
CA VAL B 372 31.09 -12.30 -16.50
C VAL B 372 29.89 -13.24 -16.37
N GLU B 373 28.71 -12.70 -16.63
CA GLU B 373 27.48 -13.47 -16.63
C GLU B 373 26.89 -13.68 -18.01
N ILE B 374 27.13 -12.75 -18.93
CA ILE B 374 26.62 -12.85 -20.29
C ILE B 374 27.80 -12.74 -21.25
N LEU B 375 27.88 -13.69 -22.18
CA LEU B 375 28.93 -13.71 -23.19
C LEU B 375 28.29 -13.50 -24.56
N CYS B 376 28.44 -12.31 -25.11
CA CYS B 376 27.88 -11.96 -26.40
C CYS B 376 28.93 -12.23 -27.47
N SER B 377 28.80 -13.35 -28.16
CA SER B 377 29.81 -13.81 -29.11
C SER B 377 29.25 -13.80 -30.52
N ASP B 378 30.04 -13.29 -31.46
CA ASP B 378 29.68 -13.35 -32.87
C ASP B 378 29.65 -14.80 -33.34
N LYS B 379 28.65 -15.13 -34.16
CA LYS B 379 28.48 -16.51 -34.61
C LYS B 379 29.66 -16.94 -35.48
N THR B 380 30.08 -16.10 -36.41
CA THR B 380 31.08 -16.49 -37.38
C THR B 380 32.47 -16.42 -36.76
N GLY B 381 33.18 -17.55 -36.76
CA GLY B 381 34.52 -17.63 -36.23
C GLY B 381 34.61 -18.10 -34.79
N THR B 382 33.52 -18.02 -34.03
CA THR B 382 33.49 -18.48 -32.65
C THR B 382 32.55 -19.67 -32.47
N LEU B 383 31.29 -19.52 -32.85
CA LEU B 383 30.33 -20.61 -32.76
C LEU B 383 30.33 -21.49 -34.00
N THR B 384 31.07 -21.12 -35.04
CA THR B 384 31.09 -21.88 -36.27
C THR B 384 32.42 -21.62 -36.99
N LYS B 385 32.77 -22.54 -37.88
CA LYS B 385 34.04 -22.46 -38.58
C LYS B 385 33.96 -21.42 -39.70
N ASN B 386 35.13 -20.97 -40.15
CA ASN B 386 35.19 -19.96 -41.20
C ASN B 386 35.23 -20.55 -42.60
N LYS B 387 35.31 -21.86 -42.76
CA LYS B 387 35.29 -22.48 -44.07
C LYS B 387 33.88 -22.90 -44.43
N LEU B 388 33.42 -22.49 -45.61
CA LEU B 388 32.03 -22.65 -46.03
C LEU B 388 31.91 -23.76 -47.07
N SER B 389 30.81 -24.50 -46.98
CA SER B 389 30.48 -25.55 -47.95
C SER B 389 29.41 -25.03 -48.90
N LEU B 390 29.61 -25.25 -50.19
CA LEU B 390 28.70 -24.76 -51.22
C LEU B 390 27.90 -25.93 -51.77
N HIS B 391 26.58 -25.79 -51.80
CA HIS B 391 25.67 -26.88 -52.15
C HIS B 391 24.73 -26.43 -53.27
N ASP B 392 25.05 -26.80 -54.51
CA ASP B 392 24.15 -26.66 -55.66
C ASP B 392 23.58 -25.25 -55.80
N PRO B 393 24.37 -24.29 -56.30
CA PRO B 393 23.86 -22.92 -56.50
C PRO B 393 22.48 -22.91 -57.16
N TYR B 394 21.62 -22.02 -56.65
CA TYR B 394 20.25 -21.89 -57.14
C TYR B 394 20.27 -21.12 -58.45
N THR B 395 20.53 -21.84 -59.54
CA THR B 395 20.57 -21.26 -60.87
C THR B 395 19.21 -21.25 -61.55
N VAL B 396 18.13 -21.37 -60.78
CA VAL B 396 16.77 -21.31 -61.32
C VAL B 396 16.38 -19.84 -61.34
N ALA B 397 16.44 -19.22 -62.52
CA ALA B 397 16.22 -17.80 -62.69
C ALA B 397 15.64 -17.57 -64.07
N GLY B 398 15.73 -16.33 -64.55
CA GLY B 398 15.27 -15.99 -65.87
C GLY B 398 16.26 -16.40 -66.95
N VAL B 399 16.58 -15.47 -67.86
CA VAL B 399 17.46 -15.78 -68.98
C VAL B 399 18.83 -16.25 -68.52
N ASP B 400 19.29 -15.78 -67.36
CA ASP B 400 20.64 -16.07 -66.88
C ASP B 400 20.76 -17.51 -66.40
N PRO B 401 21.39 -18.40 -67.19
CA PRO B 401 21.39 -19.82 -66.82
C PRO B 401 22.42 -20.22 -65.78
N GLU B 402 23.62 -19.66 -65.86
CA GLU B 402 24.73 -20.08 -65.03
C GLU B 402 25.61 -18.93 -64.57
N ASP B 403 25.18 -17.69 -64.78
CA ASP B 403 26.05 -16.53 -64.53
C ASP B 403 26.35 -16.31 -63.06
N LEU B 404 25.70 -17.05 -62.16
CA LEU B 404 25.95 -16.89 -60.74
C LEU B 404 27.43 -17.06 -60.41
N MET B 405 28.02 -18.18 -60.83
CA MET B 405 29.41 -18.45 -60.49
C MET B 405 30.34 -17.38 -61.07
N LEU B 406 30.16 -17.08 -62.35
CA LEU B 406 31.05 -16.14 -63.02
C LEU B 406 30.98 -14.76 -62.38
N THR B 407 29.77 -14.24 -62.17
CA THR B 407 29.63 -12.89 -61.65
C THR B 407 30.03 -12.83 -60.18
N ALA B 408 29.75 -13.88 -59.41
CA ALA B 408 30.13 -13.89 -58.01
C ALA B 408 31.65 -13.94 -57.85
N CYS B 409 32.32 -14.80 -58.61
CA CYS B 409 33.77 -14.83 -58.58
C CYS B 409 34.38 -13.59 -59.19
N LEU B 410 33.62 -12.84 -59.98
CA LEU B 410 34.10 -11.57 -60.51
C LEU B 410 34.39 -10.58 -59.40
N ALA B 411 33.66 -10.67 -58.28
CA ALA B 411 33.81 -9.77 -57.15
C ALA B 411 34.82 -10.27 -56.13
N ALA B 412 35.81 -11.05 -56.56
CA ALA B 412 36.82 -11.58 -55.66
C ALA B 412 38.03 -10.67 -55.61
N SER B 413 38.45 -10.30 -54.39
CA SER B 413 39.64 -9.48 -54.24
C SER B 413 40.90 -10.25 -54.66
N ARG B 414 40.92 -11.56 -54.46
CA ARG B 414 41.95 -12.45 -54.98
C ARG B 414 43.35 -12.08 -54.49
N LYS B 415 43.46 -11.50 -53.30
CA LYS B 415 44.78 -11.20 -52.75
C LYS B 415 45.44 -12.46 -52.20
N LYS B 416 44.65 -13.35 -51.60
CA LYS B 416 45.11 -14.59 -50.96
C LYS B 416 46.06 -14.33 -49.79
N LYS B 417 46.13 -13.09 -49.31
CA LYS B 417 46.83 -12.77 -48.08
C LYS B 417 46.05 -11.83 -47.16
N GLY B 418 44.91 -11.31 -47.61
CA GLY B 418 44.07 -10.48 -46.79
C GLY B 418 42.59 -10.71 -47.05
N ILE B 419 42.29 -11.73 -47.84
CA ILE B 419 40.90 -12.05 -48.17
C ILE B 419 40.21 -12.65 -46.95
N ASP B 420 38.90 -12.45 -46.88
CA ASP B 420 38.12 -12.90 -45.73
C ASP B 420 37.71 -14.36 -45.94
N ALA B 421 36.87 -14.87 -45.03
CA ALA B 421 36.42 -16.25 -45.14
C ALA B 421 35.46 -16.46 -46.31
N ILE B 422 34.65 -15.44 -46.63
CA ILE B 422 33.67 -15.58 -47.70
C ILE B 422 34.37 -15.76 -49.05
N ASP B 423 35.43 -15.00 -49.29
CA ASP B 423 36.08 -14.99 -50.60
C ASP B 423 36.67 -16.36 -50.95
N LYS B 424 37.21 -17.06 -49.95
CA LYS B 424 37.92 -18.31 -50.23
C LYS B 424 37.00 -19.37 -50.84
N ALA B 425 35.80 -19.52 -50.29
CA ALA B 425 34.92 -20.62 -50.71
C ALA B 425 34.56 -20.52 -52.18
N PHE B 426 34.44 -19.30 -52.71
CA PHE B 426 34.16 -19.14 -54.13
C PHE B 426 35.28 -19.71 -54.99
N LEU B 427 36.53 -19.45 -54.60
CA LEU B 427 37.65 -19.95 -55.38
C LEU B 427 37.82 -21.46 -55.21
N LYS B 428 37.68 -21.97 -53.98
CA LYS B 428 37.84 -23.40 -53.75
C LYS B 428 36.77 -24.21 -54.47
N SER B 429 35.58 -23.62 -54.67
CA SER B 429 34.50 -24.28 -55.37
C SER B 429 34.31 -23.75 -56.78
N LEU B 430 35.41 -23.45 -57.48
CA LEU B 430 35.39 -23.02 -58.86
C LEU B 430 35.66 -24.17 -59.83
N LYS B 431 35.25 -25.39 -59.47
CA LYS B 431 35.41 -26.55 -60.35
C LYS B 431 34.31 -26.55 -61.42
N TYR B 432 34.33 -25.50 -62.24
CA TYR B 432 33.38 -25.30 -63.31
C TYR B 432 34.09 -25.36 -64.64
N TYR B 433 33.56 -26.14 -65.57
CA TYR B 433 34.23 -26.44 -66.83
C TYR B 433 34.11 -25.34 -67.89
N PRO B 434 32.91 -24.79 -68.18
CA PRO B 434 32.75 -23.98 -69.39
C PRO B 434 33.62 -22.72 -69.46
N ARG B 435 33.60 -21.89 -68.42
CA ARG B 435 34.26 -20.59 -68.51
C ARG B 435 35.02 -20.17 -67.26
N ALA B 436 35.19 -21.05 -66.27
CA ALA B 436 35.87 -20.65 -65.05
C ALA B 436 37.32 -20.26 -65.31
N LYS B 437 37.94 -20.82 -66.35
CA LYS B 437 39.28 -20.40 -66.71
C LYS B 437 39.27 -19.03 -67.40
N SER B 438 38.29 -18.81 -68.28
CA SER B 438 38.22 -17.56 -69.03
C SER B 438 37.55 -16.43 -68.27
N VAL B 439 36.91 -16.72 -67.13
CA VAL B 439 36.20 -15.69 -66.40
C VAL B 439 37.13 -14.81 -65.57
N LEU B 440 38.32 -15.30 -65.23
CA LEU B 440 39.27 -14.55 -64.40
C LEU B 440 40.28 -13.78 -65.24
N SER B 441 40.13 -13.79 -66.57
CA SER B 441 41.07 -13.13 -67.47
C SER B 441 40.44 -11.88 -68.05
N LYS B 442 41.20 -10.78 -68.04
CA LYS B 442 40.88 -9.50 -68.67
C LYS B 442 39.74 -8.77 -67.97
N TYR B 443 39.09 -9.37 -66.98
CA TYR B 443 38.05 -8.69 -66.21
C TYR B 443 38.71 -7.71 -65.23
N LYS B 444 39.32 -6.68 -65.80
CA LYS B 444 40.05 -5.72 -64.99
C LYS B 444 39.09 -4.93 -64.11
N VAL B 445 39.43 -4.83 -62.83
CA VAL B 445 38.58 -4.15 -61.85
C VAL B 445 38.81 -2.65 -61.94
N LEU B 446 37.72 -1.90 -62.03
CA LEU B 446 37.77 -0.43 -62.03
C LEU B 446 37.46 0.13 -60.65
N GLN B 447 36.28 -0.21 -60.11
CA GLN B 447 35.89 0.17 -58.77
C GLN B 447 35.50 -1.08 -57.99
N PHE B 448 35.92 -1.15 -56.74
CA PHE B 448 35.65 -2.30 -55.87
C PHE B 448 35.28 -1.77 -54.48
N HIS B 449 33.98 -1.57 -54.26
CA HIS B 449 33.51 -1.17 -52.94
C HIS B 449 33.63 -2.35 -51.98
N PRO B 450 34.37 -2.22 -50.89
CA PRO B 450 34.50 -3.35 -49.96
C PRO B 450 33.18 -3.63 -49.24
N PHE B 451 33.11 -4.83 -48.67
CA PHE B 451 31.95 -5.26 -47.91
C PHE B 451 31.69 -4.33 -46.74
N ASP B 452 30.58 -3.60 -46.79
CA ASP B 452 30.24 -2.64 -45.75
C ASP B 452 29.26 -3.28 -44.77
N PRO B 453 29.58 -3.35 -43.48
CA PRO B 453 28.66 -4.01 -42.53
C PRO B 453 27.30 -3.37 -42.46
N VAL B 454 27.22 -2.04 -42.60
CA VAL B 454 25.92 -1.38 -42.57
C VAL B 454 25.10 -1.71 -43.80
N SER B 455 25.74 -2.18 -44.87
CA SER B 455 25.03 -2.53 -46.10
C SER B 455 24.96 -4.02 -46.36
N LYS B 456 25.86 -4.82 -45.77
CA LYS B 456 25.92 -6.25 -46.01
C LYS B 456 25.98 -6.54 -47.52
N LYS B 457 26.88 -5.84 -48.20
CA LYS B 457 26.84 -5.79 -49.65
C LYS B 457 28.19 -5.34 -50.18
N VAL B 458 28.78 -6.15 -51.06
CA VAL B 458 30.01 -5.80 -51.77
C VAL B 458 29.65 -5.48 -53.21
N VAL B 459 30.14 -4.34 -53.70
CA VAL B 459 29.84 -3.87 -55.04
C VAL B 459 31.15 -3.64 -55.77
N ALA B 460 31.27 -4.21 -56.97
CA ALA B 460 32.48 -4.08 -57.78
C ALA B 460 32.11 -3.66 -59.19
N VAL B 461 32.93 -2.80 -59.78
CA VAL B 461 32.77 -2.36 -61.17
C VAL B 461 34.03 -2.76 -61.92
N VAL B 462 33.88 -3.57 -62.97
CA VAL B 462 35.00 -4.13 -63.70
C VAL B 462 34.74 -3.94 -65.20
N GLU B 463 35.78 -4.23 -65.98
CA GLU B 463 35.71 -4.19 -67.44
C GLU B 463 35.51 -5.59 -67.98
N SER B 464 35.07 -5.66 -69.23
CA SER B 464 34.82 -6.93 -69.92
C SER B 464 35.33 -6.84 -71.35
N PRO B 465 35.68 -7.97 -71.97
CA PRO B 465 36.10 -7.94 -73.38
C PRO B 465 35.03 -7.38 -74.29
N GLN B 466 33.76 -7.60 -73.98
CA GLN B 466 32.67 -6.98 -74.71
C GLN B 466 32.61 -5.47 -74.53
N GLY B 467 33.35 -4.93 -73.56
CA GLY B 467 33.44 -3.50 -73.35
C GLY B 467 32.48 -2.93 -72.33
N GLU B 468 31.55 -3.74 -71.82
CA GLU B 468 30.57 -3.24 -70.87
C GLU B 468 31.21 -3.07 -69.49
N ARG B 469 30.51 -2.31 -68.65
CA ARG B 469 30.92 -2.09 -67.25
C ARG B 469 30.01 -2.93 -66.37
N ILE B 470 30.40 -4.19 -66.16
CA ILE B 470 29.61 -5.12 -65.37
C ILE B 470 29.80 -4.76 -63.90
N THR B 471 28.80 -4.09 -63.31
CA THR B 471 28.87 -3.69 -61.90
C THR B 471 28.24 -4.80 -61.06
N CYS B 472 29.07 -5.75 -60.64
CA CYS B 472 28.60 -6.84 -59.81
C CYS B 472 28.24 -6.34 -58.41
N VAL B 473 27.19 -6.92 -57.85
CA VAL B 473 26.78 -6.66 -56.47
C VAL B 473 26.46 -7.98 -55.80
N LYS B 474 26.97 -8.15 -54.58
CA LYS B 474 26.82 -9.41 -53.85
C LYS B 474 26.65 -9.09 -52.36
N GLY B 475 25.65 -9.71 -51.74
CA GLY B 475 25.41 -9.48 -50.33
C GLY B 475 24.30 -10.35 -49.75
N ALA B 476 23.62 -9.83 -48.74
CA ALA B 476 22.49 -10.55 -48.19
C ALA B 476 21.40 -10.71 -49.25
N PRO B 477 20.71 -11.85 -49.30
CA PRO B 477 19.76 -12.09 -50.40
C PRO B 477 18.67 -11.04 -50.51
N LEU B 478 18.18 -10.52 -49.37
CA LEU B 478 17.15 -9.49 -49.42
C LEU B 478 17.72 -8.17 -49.89
N PHE B 479 18.96 -7.86 -49.49
CA PHE B 479 19.54 -6.56 -49.82
C PHE B 479 19.84 -6.44 -51.31
N VAL B 480 20.19 -7.54 -51.97
CA VAL B 480 20.37 -7.49 -53.42
C VAL B 480 19.07 -7.12 -54.11
N LEU B 481 17.96 -7.71 -53.66
CA LEU B 481 16.66 -7.33 -54.22
C LEU B 481 16.32 -5.88 -53.91
N LYS B 482 16.64 -5.41 -52.69
CA LYS B 482 16.46 -4.00 -52.38
C LYS B 482 17.30 -3.12 -53.31
N THR B 483 18.42 -3.65 -53.81
CA THR B 483 19.22 -2.92 -54.77
C THR B 483 18.60 -2.95 -56.17
N VAL B 484 18.01 -4.08 -56.55
CA VAL B 484 17.48 -4.26 -57.90
C VAL B 484 15.99 -3.92 -57.99
N GLU B 485 15.45 -3.27 -56.96
CA GLU B 485 14.04 -2.92 -56.98
C GLU B 485 13.72 -1.77 -57.94
N GLU B 486 14.73 -1.09 -58.47
CA GLU B 486 14.49 0.04 -59.35
C GLU B 486 14.13 -0.43 -60.76
N ASP B 487 15.03 -1.16 -61.41
CA ASP B 487 14.79 -1.70 -62.74
C ASP B 487 14.27 -3.13 -62.61
N HIS B 488 13.26 -3.46 -63.43
CA HIS B 488 12.54 -4.73 -63.33
C HIS B 488 11.97 -4.83 -61.92
N PRO B 489 11.04 -3.96 -61.54
CA PRO B 489 10.68 -3.78 -60.13
C PRO B 489 9.73 -4.85 -59.63
N ILE B 490 10.25 -5.77 -58.81
CA ILE B 490 9.49 -6.75 -58.03
C ILE B 490 8.39 -7.40 -58.84
N PRO B 491 8.70 -8.24 -59.84
CA PRO B 491 7.65 -9.07 -60.44
C PRO B 491 7.20 -10.16 -59.47
N GLU B 492 5.89 -10.37 -59.41
CA GLU B 492 5.34 -11.34 -58.46
C GLU B 492 5.78 -12.76 -58.77
N GLU B 493 6.05 -13.06 -60.04
CA GLU B 493 6.45 -14.42 -60.40
C GLU B 493 7.81 -14.78 -59.81
N VAL B 494 8.75 -13.84 -59.81
CA VAL B 494 10.12 -14.12 -59.39
C VAL B 494 10.35 -13.76 -57.92
N ASP B 495 9.73 -12.67 -57.44
CA ASP B 495 9.97 -12.24 -56.07
C ASP B 495 9.46 -13.28 -55.07
N GLN B 496 8.26 -13.82 -55.30
CA GLN B 496 7.71 -14.83 -54.38
C GLN B 496 8.58 -16.07 -54.37
N ALA B 497 9.02 -16.53 -55.54
CA ALA B 497 9.89 -17.69 -55.60
C ALA B 497 11.22 -17.42 -54.90
N TYR B 498 11.77 -16.22 -55.08
CA TYR B 498 13.04 -15.86 -54.45
C TYR B 498 12.92 -15.88 -52.93
N LYS B 499 11.86 -15.26 -52.40
CA LYS B 499 11.67 -15.25 -50.96
C LYS B 499 11.40 -16.65 -50.42
N ASN B 500 10.62 -17.45 -51.15
CA ASN B 500 10.37 -18.82 -50.72
C ASN B 500 11.66 -19.63 -50.69
N LYS B 501 12.53 -19.45 -51.69
CA LYS B 501 13.76 -20.22 -51.74
C LYS B 501 14.74 -19.77 -50.65
N VAL B 502 14.81 -18.47 -50.37
CA VAL B 502 15.72 -18.04 -49.32
C VAL B 502 15.20 -18.51 -47.96
N ALA B 503 13.89 -18.53 -47.76
CA ALA B 503 13.34 -19.09 -46.53
C ALA B 503 13.62 -20.59 -46.43
N GLU B 504 13.51 -21.31 -47.56
CA GLU B 504 13.78 -22.73 -47.55
C GLU B 504 15.23 -23.03 -47.20
N PHE B 505 16.17 -22.26 -47.77
CA PHE B 505 17.57 -22.47 -47.45
C PHE B 505 17.90 -22.00 -46.05
N ALA B 506 17.14 -21.05 -45.51
CA ALA B 506 17.23 -20.75 -44.08
C ALA B 506 16.82 -21.95 -43.26
N THR B 507 15.74 -22.62 -43.65
CA THR B 507 15.30 -23.82 -42.94
C THR B 507 16.35 -24.93 -43.03
N ARG B 508 17.13 -24.96 -44.11
CA ARG B 508 18.17 -25.96 -44.30
C ARG B 508 19.50 -25.52 -43.69
N GLY B 509 19.52 -24.42 -42.95
CA GLY B 509 20.74 -23.95 -42.33
C GLY B 509 21.81 -23.53 -43.31
N PHE B 510 21.43 -22.77 -44.34
CA PHE B 510 22.34 -22.38 -45.40
C PHE B 510 22.45 -20.86 -45.44
N ARG B 511 23.68 -20.36 -45.36
CA ARG B 511 23.92 -18.95 -45.64
C ARG B 511 23.78 -18.71 -47.13
N SER B 512 23.00 -17.69 -47.50
CA SER B 512 22.68 -17.43 -48.89
C SER B 512 23.25 -16.08 -49.31
N LEU B 513 23.67 -15.99 -50.57
CA LEU B 513 24.21 -14.77 -51.15
C LEU B 513 23.52 -14.51 -52.48
N GLY B 514 23.04 -13.29 -52.66
CA GLY B 514 22.39 -12.88 -53.89
C GLY B 514 23.32 -12.05 -54.75
N VAL B 515 23.13 -12.14 -56.07
CA VAL B 515 23.95 -11.42 -57.03
C VAL B 515 23.05 -10.77 -58.08
N ALA B 516 23.35 -9.52 -58.42
CA ALA B 516 22.70 -8.81 -59.50
C ALA B 516 23.75 -8.21 -60.42
N ARG B 517 23.43 -8.11 -61.70
CA ARG B 517 24.38 -7.76 -62.73
C ARG B 517 23.89 -6.55 -63.53
N LYS B 518 24.84 -5.81 -64.10
CA LYS B 518 24.56 -4.62 -64.90
C LYS B 518 25.30 -4.73 -66.22
N ARG B 519 24.62 -5.21 -67.27
CA ARG B 519 25.23 -5.25 -68.59
C ARG B 519 25.30 -3.85 -69.18
N GLY B 520 24.15 -3.24 -69.42
CA GLY B 520 24.05 -1.94 -70.03
C GLY B 520 23.79 -0.85 -69.01
N GLU B 521 23.14 0.22 -69.47
CA GLU B 521 22.76 1.33 -68.60
C GLU B 521 21.35 1.23 -68.08
N GLY B 522 20.56 0.27 -68.57
CA GLY B 522 19.18 0.12 -68.13
C GLY B 522 18.74 -1.32 -67.95
N SER B 523 19.68 -2.20 -67.62
CA SER B 523 19.39 -3.61 -67.45
C SER B 523 19.76 -4.03 -66.03
N TRP B 524 18.83 -4.70 -65.36
CA TRP B 524 19.06 -5.20 -64.00
C TRP B 524 18.31 -6.52 -63.85
N GLU B 525 19.01 -7.62 -64.11
CA GLU B 525 18.45 -8.95 -63.89
C GLU B 525 18.83 -9.46 -62.51
N ILE B 526 18.00 -10.35 -61.97
CA ILE B 526 18.27 -11.00 -60.70
C ILE B 526 18.78 -12.41 -60.98
N LEU B 527 19.97 -12.72 -60.49
CA LEU B 527 20.65 -13.95 -60.86
C LEU B 527 20.24 -15.13 -59.97
N GLY B 528 20.26 -14.96 -58.66
CA GLY B 528 19.84 -16.01 -57.77
C GLY B 528 20.61 -15.97 -56.46
N ILE B 529 20.38 -16.99 -55.64
CA ILE B 529 20.98 -17.12 -54.32
C ILE B 529 22.01 -18.23 -54.35
N MET B 530 23.06 -18.08 -53.53
CA MET B 530 24.13 -19.05 -53.43
C MET B 530 24.11 -19.69 -52.04
N PRO B 531 23.75 -20.96 -51.92
CA PRO B 531 23.60 -21.60 -50.60
C PRO B 531 24.91 -22.09 -49.98
N CYS B 532 25.63 -21.16 -49.35
CA CYS B 532 26.82 -21.53 -48.58
C CYS B 532 26.41 -22.06 -47.22
N MET B 533 27.33 -22.79 -46.58
CA MET B 533 27.08 -23.35 -45.26
C MET B 533 28.38 -23.50 -44.51
N ASP B 534 28.43 -22.96 -43.30
CA ASP B 534 29.56 -23.14 -42.39
C ASP B 534 29.13 -23.90 -41.15
N PRO B 535 29.49 -25.17 -41.01
CA PRO B 535 28.97 -25.96 -39.90
C PRO B 535 29.57 -25.51 -38.59
N PRO B 536 28.87 -25.71 -37.48
CA PRO B 536 29.44 -25.37 -36.18
C PRO B 536 30.62 -26.26 -35.85
N ARG B 537 31.52 -25.73 -35.03
CA ARG B 537 32.69 -26.50 -34.61
C ARG B 537 32.24 -27.72 -33.82
N HIS B 538 32.99 -28.81 -33.98
CA HIS B 538 32.54 -30.09 -33.43
C HIS B 538 32.45 -30.08 -31.92
N ASP B 539 33.09 -29.12 -31.25
CA ASP B 539 33.00 -29.01 -29.80
C ASP B 539 32.04 -27.92 -29.35
N THR B 540 31.33 -27.27 -30.27
CA THR B 540 30.53 -26.10 -29.91
C THR B 540 29.27 -26.49 -29.15
N TYR B 541 28.61 -27.56 -29.56
CA TYR B 541 27.33 -27.91 -28.93
C TYR B 541 27.52 -28.27 -27.46
N LYS B 542 28.49 -29.14 -27.17
CA LYS B 542 28.73 -29.52 -25.78
C LYS B 542 29.31 -28.36 -24.98
N THR B 543 30.06 -27.47 -25.64
CA THR B 543 30.56 -26.28 -24.96
C THR B 543 29.41 -25.37 -24.53
N VAL B 544 28.42 -25.19 -25.41
CA VAL B 544 27.27 -24.38 -25.05
C VAL B 544 26.44 -25.08 -23.98
N CYS B 545 26.34 -26.40 -24.03
CA CYS B 545 25.63 -27.12 -22.98
C CYS B 545 26.29 -26.93 -21.62
N GLU B 546 27.62 -27.02 -21.58
CA GLU B 546 28.31 -26.87 -20.30
C GLU B 546 28.35 -25.41 -19.85
N ALA B 547 28.27 -24.47 -20.79
CA ALA B 547 28.26 -23.06 -20.42
C ALA B 547 26.99 -22.68 -19.65
N LYS B 548 25.92 -23.46 -19.80
CA LYS B 548 24.72 -23.21 -19.02
C LYS B 548 24.87 -23.66 -17.58
N THR B 549 25.70 -24.68 -17.34
CA THR B 549 26.00 -25.10 -15.99
C THR B 549 26.97 -24.16 -15.28
N LEU B 550 27.69 -23.35 -16.04
CA LEU B 550 28.64 -22.40 -15.49
C LEU B 550 28.01 -21.06 -15.14
N GLY B 551 26.71 -20.91 -15.33
CA GLY B 551 26.03 -19.68 -15.02
C GLY B 551 26.02 -18.65 -16.14
N LEU B 552 26.72 -18.90 -17.23
CA LEU B 552 26.71 -17.99 -18.36
C LEU B 552 25.39 -18.06 -19.12
N SER B 553 25.19 -17.08 -19.99
CA SER B 553 24.07 -17.07 -20.92
C SER B 553 24.59 -16.49 -22.22
N ILE B 554 24.81 -17.37 -23.21
CA ILE B 554 25.45 -16.98 -24.46
C ILE B 554 24.43 -16.29 -25.36
N LYS B 555 24.79 -15.11 -25.85
CA LYS B 555 23.96 -14.34 -26.77
C LYS B 555 24.69 -14.25 -28.10
N MET B 556 24.19 -14.95 -29.10
CA MET B 556 24.81 -14.93 -30.41
C MET B 556 24.53 -13.60 -31.10
N LEU B 557 25.48 -13.16 -31.92
CA LEU B 557 25.33 -11.95 -32.73
C LEU B 557 25.65 -12.28 -34.17
N THR B 558 24.65 -12.25 -35.03
CA THR B 558 24.80 -12.59 -36.44
C THR B 558 24.45 -11.39 -37.30
N GLY B 559 25.24 -11.17 -38.34
CA GLY B 559 24.83 -10.24 -39.36
C GLY B 559 23.85 -10.81 -40.34
N ASP B 560 23.51 -12.09 -40.19
CA ASP B 560 22.60 -12.78 -41.07
C ASP B 560 21.16 -12.33 -40.80
N ALA B 561 20.23 -12.82 -41.61
CA ALA B 561 18.83 -12.57 -41.35
C ALA B 561 18.35 -13.40 -40.17
N VAL B 562 17.11 -13.14 -39.74
CA VAL B 562 16.59 -13.78 -38.55
C VAL B 562 16.44 -15.28 -38.75
N GLY B 563 16.04 -15.70 -39.95
CA GLY B 563 15.80 -17.13 -40.18
C GLY B 563 17.05 -17.98 -40.03
N ILE B 564 18.14 -17.53 -40.65
CA ILE B 564 19.40 -18.27 -40.54
C ILE B 564 19.88 -18.32 -39.10
N ALA B 565 19.78 -17.19 -38.39
CA ALA B 565 20.19 -17.15 -37.01
C ALA B 565 19.36 -18.09 -36.16
N ARG B 566 18.05 -18.13 -36.40
CA ARG B 566 17.19 -19.00 -35.62
C ARG B 566 17.48 -20.47 -35.90
N GLU B 567 17.75 -20.81 -37.16
CA GLU B 567 18.10 -22.20 -37.47
C GLU B 567 19.44 -22.58 -36.85
N THR B 568 20.40 -21.65 -36.84
CA THR B 568 21.67 -21.93 -36.17
C THR B 568 21.47 -22.12 -34.68
N SER B 569 20.59 -21.31 -34.07
CA SER B 569 20.29 -21.48 -32.66
C SER B 569 19.68 -22.85 -32.38
N ARG B 570 18.77 -23.29 -33.25
CA ARG B 570 18.20 -24.63 -33.10
C ARG B 570 19.27 -25.70 -33.24
N GLN B 571 20.20 -25.53 -34.18
CA GLN B 571 21.28 -26.50 -34.35
C GLN B 571 22.17 -26.57 -33.12
N LEU B 572 22.50 -25.42 -32.53
CA LEU B 572 23.44 -25.34 -31.44
C LEU B 572 22.79 -25.55 -30.07
N GLY B 573 21.48 -25.75 -30.02
CA GLY B 573 20.80 -25.82 -28.73
C GLY B 573 20.89 -24.53 -27.94
N LEU B 574 20.94 -23.39 -28.63
CA LEU B 574 21.11 -22.09 -28.00
C LEU B 574 19.79 -21.43 -27.64
N GLY B 575 18.66 -22.05 -27.98
CA GLY B 575 17.37 -21.43 -27.75
C GLY B 575 17.01 -20.48 -28.87
N THR B 576 15.73 -20.40 -29.22
CA THR B 576 15.30 -19.63 -30.38
C THR B 576 14.47 -18.44 -29.93
N ASN B 577 15.17 -17.37 -29.54
CA ASN B 577 14.57 -16.05 -29.36
C ASN B 577 15.53 -15.07 -30.04
N ILE B 578 15.36 -14.89 -31.34
CA ILE B 578 16.24 -14.05 -32.14
C ILE B 578 15.44 -12.86 -32.64
N TYR B 579 15.92 -11.66 -32.34
CA TYR B 579 15.26 -10.43 -32.71
C TYR B 579 16.17 -9.63 -33.63
N ASN B 580 15.59 -9.08 -34.70
CA ASN B 580 16.34 -8.19 -35.57
C ASN B 580 16.76 -6.97 -34.79
N ALA B 581 18.04 -6.59 -34.90
CA ALA B 581 18.57 -5.52 -34.07
C ALA B 581 17.91 -4.18 -34.38
N GLU B 582 17.76 -3.85 -35.67
CA GLU B 582 17.18 -2.57 -36.03
C GLU B 582 15.72 -2.48 -35.62
N ARG B 583 14.95 -3.56 -35.85
CA ARG B 583 13.54 -3.55 -35.50
C ARG B 583 13.35 -3.42 -33.99
N LEU B 584 14.21 -4.07 -33.21
CA LEU B 584 14.00 -4.13 -31.77
C LEU B 584 14.10 -2.75 -31.12
N GLY B 585 15.06 -1.94 -31.54
CA GLY B 585 15.19 -0.62 -30.97
C GLY B 585 16.61 -0.24 -30.63
N LEU B 586 17.58 -1.05 -31.04
CA LEU B 586 18.98 -0.72 -30.80
C LEU B 586 19.40 0.42 -31.71
N GLY B 587 19.35 1.64 -31.19
CA GLY B 587 19.59 2.82 -31.99
C GLY B 587 18.33 3.62 -32.15
N GLY B 588 17.92 3.86 -33.40
CA GLY B 588 16.63 4.46 -33.64
C GLY B 588 15.51 3.45 -33.41
N GLY B 589 14.76 3.64 -32.33
CA GLY B 589 13.73 2.69 -31.97
C GLY B 589 12.54 2.71 -32.89
N GLY B 590 11.71 1.69 -32.74
CA GLY B 590 10.49 1.59 -33.52
C GLY B 590 9.27 1.89 -32.69
N ASP B 591 9.39 2.89 -31.82
CA ASP B 591 8.37 3.33 -30.88
C ASP B 591 8.07 2.21 -29.87
N MET B 592 8.98 1.26 -29.72
CA MET B 592 8.86 0.27 -28.66
C MET B 592 9.09 0.95 -27.31
N PRO B 593 8.21 0.75 -26.33
CA PRO B 593 8.44 1.35 -25.01
C PRO B 593 9.81 0.99 -24.47
N GLY B 594 10.48 1.98 -23.90
CA GLY B 594 11.86 1.79 -23.48
C GLY B 594 12.02 0.75 -22.40
N SER B 595 11.05 0.64 -21.50
CA SER B 595 11.15 -0.33 -20.42
C SER B 595 11.14 -1.76 -20.92
N GLU B 596 10.64 -1.99 -22.13
CA GLU B 596 10.52 -3.34 -22.67
C GLU B 596 11.55 -3.66 -23.74
N VAL B 597 12.14 -2.66 -24.39
CA VAL B 597 13.27 -2.95 -25.29
C VAL B 597 14.45 -3.45 -24.49
N TYR B 598 14.68 -2.87 -23.31
CA TYR B 598 15.73 -3.38 -22.42
C TYR B 598 15.42 -4.80 -21.98
N ASP B 599 14.15 -5.09 -21.69
CA ASP B 599 13.76 -6.43 -21.29
C ASP B 599 13.97 -7.43 -22.41
N PHE B 600 13.63 -7.04 -23.65
CA PHE B 600 13.85 -7.92 -24.79
C PHE B 600 15.34 -8.16 -25.02
N VAL B 601 16.16 -7.13 -24.88
CA VAL B 601 17.60 -7.30 -25.05
C VAL B 601 18.15 -8.23 -23.98
N GLU B 602 17.73 -8.05 -22.73
CA GLU B 602 18.24 -8.87 -21.64
C GLU B 602 17.87 -10.34 -21.83
N ALA B 603 16.62 -10.62 -22.15
CA ALA B 603 16.14 -11.98 -22.38
C ALA B 603 16.06 -12.20 -23.89
N ALA B 604 17.21 -12.43 -24.50
CA ALA B 604 17.28 -12.64 -25.94
C ALA B 604 18.38 -13.67 -26.21
N ASP B 605 18.04 -14.70 -26.96
CA ASP B 605 19.01 -15.74 -27.29
C ASP B 605 19.94 -15.33 -28.42
N GLY B 606 19.71 -14.19 -29.06
CA GLY B 606 20.56 -13.75 -30.13
C GLY B 606 20.06 -12.44 -30.71
N PHE B 607 20.82 -11.95 -31.69
CA PHE B 607 20.47 -10.71 -32.38
C PHE B 607 20.91 -10.85 -33.83
N ALA B 608 19.95 -10.88 -34.74
CA ALA B 608 20.24 -11.04 -36.15
C ALA B 608 20.30 -9.68 -36.85
N GLU B 609 21.05 -9.64 -37.95
CA GLU B 609 21.24 -8.43 -38.74
C GLU B 609 21.74 -7.29 -37.84
N VAL B 610 22.94 -7.49 -37.30
CA VAL B 610 23.54 -6.57 -36.35
C VAL B 610 24.62 -5.76 -37.04
N PHE B 611 24.59 -4.45 -36.85
CA PHE B 611 25.61 -3.54 -37.32
C PHE B 611 26.61 -3.25 -36.22
N PRO B 612 27.75 -2.64 -36.55
CA PRO B 612 28.74 -2.36 -35.50
C PRO B 612 28.20 -1.53 -34.33
N GLN B 613 27.34 -0.54 -34.59
CA GLN B 613 26.83 0.28 -33.50
C GLN B 613 25.90 -0.51 -32.58
N HIS B 614 25.18 -1.48 -33.13
CA HIS B 614 24.27 -2.27 -32.30
C HIS B 614 25.03 -3.06 -31.26
N LYS B 615 26.28 -3.44 -31.54
CA LYS B 615 27.08 -4.16 -30.56
C LYS B 615 27.32 -3.30 -29.33
N TYR B 616 27.72 -2.04 -29.54
CA TYR B 616 27.92 -1.13 -28.43
C TYR B 616 26.61 -0.87 -27.69
N ASN B 617 25.51 -0.71 -28.44
CA ASN B 617 24.23 -0.47 -27.77
C ASN B 617 23.81 -1.67 -26.93
N VAL B 618 24.06 -2.89 -27.42
CA VAL B 618 23.74 -4.08 -26.64
C VAL B 618 24.57 -4.13 -25.37
N VAL B 619 25.87 -3.82 -25.48
CA VAL B 619 26.71 -3.82 -24.29
C VAL B 619 26.24 -2.77 -23.30
N GLU B 620 25.91 -1.58 -23.78
CA GLU B 620 25.45 -0.50 -22.90
C GLU B 620 24.15 -0.87 -22.20
N ILE B 621 23.23 -1.49 -22.94
CA ILE B 621 21.94 -1.88 -22.35
C ILE B 621 22.13 -2.97 -21.32
N LEU B 622 22.93 -3.98 -21.64
CA LEU B 622 23.06 -5.13 -20.76
C LEU B 622 23.73 -4.76 -19.45
N GLN B 623 24.57 -3.72 -19.44
CA GLN B 623 25.19 -3.27 -18.19
C GLN B 623 24.24 -2.47 -17.33
N GLN B 624 23.22 -1.84 -17.91
CA GLN B 624 22.24 -1.12 -17.11
C GLN B 624 21.47 -2.06 -16.19
N ARG B 625 21.16 -3.27 -16.68
CA ARG B 625 20.43 -4.25 -15.88
C ARG B 625 21.28 -4.84 -14.75
N GLY B 626 22.58 -4.57 -14.74
CA GLY B 626 23.44 -5.09 -13.70
C GLY B 626 24.23 -6.33 -14.06
N TYR B 627 24.60 -6.49 -15.32
CA TYR B 627 25.39 -7.63 -15.75
C TYR B 627 26.83 -7.23 -16.02
N LEU B 628 27.69 -8.23 -16.13
CA LEU B 628 29.07 -8.07 -16.58
C LEU B 628 29.18 -8.79 -17.91
N VAL B 629 29.40 -8.04 -18.98
CA VAL B 629 29.29 -8.55 -20.33
C VAL B 629 30.67 -8.79 -20.91
N ALA B 630 30.85 -9.95 -21.53
CA ALA B 630 32.08 -10.30 -22.23
C ALA B 630 31.77 -10.31 -23.72
N MET B 631 32.49 -9.50 -24.48
CA MET B 631 32.24 -9.38 -25.91
C MET B 631 33.33 -10.06 -26.71
N THR B 632 32.91 -10.80 -27.74
CA THR B 632 33.83 -11.44 -28.68
C THR B 632 34.05 -10.46 -29.82
N GLY B 633 35.22 -9.83 -29.85
CA GLY B 633 35.54 -8.85 -30.86
C GLY B 633 36.52 -9.39 -31.89
N ASP B 634 36.45 -8.83 -33.09
CA ASP B 634 37.34 -9.21 -34.18
C ASP B 634 37.27 -8.09 -35.21
N GLY B 635 38.40 -7.48 -35.50
CA GLY B 635 38.43 -6.35 -36.40
C GLY B 635 38.25 -5.02 -35.71
N VAL B 636 38.42 -3.96 -36.48
CA VAL B 636 38.39 -2.61 -35.94
C VAL B 636 36.96 -2.10 -35.73
N ASN B 637 35.98 -2.75 -36.35
CA ASN B 637 34.60 -2.26 -36.25
C ASN B 637 34.09 -2.31 -34.81
N ASP B 638 34.41 -3.38 -34.08
CA ASP B 638 33.89 -3.59 -32.75
C ASP B 638 34.87 -3.18 -31.66
N ALA B 639 35.82 -2.30 -31.97
CA ALA B 639 36.72 -1.80 -30.93
C ALA B 639 35.99 -1.03 -29.84
N PRO B 640 35.09 -0.08 -30.13
CA PRO B 640 34.38 0.60 -29.03
C PRO B 640 33.55 -0.35 -28.18
N SER B 641 32.94 -1.37 -28.78
CA SER B 641 32.19 -2.35 -28.00
C SER B 641 33.13 -3.15 -27.12
N LEU B 642 34.31 -3.49 -27.63
CA LEU B 642 35.29 -4.20 -26.82
C LEU B 642 35.73 -3.36 -25.62
N LYS B 643 35.93 -2.05 -25.85
CA LYS B 643 36.32 -1.18 -24.73
C LYS B 643 35.19 -1.03 -23.72
N LYS B 644 33.96 -0.89 -24.20
CA LYS B 644 32.83 -0.69 -23.29
C LYS B 644 32.51 -1.95 -22.50
N ALA B 645 32.73 -3.12 -23.09
CA ALA B 645 32.43 -4.37 -22.40
C ALA B 645 33.32 -4.54 -21.18
N ASP B 646 32.79 -5.22 -20.16
CA ASP B 646 33.57 -5.44 -18.95
C ASP B 646 34.78 -6.33 -19.24
N THR B 647 34.64 -7.26 -20.18
CA THR B 647 35.73 -8.15 -20.57
C THR B 647 35.70 -8.30 -22.09
N GLY B 648 36.41 -7.42 -22.79
CA GLY B 648 36.51 -7.52 -24.23
C GLY B 648 37.43 -8.65 -24.62
N ILE B 649 36.91 -9.62 -25.36
CA ILE B 649 37.67 -10.80 -25.76
C ILE B 649 37.97 -10.69 -27.24
N ALA B 650 39.26 -10.64 -27.58
CA ALA B 650 39.69 -10.62 -28.98
C ALA B 650 39.86 -12.05 -29.45
N VAL B 651 39.01 -12.48 -30.37
CA VAL B 651 38.97 -13.87 -30.81
C VAL B 651 40.06 -14.10 -31.84
N GLU B 652 40.33 -15.37 -32.15
CA GLU B 652 41.33 -15.75 -33.15
C GLU B 652 41.16 -14.97 -34.44
N GLY B 653 42.30 -14.61 -35.05
CA GLY B 653 42.30 -13.91 -36.31
C GLY B 653 41.91 -12.45 -36.24
N SER B 654 41.90 -11.86 -35.05
CA SER B 654 41.50 -10.47 -34.91
C SER B 654 42.60 -9.55 -35.45
N SER B 655 42.20 -8.31 -35.73
CA SER B 655 43.15 -7.31 -36.18
C SER B 655 43.93 -6.75 -35.00
N ASP B 656 44.94 -5.94 -35.32
CA ASP B 656 45.78 -5.37 -34.27
C ASP B 656 44.97 -4.46 -33.35
N ALA B 657 44.09 -3.65 -33.93
CA ALA B 657 43.29 -2.73 -33.11
C ALA B 657 42.34 -3.49 -32.20
N ALA B 658 41.74 -4.57 -32.70
CA ALA B 658 40.79 -5.34 -31.89
C ALA B 658 41.47 -5.90 -30.65
N ARG B 659 42.65 -6.49 -30.81
CA ARG B 659 43.34 -7.06 -29.68
C ARG B 659 43.97 -5.99 -28.79
N SER B 660 44.29 -4.82 -29.35
CA SER B 660 44.78 -3.73 -28.52
C SER B 660 43.68 -3.16 -27.64
N ALA B 661 42.44 -3.15 -28.13
CA ALA B 661 41.31 -2.63 -27.37
C ALA B 661 40.68 -3.66 -26.46
N ALA B 662 41.07 -4.93 -26.56
CA ALA B 662 40.46 -5.99 -25.79
C ALA B 662 41.19 -6.19 -24.46
N ASP B 663 40.62 -7.06 -23.63
CA ASP B 663 41.22 -7.43 -22.35
C ASP B 663 41.91 -8.77 -22.40
N ILE B 664 41.37 -9.73 -23.13
CA ILE B 664 42.00 -11.04 -23.30
C ILE B 664 42.13 -11.30 -24.80
N VAL B 665 43.33 -11.65 -25.22
CA VAL B 665 43.62 -11.98 -26.62
C VAL B 665 43.82 -13.47 -26.73
N PHE B 666 43.07 -14.12 -27.60
CA PHE B 666 43.11 -15.57 -27.73
C PHE B 666 43.94 -15.96 -28.96
N LEU B 667 44.69 -17.04 -28.81
CA LEU B 667 45.44 -17.62 -29.92
C LEU B 667 44.91 -19.00 -30.29
N ALA B 668 43.70 -19.32 -29.88
CA ALA B 668 43.01 -20.54 -30.28
C ALA B 668 41.57 -20.18 -30.65
N PRO B 669 41.02 -20.84 -31.66
CA PRO B 669 39.66 -20.52 -32.11
C PRO B 669 38.61 -21.30 -31.34
N GLY B 670 37.37 -20.87 -31.49
CA GLY B 670 36.23 -21.57 -30.94
C GLY B 670 35.80 -21.06 -29.58
N LEU B 671 34.60 -21.47 -29.18
CA LEU B 671 34.07 -21.16 -27.86
C LEU B 671 34.65 -22.06 -26.78
N GLY B 672 35.20 -23.21 -27.17
CA GLY B 672 35.81 -24.09 -26.17
C GLY B 672 36.96 -23.43 -25.45
N ALA B 673 37.81 -22.72 -26.19
CA ALA B 673 38.91 -22.01 -25.57
C ALA B 673 38.41 -20.94 -24.62
N ILE B 674 37.38 -20.20 -25.02
CA ILE B 674 36.83 -19.15 -24.17
C ILE B 674 36.28 -19.74 -22.87
N ILE B 675 35.56 -20.86 -22.98
CA ILE B 675 34.98 -21.46 -21.78
C ILE B 675 36.05 -22.06 -20.89
N ASP B 676 37.08 -22.67 -21.48
CA ASP B 676 38.18 -23.18 -20.66
C ASP B 676 38.90 -22.04 -19.94
N ALA B 677 39.11 -20.91 -20.63
CA ALA B 677 39.71 -19.75 -19.97
C ALA B 677 38.81 -19.21 -18.87
N LEU B 678 37.49 -19.24 -19.07
CA LEU B 678 36.56 -18.84 -18.03
C LEU B 678 36.71 -19.71 -16.79
N LYS B 679 36.75 -21.03 -17.00
CA LYS B 679 36.90 -21.93 -15.86
C LYS B 679 38.23 -21.70 -15.15
N THR B 680 39.30 -21.50 -15.91
CA THR B 680 40.59 -21.25 -15.30
C THR B 680 40.59 -19.95 -14.50
N SER B 681 39.97 -18.90 -15.04
CA SER B 681 39.89 -17.63 -14.33
C SER B 681 39.08 -17.79 -13.04
N ARG B 682 38.02 -18.58 -13.08
CA ARG B 682 37.25 -18.83 -11.86
C ARG B 682 38.11 -19.56 -10.83
N GLN B 683 38.93 -20.51 -11.28
CA GLN B 683 39.83 -21.20 -10.36
C GLN B 683 40.82 -20.23 -9.74
N ILE B 684 41.39 -19.34 -10.55
CA ILE B 684 42.36 -18.38 -10.04
C ILE B 684 41.71 -17.45 -9.02
N PHE B 685 40.49 -17.00 -9.32
CA PHE B 685 39.76 -16.16 -8.37
C PHE B 685 39.46 -16.91 -7.09
N HIS B 686 39.15 -18.21 -7.20
CA HIS B 686 38.92 -18.99 -6.00
C HIS B 686 40.17 -19.06 -5.14
N ARG B 687 41.34 -19.24 -5.78
CA ARG B 687 42.59 -19.22 -5.02
C ARG B 687 42.78 -17.89 -4.31
N MET B 688 42.55 -16.79 -5.02
CA MET B 688 42.70 -15.46 -4.43
C MET B 688 41.75 -15.26 -3.25
N TYR B 689 40.48 -15.59 -3.43
CA TYR B 689 39.49 -15.40 -2.38
C TYR B 689 39.79 -16.28 -1.18
N ALA B 690 40.16 -17.53 -1.42
CA ALA B 690 40.49 -18.44 -0.33
C ALA B 690 41.66 -17.91 0.47
N TYR B 691 42.70 -17.41 -0.20
CA TYR B 691 43.83 -16.88 0.53
C TYR B 691 43.45 -15.65 1.34
N VAL B 692 42.64 -14.76 0.76
CA VAL B 692 42.26 -13.54 1.48
C VAL B 692 41.47 -13.89 2.73
N VAL B 693 40.51 -14.81 2.60
CA VAL B 693 39.72 -15.23 3.76
C VAL B 693 40.61 -15.87 4.81
N TYR B 694 41.54 -16.73 4.37
CA TYR B 694 42.53 -17.31 5.27
C TYR B 694 43.29 -16.24 6.04
N ARG B 695 43.85 -15.27 5.33
CA ARG B 695 44.75 -14.32 5.94
C ARG B 695 44.02 -13.46 6.96
N ILE B 696 42.87 -12.91 6.57
CA ILE B 696 42.19 -12.03 7.52
C ILE B 696 41.52 -12.82 8.63
N ALA B 697 41.12 -14.07 8.38
CA ALA B 697 40.56 -14.88 9.45
C ALA B 697 41.59 -15.18 10.52
N LEU B 698 42.80 -15.57 10.11
CA LEU B 698 43.80 -15.88 11.13
C LEU B 698 44.32 -14.60 11.78
N SER B 699 44.34 -13.48 11.06
CA SER B 699 44.67 -12.21 11.68
C SER B 699 43.69 -11.89 12.80
N ILE B 700 42.39 -11.95 12.51
CA ILE B 700 41.39 -11.67 13.54
C ILE B 700 41.51 -12.66 14.70
N HIS B 701 41.61 -13.95 14.38
CA HIS B 701 41.84 -15.00 15.36
C HIS B 701 42.91 -14.61 16.34
N LEU B 702 44.13 -14.44 15.83
CA LEU B 702 45.25 -14.36 16.72
C LEU B 702 45.33 -13.00 17.40
N GLU B 703 44.79 -11.94 16.78
CA GLU B 703 44.78 -10.67 17.48
C GLU B 703 43.75 -10.65 18.61
N ILE B 704 42.54 -11.17 18.37
CA ILE B 704 41.57 -11.15 19.46
C ILE B 704 41.82 -12.27 20.46
N PHE B 705 42.79 -13.14 20.19
CA PHE B 705 43.26 -13.99 21.28
C PHE B 705 44.36 -13.32 22.09
N LEU B 706 45.45 -12.90 21.44
CA LEU B 706 46.57 -12.36 22.20
C LEU B 706 46.23 -11.04 22.87
N GLY B 707 45.50 -10.15 22.19
CA GLY B 707 45.13 -8.90 22.82
C GLY B 707 44.22 -9.09 24.01
N LEU B 708 43.22 -9.97 23.87
CA LEU B 708 42.35 -10.26 25.00
C LEU B 708 43.12 -10.92 26.15
N TRP B 709 44.07 -11.79 25.83
CA TRP B 709 44.80 -12.49 26.87
C TRP B 709 45.75 -11.55 27.59
N ILE B 710 46.35 -10.60 26.86
CA ILE B 710 47.15 -9.56 27.49
C ILE B 710 46.28 -8.66 28.35
N ALA B 711 45.12 -8.24 27.84
CA ALA B 711 44.27 -7.33 28.60
C ALA B 711 43.77 -7.98 29.87
N ILE B 712 43.24 -9.20 29.78
CA ILE B 712 42.66 -9.86 30.94
C ILE B 712 43.74 -10.30 31.92
N LEU B 713 44.86 -10.83 31.42
CA LEU B 713 45.77 -11.58 32.28
C LEU B 713 47.22 -11.12 32.20
N ASN B 714 47.51 -10.02 31.49
CA ASN B 714 48.85 -9.44 31.45
C ASN B 714 49.89 -10.47 31.00
N ARG B 715 49.48 -11.36 30.11
CA ARG B 715 50.35 -12.42 29.63
C ARG B 715 50.25 -12.50 28.11
N SER B 716 51.33 -12.97 27.49
CA SER B 716 51.37 -13.15 26.05
C SER B 716 52.33 -14.28 25.72
N LEU B 717 52.23 -14.78 24.50
CA LEU B 717 53.12 -15.83 24.05
C LEU B 717 54.56 -15.32 24.03
N ASN B 718 55.50 -16.25 24.19
CA ASN B 718 56.90 -15.93 24.04
C ASN B 718 57.15 -15.33 22.66
N ILE B 719 58.04 -14.34 22.60
CA ILE B 719 58.21 -13.61 21.35
C ILE B 719 58.75 -14.51 20.25
N GLU B 720 59.62 -15.45 20.59
CA GLU B 720 60.13 -16.36 19.58
C GLU B 720 59.01 -17.23 19.01
N LEU B 721 58.13 -17.72 19.87
CA LEU B 721 57.03 -18.57 19.42
C LEU B 721 56.07 -17.79 18.52
N VAL B 722 55.78 -16.54 18.86
CA VAL B 722 54.86 -15.77 18.03
C VAL B 722 55.50 -15.42 16.69
N VAL B 723 56.80 -15.15 16.69
CA VAL B 723 57.52 -14.97 15.44
C VAL B 723 57.44 -16.22 14.57
N PHE B 724 57.59 -17.39 15.18
CA PHE B 724 57.50 -18.61 14.39
C PHE B 724 56.08 -18.89 13.92
N ILE B 725 55.07 -18.49 14.69
CA ILE B 725 53.69 -18.56 14.22
C ILE B 725 53.52 -17.72 12.97
N ALA B 726 54.08 -16.50 12.98
CA ALA B 726 54.02 -15.65 11.80
C ALA B 726 54.75 -16.27 10.62
N ILE B 727 55.91 -16.87 10.87
CA ILE B 727 56.68 -17.50 9.79
C ILE B 727 55.89 -18.65 9.18
N PHE B 728 55.27 -19.48 10.02
CA PHE B 728 54.48 -20.60 9.52
C PHE B 728 53.30 -20.14 8.68
N ALA B 729 52.86 -18.90 8.85
CA ALA B 729 51.81 -18.33 8.02
C ALA B 729 52.36 -17.73 6.74
N ASP B 730 53.67 -17.76 6.53
CA ASP B 730 54.28 -17.35 5.27
C ASP B 730 54.94 -18.51 4.55
N VAL B 731 54.81 -19.72 5.07
CA VAL B 731 55.31 -20.92 4.41
C VAL B 731 54.16 -21.71 3.80
N ALA B 732 53.04 -21.83 4.50
CA ALA B 732 51.85 -22.47 3.97
C ALA B 732 51.06 -21.57 3.03
N THR B 733 51.62 -20.43 2.64
CA THR B 733 50.95 -19.51 1.72
C THR B 733 51.73 -19.26 0.44
N LEU B 734 53.02 -19.57 0.39
CA LEU B 734 53.73 -19.51 -0.88
C LEU B 734 53.39 -20.67 -1.80
N ALA B 735 52.40 -21.50 -1.43
CA ALA B 735 51.97 -22.61 -2.26
C ALA B 735 50.52 -22.53 -2.67
N ILE B 736 49.75 -21.56 -2.16
CA ILE B 736 48.33 -21.47 -2.50
C ILE B 736 48.17 -21.15 -3.98
N ALA B 737 49.12 -20.42 -4.57
CA ALA B 737 49.04 -20.08 -5.99
C ALA B 737 49.21 -21.27 -6.91
N TYR B 738 49.66 -22.42 -6.38
CA TYR B 738 49.85 -23.63 -7.16
C TYR B 738 49.06 -24.76 -6.50
N ASP B 739 47.79 -24.88 -6.84
CA ASP B 739 46.99 -26.00 -6.33
C ASP B 739 45.77 -26.20 -7.23
N ASN B 740 45.14 -27.36 -7.07
CA ASN B 740 43.99 -27.76 -7.88
C ASN B 740 42.72 -27.16 -7.27
N ALA B 741 42.62 -25.85 -7.35
CA ALA B 741 41.45 -25.17 -6.81
C ALA B 741 40.24 -25.43 -7.71
N PRO B 742 39.08 -25.73 -7.15
CA PRO B 742 37.88 -25.88 -7.97
C PRO B 742 37.33 -24.53 -8.39
N TYR B 743 36.53 -24.55 -9.45
CA TYR B 743 35.90 -23.34 -9.96
C TYR B 743 34.43 -23.30 -9.54
N SER B 744 33.95 -22.10 -9.24
CA SER B 744 32.56 -21.93 -8.88
C SER B 744 31.65 -22.27 -10.05
N GLN B 745 30.45 -22.74 -9.73
CA GLN B 745 29.45 -23.05 -10.75
C GLN B 745 28.62 -21.84 -11.13
N THR B 746 28.84 -20.70 -10.51
CA THR B 746 28.18 -19.44 -10.82
C THR B 746 29.24 -18.35 -10.89
N PRO B 747 28.96 -17.26 -11.62
CA PRO B 747 29.93 -16.17 -11.70
C PRO B 747 30.29 -15.66 -10.31
N VAL B 748 31.58 -15.46 -10.08
CA VAL B 748 32.12 -15.19 -8.76
C VAL B 748 32.55 -13.74 -8.68
N LYS B 749 32.25 -13.11 -7.55
CA LYS B 749 32.50 -11.69 -7.37
C LYS B 749 32.88 -11.41 -5.93
N TRP B 750 33.51 -10.26 -5.71
CA TRP B 750 33.85 -9.80 -4.38
C TRP B 750 32.57 -9.41 -3.63
N ASN B 751 32.09 -10.30 -2.77
CA ASN B 751 31.00 -9.99 -1.87
C ASN B 751 31.63 -9.60 -0.53
N LEU B 752 32.12 -8.36 -0.47
CA LEU B 752 32.89 -7.92 0.68
C LEU B 752 32.16 -8.05 2.01
N PRO B 753 30.87 -7.69 2.14
CA PRO B 753 30.20 -7.96 3.42
C PRO B 753 30.18 -9.43 3.80
N LYS B 754 29.92 -10.32 2.84
CA LYS B 754 29.92 -11.74 3.14
C LYS B 754 31.32 -12.24 3.44
N LEU B 755 32.33 -11.71 2.73
CA LEU B 755 33.71 -12.10 3.01
C LEU B 755 34.10 -11.72 4.44
N TRP B 756 33.79 -10.49 4.85
CA TRP B 756 34.12 -10.06 6.19
C TRP B 756 33.34 -10.85 7.23
N GLY B 757 32.07 -11.13 6.98
CA GLY B 757 31.31 -11.94 7.92
C GLY B 757 31.90 -13.32 8.10
N MET B 758 32.21 -13.99 6.99
CA MET B 758 32.78 -15.33 7.06
C MET B 758 34.12 -15.32 7.79
N SER B 759 34.97 -14.34 7.48
CA SER B 759 36.30 -14.31 8.08
C SER B 759 36.23 -13.97 9.56
N VAL B 760 35.36 -13.03 9.94
CA VAL B 760 35.21 -12.71 11.36
C VAL B 760 34.68 -13.92 12.12
N LEU B 761 33.72 -14.65 11.54
CA LEU B 761 33.21 -15.82 12.23
C LEU B 761 34.28 -16.90 12.35
N LEU B 762 35.07 -17.12 11.32
CA LEU B 762 36.14 -18.12 11.40
C LEU B 762 37.18 -17.73 12.44
N GLY B 763 37.56 -16.46 12.46
CA GLY B 763 38.51 -16.00 13.45
C GLY B 763 37.98 -16.09 14.87
N VAL B 764 36.69 -15.81 15.05
CA VAL B 764 36.08 -15.94 16.37
C VAL B 764 36.06 -17.39 16.80
N VAL B 765 35.75 -18.32 15.88
CA VAL B 765 35.76 -19.73 16.22
C VAL B 765 37.17 -20.18 16.62
N LEU B 766 38.17 -19.75 15.85
CA LEU B 766 39.55 -20.12 16.17
C LEU B 766 39.96 -19.55 17.53
N ALA B 767 39.59 -18.30 17.81
CA ALA B 767 39.93 -17.68 19.08
C ALA B 767 39.23 -18.38 20.24
N VAL B 768 37.99 -18.80 20.05
CA VAL B 768 37.29 -19.54 21.09
C VAL B 768 37.97 -20.86 21.35
N GLY B 769 38.42 -21.54 20.29
CA GLY B 769 39.17 -22.78 20.49
C GLY B 769 40.44 -22.56 21.28
N THR B 770 41.19 -21.52 20.93
CA THR B 770 42.44 -21.24 21.63
C THR B 770 42.19 -20.84 23.09
N TRP B 771 41.12 -20.07 23.33
CA TRP B 771 40.79 -19.67 24.69
C TRP B 771 40.36 -20.88 25.52
N ILE B 772 39.65 -21.81 24.92
CA ILE B 772 39.32 -23.05 25.61
C ILE B 772 40.60 -23.80 25.96
N THR B 773 41.54 -23.87 25.00
CA THR B 773 42.81 -24.56 25.25
C THR B 773 43.54 -23.97 26.44
N VAL B 774 43.62 -22.64 26.52
CA VAL B 774 44.40 -22.04 27.61
C VAL B 774 43.62 -22.04 28.93
N THR B 775 42.30 -21.91 28.89
CA THR B 775 41.52 -21.96 30.12
C THR B 775 41.45 -23.36 30.70
N THR B 776 41.70 -24.39 29.89
CA THR B 776 41.86 -25.72 30.48
C THR B 776 43.07 -25.78 31.39
N MET B 777 44.20 -25.20 30.95
CA MET B 777 45.40 -25.23 31.78
C MET B 777 45.29 -24.29 32.98
N TYR B 778 44.57 -23.17 32.84
CA TYR B 778 44.22 -22.42 34.05
C TYR B 778 43.35 -23.23 34.99
N ALA B 779 42.39 -23.98 34.46
CA ALA B 779 41.48 -24.72 35.33
C ALA B 779 42.21 -25.83 36.06
N GLN B 780 43.00 -26.64 35.34
CA GLN B 780 43.59 -27.84 35.90
C GLN B 780 45.10 -27.78 36.01
N GLY B 781 45.68 -26.58 36.09
CA GLY B 781 47.10 -26.44 36.26
C GLY B 781 47.85 -26.52 34.94
N GLU B 782 49.13 -26.12 35.00
CA GLU B 782 49.95 -26.03 33.79
C GLU B 782 50.07 -27.37 33.09
N ASN B 783 50.13 -28.45 33.85
CA ASN B 783 50.35 -29.78 33.30
C ASN B 783 49.22 -30.73 33.66
N GLY B 784 47.98 -30.23 33.63
CA GLY B 784 46.86 -31.07 33.98
C GLY B 784 45.60 -30.91 33.14
N GLY B 785 45.60 -29.94 32.22
CA GLY B 785 44.38 -29.64 31.52
C GLY B 785 44.27 -30.38 30.20
N ILE B 786 44.45 -29.67 29.09
CA ILE B 786 44.52 -30.33 27.79
C ILE B 786 45.74 -31.24 27.72
N VAL B 787 46.77 -30.96 28.51
CA VAL B 787 47.93 -31.83 28.64
C VAL B 787 47.64 -32.88 29.69
N GLN B 788 48.20 -34.08 29.54
CA GLN B 788 47.92 -35.16 30.47
C GLN B 788 49.04 -35.39 31.47
N ASN B 789 50.26 -35.64 30.98
CA ASN B 789 51.34 -35.98 31.90
C ASN B 789 52.14 -34.74 32.32
N PHE B 790 52.66 -33.99 31.35
CA PHE B 790 53.37 -32.76 31.65
C PHE B 790 53.36 -31.87 30.40
N GLY B 791 53.65 -30.60 30.61
CA GLY B 791 53.69 -29.66 29.51
C GLY B 791 53.91 -28.27 30.03
N ASN B 792 53.81 -27.31 29.11
CA ASN B 792 53.88 -25.90 29.47
C ASN B 792 52.90 -25.14 28.59
N MET B 793 52.34 -24.08 29.16
CA MET B 793 51.25 -23.37 28.50
C MET B 793 51.67 -22.82 27.14
N ASP B 794 52.87 -22.24 27.07
CA ASP B 794 53.25 -21.48 25.88
C ASP B 794 53.43 -22.38 24.68
N GLU B 795 54.14 -23.50 24.84
CA GLU B 795 54.35 -24.39 23.71
C GLU B 795 53.07 -25.11 23.30
N VAL B 796 52.20 -25.42 24.27
CA VAL B 796 50.92 -26.02 23.93
C VAL B 796 50.07 -25.07 23.12
N LEU B 797 50.04 -23.80 23.54
CA LEU B 797 49.32 -22.79 22.76
C LEU B 797 49.95 -22.62 21.40
N PHE B 798 51.28 -22.69 21.32
CA PHE B 798 51.96 -22.61 20.03
C PHE B 798 51.49 -23.72 19.09
N LEU B 799 51.47 -24.96 19.59
CA LEU B 799 51.05 -26.08 18.76
C LEU B 799 49.60 -25.95 18.33
N GLN B 800 48.72 -25.61 19.27
CA GLN B 800 47.30 -25.50 18.95
C GLN B 800 47.06 -24.41 17.93
N ILE B 801 47.67 -23.23 18.13
CA ILE B 801 47.49 -22.12 17.21
C ILE B 801 48.02 -22.48 15.84
N SER B 802 49.22 -23.07 15.79
CA SER B 802 49.80 -23.44 14.50
C SER B 802 48.92 -24.42 13.74
N LEU B 803 48.47 -25.48 14.41
CA LEU B 803 47.67 -26.48 13.74
C LEU B 803 46.35 -25.89 13.25
N THR B 804 45.61 -25.24 14.15
CA THR B 804 44.29 -24.75 13.76
C THR B 804 44.39 -23.60 12.77
N GLU B 805 45.52 -22.90 12.72
CA GLU B 805 45.66 -21.81 11.77
C GLU B 805 46.02 -22.33 10.39
N ASN B 806 47.02 -23.20 10.30
CA ASN B 806 47.43 -23.69 9.00
C ASN B 806 46.38 -24.60 8.38
N TRP B 807 45.68 -25.40 9.19
CA TRP B 807 44.63 -26.23 8.61
C TRP B 807 43.46 -25.43 8.10
N LEU B 808 43.37 -24.14 8.42
CA LEU B 808 42.25 -23.32 7.96
C LEU B 808 42.22 -23.21 6.44
N ILE B 809 43.37 -23.35 5.79
CA ILE B 809 43.40 -23.18 4.34
C ILE B 809 42.64 -24.29 3.64
N PHE B 810 42.60 -25.49 4.22
CA PHE B 810 41.91 -26.62 3.58
C PHE B 810 40.41 -26.41 3.50
N ILE B 811 39.82 -25.56 4.33
CA ILE B 811 38.38 -25.34 4.24
C ILE B 811 38.04 -24.12 3.40
N THR B 812 38.94 -23.16 3.28
CA THR B 812 38.69 -22.01 2.41
C THR B 812 38.86 -22.35 0.93
N ARG B 813 39.69 -23.32 0.59
CA ARG B 813 39.92 -23.71 -0.79
C ARG B 813 38.99 -24.83 -1.24
N ALA B 814 37.70 -24.67 -1.02
CA ALA B 814 36.77 -25.74 -1.35
C ALA B 814 35.41 -25.17 -1.69
N ASN B 815 34.64 -25.96 -2.45
CA ASN B 815 33.25 -25.66 -2.75
C ASN B 815 32.41 -26.53 -1.82
N GLY B 816 31.92 -25.95 -0.74
CA GLY B 816 31.19 -26.68 0.25
C GLY B 816 32.10 -27.39 1.23
N PRO B 817 31.89 -28.69 1.40
CA PRO B 817 32.70 -29.44 2.37
C PRO B 817 34.17 -29.48 1.96
N PHE B 818 35.04 -29.52 2.97
CA PHE B 818 36.48 -29.49 2.72
C PHE B 818 36.99 -30.77 2.07
N TRP B 819 36.20 -31.84 2.07
CA TRP B 819 36.62 -33.11 1.48
C TRP B 819 36.20 -33.25 0.03
N SER B 820 35.57 -32.23 -0.55
CA SER B 820 35.11 -32.32 -1.93
C SER B 820 36.29 -32.51 -2.89
N SER B 821 37.20 -31.54 -2.92
CA SER B 821 38.36 -31.61 -3.79
C SER B 821 39.58 -32.01 -2.98
N ILE B 822 40.49 -32.74 -3.62
CA ILE B 822 41.74 -33.18 -3.01
C ILE B 822 42.77 -32.07 -3.20
N PRO B 823 43.38 -31.54 -2.14
CA PRO B 823 44.40 -30.51 -2.32
C PRO B 823 45.63 -31.05 -3.02
N SER B 824 46.35 -30.15 -3.68
CA SER B 824 47.55 -30.54 -4.40
C SER B 824 48.62 -31.04 -3.44
N TRP B 825 49.53 -31.86 -3.97
CA TRP B 825 50.59 -32.42 -3.13
C TRP B 825 51.48 -31.33 -2.54
N GLN B 826 51.64 -30.21 -3.26
CA GLN B 826 52.52 -29.15 -2.78
C GLN B 826 51.97 -28.49 -1.52
N LEU B 827 50.69 -28.10 -1.56
CA LEU B 827 50.08 -27.48 -0.38
C LEU B 827 50.03 -28.44 0.79
N SER B 828 49.62 -29.68 0.54
CA SER B 828 49.53 -30.66 1.62
C SER B 828 50.90 -30.92 2.23
N GLY B 829 51.93 -31.06 1.40
CA GLY B 829 53.26 -31.27 1.92
C GLY B 829 53.78 -30.07 2.70
N ALA B 830 53.59 -28.87 2.17
CA ALA B 830 54.08 -27.68 2.86
C ALA B 830 53.37 -27.47 4.20
N ILE B 831 52.12 -27.90 4.31
CA ILE B 831 51.40 -27.76 5.57
C ILE B 831 51.74 -28.88 6.54
N PHE B 832 51.89 -30.11 6.04
CA PHE B 832 52.25 -31.21 6.91
C PHE B 832 53.65 -31.03 7.48
N LEU B 833 54.57 -30.45 6.70
CA LEU B 833 55.90 -30.17 7.21
C LEU B 833 55.87 -29.15 8.33
N VAL B 834 55.04 -28.11 8.18
CA VAL B 834 54.90 -27.11 9.24
C VAL B 834 54.27 -27.74 10.47
N ASP B 835 53.29 -28.62 10.28
CA ASP B 835 52.67 -29.30 11.42
C ASP B 835 53.69 -30.17 12.14
N ILE B 836 54.55 -30.85 11.40
CA ILE B 836 55.60 -31.66 12.01
C ILE B 836 56.57 -30.78 12.79
N LEU B 837 56.94 -29.63 12.22
CA LEU B 837 57.84 -28.72 12.93
C LEU B 837 57.21 -28.21 14.22
N ALA B 838 55.93 -27.84 14.18
CA ALA B 838 55.27 -27.37 15.39
C ALA B 838 55.19 -28.48 16.44
N THR B 839 54.90 -29.71 15.99
CA THR B 839 54.85 -30.83 16.92
C THR B 839 56.21 -31.08 17.55
N CYS B 840 57.29 -30.96 16.77
CA CYS B 840 58.62 -31.12 17.33
C CYS B 840 58.94 -30.01 18.32
N PHE B 841 58.59 -28.78 17.98
CA PHE B 841 58.69 -27.65 18.90
C PHE B 841 58.06 -28.00 20.23
N THR B 842 56.84 -28.52 20.20
CA THR B 842 56.13 -28.81 21.44
C THR B 842 56.77 -29.96 22.19
N ILE B 843 57.15 -31.04 21.49
CA ILE B 843 57.67 -32.22 22.16
C ILE B 843 58.97 -31.91 22.88
N TRP B 844 59.87 -31.17 22.21
CA TRP B 844 61.17 -30.91 22.84
C TRP B 844 61.28 -29.52 23.44
N GLY B 845 60.33 -28.62 23.15
CA GLY B 845 60.29 -27.33 23.83
C GLY B 845 61.56 -26.53 23.72
N TRP B 846 62.12 -26.41 22.52
CA TRP B 846 63.42 -25.76 22.41
C TRP B 846 63.32 -24.24 22.23
N PHE B 847 62.28 -23.61 22.74
CA PHE B 847 62.30 -22.17 22.94
C PHE B 847 61.73 -21.79 24.31
N GLU B 848 61.39 -22.76 25.13
CA GLU B 848 61.00 -22.53 26.52
C GLU B 848 61.72 -23.53 27.42
N HIS B 849 61.40 -23.47 28.71
CA HIS B 849 62.22 -24.13 29.73
C HIS B 849 61.83 -25.57 30.00
N SER B 850 60.76 -26.08 29.42
CA SER B 850 60.32 -27.44 29.69
C SER B 850 59.69 -28.04 28.45
N ASP B 851 59.70 -29.37 28.39
CA ASP B 851 59.14 -30.11 27.28
C ASP B 851 57.72 -30.56 27.59
N THR B 852 57.06 -31.12 26.57
CA THR B 852 55.67 -31.52 26.65
C THR B 852 55.54 -33.01 26.39
N SER B 853 54.60 -33.65 27.06
CA SER B 853 54.45 -35.09 26.95
C SER B 853 54.00 -35.49 25.55
N ILE B 854 54.36 -36.72 25.17
CA ILE B 854 54.00 -37.23 23.85
C ILE B 854 52.50 -37.50 23.74
N VAL B 855 51.81 -37.64 24.87
CA VAL B 855 50.37 -37.82 24.82
C VAL B 855 49.65 -36.47 24.82
N ALA B 856 50.28 -35.45 25.41
CA ALA B 856 49.70 -34.11 25.35
C ALA B 856 49.61 -33.60 23.93
N VAL B 857 50.64 -33.86 23.11
CA VAL B 857 50.57 -33.44 21.71
C VAL B 857 49.49 -34.22 20.98
N VAL B 858 49.28 -35.48 21.33
CA VAL B 858 48.20 -36.25 20.71
C VAL B 858 46.86 -35.63 21.03
N ARG B 859 46.65 -35.26 22.30
CA ARG B 859 45.39 -34.64 22.69
C ARG B 859 45.22 -33.29 22.01
N ILE B 860 46.30 -32.53 21.87
CA ILE B 860 46.23 -31.24 21.19
C ILE B 860 45.86 -31.45 19.72
N TRP B 861 46.42 -32.47 19.09
CA TRP B 861 46.07 -32.78 17.71
C TRP B 861 44.59 -33.14 17.58
N ILE B 862 44.08 -33.95 18.51
CA ILE B 862 42.67 -34.33 18.46
C ILE B 862 41.77 -33.12 18.63
N PHE B 863 42.10 -32.26 19.60
CA PHE B 863 41.29 -31.07 19.83
C PHE B 863 41.36 -30.11 18.65
N SER B 864 42.55 -29.97 18.06
CA SER B 864 42.70 -29.10 16.90
C SER B 864 41.94 -29.64 15.70
N PHE B 865 41.90 -30.97 15.55
CA PHE B 865 41.11 -31.56 14.48
C PHE B 865 39.63 -31.34 14.72
N GLY B 866 39.17 -31.41 15.97
CA GLY B 866 37.78 -31.11 16.27
C GLY B 866 37.44 -29.66 15.96
N ILE B 867 38.32 -28.74 16.32
CA ILE B 867 38.11 -27.32 16.00
C ILE B 867 38.10 -27.13 14.50
N PHE B 868 38.99 -27.82 13.79
CA PHE B 868 39.02 -27.76 12.33
C PHE B 868 37.71 -28.25 11.73
N CYS B 869 37.18 -29.35 12.26
CA CYS B 869 35.92 -29.90 11.74
C CYS B 869 34.76 -28.96 12.00
N ILE B 870 34.65 -28.40 13.21
CA ILE B 870 33.53 -27.51 13.49
C ILE B 870 33.65 -26.22 12.68
N MET B 871 34.88 -25.73 12.49
CA MET B 871 35.10 -24.54 11.67
C MET B 871 34.77 -24.80 10.22
N GLY B 872 35.15 -25.97 9.69
CA GLY B 872 34.79 -26.32 8.33
C GLY B 872 33.29 -26.50 8.17
N GLY B 873 32.63 -27.07 9.17
CA GLY B 873 31.18 -27.18 9.11
C GLY B 873 30.49 -25.83 9.11
N VAL B 874 31.00 -24.89 9.92
CA VAL B 874 30.48 -23.53 9.91
C VAL B 874 30.68 -22.90 8.53
N TYR B 875 31.87 -23.09 7.95
CA TYR B 875 32.13 -22.52 6.63
C TYR B 875 31.23 -23.13 5.57
N TYR B 876 30.92 -24.42 5.69
CA TYR B 876 30.08 -25.09 4.71
C TYR B 876 28.62 -24.68 4.86
N ILE B 877 28.14 -24.55 6.09
CA ILE B 877 26.75 -24.17 6.32
C ILE B 877 26.47 -22.79 5.75
N LEU B 878 27.36 -21.84 6.03
CA LEU B 878 27.16 -20.46 5.63
C LEU B 878 27.68 -20.17 4.22
N GLN B 879 28.17 -21.17 3.50
CA GLN B 879 28.66 -20.94 2.15
C GLN B 879 27.55 -20.49 1.22
N ASP B 880 26.36 -21.08 1.35
CA ASP B 880 25.22 -20.68 0.54
C ASP B 880 23.96 -20.58 1.41
N SER B 892 12.42 -12.79 -17.29
CA SER B 892 11.70 -12.04 -16.27
C SER B 892 12.15 -10.58 -16.23
N PRO B 893 11.19 -9.66 -16.12
CA PRO B 893 11.54 -8.23 -16.03
C PRO B 893 12.29 -7.93 -14.76
N LYS B 894 13.57 -7.58 -14.87
CA LYS B 894 14.42 -7.30 -13.72
C LYS B 894 14.30 -5.84 -13.30
N GLY B 895 13.12 -5.45 -12.88
CA GLY B 895 12.90 -4.09 -12.42
C GLY B 895 11.59 -3.84 -11.71
N ASN B 896 11.61 -2.93 -10.74
CA ASN B 896 10.39 -2.44 -10.12
C ASN B 896 9.85 -1.31 -10.98
N GLN B 897 8.84 -0.58 -10.48
CA GLN B 897 8.31 0.55 -11.23
C GLN B 897 9.38 1.59 -11.49
N LYS B 898 10.25 1.83 -10.50
CA LYS B 898 11.30 2.83 -10.66
C LYS B 898 12.24 2.47 -11.80
N GLN B 899 12.67 1.21 -11.87
CA GLN B 899 13.67 0.81 -12.85
C GLN B 899 13.10 0.85 -14.27
N ARG B 900 11.91 0.26 -14.46
CA ARG B 900 11.29 0.29 -15.78
C ARG B 900 11.00 1.72 -16.20
N SER B 901 10.54 2.55 -15.27
CA SER B 901 10.30 3.96 -15.59
C SER B 901 11.59 4.65 -16.01
N LEU B 902 12.70 4.35 -15.33
CA LEU B 902 13.97 4.98 -15.67
C LEU B 902 14.44 4.58 -17.05
N GLU B 903 14.37 3.28 -17.37
CA GLU B 903 14.79 2.83 -18.69
C GLU B 903 13.89 3.40 -19.78
N ASP B 904 12.58 3.42 -19.53
CA ASP B 904 11.67 4.00 -20.50
C ASP B 904 11.97 5.47 -20.72
N PHE B 905 12.27 6.20 -19.64
CA PHE B 905 12.63 7.61 -19.77
C PHE B 905 13.90 7.80 -20.56
N VAL B 906 14.90 6.93 -20.34
CA VAL B 906 16.16 7.05 -21.07
C VAL B 906 15.93 6.86 -22.56
N VAL B 907 15.23 5.78 -22.93
CA VAL B 907 15.00 5.51 -24.34
C VAL B 907 14.13 6.59 -24.97
N SER B 908 13.11 7.04 -24.24
CA SER B 908 12.22 8.08 -24.75
C SER B 908 12.95 9.39 -24.98
N LEU B 909 13.85 9.77 -24.05
CA LEU B 909 14.59 11.00 -24.24
C LEU B 909 15.54 10.89 -25.42
N GLN B 910 16.14 9.71 -25.61
CA GLN B 910 16.95 9.50 -26.82
C GLN B 910 16.10 9.70 -28.07
N ARG B 911 14.92 9.10 -28.10
CA ARG B 911 14.07 9.19 -29.29
C ARG B 911 13.61 10.61 -29.55
N VAL B 912 13.20 11.33 -28.50
CA VAL B 912 12.73 12.70 -28.71
C VAL B 912 13.87 13.62 -29.08
N SER B 913 15.08 13.37 -28.55
CA SER B 913 16.24 14.13 -28.99
C SER B 913 16.49 13.94 -30.47
N THR B 914 16.42 12.69 -30.95
CA THR B 914 16.55 12.45 -32.38
C THR B 914 15.43 13.13 -33.17
N GLN B 915 14.20 13.07 -32.64
CA GLN B 915 13.05 13.60 -33.36
C GLN B 915 13.14 15.11 -33.54
N HIS B 916 13.51 15.78 -32.48
CA HIS B 916 13.63 17.22 -32.53
C HIS B 916 14.81 17.55 -33.36
N GLU B 917 15.89 16.81 -33.23
CA GLU B 917 17.08 17.11 -34.00
C GLU B 917 16.79 17.04 -35.49
N LYS B 918 15.86 16.16 -35.88
CA LYS B 918 15.38 16.16 -37.26
C LYS B 918 14.78 17.51 -37.63
N SER B 919 14.16 18.19 -36.66
CA SER B 919 13.63 19.55 -36.82
C SER B 919 12.58 19.60 -37.92
N GLN B 920 11.52 18.82 -37.73
CA GLN B 920 10.35 18.76 -38.61
C GLN B 920 10.69 18.86 -40.11
N GLU C 66 38.78 -45.37 -33.17
CA GLU C 66 39.09 -46.63 -33.83
C GLU C 66 38.03 -46.97 -34.87
N ALA C 67 38.35 -46.77 -36.15
CA ALA C 67 37.44 -47.11 -37.23
C ALA C 67 37.97 -48.24 -38.10
N THR C 68 39.15 -48.07 -38.71
CA THR C 68 39.77 -49.13 -39.49
C THR C 68 40.55 -50.13 -38.62
N PRO C 69 41.34 -49.73 -37.64
CA PRO C 69 42.11 -50.71 -36.86
C PRO C 69 41.44 -51.17 -35.58
N GLY C 70 40.19 -50.80 -35.33
CA GLY C 70 39.51 -51.17 -34.10
C GLY C 70 38.32 -52.07 -34.32
N GLY C 71 38.38 -52.91 -35.36
CA GLY C 71 37.30 -53.83 -35.63
C GLY C 71 36.40 -53.40 -36.76
N GLY C 72 36.98 -52.88 -37.85
CA GLY C 72 36.20 -52.50 -39.01
C GLY C 72 37.01 -52.48 -40.28
N ARG C 73 36.54 -53.19 -41.29
CA ARG C 73 37.16 -53.27 -42.61
C ARG C 73 36.13 -53.88 -43.56
N VAL C 74 36.57 -54.29 -44.75
CA VAL C 74 35.62 -54.75 -45.76
C VAL C 74 34.90 -56.02 -45.32
N VAL C 75 35.59 -56.96 -44.69
CA VAL C 75 34.98 -58.26 -44.38
C VAL C 75 33.91 -58.17 -43.29
N PRO C 76 33.90 -57.19 -42.40
CA PRO C 76 32.65 -56.90 -41.65
C PRO C 76 31.77 -55.80 -42.25
N GLU C 77 32.12 -55.27 -43.43
CA GLU C 77 31.35 -54.18 -44.03
C GLU C 77 30.67 -54.59 -45.33
N ASP C 78 31.43 -55.04 -46.32
CA ASP C 78 30.87 -55.39 -47.62
C ASP C 78 30.57 -56.87 -47.75
N MET C 79 31.26 -57.74 -47.00
CA MET C 79 30.85 -59.14 -46.93
C MET C 79 29.51 -59.31 -46.23
N LEU C 80 29.05 -58.29 -45.50
CA LEU C 80 27.65 -58.26 -45.08
C LEU C 80 26.73 -58.28 -46.28
N GLN C 81 26.99 -57.41 -47.25
CA GLN C 81 26.15 -57.27 -48.44
C GLN C 81 26.68 -58.16 -49.57
N THR C 82 26.73 -59.46 -49.26
CA THR C 82 26.94 -60.49 -50.27
C THR C 82 25.72 -61.33 -50.52
N ASP C 83 24.79 -61.38 -49.56
CA ASP C 83 23.51 -62.04 -49.72
C ASP C 83 22.42 -61.02 -50.05
N THR C 84 21.20 -61.51 -50.20
CA THR C 84 20.07 -60.63 -50.45
C THR C 84 19.68 -59.91 -49.16
N ARG C 85 18.61 -59.12 -49.26
CA ARG C 85 18.12 -58.37 -48.09
C ARG C 85 17.66 -59.33 -47.00
N VAL C 86 16.94 -60.38 -47.37
CA VAL C 86 16.35 -61.31 -46.41
C VAL C 86 17.18 -62.59 -46.41
N GLY C 87 18.02 -62.72 -45.39
CA GLY C 87 18.80 -63.93 -45.20
C GLY C 87 20.08 -63.71 -44.42
N LEU C 88 20.39 -64.61 -43.49
CA LEU C 88 21.65 -64.56 -42.75
C LEU C 88 21.90 -65.93 -42.14
N THR C 89 23.12 -66.44 -42.30
CA THR C 89 23.46 -67.76 -41.80
C THR C 89 24.89 -67.75 -41.25
N SER C 90 25.14 -68.68 -40.33
CA SER C 90 26.49 -69.08 -39.91
C SER C 90 27.28 -67.91 -39.32
N GLU C 91 26.83 -67.47 -38.14
CA GLU C 91 27.76 -66.73 -37.29
C GLU C 91 28.91 -67.67 -36.97
N GLU C 92 30.08 -67.46 -37.60
CA GLU C 92 30.97 -68.60 -37.73
C GLU C 92 31.90 -68.79 -36.54
N VAL C 93 32.94 -67.96 -36.42
CA VAL C 93 33.96 -68.10 -35.38
C VAL C 93 34.29 -66.71 -34.84
N VAL C 94 33.26 -65.86 -34.66
CA VAL C 94 33.37 -64.40 -34.75
C VAL C 94 34.57 -63.80 -34.02
N GLN C 95 35.18 -64.54 -33.10
CA GLN C 95 36.46 -64.25 -32.41
C GLN C 95 36.34 -63.18 -31.35
N ARG C 96 35.24 -62.44 -31.26
CA ARG C 96 35.10 -61.38 -30.28
C ARG C 96 33.63 -61.01 -30.19
N ARG C 97 33.05 -61.11 -29.01
CA ARG C 97 31.70 -60.64 -28.76
C ARG C 97 31.80 -59.47 -27.80
N ARG C 98 32.07 -58.29 -28.35
CA ARG C 98 32.15 -57.05 -27.61
C ARG C 98 30.82 -56.33 -27.84
N LYS C 99 29.81 -56.73 -27.08
CA LYS C 99 28.43 -56.33 -27.36
C LYS C 99 27.64 -55.87 -26.15
N TYR C 100 28.02 -56.24 -24.94
CA TYR C 100 27.15 -56.12 -23.77
C TYR C 100 27.49 -54.88 -22.96
N GLY C 101 27.28 -53.71 -23.56
CA GLY C 101 27.57 -52.46 -22.87
C GLY C 101 29.01 -52.43 -22.43
N LEU C 102 29.93 -52.28 -23.38
CA LEU C 102 31.34 -52.67 -23.24
C LEU C 102 31.93 -52.23 -21.91
N ASN C 103 32.32 -53.22 -21.11
CA ASN C 103 33.04 -53.01 -19.85
C ASN C 103 32.29 -52.06 -18.92
N GLN C 104 30.97 -52.19 -18.87
CA GLN C 104 30.15 -51.42 -17.94
C GLN C 104 29.45 -52.32 -16.92
N MET C 105 28.69 -53.31 -17.38
CA MET C 105 28.08 -54.26 -16.46
C MET C 105 28.98 -55.46 -16.22
N LYS C 106 29.71 -55.89 -17.24
CA LYS C 106 30.65 -57.01 -17.13
C LYS C 106 31.99 -56.58 -16.54
N GLU C 107 32.19 -55.29 -16.31
CA GLU C 107 33.45 -54.78 -15.75
C GLU C 107 33.71 -55.39 -14.38
N GLU C 108 34.77 -56.18 -14.27
CA GLU C 108 35.13 -56.88 -13.04
C GLU C 108 33.94 -57.73 -12.55
N LYS C 109 33.62 -58.72 -13.38
CA LYS C 109 32.39 -59.49 -13.21
C LYS C 109 32.38 -60.21 -11.87
N GLU C 110 31.27 -60.06 -11.15
CA GLU C 110 30.96 -60.79 -9.92
C GLU C 110 32.18 -60.90 -9.01
N ASN C 111 32.72 -59.73 -8.63
CA ASN C 111 33.83 -59.72 -7.68
C ASN C 111 33.41 -60.34 -6.35
N HIS C 112 32.30 -59.85 -5.79
CA HIS C 112 31.54 -60.49 -4.73
C HIS C 112 32.34 -60.68 -3.45
N PHE C 113 33.58 -60.21 -3.40
CA PHE C 113 34.37 -60.23 -2.17
C PHE C 113 35.09 -58.93 -1.87
N LEU C 114 35.23 -58.01 -2.82
CA LEU C 114 35.76 -56.68 -2.53
C LEU C 114 34.67 -55.70 -2.14
N LYS C 115 33.40 -56.07 -2.27
CA LYS C 115 32.33 -55.30 -1.66
C LYS C 115 32.25 -55.55 -0.16
N PHE C 116 32.57 -56.78 0.26
CA PHE C 116 32.53 -57.10 1.69
C PHE C 116 33.62 -56.37 2.45
N LEU C 117 34.85 -56.42 1.96
CA LEU C 117 35.94 -55.69 2.61
C LEU C 117 35.80 -54.19 2.42
N GLY C 118 35.11 -53.76 1.36
CA GLY C 118 34.89 -52.34 1.16
C GLY C 118 34.08 -51.71 2.27
N PHE C 119 33.18 -52.47 2.88
CA PHE C 119 32.40 -51.99 4.00
C PHE C 119 33.17 -52.02 5.31
N PHE C 120 34.33 -52.67 5.35
CA PHE C 120 35.18 -52.68 6.52
C PHE C 120 36.20 -51.55 6.52
N VAL C 121 36.18 -50.68 5.51
CA VAL C 121 37.12 -49.58 5.40
C VAL C 121 36.33 -48.29 5.18
N GLY C 122 36.66 -47.26 5.95
CA GLY C 122 35.99 -45.98 5.86
C GLY C 122 36.29 -45.13 7.08
N PRO C 123 35.65 -43.95 7.16
CA PRO C 123 35.86 -43.09 8.32
C PRO C 123 35.40 -43.72 9.63
N ILE C 124 34.13 -44.11 9.70
CA ILE C 124 33.59 -44.69 10.94
C ILE C 124 34.21 -46.06 11.20
N GLN C 125 34.36 -46.87 10.14
CA GLN C 125 34.96 -48.19 10.32
C GLN C 125 36.38 -48.10 10.85
N PHE C 126 37.11 -47.05 10.49
CA PHE C 126 38.44 -46.84 11.07
C PHE C 126 38.34 -46.53 12.55
N VAL C 127 37.33 -45.75 12.96
CA VAL C 127 37.13 -45.47 14.37
C VAL C 127 36.84 -46.76 15.14
N MET C 128 35.99 -47.61 14.56
CA MET C 128 35.69 -48.89 15.21
C MET C 128 36.91 -49.80 15.25
N GLU C 129 37.73 -49.79 14.20
CA GLU C 129 38.95 -50.60 14.22
C GLU C 129 39.92 -50.11 15.29
N GLY C 130 40.07 -48.79 15.41
CA GLY C 130 40.90 -48.25 16.47
C GLY C 130 40.35 -48.59 17.85
N ALA C 131 39.02 -48.61 17.99
CA ALA C 131 38.41 -49.01 19.25
C ALA C 131 38.72 -50.46 19.57
N ALA C 132 38.56 -51.35 18.60
CA ALA C 132 38.81 -52.77 18.82
C ALA C 132 40.29 -53.07 19.04
N VAL C 133 41.18 -52.23 18.50
CA VAL C 133 42.60 -52.44 18.74
C VAL C 133 43.00 -51.89 20.10
N LEU C 134 42.51 -50.71 20.46
CA LEU C 134 42.84 -50.08 21.73
C LEU C 134 42.13 -50.71 22.91
N ALA C 135 41.43 -51.83 22.73
CA ALA C 135 40.90 -52.60 23.85
C ALA C 135 41.91 -53.64 24.32
N ALA C 136 43.14 -53.18 24.57
CA ALA C 136 44.26 -54.04 24.94
C ALA C 136 44.42 -55.20 23.96
N GLY C 137 44.18 -54.92 22.68
CA GLY C 137 44.24 -55.96 21.68
C GLY C 137 43.19 -57.02 21.92
N LEU C 138 43.62 -58.28 21.86
CA LEU C 138 42.75 -59.43 22.09
C LEU C 138 42.82 -59.93 23.54
N GLU C 139 43.01 -59.01 24.49
CA GLU C 139 43.13 -59.39 25.90
C GLU C 139 41.93 -60.21 26.36
N ASP C 140 40.74 -59.62 26.33
CA ASP C 140 39.53 -60.28 26.75
C ASP C 140 38.42 -60.00 25.75
N TRP C 141 37.58 -61.01 25.50
CA TRP C 141 36.52 -60.92 24.49
C TRP C 141 35.23 -60.39 25.13
N VAL C 142 35.33 -59.18 25.66
CA VAL C 142 34.15 -58.50 26.22
C VAL C 142 33.95 -57.16 25.52
N ASP C 143 34.98 -56.30 25.52
CA ASP C 143 34.92 -55.06 24.76
C ASP C 143 35.27 -55.31 23.30
N PHE C 144 36.39 -55.99 23.06
CA PHE C 144 36.77 -56.34 21.69
C PHE C 144 35.68 -57.16 21.02
N GLY C 145 35.14 -58.14 21.73
CA GLY C 145 34.13 -59.00 21.14
C GLY C 145 32.90 -58.23 20.70
N VAL C 146 32.39 -57.36 21.58
CA VAL C 146 31.16 -56.64 21.26
C VAL C 146 31.40 -55.60 20.16
N ILE C 147 32.56 -54.92 20.19
CA ILE C 147 32.84 -53.93 19.17
C ILE C 147 33.00 -54.58 17.80
N CYS C 148 33.76 -55.68 17.74
CA CYS C 148 33.92 -56.38 16.47
C CYS C 148 32.60 -56.99 16.03
N GLY C 149 31.75 -57.41 16.96
CA GLY C 149 30.44 -57.90 16.58
C GLY C 149 29.59 -56.81 15.94
N LEU C 150 29.61 -55.61 16.50
CA LEU C 150 28.86 -54.51 15.89
C LEU C 150 29.41 -54.17 14.52
N LEU C 151 30.74 -54.11 14.39
CA LEU C 151 31.33 -53.80 13.09
C LEU C 151 30.98 -54.85 12.06
N LEU C 152 31.04 -56.13 12.44
CA LEU C 152 30.68 -57.20 11.53
C LEU C 152 29.21 -57.14 11.17
N LEU C 153 28.35 -56.81 12.13
CA LEU C 153 26.92 -56.73 11.83
C LEU C 153 26.64 -55.61 10.85
N ASN C 154 27.26 -54.45 11.04
CA ASN C 154 27.08 -53.36 10.08
C ASN C 154 27.58 -53.75 8.70
N ALA C 155 28.76 -54.37 8.62
CA ALA C 155 29.28 -54.78 7.34
C ALA C 155 28.39 -55.80 6.65
N VAL C 156 27.92 -56.80 7.38
CA VAL C 156 27.07 -57.83 6.80
C VAL C 156 25.72 -57.28 6.37
N VAL C 157 25.11 -56.41 7.18
CA VAL C 157 23.84 -55.82 6.81
C VAL C 157 23.99 -54.96 5.56
N GLY C 158 25.05 -54.14 5.51
CA GLY C 158 25.29 -53.34 4.32
C GLY C 158 25.51 -54.19 3.09
N PHE C 159 26.30 -55.26 3.22
CA PHE C 159 26.55 -56.14 2.08
C PHE C 159 25.26 -56.81 1.60
N VAL C 160 24.44 -57.31 2.52
CA VAL C 160 23.20 -57.97 2.14
C VAL C 160 22.27 -56.98 1.46
N GLN C 161 22.16 -55.76 2.00
CA GLN C 161 21.27 -54.78 1.42
C GLN C 161 21.73 -54.38 0.02
N GLU C 162 23.04 -54.15 -0.16
CA GLU C 162 23.54 -53.82 -1.49
C GLU C 162 23.35 -54.97 -2.46
N PHE C 163 23.55 -56.21 -2.00
CA PHE C 163 23.34 -57.36 -2.86
C PHE C 163 21.89 -57.46 -3.30
N GLN C 164 20.95 -57.26 -2.37
CA GLN C 164 19.54 -57.31 -2.72
C GLN C 164 19.17 -56.19 -3.69
N ALA C 165 19.69 -54.98 -3.45
CA ALA C 165 19.36 -53.86 -4.31
C ALA C 165 19.99 -53.96 -5.69
N GLY C 166 21.11 -54.67 -5.82
CA GLY C 166 21.75 -54.81 -7.11
C GLY C 166 21.33 -56.06 -7.85
N SER C 167 20.74 -57.01 -7.14
CA SER C 167 20.23 -58.23 -7.76
C SER C 167 18.77 -58.11 -8.16
N ILE C 168 18.13 -56.99 -7.87
CA ILE C 168 16.75 -56.77 -8.27
C ILE C 168 16.59 -55.60 -9.23
N VAL C 169 17.52 -54.65 -9.24
CA VAL C 169 17.48 -53.61 -10.27
C VAL C 169 17.94 -54.18 -11.61
N ASP C 170 18.74 -55.24 -11.59
CA ASP C 170 19.14 -55.89 -12.82
C ASP C 170 18.03 -56.77 -13.40
N GLU C 171 17.17 -57.30 -12.53
CA GLU C 171 16.02 -58.07 -13.03
C GLU C 171 15.02 -57.18 -13.74
N LEU C 172 14.95 -55.89 -13.35
CA LEU C 172 14.13 -54.94 -14.09
C LEU C 172 14.80 -54.51 -15.39
N LYS C 173 16.14 -54.41 -15.39
CA LYS C 173 16.86 -54.10 -16.61
C LYS C 173 16.69 -55.21 -17.65
N LYS C 174 16.68 -56.47 -17.18
CA LYS C 174 16.56 -57.59 -18.12
C LYS C 174 15.20 -57.59 -18.81
N THR C 175 14.13 -57.29 -18.09
CA THR C 175 12.78 -57.31 -18.65
C THR C 175 12.47 -56.06 -19.46
N LEU C 176 13.46 -55.22 -19.75
CA LEU C 176 13.24 -53.96 -20.44
C LEU C 176 14.30 -53.71 -21.51
N ALA C 177 15.14 -54.69 -21.81
CA ALA C 177 16.20 -54.52 -22.79
C ALA C 177 15.60 -54.33 -24.19
N LEU C 178 16.26 -53.50 -24.99
CA LEU C 178 15.79 -53.16 -26.32
C LEU C 178 16.14 -54.30 -27.28
N LYS C 179 15.24 -55.28 -27.35
CA LYS C 179 15.44 -56.42 -28.23
C LYS C 179 15.50 -55.99 -29.69
N ALA C 180 16.34 -56.67 -30.46
CA ALA C 180 16.69 -56.27 -31.83
C ALA C 180 16.28 -57.36 -32.81
N VAL C 181 15.68 -56.95 -33.93
CA VAL C 181 15.15 -57.87 -34.92
C VAL C 181 16.11 -57.94 -36.12
N VAL C 182 16.43 -59.16 -36.54
CA VAL C 182 17.18 -59.42 -37.77
C VAL C 182 16.44 -60.55 -38.48
N LEU C 183 16.19 -60.39 -39.77
CA LEU C 183 15.42 -61.37 -40.52
C LEU C 183 16.36 -62.30 -41.29
N ARG C 184 16.25 -63.59 -41.04
CA ARG C 184 16.99 -64.63 -41.74
C ARG C 184 16.04 -65.38 -42.67
N ASP C 185 16.53 -66.49 -43.23
CA ASP C 185 15.77 -67.29 -44.19
C ASP C 185 14.32 -67.50 -43.75
N GLY C 186 14.11 -67.84 -42.48
CA GLY C 186 12.78 -68.04 -41.94
C GLY C 186 12.27 -66.82 -41.20
N THR C 187 11.09 -66.97 -40.60
CA THR C 187 10.48 -65.89 -39.83
C THR C 187 11.07 -65.89 -38.41
N LEU C 188 12.35 -65.53 -38.35
CA LEU C 188 13.03 -65.43 -37.07
C LEU C 188 12.34 -64.39 -36.20
N LYS C 189 12.05 -64.76 -34.95
CA LYS C 189 11.27 -63.88 -34.08
C LYS C 189 11.99 -62.57 -33.83
N GLU C 190 13.11 -62.63 -33.11
CA GLU C 190 13.88 -61.44 -32.75
C GLU C 190 15.09 -61.89 -31.94
N ILE C 191 16.10 -61.04 -31.88
CA ILE C 191 17.35 -61.33 -31.18
C ILE C 191 17.44 -60.47 -29.93
N GLU C 192 17.74 -61.10 -28.80
CA GLU C 192 17.93 -60.39 -27.55
C GLU C 192 19.12 -59.44 -27.68
N ALA C 193 19.00 -58.26 -27.06
CA ALA C 193 19.66 -57.02 -27.50
C ALA C 193 21.15 -57.13 -27.79
N PRO C 194 22.01 -57.45 -26.83
CA PRO C 194 23.45 -57.37 -27.11
C PRO C 194 23.97 -58.54 -27.94
N GLU C 195 23.47 -59.76 -27.74
CA GLU C 195 24.04 -60.94 -28.39
C GLU C 195 23.58 -61.00 -29.85
N VAL C 196 24.05 -60.00 -30.60
CA VAL C 196 23.92 -59.96 -32.05
C VAL C 196 25.32 -59.73 -32.62
N VAL C 197 25.68 -60.51 -33.64
CA VAL C 197 27.04 -60.47 -34.18
C VAL C 197 27.29 -59.14 -34.87
N PRO C 198 28.51 -58.58 -34.78
CA PRO C 198 28.82 -57.38 -35.54
C PRO C 198 28.90 -57.69 -37.04
N GLY C 199 28.77 -56.63 -37.83
CA GLY C 199 28.73 -56.81 -39.27
C GLY C 199 27.53 -57.64 -39.71
N ASP C 200 26.36 -57.35 -39.16
CA ASP C 200 25.14 -58.10 -39.47
C ASP C 200 24.04 -57.13 -39.88
N ILE C 201 23.07 -57.65 -40.62
CA ILE C 201 21.94 -56.83 -41.06
C ILE C 201 21.11 -56.42 -39.86
N LEU C 202 20.27 -55.41 -40.07
CA LEU C 202 19.36 -54.90 -39.06
C LEU C 202 18.11 -54.36 -39.73
N GLN C 203 17.00 -54.36 -39.00
CA GLN C 203 15.74 -53.84 -39.49
C GLN C 203 15.22 -52.82 -38.48
N VAL C 204 15.49 -51.54 -38.75
CA VAL C 204 14.94 -50.46 -37.95
C VAL C 204 13.59 -50.06 -38.54
N GLU C 205 12.55 -50.11 -37.72
CA GLU C 205 11.17 -50.01 -38.21
C GLU C 205 10.37 -49.05 -37.32
N GLU C 206 10.26 -47.80 -37.76
CA GLU C 206 9.26 -46.86 -37.27
C GLU C 206 9.23 -46.78 -35.74
N GLY C 207 10.30 -46.22 -35.18
CA GLY C 207 10.35 -46.00 -33.75
C GLY C 207 10.98 -47.12 -32.97
N THR C 208 12.18 -47.53 -33.37
CA THR C 208 12.96 -48.53 -32.66
C THR C 208 14.35 -47.99 -32.39
N ILE C 209 14.82 -48.18 -31.16
CA ILE C 209 16.16 -47.74 -30.81
C ILE C 209 17.18 -48.55 -31.61
N ILE C 210 18.04 -47.84 -32.35
CA ILE C 210 18.99 -48.47 -33.25
C ILE C 210 19.98 -49.28 -32.43
N PRO C 211 19.89 -50.62 -32.46
CA PRO C 211 20.65 -51.44 -31.50
C PRO C 211 22.15 -51.35 -31.67
N ALA C 212 22.64 -51.20 -32.90
CA ALA C 212 24.07 -51.21 -33.15
C ALA C 212 24.43 -50.07 -34.10
N ASP C 213 25.56 -49.42 -33.81
CA ASP C 213 26.05 -48.35 -34.67
C ASP C 213 26.43 -48.91 -36.04
N GLY C 214 26.37 -48.05 -37.05
CA GLY C 214 26.78 -48.48 -38.38
C GLY C 214 26.25 -47.57 -39.46
N ARG C 215 26.04 -48.16 -40.64
CA ARG C 215 25.68 -47.45 -41.86
C ARG C 215 24.50 -48.15 -42.54
N ILE C 216 23.89 -47.44 -43.48
CA ILE C 216 22.64 -47.87 -44.11
C ILE C 216 22.97 -48.88 -45.22
N VAL C 217 21.98 -49.67 -45.61
CA VAL C 217 22.11 -50.66 -46.68
C VAL C 217 21.65 -50.02 -47.99
N THR C 218 22.19 -50.54 -49.09
CA THR C 218 22.03 -49.98 -50.44
C THR C 218 20.60 -49.66 -50.86
N ASP C 219 19.61 -50.31 -50.26
CA ASP C 219 18.22 -50.06 -50.65
C ASP C 219 17.86 -48.60 -50.40
N ASP C 220 17.08 -48.02 -51.33
CA ASP C 220 16.82 -46.59 -51.35
C ASP C 220 15.59 -46.27 -50.51
N ALA C 221 15.81 -45.55 -49.40
CA ALA C 221 14.77 -45.04 -48.53
C ALA C 221 15.41 -44.14 -47.49
N PHE C 222 14.68 -43.10 -47.08
CA PHE C 222 15.17 -42.14 -46.10
C PHE C 222 14.45 -42.35 -44.78
N LEU C 223 15.22 -42.46 -43.71
CA LEU C 223 14.69 -42.60 -42.36
C LEU C 223 15.10 -41.39 -41.53
N GLN C 224 14.12 -40.77 -40.89
CA GLN C 224 14.37 -39.58 -40.06
C GLN C 224 14.73 -40.06 -38.67
N VAL C 225 16.02 -40.05 -38.36
CA VAL C 225 16.50 -40.50 -37.06
C VAL C 225 16.30 -39.39 -36.04
N ASP C 226 15.69 -39.73 -34.91
CA ASP C 226 15.50 -38.77 -33.83
C ASP C 226 16.80 -38.62 -33.06
N GLN C 227 17.39 -37.43 -33.15
CA GLN C 227 18.69 -37.12 -32.56
C GLN C 227 18.52 -36.02 -31.53
N SER C 228 19.65 -35.45 -31.12
CA SER C 228 19.88 -34.54 -29.98
C SER C 228 20.04 -35.35 -28.69
N ALA C 229 19.91 -36.68 -28.75
CA ALA C 229 20.36 -37.50 -27.62
C ALA C 229 21.88 -37.60 -27.59
N LEU C 230 22.52 -37.65 -28.76
CA LEU C 230 23.96 -37.66 -28.87
C LEU C 230 24.51 -36.49 -29.68
N THR C 231 23.68 -35.78 -30.42
CA THR C 231 24.07 -34.63 -31.23
C THR C 231 23.34 -33.39 -30.73
N GLY C 232 23.42 -32.31 -31.51
CA GLY C 232 22.81 -31.07 -31.10
C GLY C 232 21.39 -30.82 -31.60
N GLU C 233 21.18 -30.91 -32.91
CA GLU C 233 19.92 -30.46 -33.50
C GLU C 233 18.77 -31.39 -33.13
N SER C 234 17.63 -30.79 -32.78
CA SER C 234 16.42 -31.53 -32.44
C SER C 234 15.48 -31.71 -33.62
N LEU C 235 15.84 -31.19 -34.79
CA LEU C 235 14.98 -31.25 -35.96
C LEU C 235 15.19 -32.59 -36.67
N ALA C 236 14.69 -32.70 -37.89
CA ALA C 236 14.83 -33.92 -38.68
C ALA C 236 16.28 -34.07 -39.11
N VAL C 237 16.97 -35.07 -38.55
CA VAL C 237 18.32 -35.42 -38.98
C VAL C 237 18.15 -36.57 -39.97
N ASP C 238 18.00 -36.21 -41.25
CA ASP C 238 17.61 -37.17 -42.28
C ASP C 238 18.84 -37.67 -43.01
N LYS C 239 19.51 -38.65 -42.41
CA LYS C 239 20.51 -39.41 -43.13
C LYS C 239 19.83 -40.31 -44.15
N HIS C 240 20.37 -40.35 -45.36
CA HIS C 240 19.71 -41.01 -46.48
C HIS C 240 20.39 -42.30 -46.89
N LYS C 241 21.68 -42.25 -47.25
CA LYS C 241 22.39 -43.44 -47.69
C LYS C 241 23.85 -43.35 -47.29
N GLY C 242 24.35 -44.41 -46.66
CA GLY C 242 25.77 -44.53 -46.36
C GLY C 242 26.28 -43.66 -45.23
N ASP C 243 25.41 -42.88 -44.59
CA ASP C 243 25.85 -42.03 -43.50
C ASP C 243 26.00 -42.83 -42.21
N GLN C 244 26.57 -42.19 -41.20
CA GLN C 244 26.83 -42.86 -39.92
C GLN C 244 25.54 -42.88 -39.10
N VAL C 245 24.94 -44.05 -38.99
CA VAL C 245 23.73 -44.25 -38.19
C VAL C 245 24.16 -44.48 -36.74
N PHE C 246 23.68 -43.63 -35.84
CA PHE C 246 24.15 -43.61 -34.47
C PHE C 246 23.34 -44.55 -33.60
N ALA C 247 24.04 -45.38 -32.82
CA ALA C 247 23.38 -46.31 -31.92
C ALA C 247 22.73 -45.56 -30.76
N SER C 248 21.81 -46.24 -30.09
CA SER C 248 21.04 -45.67 -28.98
C SER C 248 20.31 -44.40 -29.41
N SER C 249 19.79 -44.42 -30.63
CA SER C 249 18.99 -43.32 -31.16
C SER C 249 17.75 -43.87 -31.83
N ALA C 250 16.70 -43.06 -31.85
CA ALA C 250 15.41 -43.48 -32.40
C ALA C 250 15.31 -43.11 -33.88
N VAL C 251 14.26 -43.63 -34.51
CA VAL C 251 13.91 -43.26 -35.88
C VAL C 251 12.48 -42.74 -35.90
N LYS C 252 12.33 -41.47 -36.30
CA LYS C 252 11.00 -40.86 -36.32
C LYS C 252 10.11 -41.52 -37.35
N ARG C 253 10.64 -41.82 -38.53
CA ARG C 253 9.90 -42.50 -39.60
C ARG C 253 10.90 -43.00 -40.61
N GLY C 254 10.61 -44.14 -41.22
CA GLY C 254 11.46 -44.66 -42.27
C GLY C 254 11.45 -46.17 -42.28
N GLU C 255 12.05 -46.72 -43.34
CA GLU C 255 12.16 -48.16 -43.52
C GLU C 255 13.49 -48.44 -44.23
N ALA C 256 14.52 -48.76 -43.46
CA ALA C 256 15.84 -48.99 -44.02
C ALA C 256 16.52 -50.13 -43.25
N PHE C 257 17.63 -50.60 -43.81
CA PHE C 257 18.44 -51.65 -43.21
C PHE C 257 19.82 -51.10 -42.90
N VAL C 258 20.44 -51.63 -41.86
CA VAL C 258 21.67 -51.08 -41.31
C VAL C 258 22.76 -52.13 -41.34
N VAL C 259 23.98 -51.71 -41.65
CA VAL C 259 25.17 -52.54 -41.53
C VAL C 259 25.97 -52.13 -40.32
N ILE C 260 26.34 -53.11 -39.51
CA ILE C 260 26.88 -52.84 -38.18
C ILE C 260 28.34 -52.40 -38.30
N THR C 261 28.67 -51.29 -37.65
CA THR C 261 30.03 -50.80 -37.53
C THR C 261 30.21 -50.23 -36.13
N ALA C 262 31.28 -50.63 -35.45
CA ALA C 262 31.54 -50.22 -34.06
C ALA C 262 30.39 -50.67 -33.15
N THR C 263 30.25 -51.99 -33.01
CA THR C 263 29.14 -52.57 -32.28
C THR C 263 29.11 -52.15 -30.81
N GLY C 264 30.22 -51.69 -30.26
CA GLY C 264 30.24 -51.22 -28.89
C GLY C 264 31.17 -50.04 -28.69
N ASP C 265 31.71 -49.53 -29.77
CA ASP C 265 32.70 -48.45 -29.73
C ASP C 265 32.04 -47.10 -29.92
N ASN C 266 32.75 -46.06 -29.47
CA ASN C 266 32.44 -44.64 -29.65
C ASN C 266 30.95 -44.31 -29.57
N THR C 267 30.25 -44.90 -28.61
CA THR C 267 28.85 -44.56 -28.38
C THR C 267 28.78 -43.19 -27.72
N PHE C 268 28.68 -42.15 -28.53
CA PHE C 268 28.74 -40.78 -28.05
C PHE C 268 27.35 -40.17 -27.90
N GLY C 284 19.65 -40.07 -8.27
CA GLY C 284 18.42 -39.37 -8.59
C GLY C 284 18.25 -38.07 -7.82
N HIS C 285 17.22 -38.01 -6.98
CA HIS C 285 17.00 -36.82 -6.17
C HIS C 285 16.94 -37.19 -4.69
N PHE C 286 16.48 -38.40 -4.38
CA PHE C 286 16.49 -38.84 -2.99
C PHE C 286 17.91 -39.09 -2.50
N THR C 287 18.84 -39.39 -3.43
CA THR C 287 20.23 -39.58 -3.05
C THR C 287 20.86 -38.28 -2.58
N GLU C 288 20.57 -37.16 -3.26
CA GLU C 288 21.10 -35.87 -2.83
C GLU C 288 20.51 -35.45 -1.50
N VAL C 289 19.21 -35.71 -1.29
CA VAL C 289 18.59 -35.42 -0.01
C VAL C 289 19.24 -36.24 1.10
N LEU C 290 19.52 -37.52 0.83
CA LEU C 290 20.21 -38.34 1.80
C LEU C 290 21.60 -37.83 2.08
N ASN C 291 22.31 -37.37 1.05
CA ASN C 291 23.66 -36.84 1.25
C ASN C 291 23.62 -35.60 2.14
N GLY C 292 22.67 -34.70 1.89
CA GLY C 292 22.56 -33.53 2.74
C GLY C 292 22.19 -33.88 4.17
N ILE C 293 21.27 -34.83 4.35
CA ILE C 293 20.89 -35.25 5.69
C ILE C 293 22.07 -35.87 6.41
N GLY C 294 22.85 -36.70 5.71
CA GLY C 294 24.02 -37.30 6.32
C GLY C 294 25.07 -36.27 6.69
N THR C 295 25.24 -35.24 5.86
CA THR C 295 26.17 -34.17 6.19
C THR C 295 25.74 -33.43 7.45
N ILE C 296 24.44 -33.12 7.56
CA ILE C 296 23.97 -32.42 8.74
C ILE C 296 24.10 -33.29 9.97
N LEU C 297 23.85 -34.60 9.83
CA LEU C 297 24.04 -35.51 10.96
C LEU C 297 25.49 -35.58 11.38
N LEU C 298 26.42 -35.59 10.42
CA LEU C 298 27.84 -35.53 10.74
C LEU C 298 28.18 -34.25 11.48
N ILE C 299 27.60 -33.12 11.07
CA ILE C 299 27.82 -31.87 11.76
C ILE C 299 27.35 -31.96 13.21
N LEU C 300 26.17 -32.56 13.43
CA LEU C 300 25.65 -32.70 14.77
C LEU C 300 26.55 -33.60 15.63
N VAL C 301 27.04 -34.70 15.05
CA VAL C 301 27.93 -35.59 15.79
C VAL C 301 29.23 -34.89 16.14
N ILE C 302 29.74 -34.08 15.23
CA ILE C 302 30.97 -33.34 15.51
C ILE C 302 30.75 -32.32 16.62
N PHE C 303 29.59 -31.66 16.62
CA PHE C 303 29.30 -30.71 17.69
C PHE C 303 29.21 -31.42 19.04
N THR C 304 28.55 -32.58 19.07
CA THR C 304 28.47 -33.34 20.32
C THR C 304 29.85 -33.80 20.79
N LEU C 305 30.67 -34.27 19.85
CA LEU C 305 32.02 -34.71 20.21
C LEU C 305 32.85 -33.54 20.71
N LEU C 306 32.66 -32.36 20.14
CA LEU C 306 33.37 -31.18 20.63
C LEU C 306 32.96 -30.86 22.05
N ILE C 307 31.67 -30.93 22.35
CA ILE C 307 31.22 -30.70 23.72
C ILE C 307 31.86 -31.71 24.67
N VAL C 308 31.86 -32.98 24.27
CA VAL C 308 32.39 -34.03 25.13
C VAL C 308 33.88 -33.85 25.36
N TRP C 309 34.62 -33.55 24.31
CA TRP C 309 36.07 -33.39 24.45
C TRP C 309 36.41 -32.15 25.27
N VAL C 310 35.67 -31.06 25.09
CA VAL C 310 35.92 -29.86 25.89
C VAL C 310 35.64 -30.13 27.37
N SER C 311 34.51 -30.79 27.65
CA SER C 311 34.15 -31.05 29.04
C SER C 311 35.08 -32.08 29.67
N SER C 312 35.66 -32.97 28.87
CA SER C 312 36.66 -33.89 29.41
C SER C 312 37.99 -33.20 29.63
N PHE C 313 38.33 -32.23 28.79
CA PHE C 313 39.56 -31.48 29.00
C PHE C 313 39.49 -30.67 30.29
N TYR C 314 38.35 -30.03 30.56
CA TYR C 314 38.25 -29.28 31.80
C TYR C 314 38.32 -30.18 33.03
N ARG C 315 37.92 -31.43 32.90
CA ARG C 315 38.01 -32.38 34.01
C ARG C 315 39.30 -33.19 33.99
N SER C 316 40.18 -32.95 33.02
CA SER C 316 41.45 -33.66 32.90
C SER C 316 41.24 -35.17 32.89
N ASN C 317 40.25 -35.61 32.13
CA ASN C 317 40.00 -37.04 31.98
C ASN C 317 41.19 -37.70 31.29
N PRO C 318 41.54 -38.91 31.68
CA PRO C 318 42.58 -39.64 30.93
C PRO C 318 42.11 -39.89 29.50
N ILE C 319 43.07 -39.99 28.59
CA ILE C 319 42.74 -40.09 27.17
C ILE C 319 41.90 -41.32 26.88
N VAL C 320 42.06 -42.38 27.67
CA VAL C 320 41.30 -43.60 27.43
C VAL C 320 39.81 -43.37 27.66
N GLN C 321 39.46 -42.67 28.74
CA GLN C 321 38.05 -42.39 29.01
C GLN C 321 37.46 -41.48 27.94
N ILE C 322 38.24 -40.48 27.49
CA ILE C 322 37.77 -39.61 26.41
C ILE C 322 37.52 -40.43 25.15
N LEU C 323 38.41 -41.38 24.85
CA LEU C 323 38.23 -42.22 23.68
C LEU C 323 37.01 -43.11 23.81
N GLU C 324 36.73 -43.62 25.01
CA GLU C 324 35.52 -44.40 25.21
C GLU C 324 34.27 -43.56 24.96
N PHE C 325 34.27 -42.33 25.48
CA PHE C 325 33.13 -41.43 25.26
C PHE C 325 32.93 -41.16 23.77
N THR C 326 34.01 -40.81 23.08
CA THR C 326 33.90 -40.48 21.67
C THR C 326 33.52 -41.69 20.84
N LEU C 327 33.93 -42.88 21.24
CA LEU C 327 33.52 -44.09 20.54
C LEU C 327 32.02 -44.33 20.71
N ALA C 328 31.51 -44.17 21.92
CA ALA C 328 30.08 -44.36 22.15
C ALA C 328 29.26 -43.37 21.31
N ILE C 329 29.69 -42.11 21.30
CA ILE C 329 28.91 -41.11 20.57
C ILE C 329 29.06 -41.28 19.06
N THR C 330 30.22 -41.70 18.59
CA THR C 330 30.36 -42.01 17.16
C THR C 330 29.45 -43.17 16.77
N ILE C 331 29.35 -44.18 17.62
CA ILE C 331 28.48 -45.32 17.33
C ILE C 331 27.03 -44.88 17.26
N ILE C 332 26.58 -44.06 18.21
CA ILE C 332 25.16 -43.71 18.21
C ILE C 332 24.81 -42.67 17.17
N GLY C 333 25.73 -41.76 16.86
CA GLY C 333 25.38 -40.57 16.13
C GLY C 333 25.24 -40.74 14.63
N VAL C 334 26.31 -41.18 13.98
CA VAL C 334 26.30 -41.33 12.53
C VAL C 334 25.57 -42.62 12.16
N PRO C 335 24.51 -42.53 11.35
CA PRO C 335 23.86 -43.76 10.86
C PRO C 335 24.72 -44.42 9.81
N VAL C 336 25.14 -45.66 10.08
CA VAL C 336 26.08 -46.34 9.20
C VAL C 336 25.43 -46.62 7.85
N GLY C 337 24.19 -47.09 7.86
CA GLY C 337 23.57 -47.56 6.63
C GLY C 337 22.29 -46.87 6.23
N LEU C 338 22.20 -45.55 6.42
CA LEU C 338 21.00 -44.83 5.99
C LEU C 338 20.80 -44.91 4.47
N PRO C 339 21.76 -44.48 3.63
CA PRO C 339 21.50 -44.58 2.18
C PRO C 339 21.34 -46.01 1.69
N ALA C 340 22.02 -46.97 2.33
CA ALA C 340 21.89 -48.36 1.90
C ALA C 340 20.48 -48.87 2.11
N VAL C 341 19.90 -48.62 3.28
CA VAL C 341 18.55 -49.10 3.55
C VAL C 341 17.52 -48.29 2.77
N VAL C 342 17.79 -47.01 2.49
CA VAL C 342 16.89 -46.25 1.62
C VAL C 342 16.88 -46.85 0.22
N THR C 343 18.06 -47.17 -0.32
CA THR C 343 18.11 -47.79 -1.63
C THR C 343 17.46 -49.17 -1.61
N THR C 344 17.59 -49.90 -0.50
CA THR C 344 16.92 -51.18 -0.37
C THR C 344 15.41 -51.02 -0.40
N THR C 345 14.89 -50.01 0.30
CA THR C 345 13.46 -49.74 0.26
C THR C 345 13.01 -49.41 -1.15
N MET C 346 13.77 -48.57 -1.85
CA MET C 346 13.44 -48.24 -3.23
C MET C 346 13.44 -49.48 -4.12
N ALA C 347 14.43 -50.36 -3.94
CA ALA C 347 14.54 -51.54 -4.79
C ALA C 347 13.42 -52.53 -4.52
N VAL C 348 13.08 -52.75 -3.25
CA VAL C 348 11.98 -53.64 -2.93
C VAL C 348 10.67 -53.07 -3.45
N GLY C 349 10.49 -51.76 -3.35
CA GLY C 349 9.30 -51.15 -3.90
C GLY C 349 9.24 -51.26 -5.41
N ALA C 350 10.37 -51.10 -6.08
CA ALA C 350 10.40 -51.24 -7.53
C ALA C 350 10.09 -52.67 -7.95
N ALA C 351 10.59 -53.65 -7.20
CA ALA C 351 10.24 -55.04 -7.47
C ALA C 351 8.75 -55.28 -7.30
N TYR C 352 8.17 -54.73 -6.23
CA TYR C 352 6.74 -54.89 -6.01
C TYR C 352 5.94 -54.23 -7.13
N LEU C 353 6.40 -53.07 -7.60
CA LEU C 353 5.75 -52.40 -8.71
C LEU C 353 5.82 -53.23 -9.99
N ALA C 354 7.00 -53.76 -10.28
CA ALA C 354 7.15 -54.60 -11.47
C ALA C 354 6.30 -55.86 -11.36
N LYS C 355 6.03 -56.32 -10.15
CA LYS C 355 5.06 -57.39 -9.98
C LYS C 355 3.67 -56.94 -10.39
N LYS C 356 3.34 -55.67 -10.16
CA LYS C 356 2.07 -55.08 -10.55
C LYS C 356 2.05 -54.62 -12.01
N LYS C 357 2.99 -55.10 -12.82
CA LYS C 357 3.09 -54.73 -14.24
C LYS C 357 3.38 -53.24 -14.39
N ALA C 358 4.46 -52.80 -13.74
CA ALA C 358 4.93 -51.42 -13.89
C ALA C 358 6.44 -51.42 -13.65
N ILE C 359 7.21 -51.49 -14.73
CA ILE C 359 8.66 -51.57 -14.64
C ILE C 359 9.24 -50.17 -14.64
N VAL C 360 10.15 -49.92 -13.71
CA VAL C 360 10.71 -48.60 -13.48
C VAL C 360 12.09 -48.53 -14.12
N GLN C 361 12.32 -47.49 -14.92
CA GLN C 361 13.58 -47.37 -15.64
C GLN C 361 14.72 -47.04 -14.69
N LYS C 362 14.64 -45.90 -14.02
CA LYS C 362 15.62 -45.50 -13.01
C LYS C 362 14.96 -45.53 -11.65
N LEU C 363 15.71 -45.98 -10.63
CA LEU C 363 15.14 -46.14 -9.30
C LEU C 363 14.59 -44.85 -8.74
N SER C 364 15.04 -43.70 -9.25
CA SER C 364 14.54 -42.41 -8.77
C SER C 364 13.14 -42.10 -9.27
N ALA C 365 12.60 -42.87 -10.22
CA ALA C 365 11.27 -42.59 -10.74
C ALA C 365 10.18 -42.90 -9.72
N ILE C 366 10.49 -43.66 -8.68
CA ILE C 366 9.50 -43.95 -7.65
C ILE C 366 9.08 -42.67 -6.95
N GLU C 367 10.07 -41.88 -6.51
CA GLU C 367 9.76 -40.62 -5.84
C GLU C 367 9.07 -39.64 -6.78
N SER C 368 9.51 -39.58 -8.03
CA SER C 368 8.87 -38.70 -9.00
C SER C 368 7.41 -39.06 -9.19
N LEU C 369 7.11 -40.34 -9.33
CA LEU C 369 5.72 -40.76 -9.48
C LEU C 369 4.93 -40.45 -8.22
N ALA C 370 5.55 -40.64 -7.04
CA ALA C 370 4.87 -40.30 -5.80
C ALA C 370 4.55 -38.81 -5.72
N GLY C 371 5.36 -37.98 -6.36
CA GLY C 371 5.18 -36.54 -6.25
C GLY C 371 4.32 -35.88 -7.29
N VAL C 372 3.87 -36.58 -8.33
CA VAL C 372 3.15 -35.94 -9.41
C VAL C 372 1.81 -35.40 -8.93
N GLU C 373 1.45 -34.23 -9.42
CA GLU C 373 0.16 -33.61 -9.12
C GLU C 373 -0.79 -33.59 -10.30
N ILE C 374 -0.26 -33.53 -11.51
CA ILE C 374 -1.07 -33.50 -12.72
C ILE C 374 -0.64 -34.65 -13.62
N LEU C 375 -1.60 -35.44 -14.08
CA LEU C 375 -1.34 -36.57 -14.97
C LEU C 375 -2.01 -36.26 -16.31
N CYS C 376 -1.21 -35.92 -17.30
CA CYS C 376 -1.69 -35.59 -18.63
C CYS C 376 -1.63 -36.87 -19.47
N SER C 377 -2.79 -37.51 -19.65
CA SER C 377 -2.86 -38.81 -20.30
C SER C 377 -3.64 -38.70 -21.61
N ASP C 378 -3.11 -39.32 -22.66
CA ASP C 378 -3.83 -39.41 -23.92
C ASP C 378 -5.08 -40.24 -23.75
N LYS C 379 -6.18 -39.80 -24.38
CA LYS C 379 -7.45 -40.48 -24.23
C LYS C 379 -7.40 -41.89 -24.82
N THR C 380 -6.83 -42.03 -26.00
CA THR C 380 -6.87 -43.31 -26.71
C THR C 380 -5.82 -44.24 -26.15
N GLY C 381 -6.26 -45.41 -25.67
CA GLY C 381 -5.37 -46.42 -25.13
C GLY C 381 -5.20 -46.37 -23.63
N THR C 382 -5.51 -45.24 -22.99
CA THR C 382 -5.43 -45.12 -21.54
C THR C 382 -6.79 -44.92 -20.91
N LEU C 383 -7.52 -43.90 -21.33
CA LEU C 383 -8.87 -43.66 -20.82
C LEU C 383 -9.94 -44.42 -21.58
N THR C 384 -9.58 -45.09 -22.67
CA THR C 384 -10.54 -45.82 -23.48
C THR C 384 -9.82 -46.94 -24.21
N LYS C 385 -10.61 -47.93 -24.64
CA LYS C 385 -10.04 -49.10 -25.29
C LYS C 385 -9.69 -48.78 -26.74
N ASN C 386 -8.82 -49.62 -27.32
CA ASN C 386 -8.37 -49.41 -28.69
C ASN C 386 -9.26 -50.10 -29.72
N LYS C 387 -10.25 -50.88 -29.32
CA LYS C 387 -11.15 -51.52 -30.27
C LYS C 387 -12.39 -50.65 -30.44
N LEU C 388 -12.74 -50.36 -31.69
CA LEU C 388 -13.79 -49.41 -32.03
C LEU C 388 -15.04 -50.14 -32.52
N SER C 389 -16.19 -49.60 -32.16
CA SER C 389 -17.48 -50.11 -32.61
C SER C 389 -18.03 -49.20 -33.70
N LEU C 390 -18.50 -49.80 -34.79
CA LEU C 390 -19.00 -49.07 -35.95
C LEU C 390 -20.52 -49.16 -35.98
N HIS C 391 -21.17 -48.00 -36.09
CA HIS C 391 -22.62 -47.91 -35.98
C HIS C 391 -23.19 -47.18 -37.20
N ASP C 392 -23.69 -47.95 -38.17
CA ASP C 392 -24.48 -47.42 -39.29
C ASP C 392 -23.80 -46.27 -40.01
N PRO C 393 -22.79 -46.54 -40.84
CA PRO C 393 -22.13 -45.46 -41.59
C PRO C 393 -23.12 -44.49 -42.23
N TYR C 394 -22.78 -43.21 -42.15
CA TYR C 394 -23.63 -42.13 -42.67
C TYR C 394 -23.47 -42.08 -44.18
N THR C 395 -24.22 -42.93 -44.87
CA THR C 395 -24.20 -43.00 -46.32
C THR C 395 -25.20 -42.05 -46.97
N VAL C 396 -25.65 -41.03 -46.24
CA VAL C 396 -26.56 -40.02 -46.78
C VAL C 396 -25.68 -38.95 -47.41
N ALA C 397 -25.58 -38.98 -48.74
CA ALA C 397 -24.69 -38.10 -49.48
C ALA C 397 -25.30 -37.86 -50.85
N GLY C 398 -24.47 -37.41 -51.79
CA GLY C 398 -24.92 -37.19 -53.15
C GLY C 398 -25.01 -38.48 -53.94
N VAL C 399 -24.44 -38.48 -55.14
CA VAL C 399 -24.54 -39.64 -56.02
C VAL C 399 -23.95 -40.90 -55.38
N ASP C 400 -22.95 -40.75 -54.52
CA ASP C 400 -22.23 -41.88 -53.94
C ASP C 400 -23.10 -42.59 -52.90
N PRO C 401 -23.66 -43.77 -53.24
CA PRO C 401 -24.61 -44.41 -52.32
C PRO C 401 -23.97 -45.20 -51.19
N GLU C 402 -22.89 -45.93 -51.48
CA GLU C 402 -22.30 -46.84 -50.52
C GLU C 402 -20.77 -46.85 -50.57
N ASP C 403 -20.16 -45.90 -51.28
CA ASP C 403 -18.72 -45.97 -51.51
C ASP C 403 -17.89 -45.73 -50.26
N LEU C 404 -18.52 -45.35 -49.14
CA LEU C 404 -17.79 -45.12 -47.91
C LEU C 404 -16.96 -46.34 -47.52
N MET C 405 -17.60 -47.50 -47.42
CA MET C 405 -16.90 -48.71 -46.98
C MET C 405 -15.76 -49.06 -47.93
N LEU C 406 -16.05 -49.07 -49.23
CA LEU C 406 -15.05 -49.48 -50.21
C LEU C 406 -13.85 -48.55 -50.20
N THR C 407 -14.09 -47.23 -50.24
CA THR C 407 -12.98 -46.30 -50.33
C THR C 407 -12.22 -46.23 -49.01
N ALA C 408 -12.93 -46.35 -47.87
CA ALA C 408 -12.24 -46.31 -46.59
C ALA C 408 -11.36 -47.54 -46.40
N CYS C 409 -11.87 -48.73 -46.73
CA CYS C 409 -11.06 -49.93 -46.66
C CYS C 409 -9.97 -49.94 -47.71
N LEU C 410 -10.12 -49.13 -48.76
CA LEU C 410 -9.05 -48.99 -49.75
C LEU C 410 -7.77 -48.44 -49.15
N ALA C 411 -7.90 -47.62 -48.10
CA ALA C 411 -6.77 -47.00 -47.44
C ALA C 411 -6.23 -47.83 -46.29
N ALA C 412 -6.38 -49.14 -46.34
CA ALA C 412 -5.91 -50.02 -45.28
C ALA C 412 -4.51 -50.53 -45.60
N SER C 413 -3.60 -50.38 -44.63
CA SER C 413 -2.24 -50.90 -44.81
C SER C 413 -2.24 -52.42 -44.86
N ARG C 414 -3.15 -53.06 -44.13
CA ARG C 414 -3.39 -54.51 -44.22
C ARG C 414 -2.16 -55.34 -43.90
N LYS C 415 -1.27 -54.82 -43.05
CA LYS C 415 -0.11 -55.63 -42.65
C LYS C 415 -0.50 -56.68 -41.62
N LYS C 416 -1.42 -56.34 -40.72
CA LYS C 416 -1.87 -57.20 -39.62
C LYS C 416 -0.75 -57.56 -38.65
N LYS C 417 0.38 -56.84 -38.72
CA LYS C 417 1.43 -56.95 -37.72
C LYS C 417 1.98 -55.60 -37.28
N GLY C 418 1.58 -54.50 -37.93
CA GLY C 418 1.99 -53.18 -37.53
C GLY C 418 0.88 -52.16 -37.70
N ILE C 419 -0.32 -52.64 -38.01
CA ILE C 419 -1.46 -51.74 -38.20
C ILE C 419 -1.90 -51.18 -36.86
N ASP C 420 -2.47 -49.98 -36.89
CA ASP C 420 -2.89 -49.30 -35.68
C ASP C 420 -4.29 -49.76 -35.27
N ALA C 421 -4.85 -49.12 -34.25
CA ALA C 421 -6.19 -49.48 -33.78
C ALA C 421 -7.27 -49.10 -34.78
N ILE C 422 -7.08 -47.99 -35.50
CA ILE C 422 -8.09 -47.52 -36.44
C ILE C 422 -8.28 -48.53 -37.58
N ASP C 423 -7.17 -49.06 -38.10
CA ASP C 423 -7.23 -49.92 -39.28
C ASP C 423 -8.03 -51.19 -39.03
N LYS C 424 -7.92 -51.75 -37.82
CA LYS C 424 -8.54 -53.05 -37.55
C LYS C 424 -10.06 -52.99 -37.68
N ALA C 425 -10.69 -51.94 -37.13
CA ALA C 425 -12.14 -51.89 -37.08
C ALA C 425 -12.77 -51.92 -38.46
N PHE C 426 -12.10 -51.32 -39.46
CA PHE C 426 -12.61 -51.36 -40.82
C PHE C 426 -12.67 -52.78 -41.35
N LEU C 427 -11.64 -53.58 -41.08
CA LEU C 427 -11.62 -54.95 -41.56
C LEU C 427 -12.60 -55.83 -40.78
N LYS C 428 -12.65 -55.66 -39.46
CA LYS C 428 -13.57 -56.48 -38.66
C LYS C 428 -15.02 -56.20 -39.00
N SER C 429 -15.33 -54.98 -39.44
CA SER C 429 -16.68 -54.59 -39.82
C SER C 429 -16.85 -54.53 -41.33
N LEU C 430 -16.23 -55.45 -42.07
CA LEU C 430 -16.37 -55.55 -43.50
C LEU C 430 -17.39 -56.61 -43.91
N LYS C 431 -18.43 -56.82 -43.09
CA LYS C 431 -19.50 -57.76 -43.41
C LYS C 431 -20.48 -57.14 -44.41
N TYR C 432 -19.94 -56.81 -45.58
CA TYR C 432 -20.70 -56.19 -46.65
C TYR C 432 -20.77 -57.14 -47.84
N TYR C 433 -21.97 -57.34 -48.36
CA TYR C 433 -22.22 -58.35 -49.37
C TYR C 433 -21.82 -57.95 -50.80
N PRO C 434 -22.18 -56.75 -51.31
CA PRO C 434 -22.05 -56.51 -52.75
C PRO C 434 -20.64 -56.59 -53.32
N ARG C 435 -19.69 -55.89 -52.71
CA ARG C 435 -18.36 -55.77 -53.32
C ARG C 435 -17.20 -55.89 -52.34
N ALA C 436 -17.45 -56.22 -51.07
CA ALA C 436 -16.34 -56.27 -50.11
C ALA C 436 -15.30 -57.31 -50.49
N LYS C 437 -15.72 -58.37 -51.19
CA LYS C 437 -14.75 -59.35 -51.67
C LYS C 437 -13.97 -58.81 -52.86
N SER C 438 -14.65 -58.10 -53.77
CA SER C 438 -14.00 -57.59 -54.97
C SER C 438 -13.28 -56.26 -54.76
N VAL C 439 -13.49 -55.62 -53.61
CA VAL C 439 -12.88 -54.31 -53.38
C VAL C 439 -11.42 -54.41 -52.97
N LEU C 440 -10.98 -55.56 -52.44
CA LEU C 440 -9.61 -55.73 -51.98
C LEU C 440 -8.73 -56.38 -53.05
N SER C 441 -9.25 -56.59 -54.26
CA SER C 441 -8.52 -57.25 -55.33
C SER C 441 -8.13 -56.23 -56.39
N LYS C 442 -6.87 -56.29 -56.82
CA LYS C 442 -6.29 -55.51 -57.93
C LYS C 442 -6.17 -54.03 -57.61
N TYR C 443 -6.67 -53.57 -56.47
CA TYR C 443 -6.51 -52.16 -56.07
C TYR C 443 -5.07 -51.95 -55.56
N LYS C 444 -4.13 -52.07 -56.50
CA LYS C 444 -2.71 -51.97 -56.15
C LYS C 444 -2.39 -50.56 -55.69
N VAL C 445 -1.70 -50.46 -54.56
CA VAL C 445 -1.36 -49.17 -53.96
C VAL C 445 -0.13 -48.61 -54.65
N LEU C 446 -0.22 -47.34 -55.07
CA LEU C 446 0.91 -46.63 -55.67
C LEU C 446 1.60 -45.74 -54.65
N GLN C 447 0.86 -44.82 -54.04
CA GLN C 447 1.35 -43.97 -52.98
C GLN C 447 0.45 -44.10 -51.76
N PHE C 448 1.06 -44.16 -50.59
CA PHE C 448 0.32 -44.32 -49.33
C PHE C 448 0.96 -43.40 -48.28
N HIS C 449 0.44 -42.18 -48.19
CA HIS C 449 0.91 -41.27 -47.16
C HIS C 449 0.40 -41.72 -45.80
N PRO C 450 1.28 -41.99 -44.84
CA PRO C 450 0.82 -42.45 -43.53
C PRO C 450 0.08 -41.34 -42.78
N PHE C 451 -0.68 -41.76 -41.77
CA PHE C 451 -1.42 -40.84 -40.92
C PHE C 451 -0.47 -39.85 -40.24
N ASP C 452 -0.57 -38.58 -40.60
CA ASP C 452 0.29 -37.55 -40.06
C ASP C 452 -0.43 -36.83 -38.92
N PRO C 453 0.13 -36.81 -37.71
CA PRO C 453 -0.57 -36.16 -36.59
C PRO C 453 -0.85 -34.68 -36.81
N VAL C 454 0.05 -33.97 -37.49
CA VAL C 454 -0.18 -32.56 -37.76
C VAL C 454 -1.32 -32.37 -38.76
N SER C 455 -1.65 -33.39 -39.53
CA SER C 455 -2.72 -33.31 -40.52
C SER C 455 -3.97 -34.08 -40.13
N LYS C 456 -3.86 -35.08 -39.25
CA LYS C 456 -4.98 -35.95 -38.89
C LYS C 456 -5.66 -36.51 -40.14
N LYS C 457 -4.84 -37.06 -41.03
CA LYS C 457 -5.30 -37.36 -42.37
C LYS C 457 -4.37 -38.36 -43.02
N VAL C 458 -4.93 -39.48 -43.47
CA VAL C 458 -4.19 -40.48 -44.25
C VAL C 458 -4.63 -40.38 -45.69
N VAL C 459 -3.66 -40.31 -46.60
CA VAL C 459 -3.91 -40.17 -48.03
C VAL C 459 -3.23 -41.30 -48.76
N ALA C 460 -3.98 -42.01 -49.61
CA ALA C 460 -3.46 -43.12 -50.38
C ALA C 460 -3.82 -42.95 -51.85
N VAL C 461 -2.89 -43.32 -52.73
CA VAL C 461 -3.12 -43.31 -54.17
C VAL C 461 -2.94 -44.74 -54.67
N VAL C 462 -3.98 -45.29 -55.29
CA VAL C 462 -4.00 -46.68 -55.72
C VAL C 462 -4.50 -46.75 -57.16
N GLU C 463 -4.37 -47.94 -57.74
CA GLU C 463 -4.87 -48.24 -59.08
C GLU C 463 -6.22 -48.93 -59.00
N SER C 464 -6.94 -48.92 -60.12
CA SER C 464 -8.25 -49.54 -60.23
C SER C 464 -8.35 -50.27 -61.57
N PRO C 465 -9.22 -51.29 -61.65
CA PRO C 465 -9.42 -51.97 -62.93
C PRO C 465 -9.91 -51.04 -64.02
N GLN C 466 -10.70 -50.02 -63.66
CA GLN C 466 -11.10 -48.99 -64.61
C GLN C 466 -9.94 -48.12 -65.06
N GLY C 467 -8.79 -48.21 -64.39
CA GLY C 467 -7.60 -47.49 -64.79
C GLY C 467 -7.39 -46.15 -64.11
N GLU C 468 -8.35 -45.68 -63.34
CA GLU C 468 -8.23 -44.39 -62.69
C GLU C 468 -7.28 -44.47 -61.50
N ARG C 469 -6.83 -43.30 -61.05
CA ARG C 469 -5.97 -43.18 -59.86
C ARG C 469 -6.84 -42.64 -58.73
N ILE C 470 -7.49 -43.56 -58.01
CA ILE C 470 -8.39 -43.20 -56.91
C ILE C 470 -7.52 -42.81 -55.72
N THR C 471 -7.40 -41.50 -55.48
CA THR C 471 -6.60 -40.98 -54.36
C THR C 471 -7.51 -40.83 -53.15
N CYS C 472 -7.61 -41.90 -52.36
CA CYS C 472 -8.42 -41.86 -51.16
C CYS C 472 -7.79 -40.98 -50.11
N VAL C 473 -8.65 -40.27 -49.36
CA VAL C 473 -8.23 -39.46 -48.23
C VAL C 473 -9.18 -39.72 -47.07
N LYS C 474 -8.62 -39.91 -45.88
CA LYS C 474 -9.41 -40.26 -44.70
C LYS C 474 -8.78 -39.59 -43.49
N GLY C 475 -9.61 -38.94 -42.68
CA GLY C 475 -9.12 -38.26 -41.50
C GLY C 475 -10.21 -37.66 -40.63
N ALA C 476 -9.88 -36.58 -39.93
CA ALA C 476 -10.89 -35.88 -39.15
C ALA C 476 -11.98 -35.34 -40.07
N PRO C 477 -13.25 -35.37 -39.66
CA PRO C 477 -14.33 -34.99 -40.58
C PRO C 477 -14.21 -33.58 -41.12
N LEU C 478 -13.73 -32.63 -40.31
CA LEU C 478 -13.56 -31.27 -40.81
C LEU C 478 -12.39 -31.16 -41.77
N PHE C 479 -11.32 -31.92 -41.51
CA PHE C 479 -10.12 -31.81 -42.33
C PHE C 479 -10.34 -32.37 -43.74
N VAL C 480 -11.19 -33.39 -43.88
CA VAL C 480 -11.52 -33.87 -45.22
C VAL C 480 -12.22 -32.79 -46.02
N LEU C 481 -13.15 -32.06 -45.38
CA LEU C 481 -13.79 -30.95 -46.07
C LEU C 481 -12.79 -29.84 -46.40
N LYS C 482 -11.87 -29.56 -45.47
CA LYS C 482 -10.80 -28.62 -45.78
C LYS C 482 -9.97 -29.08 -46.97
N THR C 483 -9.89 -30.38 -47.19
CA THR C 483 -9.19 -30.91 -48.36
C THR C 483 -10.04 -30.77 -49.63
N VAL C 484 -11.36 -30.96 -49.52
CA VAL C 484 -12.24 -30.96 -50.68
C VAL C 484 -12.85 -29.58 -50.93
N GLU C 485 -12.34 -28.54 -50.27
CA GLU C 485 -12.89 -27.20 -50.45
C GLU C 485 -12.53 -26.60 -51.81
N GLU C 486 -11.61 -27.21 -52.55
CA GLU C 486 -11.19 -26.65 -53.83
C GLU C 486 -12.21 -26.95 -54.92
N ASP C 487 -12.46 -28.22 -55.20
CA ASP C 487 -13.44 -28.63 -56.19
C ASP C 487 -14.77 -28.92 -55.49
N HIS C 488 -15.86 -28.45 -56.12
CA HIS C 488 -17.19 -28.50 -55.52
C HIS C 488 -17.14 -27.74 -54.20
N PRO C 489 -16.89 -26.42 -54.23
CA PRO C 489 -16.50 -25.70 -53.02
C PRO C 489 -17.68 -25.34 -52.15
N ILE C 490 -17.79 -26.04 -51.01
CA ILE C 490 -18.71 -25.73 -49.91
C ILE C 490 -20.11 -25.35 -50.40
N PRO C 491 -20.89 -26.29 -50.95
CA PRO C 491 -22.31 -26.01 -51.18
C PRO C 491 -23.06 -25.97 -49.86
N GLU C 492 -23.96 -24.99 -49.74
CA GLU C 492 -24.68 -24.79 -48.48
C GLU C 492 -25.60 -25.97 -48.17
N GLU C 493 -26.09 -26.67 -49.20
CA GLU C 493 -26.99 -27.79 -48.96
C GLU C 493 -26.29 -28.93 -48.25
N VAL C 494 -25.05 -29.22 -48.62
CA VAL C 494 -24.34 -30.39 -48.09
C VAL C 494 -23.45 -30.03 -46.91
N ASP C 495 -22.84 -28.84 -46.93
CA ASP C 495 -21.93 -28.46 -45.85
C ASP C 495 -22.66 -28.32 -44.52
N GLN C 496 -23.83 -27.69 -44.53
CA GLN C 496 -24.59 -27.53 -43.29
C GLN C 496 -25.03 -28.88 -42.74
N ALA C 497 -25.51 -29.77 -43.62
CA ALA C 497 -25.90 -31.11 -43.18
C ALA C 497 -24.71 -31.88 -42.63
N TYR C 498 -23.55 -31.75 -43.28
CA TYR C 498 -22.35 -32.44 -42.83
C TYR C 498 -21.93 -31.98 -41.44
N LYS C 499 -21.89 -30.66 -41.23
CA LYS C 499 -21.53 -30.12 -39.93
C LYS C 499 -22.55 -30.51 -38.86
N ASN C 500 -23.84 -30.46 -39.21
CA ASN C 500 -24.87 -30.85 -38.25
C ASN C 500 -24.73 -32.32 -37.88
N LYS C 501 -24.43 -33.19 -38.85
CA LYS C 501 -24.31 -34.61 -38.55
C LYS C 501 -23.06 -34.91 -37.72
N VAL C 502 -21.95 -34.23 -38.01
CA VAL C 502 -20.76 -34.47 -37.21
C VAL C 502 -20.96 -33.97 -35.79
N ALA C 503 -21.66 -32.85 -35.62
CA ALA C 503 -22.00 -32.38 -34.27
C ALA C 503 -22.93 -33.37 -33.57
N GLU C 504 -23.90 -33.92 -34.30
CA GLU C 504 -24.82 -34.88 -33.70
C GLU C 504 -24.08 -36.13 -33.23
N PHE C 505 -23.17 -36.66 -34.05
CA PHE C 505 -22.42 -37.83 -33.64
C PHE C 505 -21.41 -37.51 -32.56
N ALA C 506 -20.96 -36.25 -32.48
CA ALA C 506 -20.20 -35.83 -31.30
C ALA C 506 -21.07 -35.90 -30.06
N THR C 507 -22.33 -35.46 -30.16
CA THR C 507 -23.24 -35.54 -29.03
C THR C 507 -23.50 -36.98 -28.63
N ARG C 508 -23.44 -37.91 -29.59
CA ARG C 508 -23.65 -39.32 -29.33
C ARG C 508 -22.36 -40.04 -28.93
N GLY C 509 -21.28 -39.30 -28.71
CA GLY C 509 -20.01 -39.91 -28.32
C GLY C 509 -19.41 -40.81 -29.37
N PHE C 510 -19.41 -40.37 -30.63
CA PHE C 510 -18.93 -41.18 -31.74
C PHE C 510 -17.74 -40.50 -32.40
N ARG C 511 -16.63 -41.22 -32.51
CA ARG C 511 -15.54 -40.76 -33.34
C ARG C 511 -15.92 -40.88 -34.80
N SER C 512 -15.72 -39.82 -35.57
CA SER C 512 -16.16 -39.77 -36.95
C SER C 512 -14.97 -39.64 -37.88
N LEU C 513 -15.08 -40.25 -39.06
CA LEU C 513 -14.05 -40.21 -40.08
C LEU C 513 -14.67 -39.84 -41.41
N GLY C 514 -14.09 -38.86 -42.09
CA GLY C 514 -14.57 -38.42 -43.39
C GLY C 514 -13.69 -38.98 -44.50
N VAL C 515 -14.30 -39.19 -45.66
CA VAL C 515 -13.61 -39.74 -46.82
C VAL C 515 -13.98 -38.93 -48.06
N ALA C 516 -12.99 -38.62 -48.88
CA ALA C 516 -13.19 -37.98 -50.17
C ALA C 516 -12.44 -38.76 -51.24
N ARG C 517 -12.97 -38.76 -52.45
CA ARG C 517 -12.49 -39.61 -53.52
C ARG C 517 -12.13 -38.79 -54.75
N LYS C 518 -11.22 -39.34 -55.56
CA LYS C 518 -10.74 -38.68 -56.78
C LYS C 518 -10.84 -39.69 -57.93
N ARG C 519 -11.93 -39.63 -58.70
CA ARG C 519 -12.05 -40.48 -59.87
C ARG C 519 -11.15 -39.96 -60.99
N GLY C 520 -11.44 -38.76 -61.48
CA GLY C 520 -10.71 -38.16 -62.57
C GLY C 520 -9.70 -37.13 -62.10
N GLU C 521 -9.42 -36.16 -62.97
CA GLU C 521 -8.53 -35.07 -62.64
C GLU C 521 -9.25 -33.82 -62.15
N GLY C 522 -10.58 -33.79 -62.21
CA GLY C 522 -11.33 -32.63 -61.77
C GLY C 522 -12.60 -32.97 -61.03
N SER C 523 -12.62 -34.11 -60.34
CA SER C 523 -13.79 -34.57 -59.61
C SER C 523 -13.43 -34.73 -58.14
N TRP C 524 -14.24 -34.15 -57.26
CA TRP C 524 -14.04 -34.26 -55.82
C TRP C 524 -15.41 -34.29 -55.15
N GLU C 525 -15.92 -35.49 -54.93
CA GLU C 525 -17.16 -35.66 -54.18
C GLU C 525 -16.87 -35.90 -52.71
N ILE C 526 -17.84 -35.54 -51.87
CA ILE C 526 -17.76 -35.77 -50.43
C ILE C 526 -18.61 -36.99 -50.11
N LEU C 527 -18.00 -38.00 -49.51
CA LEU C 527 -18.66 -39.29 -49.33
C LEU C 527 -19.49 -39.34 -48.04
N GLY C 528 -18.92 -38.96 -46.91
CA GLY C 528 -19.66 -38.92 -45.67
C GLY C 528 -18.75 -39.21 -44.49
N ILE C 529 -19.39 -39.33 -43.32
CA ILE C 529 -18.69 -39.58 -42.06
C ILE C 529 -18.95 -40.99 -41.60
N MET C 530 -17.97 -41.57 -40.91
CA MET C 530 -18.05 -42.92 -40.39
C MET C 530 -18.09 -42.89 -38.87
N PRO C 531 -19.21 -43.23 -38.24
CA PRO C 531 -19.34 -43.10 -36.77
C PRO C 531 -18.75 -44.27 -35.98
N CYS C 532 -17.44 -44.22 -35.77
CA CYS C 532 -16.78 -45.19 -34.91
C CYS C 532 -16.96 -44.79 -33.45
N MET C 533 -16.77 -45.77 -32.56
CA MET C 533 -16.91 -45.52 -31.13
C MET C 533 -16.02 -46.48 -30.36
N ASP C 534 -15.19 -45.93 -29.48
CA ASP C 534 -14.37 -46.73 -28.56
C ASP C 534 -14.78 -46.46 -27.12
N PRO C 535 -15.49 -47.38 -26.47
CA PRO C 535 -16.02 -47.09 -25.14
C PRO C 535 -14.90 -47.01 -24.12
N PRO C 536 -15.09 -46.26 -23.04
CA PRO C 536 -14.08 -46.23 -21.98
C PRO C 536 -13.96 -47.58 -21.29
N ARG C 537 -12.78 -47.84 -20.75
CA ARG C 537 -12.55 -49.08 -20.04
C ARG C 537 -13.46 -49.16 -18.82
N HIS C 538 -13.91 -50.37 -18.50
CA HIS C 538 -14.95 -50.53 -17.48
C HIS C 538 -14.49 -50.07 -16.10
N ASP C 539 -13.18 -49.94 -15.88
CA ASP C 539 -12.67 -49.44 -14.61
C ASP C 539 -12.25 -47.98 -14.67
N THR C 540 -12.47 -47.30 -15.79
CA THR C 540 -11.93 -45.95 -15.96
C THR C 540 -12.70 -44.93 -15.12
N TYR C 541 -14.03 -45.03 -15.07
CA TYR C 541 -14.81 -44.02 -14.37
C TYR C 541 -14.48 -43.99 -12.88
N LYS C 542 -14.49 -45.15 -12.24
CA LYS C 542 -14.18 -45.19 -10.81
C LYS C 542 -12.71 -44.88 -10.55
N THR C 543 -11.83 -45.21 -11.51
CA THR C 543 -10.43 -44.82 -11.37
C THR C 543 -10.27 -43.31 -11.37
N VAL C 544 -10.98 -42.62 -12.26
CA VAL C 544 -10.92 -41.17 -12.29
C VAL C 544 -11.56 -40.59 -11.04
N CYS C 545 -12.63 -41.20 -10.55
CA CYS C 545 -13.24 -40.73 -9.30
C CYS C 545 -12.27 -40.83 -8.14
N GLU C 546 -11.55 -41.96 -8.03
CA GLU C 546 -10.63 -42.12 -6.92
C GLU C 546 -9.37 -41.29 -7.11
N ALA C 547 -9.01 -40.98 -8.36
CA ALA C 547 -7.84 -40.14 -8.60
C ALA C 547 -8.03 -38.72 -8.08
N LYS C 548 -9.27 -38.28 -7.91
CA LYS C 548 -9.51 -36.97 -7.33
C LYS C 548 -9.30 -36.97 -5.83
N THR C 549 -9.51 -38.12 -5.18
CA THR C 549 -9.21 -38.25 -3.76
C THR C 549 -7.72 -38.38 -3.49
N LEU C 550 -6.93 -38.74 -4.51
CA LEU C 550 -5.50 -38.89 -4.38
C LEU C 550 -4.74 -37.60 -4.62
N GLY C 551 -5.44 -36.50 -4.88
CA GLY C 551 -4.80 -35.23 -5.12
C GLY C 551 -4.41 -34.97 -6.56
N LEU C 552 -4.55 -35.96 -7.44
CA LEU C 552 -4.24 -35.75 -8.84
C LEU C 552 -5.30 -34.89 -9.53
N SER C 553 -4.96 -34.44 -10.73
CA SER C 553 -5.91 -33.75 -11.60
C SER C 553 -5.60 -34.21 -13.02
N ILE C 554 -6.45 -35.08 -13.55
CA ILE C 554 -6.21 -35.71 -14.84
C ILE C 554 -6.57 -34.74 -15.96
N LYS C 555 -5.64 -34.55 -16.88
CA LYS C 555 -5.85 -33.71 -18.05
C LYS C 555 -5.79 -34.60 -19.29
N MET C 556 -6.94 -34.80 -19.92
CA MET C 556 -6.99 -35.62 -21.12
C MET C 556 -6.38 -34.88 -22.30
N LEU C 557 -5.78 -35.63 -23.21
CA LEU C 557 -5.22 -35.08 -24.45
C LEU C 557 -5.75 -35.88 -25.62
N THR C 558 -6.61 -35.26 -26.42
CA THR C 558 -7.23 -35.90 -27.57
C THR C 558 -6.82 -35.21 -28.85
N GLY C 559 -6.53 -36.00 -29.88
CA GLY C 559 -6.41 -35.44 -31.20
C GLY C 559 -7.73 -35.18 -31.87
N ASP C 560 -8.82 -35.52 -31.21
CA ASP C 560 -10.16 -35.35 -31.74
C ASP C 560 -10.55 -33.88 -31.71
N ALA C 561 -11.72 -33.57 -32.26
CA ALA C 561 -12.25 -32.22 -32.16
C ALA C 561 -12.76 -31.96 -30.75
N VAL C 562 -13.13 -30.71 -30.48
CA VAL C 562 -13.52 -30.31 -29.14
C VAL C 562 -14.80 -31.02 -28.70
N GLY C 563 -15.74 -31.21 -29.64
CA GLY C 563 -17.02 -31.79 -29.26
C GLY C 563 -16.90 -33.22 -28.76
N ILE C 564 -16.14 -34.05 -29.48
CA ILE C 564 -15.94 -35.44 -29.06
C ILE C 564 -15.22 -35.49 -27.72
N ALA C 565 -14.20 -34.66 -27.54
CA ALA C 565 -13.47 -34.63 -26.29
C ALA C 565 -14.38 -34.22 -25.14
N ARG C 566 -15.24 -33.22 -25.36
CA ARG C 566 -16.14 -32.76 -24.31
C ARG C 566 -17.16 -33.84 -23.96
N GLU C 567 -17.67 -34.55 -24.95
CA GLU C 567 -18.62 -35.62 -24.66
C GLU C 567 -17.94 -36.77 -23.91
N THR C 568 -16.69 -37.07 -24.27
CA THR C 568 -15.94 -38.09 -23.53
C THR C 568 -15.71 -37.65 -22.10
N SER C 569 -15.41 -36.36 -21.89
CA SER C 569 -15.24 -35.86 -20.54
C SER C 569 -16.53 -35.99 -19.73
N ARG C 570 -17.67 -35.69 -20.36
CA ARG C 570 -18.95 -35.88 -19.68
C ARG C 570 -19.19 -37.34 -19.34
N GLN C 571 -18.83 -38.24 -20.26
CA GLN C 571 -19.00 -39.67 -19.99
C GLN C 571 -18.13 -40.13 -18.83
N LEU C 572 -16.89 -39.66 -18.76
CA LEU C 572 -15.94 -40.12 -17.78
C LEU C 572 -16.02 -39.36 -16.46
N GLY C 573 -16.89 -38.38 -16.36
CA GLY C 573 -16.91 -37.54 -15.17
C GLY C 573 -15.63 -36.75 -14.98
N LEU C 574 -14.98 -36.37 -16.07
CA LEU C 574 -13.70 -35.68 -16.03
C LEU C 574 -13.83 -34.17 -16.00
N GLY C 575 -15.07 -33.65 -16.07
CA GLY C 575 -15.26 -32.21 -16.14
C GLY C 575 -15.12 -31.72 -17.56
N THR C 576 -15.90 -30.70 -17.93
CA THR C 576 -15.97 -30.25 -19.31
C THR C 576 -15.40 -28.83 -19.40
N ASN C 577 -14.07 -28.76 -19.49
CA ASN C 577 -13.35 -27.54 -19.88
C ASN C 577 -12.29 -27.99 -20.88
N ILE C 578 -12.68 -28.09 -22.14
CA ILE C 578 -11.82 -28.57 -23.20
C ILE C 578 -11.54 -27.41 -24.16
N TYR C 579 -10.26 -27.12 -24.37
CA TYR C 579 -9.84 -26.04 -25.23
C TYR C 579 -9.03 -26.61 -26.38
N ASN C 580 -9.30 -26.11 -27.59
CA ASN C 580 -8.49 -26.49 -28.74
C ASN C 580 -7.07 -25.99 -28.53
N ALA C 581 -6.10 -26.88 -28.76
CA ALA C 581 -4.71 -26.56 -28.43
C ALA C 581 -4.19 -25.40 -29.28
N GLU C 582 -4.45 -25.43 -30.59
CA GLU C 582 -3.93 -24.38 -31.46
C GLU C 582 -4.57 -23.03 -31.15
N ARG C 583 -5.89 -23.02 -30.93
CA ARG C 583 -6.58 -21.77 -30.63
C ARG C 583 -6.09 -21.18 -29.32
N LEU C 584 -5.84 -22.02 -28.32
CA LEU C 584 -5.52 -21.53 -26.99
C LEU C 584 -4.23 -20.73 -26.97
N GLY C 585 -3.21 -21.21 -27.67
CA GLY C 585 -1.95 -20.49 -27.70
C GLY C 585 -0.73 -21.37 -27.51
N LEU C 586 -0.93 -22.68 -27.53
CA LEU C 586 0.19 -23.61 -27.43
C LEU C 586 1.00 -23.58 -28.72
N GLY C 587 2.06 -22.78 -28.75
CA GLY C 587 2.82 -22.58 -29.97
C GLY C 587 2.65 -21.17 -30.46
N GLY C 588 2.17 -21.02 -31.70
CA GLY C 588 1.80 -19.71 -32.19
C GLY C 588 0.49 -19.25 -31.59
N GLY C 589 0.56 -18.27 -30.70
CA GLY C 589 -0.63 -17.84 -29.99
C GLY C 589 -1.59 -17.07 -30.86
N GLY C 590 -2.79 -16.88 -30.32
CA GLY C 590 -3.82 -16.14 -31.01
C GLY C 590 -4.03 -14.77 -30.40
N ASP C 591 -2.91 -14.14 -30.01
CA ASP C 591 -2.86 -12.83 -29.36
C ASP C 591 -3.55 -12.92 -27.98
N MET C 592 -3.69 -14.12 -27.43
CA MET C 592 -4.15 -14.26 -26.06
C MET C 592 -3.07 -13.77 -25.11
N PRO C 593 -3.39 -12.91 -24.15
CA PRO C 593 -2.37 -12.45 -23.20
C PRO C 593 -1.68 -13.63 -22.53
N GLY C 594 -0.36 -13.52 -22.40
CA GLY C 594 0.41 -14.65 -21.92
C GLY C 594 0.09 -15.05 -20.50
N SER C 595 -0.26 -14.08 -19.66
CA SER C 595 -0.58 -14.39 -18.27
C SER C 595 -1.82 -15.25 -18.14
N GLU C 596 -2.68 -15.26 -19.16
CA GLU C 596 -3.94 -15.99 -19.09
C GLU C 596 -3.95 -17.27 -19.92
N VAL C 597 -3.06 -17.40 -20.91
CA VAL C 597 -2.93 -18.69 -21.58
C VAL C 597 -2.36 -19.73 -20.63
N TYR C 598 -1.40 -19.32 -19.80
CA TYR C 598 -0.90 -20.21 -18.75
C TYR C 598 -2.00 -20.59 -17.78
N ASP C 599 -2.85 -19.63 -17.41
CA ASP C 599 -3.94 -19.90 -16.50
C ASP C 599 -4.95 -20.87 -17.11
N PHE C 600 -5.26 -20.70 -18.40
CA PHE C 600 -6.17 -21.61 -19.07
C PHE C 600 -5.58 -23.01 -19.16
N VAL C 601 -4.27 -23.13 -19.44
CA VAL C 601 -3.64 -24.43 -19.50
C VAL C 601 -3.67 -25.10 -18.13
N GLU C 602 -3.36 -24.35 -17.08
CA GLU C 602 -3.33 -24.92 -15.74
C GLU C 602 -4.70 -25.43 -15.32
N ALA C 603 -5.74 -24.62 -15.51
CA ALA C 603 -7.10 -24.99 -15.17
C ALA C 603 -7.82 -25.41 -16.45
N ALA C 604 -7.53 -26.63 -16.89
CA ALA C 604 -8.12 -27.15 -18.11
C ALA C 604 -8.34 -28.64 -17.93
N ASP C 605 -9.57 -29.09 -18.18
CA ASP C 605 -9.89 -30.50 -18.04
C ASP C 605 -9.44 -31.34 -19.22
N GLY C 606 -8.92 -30.71 -20.28
CA GLY C 606 -8.45 -31.45 -21.42
C GLY C 606 -7.95 -30.52 -22.49
N PHE C 607 -7.46 -31.13 -23.58
CA PHE C 607 -6.96 -30.37 -24.72
C PHE C 607 -7.29 -31.16 -25.98
N ALA C 608 -8.17 -30.63 -26.81
CA ALA C 608 -8.58 -31.30 -28.03
C ALA C 608 -7.76 -30.82 -29.22
N GLU C 609 -7.67 -31.68 -30.22
CA GLU C 609 -6.90 -31.41 -31.44
C GLU C 609 -5.47 -31.00 -31.08
N VAL C 610 -4.75 -31.95 -30.49
CA VAL C 610 -3.40 -31.74 -29.99
C VAL C 610 -2.41 -32.38 -30.93
N PHE C 611 -1.38 -31.63 -31.31
CA PHE C 611 -0.26 -32.11 -32.09
C PHE C 611 0.88 -32.51 -31.19
N PRO C 612 1.89 -33.21 -31.72
CA PRO C 612 3.02 -33.61 -30.86
C PRO C 612 3.72 -32.45 -30.15
N GLN C 613 3.88 -31.30 -30.81
CA GLN C 613 4.56 -30.19 -30.16
C GLN C 613 3.74 -29.61 -29.01
N HIS C 614 2.42 -29.65 -29.13
CA HIS C 614 1.58 -29.11 -28.07
C HIS C 614 1.76 -29.88 -26.78
N LYS C 615 2.09 -31.17 -26.85
CA LYS C 615 2.33 -31.95 -25.65
C LYS C 615 3.53 -31.40 -24.88
N TYR C 616 4.63 -31.13 -25.59
CA TYR C 616 5.79 -30.54 -24.95
C TYR C 616 5.48 -29.15 -24.41
N ASN C 617 4.73 -28.36 -25.17
CA ASN C 617 4.39 -27.02 -24.68
C ASN C 617 3.53 -27.09 -23.43
N VAL C 618 2.60 -28.04 -23.37
CA VAL C 618 1.78 -28.20 -22.17
C VAL C 618 2.63 -28.58 -20.97
N VAL C 619 3.56 -29.52 -21.18
CA VAL C 619 4.45 -29.91 -20.08
C VAL C 619 5.29 -28.74 -19.62
N GLU C 620 5.84 -27.97 -20.56
CA GLU C 620 6.67 -26.83 -20.21
C GLU C 620 5.88 -25.78 -19.45
N ILE C 621 4.64 -25.52 -19.88
CA ILE C 621 3.81 -24.52 -19.21
C ILE C 621 3.43 -24.97 -17.81
N LEU C 622 3.03 -26.24 -17.68
CA LEU C 622 2.54 -26.72 -16.39
C LEU C 622 3.62 -26.75 -15.34
N GLN C 623 4.89 -26.89 -15.74
CA GLN C 623 5.99 -26.86 -14.79
C GLN C 623 6.34 -25.45 -14.35
N GLN C 624 6.03 -24.44 -15.15
CA GLN C 624 6.27 -23.06 -14.74
C GLN C 624 5.42 -22.70 -13.53
N ARG C 625 4.18 -23.18 -13.47
CA ARG C 625 3.30 -22.89 -12.36
C ARG C 625 3.71 -23.61 -11.07
N GLY C 626 4.65 -24.53 -11.15
CA GLY C 626 5.10 -25.25 -9.97
C GLY C 626 4.50 -26.62 -9.78
N TYR C 627 4.18 -27.32 -10.85
CA TYR C 627 3.63 -28.67 -10.76
C TYR C 627 4.68 -29.71 -11.15
N LEU C 628 4.38 -30.96 -10.82
CA LEU C 628 5.15 -32.11 -11.27
C LEU C 628 4.23 -32.92 -12.18
N VAL C 629 4.57 -32.96 -13.46
CA VAL C 629 3.66 -33.48 -14.48
C VAL C 629 4.09 -34.88 -14.89
N ALA C 630 3.12 -35.78 -14.98
CA ALA C 630 3.33 -37.14 -15.45
C ALA C 630 2.65 -37.27 -16.81
N MET C 631 3.43 -37.63 -17.82
CA MET C 631 2.91 -37.72 -19.17
C MET C 631 2.76 -39.16 -19.61
N THR C 632 1.63 -39.46 -20.25
CA THR C 632 1.37 -40.78 -20.82
C THR C 632 1.84 -40.73 -22.26
N GLY C 633 2.98 -41.36 -22.52
CA GLY C 633 3.57 -41.38 -23.84
C GLY C 633 3.38 -42.72 -24.54
N ASP C 634 3.37 -42.67 -25.87
CA ASP C 634 3.23 -43.87 -26.69
C ASP C 634 3.70 -43.48 -28.09
N GLY C 635 4.71 -44.16 -28.58
CA GLY C 635 5.28 -43.84 -29.87
C GLY C 635 6.40 -42.84 -29.79
N VAL C 636 7.05 -42.62 -30.94
CA VAL C 636 8.21 -41.75 -30.99
C VAL C 636 7.84 -40.28 -31.04
N ASN C 637 6.59 -39.95 -31.35
CA ASN C 637 6.20 -38.55 -31.48
C ASN C 637 6.35 -37.81 -30.17
N ASP C 638 5.97 -38.44 -29.06
CA ASP C 638 5.95 -37.79 -27.76
C ASP C 638 7.17 -38.10 -26.92
N ALA C 639 8.28 -38.50 -27.55
CA ALA C 639 9.52 -38.72 -26.79
C ALA C 639 10.04 -37.46 -26.13
N PRO C 640 10.14 -36.31 -26.81
CA PRO C 640 10.60 -35.10 -26.10
C PRO C 640 9.69 -34.69 -24.94
N SER C 641 8.39 -34.87 -25.09
CA SER C 641 7.47 -34.57 -23.98
C SER C 641 7.69 -35.53 -22.83
N LEU C 642 7.95 -36.81 -23.14
CA LEU C 642 8.25 -37.77 -22.09
C LEU C 642 9.52 -37.40 -21.34
N LYS C 643 10.54 -36.94 -22.07
CA LYS C 643 11.78 -36.54 -21.41
C LYS C 643 11.59 -35.28 -20.57
N LYS C 644 10.82 -34.31 -21.08
CA LYS C 644 10.63 -33.07 -20.36
C LYS C 644 9.76 -33.26 -19.12
N ALA C 645 8.81 -34.18 -19.17
CA ALA C 645 7.93 -34.41 -18.04
C ALA C 645 8.72 -34.92 -16.84
N ASP C 646 8.24 -34.59 -15.65
CA ASP C 646 8.91 -35.04 -14.43
C ASP C 646 8.84 -36.55 -14.31
N THR C 647 7.76 -37.17 -14.79
CA THR C 647 7.59 -38.61 -14.76
C THR C 647 6.97 -39.04 -16.08
N GLY C 648 7.80 -39.34 -17.07
CA GLY C 648 7.31 -39.84 -18.34
C GLY C 648 6.85 -41.27 -18.21
N ILE C 649 5.58 -41.53 -18.49
CA ILE C 649 5.00 -42.87 -18.35
C ILE C 649 4.77 -43.42 -19.75
N ALA C 650 5.43 -44.54 -20.06
CA ALA C 650 5.24 -45.23 -21.33
C ALA C 650 4.10 -46.23 -21.17
N VAL C 651 2.99 -45.98 -21.84
CA VAL C 651 1.78 -46.77 -21.67
C VAL C 651 1.89 -48.04 -22.49
N GLU C 652 0.99 -49.00 -22.25
CA GLU C 652 0.95 -50.26 -22.98
C GLU C 652 1.02 -50.04 -24.49
N GLY C 653 1.74 -50.94 -25.17
CA GLY C 653 1.85 -50.89 -26.61
C GLY C 653 2.74 -49.80 -27.15
N SER C 654 3.57 -49.19 -26.31
CA SER C 654 4.44 -48.12 -26.76
C SER C 654 5.58 -48.66 -27.61
N SER C 655 6.18 -47.78 -28.39
CA SER C 655 7.33 -48.14 -29.20
C SER C 655 8.59 -48.20 -28.34
N ASP C 656 9.67 -48.69 -28.95
CA ASP C 656 10.92 -48.82 -28.21
C ASP C 656 11.44 -47.47 -27.76
N ALA C 657 11.36 -46.46 -28.63
CA ALA C 657 11.86 -45.14 -28.28
C ALA C 657 11.05 -44.53 -27.16
N ALA C 658 9.72 -44.71 -27.17
CA ALA C 658 8.88 -44.12 -26.14
C ALA C 658 9.24 -44.66 -24.77
N ARG C 659 9.43 -45.99 -24.66
CA ARG C 659 9.77 -46.56 -23.37
C ARG C 659 11.23 -46.30 -22.99
N SER C 660 12.10 -46.09 -23.98
CA SER C 660 13.48 -45.73 -23.66
C SER C 660 13.56 -44.31 -23.12
N ALA C 661 12.69 -43.41 -23.59
CA ALA C 661 12.69 -42.04 -23.13
C ALA C 661 11.85 -41.82 -21.88
N ALA C 662 11.09 -42.82 -21.45
CA ALA C 662 10.20 -42.66 -20.32
C ALA C 662 10.90 -43.05 -19.01
N ASP C 663 10.20 -42.81 -17.91
CA ASP C 663 10.68 -43.17 -16.58
C ASP C 663 10.07 -44.45 -16.06
N ILE C 664 8.79 -44.70 -16.34
CA ILE C 664 8.11 -45.92 -15.94
C ILE C 664 7.50 -46.53 -17.20
N VAL C 665 7.78 -47.82 -17.42
CA VAL C 665 7.24 -48.56 -18.55
C VAL C 665 6.20 -49.53 -18.03
N PHE C 666 5.00 -49.45 -18.57
CA PHE C 666 3.89 -50.27 -18.10
C PHE C 666 3.67 -51.45 -19.03
N LEU C 667 3.35 -52.60 -18.44
CA LEU C 667 2.96 -53.78 -19.20
C LEU C 667 1.51 -54.15 -18.98
N ALA C 668 0.70 -53.22 -18.49
CA ALA C 668 -0.73 -53.39 -18.37
C ALA C 668 -1.42 -52.12 -18.88
N PRO C 669 -2.55 -52.26 -19.54
CA PRO C 669 -3.24 -51.10 -20.10
C PRO C 669 -4.18 -50.45 -19.09
N GLY C 670 -4.61 -49.24 -19.43
CA GLY C 670 -5.61 -48.54 -18.66
C GLY C 670 -5.02 -47.59 -17.64
N LEU C 671 -5.89 -46.71 -17.13
CA LEU C 671 -5.53 -45.79 -16.06
C LEU C 671 -5.52 -46.46 -14.70
N GLY C 672 -6.20 -47.60 -14.56
CA GLY C 672 -6.18 -48.30 -13.29
C GLY C 672 -4.78 -48.72 -12.88
N ALA C 673 -4.01 -49.24 -13.83
CA ALA C 673 -2.64 -49.63 -13.54
C ALA C 673 -1.80 -48.43 -13.13
N ILE C 674 -1.98 -47.29 -13.81
CA ILE C 674 -1.22 -46.09 -13.48
C ILE C 674 -1.56 -45.62 -12.06
N ILE C 675 -2.84 -45.63 -11.71
CA ILE C 675 -3.24 -45.17 -10.38
C ILE C 675 -2.77 -46.13 -9.31
N ASP C 676 -2.83 -47.44 -9.57
CA ASP C 676 -2.32 -48.40 -8.60
C ASP C 676 -0.82 -48.22 -8.40
N ALA C 677 -0.08 -47.98 -9.48
CA ALA C 677 1.35 -47.71 -9.36
C ALA C 677 1.61 -46.42 -8.59
N LEU C 678 0.77 -45.41 -8.79
CA LEU C 678 0.87 -44.18 -8.03
C LEU C 678 0.71 -44.44 -6.53
N LYS C 679 -0.32 -45.20 -6.17
CA LYS C 679 -0.54 -45.51 -4.76
C LYS C 679 0.62 -46.30 -4.18
N THR C 680 1.14 -47.26 -4.95
CA THR C 680 2.27 -48.05 -4.48
C THR C 680 3.50 -47.17 -4.28
N SER C 681 3.76 -46.26 -5.21
CA SER C 681 4.90 -45.36 -5.08
C SER C 681 4.76 -44.46 -3.87
N ARG C 682 3.54 -44.00 -3.60
CA ARG C 682 3.31 -43.21 -2.40
C ARG C 682 3.58 -44.02 -1.14
N GLN C 683 3.19 -45.30 -1.14
CA GLN C 683 3.50 -46.16 -0.01
C GLN C 683 5.00 -46.32 0.18
N ILE C 684 5.72 -46.53 -0.92
CA ILE C 684 7.18 -46.70 -0.84
C ILE C 684 7.83 -45.43 -0.30
N PHE C 685 7.37 -44.27 -0.78
CA PHE C 685 7.90 -43.01 -0.28
C PHE C 685 7.57 -42.83 1.20
N HIS C 686 6.39 -43.27 1.63
CA HIS C 686 6.07 -43.19 3.04
C HIS C 686 7.02 -44.05 3.87
N ARG C 687 7.35 -45.24 3.39
CA ARG C 687 8.32 -46.08 4.09
C ARG C 687 9.67 -45.37 4.19
N MET C 688 10.13 -44.79 3.08
CA MET C 688 11.40 -44.08 3.08
C MET C 688 11.40 -42.90 4.05
N TYR C 689 10.36 -42.07 4.00
CA TYR C 689 10.29 -40.90 4.86
C TYR C 689 10.19 -41.30 6.33
N ALA C 690 9.38 -42.32 6.63
CA ALA C 690 9.25 -42.77 8.00
C ALA C 690 10.58 -43.27 8.54
N TYR C 691 11.33 -44.03 7.74
CA TYR C 691 12.62 -44.50 8.21
C TYR C 691 13.59 -43.34 8.42
N VAL C 692 13.60 -42.37 7.52
CA VAL C 692 14.53 -41.25 7.66
C VAL C 692 14.23 -40.47 8.93
N VAL C 693 12.95 -40.19 9.17
CA VAL C 693 12.56 -39.47 10.39
C VAL C 693 12.94 -40.27 11.62
N TYR C 694 12.67 -41.58 11.60
CA TYR C 694 13.10 -42.48 12.67
C TYR C 694 14.60 -42.35 12.95
N ARG C 695 15.41 -42.49 11.91
CA ARG C 695 16.84 -42.58 12.09
C ARG C 695 17.40 -41.28 12.65
N ILE C 696 17.04 -40.15 12.05
CA ILE C 696 17.62 -38.91 12.54
C ILE C 696 17.01 -38.48 13.86
N ALA C 697 15.75 -38.85 14.15
CA ALA C 697 15.17 -38.55 15.45
C ALA C 697 15.90 -39.29 16.56
N LEU C 698 16.16 -40.59 16.37
CA LEU C 698 16.84 -41.31 17.44
C LEU C 698 18.31 -40.92 17.52
N SER C 699 18.92 -40.53 16.40
CA SER C 699 20.27 -39.99 16.45
C SER C 699 20.32 -38.75 17.32
N ILE C 700 19.43 -37.79 17.06
CA ILE C 700 19.41 -36.56 17.87
C ILE C 700 19.12 -36.88 19.32
N HIS C 701 18.09 -37.71 19.57
CA HIS C 701 17.76 -38.20 20.90
C HIS C 701 18.99 -38.63 21.66
N LEU C 702 19.65 -39.67 21.14
CA LEU C 702 20.65 -40.33 21.93
C LEU C 702 21.93 -39.52 21.99
N GLU C 703 22.21 -38.69 20.98
CA GLU C 703 23.40 -37.84 21.09
C GLU C 703 23.20 -36.71 22.10
N ILE C 704 22.04 -36.04 22.08
CA ILE C 704 21.85 -34.96 23.04
C ILE C 704 21.48 -35.50 24.42
N PHE C 705 21.29 -36.81 24.56
CA PHE C 705 21.28 -37.36 25.91
C PHE C 705 22.68 -37.71 26.38
N LEU C 706 23.41 -38.56 25.63
CA LEU C 706 24.71 -39.01 26.12
C LEU C 706 25.73 -37.87 26.18
N GLY C 707 25.76 -36.99 25.19
CA GLY C 707 26.68 -35.88 25.24
C GLY C 707 26.40 -34.94 26.39
N LEU C 708 25.13 -34.60 26.61
CA LEU C 708 24.78 -33.76 27.74
C LEU C 708 25.11 -34.45 29.06
N TRP C 709 24.90 -35.75 29.15
CA TRP C 709 25.13 -36.46 30.40
C TRP C 709 26.62 -36.57 30.69
N ILE C 710 27.42 -36.75 29.64
CA ILE C 710 28.88 -36.71 29.79
C ILE C 710 29.34 -35.32 30.20
N ALA C 711 28.82 -34.28 29.54
CA ALA C 711 29.27 -32.92 29.84
C ALA C 711 28.91 -32.53 31.26
N ILE C 712 27.67 -32.76 31.66
CA ILE C 712 27.21 -32.34 32.99
C ILE C 712 27.83 -33.20 34.08
N LEU C 713 27.91 -34.52 33.86
CA LEU C 713 28.16 -35.43 34.96
C LEU C 713 29.31 -36.41 34.73
N ASN C 714 30.06 -36.24 33.64
CA ASN C 714 31.25 -37.07 33.38
C ASN C 714 30.92 -38.56 33.42
N ARG C 715 29.72 -38.91 32.96
CA ARG C 715 29.26 -40.28 32.99
C ARG C 715 28.66 -40.62 31.63
N SER C 716 28.72 -41.90 31.28
CA SER C 716 28.13 -42.38 30.04
C SER C 716 27.73 -43.83 30.22
N LEU C 717 26.89 -44.32 29.31
CA LEU C 717 26.47 -45.70 29.35
C LEU C 717 27.66 -46.63 29.15
N ASN C 718 27.55 -47.84 29.69
CA ASN C 718 28.56 -48.85 29.45
C ASN C 718 28.69 -49.10 27.96
N ILE C 719 29.92 -49.33 27.50
CA ILE C 719 30.16 -49.40 26.06
C ILE C 719 29.44 -50.58 25.44
N GLU C 720 29.34 -51.70 26.15
CA GLU C 720 28.60 -52.83 25.62
C GLU C 720 27.13 -52.51 25.44
N LEU C 721 26.54 -51.82 26.41
CA LEU C 721 25.13 -51.47 26.33
C LEU C 721 24.86 -50.51 25.17
N VAL C 722 25.75 -49.54 24.96
CA VAL C 722 25.53 -48.59 23.87
C VAL C 722 25.72 -49.27 22.52
N VAL C 723 26.67 -50.21 22.43
CA VAL C 723 26.80 -51.01 21.23
C VAL C 723 25.53 -51.80 20.95
N PHE C 724 24.93 -52.38 22.00
CA PHE C 724 23.71 -53.13 21.78
C PHE C 724 22.53 -52.23 21.44
N ILE C 725 22.50 -51.00 21.96
CA ILE C 725 21.50 -50.04 21.53
C ILE C 725 21.63 -49.77 20.04
N ALA C 726 22.87 -49.60 19.57
CA ALA C 726 23.08 -49.40 18.14
C ALA C 726 22.65 -50.62 17.33
N ILE C 727 22.94 -51.81 17.83
CA ILE C 727 22.55 -53.04 17.12
C ILE C 727 21.04 -53.13 17.02
N PHE C 728 20.33 -52.85 18.11
CA PHE C 728 18.88 -52.91 18.11
C PHE C 728 18.27 -51.91 17.14
N ALA C 729 19.01 -50.86 16.77
CA ALA C 729 18.56 -49.92 15.76
C ALA C 729 18.91 -50.37 14.35
N ASP C 730 19.57 -51.51 14.20
CA ASP C 730 19.81 -52.12 12.90
C ASP C 730 19.08 -53.44 12.73
N VAL C 731 18.27 -53.83 13.70
CA VAL C 731 17.43 -55.01 13.60
C VAL C 731 15.98 -54.64 13.35
N ALA C 732 15.48 -53.60 14.02
CA ALA C 732 14.15 -53.10 13.78
C ALA C 732 14.06 -52.22 12.54
N THR C 733 15.11 -52.18 11.72
CA THR C 733 15.11 -51.40 10.50
C THR C 733 15.33 -52.22 9.24
N LEU C 734 15.81 -53.45 9.34
CA LEU C 734 15.85 -54.32 8.17
C LEU C 734 14.49 -54.86 7.81
N ALA C 735 13.42 -54.40 8.46
CA ALA C 735 12.06 -54.82 8.17
C ALA C 735 11.15 -53.69 7.73
N ILE C 736 11.61 -52.43 7.78
CA ILE C 736 10.75 -51.31 7.41
C ILE C 736 10.41 -51.38 5.93
N ALA C 737 11.31 -51.93 5.11
CA ALA C 737 11.06 -52.03 3.67
C ALA C 737 9.96 -53.03 3.33
N TYR C 738 9.53 -53.85 4.29
CA TYR C 738 8.47 -54.84 4.09
C TYR C 738 7.39 -54.59 5.14
N ASP C 739 6.45 -53.70 4.85
CA ASP C 739 5.32 -53.51 5.77
C ASP C 739 4.18 -52.84 5.01
N ASN C 740 3.00 -52.87 5.62
CA ASN C 740 1.78 -52.33 5.03
C ASN C 740 1.69 -50.83 5.32
N ALA C 741 2.60 -50.10 4.70
CA ALA C 741 2.62 -48.65 4.89
C ALA C 741 1.44 -48.02 4.15
N PRO C 742 0.73 -47.08 4.77
CA PRO C 742 -0.34 -46.38 4.06
C PRO C 742 0.22 -45.34 3.12
N TYR C 743 -0.61 -44.96 2.15
CA TYR C 743 -0.24 -43.95 1.18
C TYR C 743 -0.90 -42.62 1.51
N SER C 744 -0.18 -41.54 1.28
CA SER C 744 -0.73 -40.21 1.52
C SER C 744 -1.89 -39.93 0.58
N GLN C 745 -2.83 -39.12 1.04
CA GLN C 745 -3.96 -38.71 0.23
C GLN C 745 -3.66 -37.50 -0.63
N THR C 746 -2.47 -36.94 -0.54
CA THR C 746 -2.01 -35.83 -1.35
C THR C 746 -0.61 -36.14 -1.85
N PRO C 747 -0.19 -35.53 -2.96
CA PRO C 747 1.16 -35.79 -3.47
C PRO C 747 2.21 -35.47 -2.41
N VAL C 748 3.17 -36.37 -2.26
CA VAL C 748 4.11 -36.35 -1.15
C VAL C 748 5.48 -35.93 -1.68
N LYS C 749 6.16 -35.07 -0.91
CA LYS C 749 7.42 -34.50 -1.33
C LYS C 749 8.32 -34.31 -0.13
N TRP C 750 9.62 -34.18 -0.39
CA TRP C 750 10.60 -33.88 0.64
C TRP C 750 10.40 -32.45 1.14
N ASN C 751 9.74 -32.30 2.28
CA ASN C 751 9.65 -31.01 2.96
C ASN C 751 10.75 -31.01 4.02
N LEU C 752 11.97 -30.75 3.57
CA LEU C 752 13.12 -30.87 4.46
C LEU C 752 13.04 -30.01 5.71
N PRO C 753 12.62 -28.73 5.65
CA PRO C 753 12.45 -28.00 6.92
C PRO C 753 11.46 -28.65 7.87
N LYS C 754 10.34 -29.14 7.35
CA LYS C 754 9.36 -29.80 8.22
C LYS C 754 9.89 -31.13 8.72
N LEU C 755 10.63 -31.86 7.88
CA LEU C 755 11.22 -33.11 8.31
C LEU C 755 12.20 -32.88 9.46
N TRP C 756 13.07 -31.89 9.33
CA TRP C 756 14.03 -31.61 10.38
C TRP C 756 13.34 -31.12 11.64
N GLY C 757 12.31 -30.28 11.50
CA GLY C 757 11.58 -29.84 12.68
C GLY C 757 10.94 -30.99 13.43
N MET C 758 10.25 -31.86 12.70
CA MET C 758 9.60 -33.02 13.31
C MET C 758 10.61 -33.92 14.00
N SER C 759 11.74 -34.19 13.33
CA SER C 759 12.71 -35.11 13.89
C SER C 759 13.41 -34.51 15.09
N VAL C 760 13.75 -33.23 15.04
CA VAL C 760 14.36 -32.59 16.20
C VAL C 760 13.41 -32.59 17.38
N LEU C 761 12.13 -32.32 17.13
CA LEU C 761 11.17 -32.34 18.24
C LEU C 761 11.02 -33.74 18.82
N LEU C 762 10.96 -34.76 17.98
CA LEU C 762 10.85 -36.12 18.48
C LEU C 762 12.08 -36.52 19.28
N GLY C 763 13.27 -36.17 18.79
CA GLY C 763 14.48 -36.46 19.52
C GLY C 763 14.57 -35.73 20.84
N VAL C 764 14.11 -34.48 20.86
CA VAL C 764 14.09 -33.72 22.10
C VAL C 764 13.13 -34.34 23.10
N VAL C 765 11.96 -34.79 22.63
CA VAL C 765 11.01 -35.44 23.53
C VAL C 765 11.61 -36.73 24.11
N LEU C 766 12.26 -37.52 23.24
CA LEU C 766 12.88 -38.76 23.71
C LEU C 766 13.99 -38.47 24.72
N ALA C 767 14.80 -37.45 24.45
CA ALA C 767 15.88 -37.09 25.36
C ALA C 767 15.34 -36.59 26.69
N VAL C 768 14.24 -35.83 26.67
CA VAL C 768 13.63 -35.38 27.91
C VAL C 768 13.12 -36.57 28.71
N GLY C 769 12.51 -37.54 28.03
CA GLY C 769 12.08 -38.74 28.74
C GLY C 769 13.24 -39.48 29.38
N THR C 770 14.33 -39.64 28.65
CA THR C 770 15.49 -40.35 29.20
C THR C 770 16.12 -39.57 30.36
N TRP C 771 16.17 -38.25 30.23
CA TRP C 771 16.73 -37.43 31.31
C TRP C 771 15.85 -37.50 32.55
N ILE C 772 14.53 -37.54 32.38
CA ILE C 772 13.65 -37.74 33.52
C ILE C 772 13.94 -39.09 34.16
N THR C 773 14.11 -40.12 33.34
CA THR C 773 14.39 -41.46 33.86
C THR C 773 15.65 -41.45 34.73
N VAL C 774 16.72 -40.82 34.25
CA VAL C 774 17.98 -40.87 35.01
C VAL C 774 17.96 -39.91 36.20
N THR C 775 17.28 -38.77 36.08
CA THR C 775 17.22 -37.86 37.21
C THR C 775 16.32 -38.37 38.31
N THR C 776 15.41 -39.32 38.01
CA THR C 776 14.70 -39.98 39.09
C THR C 776 15.65 -40.78 39.97
N MET C 777 16.59 -41.51 39.35
CA MET C 777 17.53 -42.30 40.14
C MET C 777 18.56 -41.43 40.84
N TYR C 778 18.94 -40.31 40.24
CA TYR C 778 19.71 -39.32 41.02
C TYR C 778 18.91 -38.79 42.20
N ALA C 779 17.62 -38.52 42.01
CA ALA C 779 16.83 -37.94 43.09
C ALA C 779 16.65 -38.94 44.24
N GLN C 780 16.26 -40.17 43.92
CA GLN C 780 15.88 -41.14 44.94
C GLN C 780 16.83 -42.32 45.03
N GLY C 781 18.09 -42.16 44.63
CA GLY C 781 19.07 -43.21 44.74
C GLY C 781 19.01 -44.20 43.59
N GLU C 782 20.05 -45.02 43.50
CA GLU C 782 20.20 -45.93 42.38
C GLU C 782 19.03 -46.91 42.29
N ASN C 783 18.49 -47.33 43.44
CA ASN C 783 17.45 -48.33 43.48
C ASN C 783 16.20 -47.80 44.19
N GLY C 784 15.86 -46.54 43.93
CA GLY C 784 14.70 -45.97 44.58
C GLY C 784 13.83 -45.07 43.72
N GLY C 785 14.25 -44.80 42.49
CA GLY C 785 13.55 -43.81 41.70
C GLY C 785 12.50 -44.43 40.80
N ILE C 786 12.77 -44.48 39.50
CA ILE C 786 11.88 -45.20 38.59
C ILE C 786 11.87 -46.69 38.92
N VAL C 787 12.93 -47.20 39.54
CA VAL C 787 12.99 -48.56 40.04
C VAL C 787 12.37 -48.60 41.43
N GLN C 788 11.76 -49.72 41.79
CA GLN C 788 11.08 -49.81 43.08
C GLN C 788 11.89 -50.61 44.10
N ASN C 789 12.23 -51.85 43.79
CA ASN C 789 12.91 -52.69 44.78
C ASN C 789 14.43 -52.61 44.67
N PHE C 790 14.97 -52.89 43.48
CA PHE C 790 16.40 -52.75 43.26
C PHE C 790 16.64 -52.60 41.76
N GLY C 791 17.84 -52.13 41.43
CA GLY C 791 18.20 -51.95 40.04
C GLY C 791 19.55 -51.28 39.94
N ASN C 792 19.91 -50.94 38.71
CA ASN C 792 21.12 -50.17 38.46
C ASN C 792 20.85 -49.20 37.32
N MET C 793 21.51 -48.04 37.39
CA MET C 793 21.19 -46.96 36.48
C MET C 793 21.41 -47.35 35.02
N ASP C 794 22.50 -48.06 34.74
CA ASP C 794 22.90 -48.26 33.36
C ASP C 794 21.93 -49.19 32.63
N GLU C 795 21.55 -50.29 33.25
CA GLU C 795 20.64 -51.21 32.60
C GLU C 795 19.23 -50.64 32.50
N VAL C 796 18.81 -49.85 33.49
CA VAL C 796 17.51 -49.19 33.41
C VAL C 796 17.48 -48.20 32.26
N LEU C 797 18.55 -47.41 32.12
CA LEU C 797 18.64 -46.50 30.99
C LEU C 797 18.68 -47.27 29.68
N PHE C 798 19.36 -48.41 29.66
CA PHE C 798 19.38 -49.25 28.47
C PHE C 798 17.98 -49.68 28.06
N LEU C 799 17.20 -50.17 29.02
CA LEU C 799 15.84 -50.62 28.72
C LEU C 799 14.97 -49.47 28.26
N GLN C 800 15.03 -48.34 28.95
CA GLN C 800 14.19 -47.20 28.60
C GLN C 800 14.54 -46.69 27.20
N ILE C 801 15.83 -46.53 26.92
CA ILE C 801 16.27 -46.04 25.62
C ILE C 801 15.85 -47.01 24.53
N SER C 802 16.08 -48.31 24.75
CA SER C 802 15.72 -49.29 23.73
C SER C 802 14.22 -49.27 23.43
N LEU C 803 13.39 -49.28 24.47
CA LEU C 803 11.95 -49.30 24.26
C LEU C 803 11.48 -48.04 23.55
N THR C 804 11.84 -46.87 24.08
CA THR C 804 11.33 -45.63 23.51
C THR C 804 11.92 -45.38 22.13
N GLU C 805 13.08 -45.95 21.81
CA GLU C 805 13.66 -45.74 20.50
C GLU C 805 13.03 -46.65 19.47
N ASN C 806 12.92 -47.94 19.76
CA ASN C 806 12.35 -48.85 18.78
C ASN C 806 10.87 -48.61 18.57
N TRP C 807 10.13 -48.25 19.63
CA TRP C 807 8.71 -47.97 19.43
C TRP C 807 8.47 -46.72 18.61
N LEU C 808 9.50 -45.90 18.38
CA LEU C 808 9.32 -44.67 17.59
C LEU C 808 8.89 -44.97 16.17
N ILE C 809 9.22 -46.15 15.65
CA ILE C 809 8.90 -46.45 14.26
C ILE C 809 7.39 -46.58 14.07
N PHE C 810 6.66 -47.02 15.09
CA PHE C 810 5.21 -47.18 14.96
C PHE C 810 4.47 -45.87 14.78
N ILE C 811 5.05 -44.75 15.18
CA ILE C 811 4.36 -43.48 14.98
C ILE C 811 4.80 -42.78 13.70
N THR C 812 6.01 -43.06 13.21
CA THR C 812 6.43 -42.47 11.94
C THR C 812 5.79 -43.14 10.74
N ARG C 813 5.43 -44.41 10.85
CA ARG C 813 4.82 -45.15 9.74
C ARG C 813 3.29 -45.08 9.78
N ALA C 814 2.74 -43.87 9.90
CA ALA C 814 1.30 -43.76 10.02
C ALA C 814 0.83 -42.43 9.46
N ASN C 815 -0.45 -42.40 9.08
CA ASN C 815 -1.13 -41.18 8.66
C ASN C 815 -1.95 -40.70 9.85
N GLY C 816 -1.43 -39.74 10.58
CA GLY C 816 -2.08 -39.27 11.77
C GLY C 816 -1.76 -40.13 12.97
N PRO C 817 -2.81 -40.59 13.66
CA PRO C 817 -2.58 -41.41 14.86
C PRO C 817 -1.90 -42.72 14.53
N PHE C 818 -1.11 -43.21 15.48
CA PHE C 818 -0.34 -44.43 15.27
C PHE C 818 -1.23 -45.68 15.22
N TRP C 819 -2.48 -45.58 15.64
CA TRP C 819 -3.38 -46.72 15.63
C TRP C 819 -4.21 -46.82 14.36
N SER C 820 -3.99 -45.92 13.40
CA SER C 820 -4.78 -45.93 12.17
C SER C 820 -4.56 -47.23 11.41
N SER C 821 -3.33 -47.49 10.99
CA SER C 821 -3.00 -48.69 10.25
C SER C 821 -2.32 -49.71 11.16
N ILE C 822 -2.57 -50.98 10.90
CA ILE C 822 -1.98 -52.07 11.66
C ILE C 822 -0.62 -52.40 11.05
N PRO C 823 0.47 -52.36 11.81
CA PRO C 823 1.77 -52.71 11.24
C PRO C 823 1.83 -54.17 10.84
N SER C 824 2.71 -54.46 9.88
CA SER C 824 2.87 -55.83 9.40
C SER C 824 3.42 -56.71 10.51
N TRP C 825 3.16 -58.02 10.38
CA TRP C 825 3.62 -58.97 11.40
C TRP C 825 5.14 -58.99 11.49
N GLN C 826 5.83 -58.72 10.38
CA GLN C 826 7.29 -58.78 10.40
C GLN C 826 7.88 -57.67 11.26
N LEU C 827 7.43 -56.43 11.05
CA LEU C 827 7.94 -55.32 11.85
C LEU C 827 7.57 -55.48 13.32
N SER C 828 6.32 -55.84 13.60
CA SER C 828 5.89 -56.01 14.98
C SER C 828 6.68 -57.11 15.66
N GLY C 829 6.90 -58.23 14.98
CA GLY C 829 7.68 -59.30 15.57
C GLY C 829 9.12 -58.92 15.80
N ALA C 830 9.75 -58.28 14.81
CA ALA C 830 11.15 -57.89 14.96
C ALA C 830 11.34 -56.87 16.08
N ILE C 831 10.33 -56.04 16.33
CA ILE C 831 10.45 -55.06 17.41
C ILE C 831 10.12 -55.66 18.76
N PHE C 832 9.12 -56.54 18.82
CA PHE C 832 8.78 -57.20 20.07
C PHE C 832 9.91 -58.11 20.53
N LEU C 833 10.61 -58.76 19.60
CA LEU C 833 11.75 -59.59 19.97
C LEU C 833 12.87 -58.75 20.57
N VAL C 834 13.13 -57.57 19.99
CA VAL C 834 14.13 -56.68 20.55
C VAL C 834 13.72 -56.18 21.92
N ASP C 835 12.43 -55.87 22.09
CA ASP C 835 11.94 -55.44 23.40
C ASP C 835 12.11 -56.54 24.43
N ILE C 836 11.84 -57.79 24.05
CA ILE C 836 12.05 -58.91 24.96
C ILE C 836 13.52 -59.06 25.31
N LEU C 837 14.40 -58.90 24.33
CA LEU C 837 15.84 -59.00 24.62
C LEU C 837 16.28 -57.90 25.57
N ALA C 838 15.81 -56.67 25.36
CA ALA C 838 16.18 -55.58 26.26
C ALA C 838 15.65 -55.83 27.67
N THR C 839 14.41 -56.34 27.77
CA THR C 839 13.85 -56.64 29.07
C THR C 839 14.65 -57.73 29.78
N CYS C 840 15.09 -58.75 29.04
CA CYS C 840 15.93 -59.78 29.64
C CYS C 840 17.27 -59.22 30.09
N PHE C 841 17.88 -58.37 29.26
CA PHE C 841 19.08 -57.66 29.63
C PHE C 841 18.90 -56.98 30.98
N THR C 842 17.80 -56.27 31.14
CA THR C 842 17.58 -55.53 32.38
C THR C 842 17.33 -56.46 33.55
N ILE C 843 16.51 -57.49 33.36
CA ILE C 843 16.14 -58.36 34.47
C ILE C 843 17.36 -59.10 35.01
N TRP C 844 18.21 -59.61 34.13
CA TRP C 844 19.35 -60.38 34.61
C TRP C 844 20.67 -59.60 34.58
N GLY C 845 20.69 -58.44 33.93
CA GLY C 845 21.86 -57.58 34.02
C GLY C 845 23.16 -58.22 33.61
N TRP C 846 23.18 -58.93 32.48
CA TRP C 846 24.38 -59.68 32.13
C TRP C 846 25.39 -58.86 31.35
N PHE C 847 25.43 -57.55 31.53
CA PHE C 847 26.60 -56.78 31.12
C PHE C 847 27.01 -55.78 32.19
N GLU C 848 26.35 -55.78 33.34
CA GLU C 848 26.76 -55.00 34.51
C GLU C 848 26.72 -55.88 35.75
N HIS C 849 27.01 -55.27 36.89
CA HIS C 849 27.31 -56.03 38.10
C HIS C 849 26.09 -56.39 38.94
N SER C 850 24.91 -55.92 38.60
CA SER C 850 23.73 -56.19 39.40
C SER C 850 22.51 -56.29 38.51
N ASP C 851 21.50 -57.00 39.01
CA ASP C 851 20.25 -57.20 38.29
C ASP C 851 19.20 -56.20 38.73
N THR C 852 18.07 -56.20 38.03
CA THR C 852 17.01 -55.25 38.24
C THR C 852 15.73 -55.98 38.61
N SER C 853 14.92 -55.36 39.47
CA SER C 853 13.72 -56.00 39.97
C SER C 853 12.70 -56.20 38.84
N ILE C 854 11.86 -57.22 39.01
CA ILE C 854 10.84 -57.52 38.01
C ILE C 854 9.74 -56.46 38.00
N VAL C 855 9.61 -55.68 39.07
CA VAL C 855 8.63 -54.61 39.08
C VAL C 855 9.23 -53.32 38.51
N ALA C 856 10.56 -53.17 38.63
CA ALA C 856 11.22 -52.01 38.02
C ALA C 856 11.07 -52.03 36.51
N VAL C 857 11.20 -53.21 35.89
CA VAL C 857 11.02 -53.29 34.44
C VAL C 857 9.58 -52.99 34.07
N VAL C 858 8.62 -53.38 34.92
CA VAL C 858 7.22 -53.05 34.64
C VAL C 858 7.02 -51.54 34.66
N ARG C 859 7.59 -50.87 35.66
CA ARG C 859 7.46 -49.42 35.74
C ARG C 859 8.16 -48.74 34.56
N ILE C 860 9.31 -49.28 34.14
CA ILE C 860 10.01 -48.73 32.98
C ILE C 860 9.16 -48.89 31.73
N TRP C 861 8.50 -50.05 31.58
CA TRP C 861 7.61 -50.25 30.44
C TRP C 861 6.45 -49.27 30.45
N ILE C 862 5.86 -49.03 31.62
CA ILE C 862 4.75 -48.09 31.72
C ILE C 862 5.21 -46.68 31.35
N PHE C 863 6.36 -46.26 31.88
CA PHE C 863 6.86 -44.92 31.59
C PHE C 863 7.23 -44.79 30.12
N SER C 864 7.83 -45.83 29.54
CA SER C 864 8.18 -45.80 28.13
C SER C 864 6.94 -45.75 27.25
N PHE C 865 5.88 -46.45 27.66
CA PHE C 865 4.62 -46.36 26.92
C PHE C 865 4.02 -44.97 27.02
N GLY C 866 4.12 -44.33 28.18
CA GLY C 866 3.65 -42.97 28.30
C GLY C 866 4.44 -42.01 27.42
N ILE C 867 5.76 -42.17 27.38
CA ILE C 867 6.58 -41.34 26.50
C ILE C 867 6.23 -41.60 25.05
N PHE C 868 5.99 -42.87 24.70
CA PHE C 868 5.57 -43.22 23.35
C PHE C 868 4.26 -42.55 22.99
N CYS C 869 3.30 -42.55 23.92
CA CYS C 869 2.00 -41.94 23.65
C CYS C 869 2.12 -40.44 23.47
N ILE C 870 2.89 -39.76 24.34
CA ILE C 870 3.00 -38.31 24.21
C ILE C 870 3.77 -37.95 22.94
N MET C 871 4.77 -38.75 22.60
CA MET C 871 5.53 -38.51 21.36
C MET C 871 4.67 -38.75 20.13
N GLY C 872 3.84 -39.79 20.14
CA GLY C 872 2.92 -40.01 19.04
C GLY C 872 1.87 -38.92 18.94
N GLY C 873 1.39 -38.42 20.08
CA GLY C 873 0.46 -37.31 20.04
C GLY C 873 1.08 -36.05 19.48
N VAL C 874 2.33 -35.78 19.84
CA VAL C 874 3.05 -34.65 19.26
C VAL C 874 3.19 -34.84 17.75
N TYR C 875 3.54 -36.05 17.32
CA TYR C 875 3.68 -36.30 15.88
C TYR C 875 2.36 -36.14 15.15
N TYR C 876 1.25 -36.52 15.79
CA TYR C 876 -0.06 -36.43 15.16
C TYR C 876 -0.53 -34.99 15.10
N ILE C 877 -0.30 -34.21 16.15
CA ILE C 877 -0.75 -32.83 16.19
C ILE C 877 -0.05 -32.02 15.09
N LEU C 878 1.26 -32.19 14.97
CA LEU C 878 2.05 -31.41 14.03
C LEU C 878 2.11 -32.03 12.64
N GLN C 879 1.40 -33.13 12.41
CA GLN C 879 1.42 -33.75 11.09
C GLN C 879 0.80 -32.84 10.04
N ASP C 880 -0.28 -32.15 10.38
CA ASP C 880 -0.89 -31.20 9.46
C ASP C 880 -1.26 -29.91 10.19
N SER C 892 -8.17 -21.08 -10.26
CA SER C 892 -7.69 -19.86 -9.65
C SER C 892 -6.32 -19.46 -10.21
N PRO C 893 -6.15 -18.17 -10.51
CA PRO C 893 -4.85 -17.70 -11.01
C PRO C 893 -3.76 -17.84 -9.96
N LYS C 894 -2.80 -18.74 -10.19
CA LYS C 894 -1.73 -19.00 -9.24
C LYS C 894 -0.55 -18.05 -9.47
N GLY C 895 -0.81 -16.77 -9.26
CA GLY C 895 0.24 -15.78 -9.40
C GLY C 895 -0.10 -14.40 -8.88
N ASN C 896 0.92 -13.71 -8.37
CA ASN C 896 0.80 -12.30 -8.03
C ASN C 896 1.05 -11.47 -9.29
N GLN C 897 1.19 -10.15 -9.15
CA GLN C 897 1.47 -9.32 -10.31
C GLN C 897 2.79 -9.73 -10.96
N LYS C 898 3.79 -10.07 -10.14
CA LYS C 898 5.09 -10.46 -10.68
C LYS C 898 4.98 -11.70 -11.55
N GLN C 899 4.26 -12.72 -11.09
CA GLN C 899 4.22 -13.99 -11.81
C GLN C 899 3.45 -13.84 -13.12
N ARG C 900 2.25 -13.24 -13.07
CA ARG C 900 1.49 -13.04 -14.30
C ARG C 900 2.27 -12.16 -15.28
N SER C 901 2.93 -11.12 -14.77
CA SER C 901 3.74 -10.29 -15.65
C SER C 901 4.86 -11.09 -16.30
N LEU C 902 5.51 -11.98 -15.54
CA LEU C 902 6.59 -12.78 -16.09
C LEU C 902 6.10 -13.73 -17.17
N GLU C 903 4.98 -14.41 -16.92
CA GLU C 903 4.45 -15.32 -17.94
C GLU C 903 4.00 -14.56 -19.17
N ASP C 904 3.35 -13.41 -18.98
CA ASP C 904 2.94 -12.60 -20.11
C ASP C 904 4.15 -12.15 -20.92
N PHE C 905 5.23 -11.75 -20.24
CA PHE C 905 6.44 -11.34 -20.92
C PHE C 905 7.05 -12.50 -21.71
N VAL C 906 7.05 -13.70 -21.13
CA VAL C 906 7.62 -14.85 -21.82
C VAL C 906 6.85 -15.13 -23.10
N VAL C 907 5.52 -15.21 -23.00
CA VAL C 907 4.72 -15.52 -24.18
C VAL C 907 4.82 -14.41 -25.22
N SER C 908 4.82 -13.15 -24.76
CA SER C 908 4.92 -12.02 -25.67
C SER C 908 6.25 -11.99 -26.40
N LEU C 909 7.34 -12.30 -25.70
CA LEU C 909 8.64 -12.32 -26.37
C LEU C 909 8.72 -13.45 -27.37
N GLN C 910 8.11 -14.60 -27.05
CA GLN C 910 8.02 -15.67 -28.05
C GLN C 910 7.28 -15.18 -29.30
N ARG C 911 6.14 -14.53 -29.09
CA ARG C 911 5.33 -14.10 -30.22
C ARG C 911 6.04 -13.04 -31.05
N VAL C 912 6.69 -12.07 -30.40
CA VAL C 912 7.39 -11.03 -31.16
C VAL C 912 8.61 -11.59 -31.87
N SER C 913 9.28 -12.57 -31.26
CA SER C 913 10.38 -13.25 -31.95
C SER C 913 9.89 -13.91 -33.22
N THR C 914 8.76 -14.61 -33.14
CA THR C 914 8.18 -15.20 -34.34
C THR C 914 7.79 -14.13 -35.36
N GLN C 915 7.22 -13.02 -34.88
CA GLN C 915 6.71 -11.99 -35.77
C GLN C 915 7.83 -11.33 -36.55
N HIS C 916 8.91 -11.02 -35.86
CA HIS C 916 10.03 -10.39 -36.49
C HIS C 916 10.69 -11.39 -37.37
N GLU C 917 10.80 -12.62 -36.92
CA GLU C 917 11.45 -13.64 -37.73
C GLU C 917 10.73 -13.82 -39.06
N LYS C 918 9.41 -13.60 -39.07
CA LYS C 918 8.69 -13.56 -40.33
C LYS C 918 9.24 -12.45 -41.24
N SER C 919 9.70 -11.35 -40.64
CA SER C 919 10.37 -10.27 -41.36
C SER C 919 9.45 -9.64 -42.41
N GLN C 920 8.32 -9.13 -41.93
CA GLN C 920 7.31 -8.43 -42.73
C GLN C 920 7.10 -9.03 -44.12
N GLU D 66 -22.75 -63.47 -10.84
CA GLU D 66 -23.74 -64.53 -10.91
C GLU D 66 -24.94 -64.10 -11.74
N ALA D 67 -25.03 -64.58 -12.98
CA ALA D 67 -26.16 -64.27 -13.84
C ALA D 67 -26.99 -65.51 -14.16
N THR D 68 -26.38 -66.54 -14.76
CA THR D 68 -27.08 -67.79 -15.02
C THR D 68 -27.11 -68.74 -13.81
N PRO D 69 -26.02 -68.92 -13.07
CA PRO D 69 -26.07 -69.87 -11.93
C PRO D 69 -26.37 -69.24 -10.59
N GLY D 70 -26.73 -67.96 -10.54
CA GLY D 70 -26.99 -67.29 -9.28
C GLY D 70 -28.42 -66.82 -9.13
N GLY D 71 -29.36 -67.57 -9.73
CA GLY D 71 -30.75 -67.24 -9.61
C GLY D 71 -31.32 -66.55 -10.84
N GLY D 72 -30.96 -67.03 -12.03
CA GLY D 72 -31.50 -66.49 -13.26
C GLY D 72 -31.44 -67.46 -14.41
N ARG D 73 -32.58 -67.69 -15.05
CA ARG D 73 -32.71 -68.57 -16.20
C ARG D 73 -34.07 -68.28 -16.83
N VAL D 74 -34.52 -69.14 -17.74
CA VAL D 74 -35.74 -68.86 -18.49
C VAL D 74 -36.97 -68.80 -17.58
N VAL D 75 -37.06 -69.71 -16.60
CA VAL D 75 -38.29 -69.80 -15.79
C VAL D 75 -38.48 -68.61 -14.86
N PRO D 76 -37.45 -67.85 -14.45
CA PRO D 76 -37.70 -66.51 -13.91
C PRO D 76 -37.59 -65.38 -14.92
N GLU D 77 -37.38 -65.66 -16.21
CA GLU D 77 -37.19 -64.63 -17.22
C GLU D 77 -38.32 -64.60 -18.25
N ASP D 78 -38.54 -65.72 -18.95
CA ASP D 78 -39.55 -65.76 -20.00
C ASP D 78 -40.89 -66.31 -19.51
N MET D 79 -40.90 -67.13 -18.46
CA MET D 79 -42.15 -67.50 -17.83
C MET D 79 -42.82 -66.32 -17.14
N LEU D 80 -42.08 -65.23 -16.91
CA LEU D 80 -42.71 -63.96 -16.56
C LEU D 80 -43.66 -63.52 -17.66
N GLN D 81 -43.17 -63.53 -18.90
CA GLN D 81 -43.94 -63.07 -20.05
C GLN D 81 -44.67 -64.24 -20.71
N THR D 82 -45.52 -64.88 -19.89
CA THR D 82 -46.50 -65.84 -20.38
C THR D 82 -47.92 -65.31 -20.28
N ASP D 83 -48.18 -64.35 -19.40
CA ASP D 83 -49.46 -63.68 -19.29
C ASP D 83 -49.42 -62.34 -20.04
N THR D 84 -50.55 -61.64 -20.00
CA THR D 84 -50.62 -60.31 -20.60
C THR D 84 -49.87 -59.29 -19.73
N ARG D 85 -49.91 -58.04 -20.17
CA ARG D 85 -49.26 -56.98 -19.42
C ARG D 85 -49.88 -56.81 -18.04
N VAL D 86 -51.20 -56.86 -17.96
CA VAL D 86 -51.92 -56.61 -16.71
C VAL D 86 -52.40 -57.95 -16.16
N GLY D 87 -51.69 -58.46 -15.17
CA GLY D 87 -52.09 -59.68 -14.48
C GLY D 87 -50.93 -60.41 -13.84
N LEU D 88 -51.12 -60.90 -12.61
CA LEU D 88 -50.12 -61.72 -11.94
C LEU D 88 -50.81 -62.48 -10.82
N THR D 89 -50.55 -63.78 -10.73
CA THR D 89 -51.17 -64.63 -9.72
C THR D 89 -50.17 -65.64 -9.20
N SER D 90 -50.42 -66.10 -7.97
CA SER D 90 -49.81 -67.31 -7.41
C SER D 90 -48.29 -67.21 -7.34
N GLU D 91 -47.81 -66.32 -6.46
CA GLU D 91 -46.45 -66.49 -5.97
C GLU D 91 -46.40 -67.84 -5.27
N GLU D 92 -45.78 -68.84 -5.91
CA GLU D 92 -46.16 -70.19 -5.54
C GLU D 92 -45.38 -70.76 -4.36
N VAL D 93 -44.13 -71.15 -4.58
CA VAL D 93 -43.30 -71.80 -3.55
C VAL D 93 -41.89 -71.21 -3.64
N VAL D 94 -41.79 -69.90 -3.84
CA VAL D 94 -40.66 -69.26 -4.52
C VAL D 94 -39.28 -69.74 -4.08
N GLN D 95 -39.18 -70.39 -2.93
CA GLN D 95 -38.01 -71.12 -2.40
C GLN D 95 -36.91 -70.21 -1.87
N ARG D 96 -36.96 -68.90 -2.12
CA ARG D 96 -35.93 -67.99 -1.66
C ARG D 96 -36.46 -66.58 -1.76
N ARG D 97 -36.48 -65.85 -0.65
CA ARG D 97 -36.83 -64.44 -0.64
C ARG D 97 -35.57 -63.69 -0.25
N ARG D 98 -34.72 -63.44 -1.23
CA ARG D 98 -33.49 -62.67 -1.07
C ARG D 98 -33.78 -61.27 -1.60
N LYS D 99 -34.41 -60.45 -0.76
CA LYS D 99 -35.00 -59.20 -1.20
C LYS D 99 -34.71 -58.01 -0.30
N TYR D 100 -34.37 -58.20 0.96
CA TYR D 100 -34.39 -57.14 1.96
C TYR D 100 -32.99 -56.57 2.19
N GLY D 101 -32.44 -55.95 1.16
CA GLY D 101 -31.11 -55.37 1.28
C GLY D 101 -30.10 -56.43 1.69
N LEU D 102 -29.79 -57.34 0.78
CA LEU D 102 -29.22 -58.65 1.09
C LEU D 102 -28.12 -58.59 2.14
N ASN D 103 -28.38 -59.21 3.28
CA ASN D 103 -27.39 -59.38 4.35
C ASN D 103 -26.80 -58.05 4.79
N GLN D 104 -27.64 -57.02 4.87
CA GLN D 104 -27.23 -55.71 5.39
C GLN D 104 -27.96 -55.35 6.67
N MET D 105 -29.30 -55.35 6.65
CA MET D 105 -30.06 -55.12 7.87
C MET D 105 -30.36 -56.43 8.59
N LYS D 106 -30.61 -57.50 7.86
CA LYS D 106 -30.86 -58.81 8.43
C LYS D 106 -29.59 -59.54 8.82
N GLU D 107 -28.42 -58.99 8.49
CA GLU D 107 -27.14 -59.62 8.82
C GLU D 107 -26.99 -59.79 10.32
N GLU D 108 -26.94 -61.04 10.77
CA GLU D 108 -26.86 -61.39 12.19
C GLU D 108 -28.01 -60.74 12.96
N LYS D 109 -29.21 -61.19 12.60
CA LYS D 109 -30.44 -60.54 13.06
C LYS D 109 -30.55 -60.57 14.58
N GLU D 110 -30.85 -59.40 15.16
CA GLU D 110 -31.15 -59.22 16.57
C GLU D 110 -30.24 -60.05 17.46
N ASN D 111 -28.94 -59.80 17.34
CA ASN D 111 -27.98 -60.47 18.22
C ASN D 111 -28.24 -60.10 19.68
N HIS D 112 -28.32 -58.80 19.96
CA HIS D 112 -28.90 -58.25 21.18
C HIS D 112 -28.16 -58.68 22.44
N PHE D 113 -27.07 -59.45 22.31
CA PHE D 113 -26.24 -59.80 23.45
C PHE D 113 -24.75 -59.64 23.20
N LEU D 114 -24.29 -59.51 21.96
CA LEU D 114 -22.90 -59.19 21.69
C LEU D 114 -22.65 -57.69 21.62
N LYS D 115 -23.70 -56.88 21.63
CA LYS D 115 -23.53 -55.45 21.85
C LYS D 115 -23.28 -55.15 23.32
N PHE D 116 -23.87 -55.92 24.22
CA PHE D 116 -23.68 -55.71 25.65
C PHE D 116 -22.24 -56.04 26.06
N LEU D 117 -21.74 -57.20 25.64
CA LEU D 117 -20.36 -57.54 25.97
C LEU D 117 -19.37 -56.71 25.16
N GLY D 118 -19.79 -56.18 24.01
CA GLY D 118 -18.91 -55.32 23.24
C GLY D 118 -18.55 -54.04 23.98
N PHE D 119 -19.44 -53.55 24.84
CA PHE D 119 -19.15 -52.38 25.64
C PHE D 119 -18.30 -52.71 26.86
N PHE D 120 -18.10 -53.98 27.18
CA PHE D 120 -17.25 -54.40 28.27
C PHE D 120 -15.81 -54.64 27.83
N VAL D 121 -15.50 -54.44 26.54
CA VAL D 121 -14.17 -54.66 26.01
C VAL D 121 -13.73 -53.40 25.26
N GLY D 122 -12.51 -52.96 25.54
CA GLY D 122 -11.97 -51.77 24.92
C GLY D 122 -10.75 -51.27 25.68
N PRO D 123 -10.21 -50.12 25.26
CA PRO D 123 -9.06 -49.55 25.97
C PRO D 123 -9.37 -49.18 27.41
N ILE D 124 -10.37 -48.32 27.62
CA ILE D 124 -10.70 -47.87 28.97
C ILE D 124 -11.29 -49.01 29.79
N GLN D 125 -12.15 -49.83 29.16
CA GLN D 125 -12.76 -50.95 29.88
C GLN D 125 -11.70 -51.93 30.35
N PHE D 126 -10.61 -52.08 29.59
CA PHE D 126 -9.50 -52.91 30.07
C PHE D 126 -8.83 -52.30 31.29
N VAL D 127 -8.69 -50.98 31.31
CA VAL D 127 -8.13 -50.31 32.49
C VAL D 127 -9.01 -50.55 33.70
N MET D 128 -10.33 -50.43 33.52
CA MET D 128 -11.24 -50.69 34.63
C MET D 128 -11.23 -52.15 35.07
N GLU D 129 -11.10 -53.09 34.12
CA GLU D 129 -10.99 -54.49 34.49
C GLU D 129 -9.72 -54.76 35.28
N GLY D 130 -8.60 -54.18 34.85
CA GLY D 130 -7.37 -54.31 35.61
C GLY D 130 -7.48 -53.69 36.99
N ALA D 131 -8.21 -52.58 37.10
CA ALA D 131 -8.45 -51.97 38.40
C ALA D 131 -9.26 -52.90 39.31
N ALA D 132 -10.34 -53.47 38.78
CA ALA D 132 -11.19 -54.35 39.57
C ALA D 132 -10.49 -55.66 39.92
N VAL D 133 -9.54 -56.09 39.10
CA VAL D 133 -8.80 -57.31 39.43
C VAL D 133 -7.70 -57.01 40.45
N LEU D 134 -6.98 -55.91 40.28
CA LEU D 134 -5.89 -55.54 41.18
C LEU D 134 -6.39 -55.00 42.51
N ALA D 135 -7.69 -55.04 42.79
CA ALA D 135 -8.21 -54.72 44.12
C ALA D 135 -8.25 -55.96 45.00
N ALA D 136 -7.12 -56.67 45.05
CA ALA D 136 -7.00 -57.94 45.76
C ALA D 136 -8.10 -58.92 45.35
N GLY D 137 -8.44 -58.90 44.06
CA GLY D 137 -9.53 -59.73 43.58
C GLY D 137 -10.85 -59.36 44.22
N LEU D 138 -11.57 -60.38 44.70
CA LEU D 138 -12.86 -60.20 45.37
C LEU D 138 -12.71 -60.15 46.89
N GLU D 139 -11.60 -59.60 47.38
CA GLU D 139 -11.35 -59.54 48.82
C GLU D 139 -12.50 -58.88 49.56
N ASP D 140 -12.75 -57.59 49.27
CA ASP D 140 -13.80 -56.83 49.91
C ASP D 140 -14.56 -56.03 48.86
N TRP D 141 -15.87 -55.94 49.03
CA TRP D 141 -16.74 -55.27 48.06
C TRP D 141 -16.88 -53.78 48.40
N VAL D 142 -15.74 -53.09 48.39
CA VAL D 142 -15.72 -51.65 48.59
C VAL D 142 -15.05 -50.97 47.40
N ASP D 143 -13.83 -51.36 47.07
CA ASP D 143 -13.17 -50.86 45.87
C ASP D 143 -13.64 -51.64 44.64
N PHE D 144 -13.60 -52.97 44.72
CA PHE D 144 -14.08 -53.81 43.62
C PHE D 144 -15.55 -53.51 43.33
N GLY D 145 -16.37 -53.39 44.38
CA GLY D 145 -17.78 -53.15 44.18
C GLY D 145 -18.06 -51.85 43.43
N VAL D 146 -17.40 -50.76 43.87
CA VAL D 146 -17.67 -49.47 43.26
C VAL D 146 -17.11 -49.40 41.83
N ILE D 147 -15.93 -49.99 41.61
CA ILE D 147 -15.36 -49.97 40.27
C ILE D 147 -16.21 -50.78 39.30
N CYS D 148 -16.61 -51.99 39.70
CA CYS D 148 -17.47 -52.79 38.84
C CYS D 148 -18.82 -52.14 38.66
N GLY D 149 -19.32 -51.42 39.67
CA GLY D 149 -20.57 -50.69 39.50
C GLY D 149 -20.44 -49.60 38.46
N LEU D 150 -19.35 -48.85 38.48
CA LEU D 150 -19.15 -47.82 37.45
C LEU D 150 -19.03 -48.44 36.07
N LEU D 151 -18.27 -49.54 35.95
CA LEU D 151 -18.12 -50.18 34.65
C LEU D 151 -19.46 -50.69 34.14
N LEU D 152 -20.25 -51.31 35.02
CA LEU D 152 -21.58 -51.80 34.62
C LEU D 152 -22.48 -50.65 34.24
N LEU D 153 -22.42 -49.54 34.97
CA LEU D 153 -23.27 -48.40 34.64
C LEU D 153 -22.91 -47.83 33.27
N ASN D 154 -21.62 -47.69 32.98
CA ASN D 154 -21.22 -47.22 31.66
C ASN D 154 -21.69 -48.17 30.57
N ALA D 155 -21.49 -49.47 30.77
CA ALA D 155 -21.92 -50.45 29.78
C ALA D 155 -23.43 -50.42 29.56
N VAL D 156 -24.22 -50.36 30.63
CA VAL D 156 -25.67 -50.34 30.51
C VAL D 156 -26.16 -49.06 29.87
N VAL D 157 -25.60 -47.91 30.24
CA VAL D 157 -26.00 -46.64 29.64
C VAL D 157 -25.68 -46.64 28.14
N GLY D 158 -24.48 -47.10 27.78
CA GLY D 158 -24.14 -47.18 26.37
C GLY D 158 -25.05 -48.11 25.60
N PHE D 159 -25.36 -49.27 26.18
CA PHE D 159 -26.24 -50.21 25.50
C PHE D 159 -27.64 -49.63 25.32
N VAL D 160 -28.18 -48.98 26.35
CA VAL D 160 -29.52 -48.40 26.26
C VAL D 160 -29.53 -47.29 25.21
N GLN D 161 -28.50 -46.44 25.20
CA GLN D 161 -28.47 -45.35 24.25
C GLN D 161 -28.36 -45.87 22.82
N GLU D 162 -27.50 -46.87 22.58
CA GLU D 162 -27.40 -47.44 21.24
C GLU D 162 -28.69 -48.11 20.83
N PHE D 163 -29.35 -48.80 21.76
CA PHE D 163 -30.63 -49.45 21.46
C PHE D 163 -31.68 -48.41 21.07
N GLN D 164 -31.76 -47.32 21.81
CA GLN D 164 -32.73 -46.27 21.49
C GLN D 164 -32.42 -45.63 20.14
N ALA D 165 -31.13 -45.37 19.87
CA ALA D 165 -30.76 -44.73 18.62
C ALA D 165 -30.93 -45.66 17.41
N GLY D 166 -30.86 -46.97 17.61
CA GLY D 166 -31.02 -47.90 16.50
C GLY D 166 -32.44 -48.37 16.33
N SER D 167 -33.27 -48.20 17.36
CA SER D 167 -34.67 -48.57 17.30
C SER D 167 -35.56 -47.41 16.85
N ILE D 168 -34.98 -46.23 16.65
CA ILE D 168 -35.74 -45.08 16.17
C ILE D 168 -35.27 -44.59 14.81
N VAL D 169 -34.02 -44.87 14.42
CA VAL D 169 -33.61 -44.55 13.06
C VAL D 169 -34.21 -45.55 12.07
N ASP D 170 -34.54 -46.76 12.55
CA ASP D 170 -35.21 -47.74 11.70
C ASP D 170 -36.69 -47.41 11.52
N GLU D 171 -37.31 -46.78 12.51
CA GLU D 171 -38.70 -46.35 12.35
C GLU D 171 -38.84 -45.25 11.32
N LEU D 172 -37.79 -44.43 11.15
CA LEU D 172 -37.79 -43.45 10.06
C LEU D 172 -37.51 -44.11 8.72
N LYS D 173 -36.66 -45.14 8.70
CA LYS D 173 -36.42 -45.87 7.47
C LYS D 173 -37.68 -46.57 6.98
N LYS D 174 -38.48 -47.11 7.92
CA LYS D 174 -39.71 -47.81 7.54
C LYS D 174 -40.71 -46.88 6.87
N THR D 175 -40.86 -45.67 7.39
CA THR D 175 -41.84 -44.71 6.86
C THR D 175 -41.35 -44.00 5.61
N LEU D 176 -40.24 -44.47 5.02
CA LEU D 176 -39.65 -43.79 3.86
C LEU D 176 -39.20 -44.80 2.80
N ALA D 177 -39.55 -46.07 2.95
CA ALA D 177 -39.14 -47.10 2.00
C ALA D 177 -39.81 -46.87 0.64
N LEU D 178 -39.07 -47.17 -0.42
CA LEU D 178 -39.52 -46.94 -1.78
C LEU D 178 -40.48 -48.05 -2.18
N LYS D 179 -41.76 -47.84 -1.86
CA LYS D 179 -42.79 -48.81 -2.17
C LYS D 179 -42.92 -49.00 -3.68
N ALA D 180 -43.20 -50.24 -4.10
CA ALA D 180 -43.16 -50.65 -5.50
C ALA D 180 -44.52 -51.12 -5.95
N VAL D 181 -44.93 -50.70 -7.16
CA VAL D 181 -46.25 -51.00 -7.68
C VAL D 181 -46.15 -52.11 -8.73
N VAL D 182 -47.02 -53.11 -8.60
CA VAL D 182 -47.19 -54.16 -9.60
C VAL D 182 -48.69 -54.32 -9.80
N LEU D 183 -49.14 -54.35 -11.05
CA LEU D 183 -50.56 -54.42 -11.33
C LEU D 183 -50.98 -55.85 -11.64
N ARG D 184 -51.93 -56.37 -10.88
CA ARG D 184 -52.51 -57.68 -11.07
C ARG D 184 -53.92 -57.53 -11.62
N ASP D 185 -54.66 -58.64 -11.68
CA ASP D 185 -56.01 -58.67 -12.23
C ASP D 185 -56.86 -57.48 -11.77
N GLY D 186 -56.82 -57.17 -10.47
CA GLY D 186 -57.54 -56.05 -9.93
C GLY D 186 -56.67 -54.81 -9.76
N THR D 187 -57.27 -53.78 -9.17
CA THR D 187 -56.57 -52.53 -8.92
C THR D 187 -55.76 -52.66 -7.62
N LEU D 188 -54.74 -53.50 -7.69
CA LEU D 188 -53.84 -53.69 -6.56
C LEU D 188 -53.17 -52.37 -6.21
N LYS D 189 -53.21 -52.01 -4.92
CA LYS D 189 -52.72 -50.71 -4.50
C LYS D 189 -51.23 -50.56 -4.80
N GLU D 190 -50.38 -51.33 -4.11
CA GLU D 190 -48.95 -51.24 -4.26
C GLU D 190 -48.32 -52.28 -3.31
N ILE D 191 -47.07 -52.65 -3.59
CA ILE D 191 -46.36 -53.65 -2.81
C ILE D 191 -45.25 -52.96 -2.02
N GLU D 192 -45.18 -53.26 -0.73
CA GLU D 192 -44.12 -52.73 0.12
C GLU D 192 -42.76 -53.25 -0.38
N ALA D 193 -41.75 -52.39 -0.30
CA ALA D 193 -40.59 -52.39 -1.20
C ALA D 193 -39.91 -53.75 -1.39
N PRO D 194 -39.35 -54.38 -0.36
CA PRO D 194 -38.55 -55.60 -0.63
C PRO D 194 -39.40 -56.83 -0.90
N GLU D 195 -40.53 -56.99 -0.22
CA GLU D 195 -41.31 -58.23 -0.31
C GLU D 195 -42.10 -58.25 -1.63
N VAL D 196 -41.33 -58.30 -2.71
CA VAL D 196 -41.85 -58.54 -4.05
C VAL D 196 -41.06 -59.72 -4.65
N VAL D 197 -41.77 -60.67 -5.25
CA VAL D 197 -41.14 -61.89 -5.73
C VAL D 197 -40.23 -61.59 -6.91
N PRO D 198 -39.09 -62.27 -7.02
CA PRO D 198 -38.25 -62.10 -8.22
C PRO D 198 -38.93 -62.69 -9.45
N GLY D 199 -38.47 -62.24 -10.61
CA GLY D 199 -39.11 -62.66 -11.85
C GLY D 199 -40.55 -62.21 -11.92
N ASP D 200 -40.83 -60.96 -11.57
CA ASP D 200 -42.19 -60.42 -11.56
C ASP D 200 -42.22 -59.13 -12.35
N ILE D 201 -43.43 -58.79 -12.82
CA ILE D 201 -43.60 -57.56 -13.59
C ILE D 201 -43.36 -56.35 -12.68
N LEU D 202 -43.17 -55.20 -13.30
CA LEU D 202 -42.97 -53.94 -12.61
C LEU D 202 -43.49 -52.80 -13.46
N GLN D 203 -43.90 -51.71 -12.81
CA GLN D 203 -44.39 -50.53 -13.49
C GLN D 203 -43.59 -49.33 -13.01
N VAL D 204 -42.57 -48.95 -13.77
CA VAL D 204 -41.80 -47.75 -13.50
C VAL D 204 -42.47 -46.59 -14.23
N GLU D 205 -42.84 -45.55 -13.48
CA GLU D 205 -43.71 -44.49 -13.99
C GLU D 205 -43.16 -43.13 -13.59
N GLU D 206 -42.43 -42.49 -14.51
CA GLU D 206 -42.13 -41.06 -14.46
C GLU D 206 -41.58 -40.62 -13.11
N GLY D 207 -40.37 -41.07 -12.81
CA GLY D 207 -39.70 -40.63 -11.59
C GLY D 207 -39.93 -41.54 -10.41
N THR D 208 -39.67 -42.83 -10.59
CA THR D 208 -39.76 -43.81 -9.51
C THR D 208 -38.46 -44.60 -9.46
N ILE D 209 -37.93 -44.78 -8.26
CA ILE D 209 -36.71 -45.57 -8.10
C ILE D 209 -37.00 -47.02 -8.48
N ILE D 210 -36.22 -47.54 -9.42
CA ILE D 210 -36.44 -48.87 -9.97
C ILE D 210 -36.22 -49.90 -8.87
N PRO D 211 -37.28 -50.51 -8.35
CA PRO D 211 -37.15 -51.32 -7.12
C PRO D 211 -36.26 -52.55 -7.29
N ALA D 212 -36.28 -53.18 -8.46
CA ALA D 212 -35.56 -54.42 -8.66
C ALA D 212 -34.81 -54.37 -9.99
N ASP D 213 -33.59 -54.89 -9.97
CA ASP D 213 -32.78 -54.95 -11.19
C ASP D 213 -33.43 -55.89 -12.20
N GLY D 214 -33.15 -55.64 -13.47
CA GLY D 214 -33.68 -56.54 -14.50
C GLY D 214 -33.66 -55.90 -15.87
N ARG D 215 -34.61 -56.33 -16.70
CA ARG D 215 -34.68 -55.97 -18.11
C ARG D 215 -36.10 -55.54 -18.46
N ILE D 216 -36.23 -54.89 -19.63
CA ILE D 216 -37.48 -54.26 -20.05
C ILE D 216 -38.40 -55.31 -20.64
N VAL D 217 -39.71 -55.02 -20.68
CA VAL D 217 -40.71 -55.91 -21.25
C VAL D 217 -40.94 -55.51 -22.71
N THR D 218 -41.37 -56.50 -23.50
CA THR D 218 -41.48 -56.43 -24.96
C THR D 218 -42.20 -55.19 -25.49
N ASP D 219 -43.06 -54.56 -24.69
CA ASP D 219 -43.79 -53.40 -25.18
C ASP D 219 -42.83 -52.28 -25.56
N ASP D 220 -43.14 -51.59 -26.66
CA ASP D 220 -42.23 -50.63 -27.26
C ASP D 220 -42.41 -49.24 -26.66
N ALA D 221 -41.39 -48.79 -25.94
CA ALA D 221 -41.31 -47.44 -25.37
C ALA D 221 -39.92 -47.25 -24.80
N PHE D 222 -39.43 -46.02 -24.86
CA PHE D 222 -38.11 -45.68 -24.35
C PHE D 222 -38.23 -44.87 -23.08
N LEU D 223 -37.52 -45.28 -22.04
CA LEU D 223 -37.50 -44.58 -20.77
C LEU D 223 -36.09 -44.09 -20.50
N GLN D 224 -35.96 -42.80 -20.19
CA GLN D 224 -34.66 -42.19 -19.92
C GLN D 224 -34.36 -42.39 -18.44
N VAL D 225 -33.50 -43.36 -18.15
CA VAL D 225 -33.14 -43.67 -16.77
C VAL D 225 -32.08 -42.67 -16.30
N ASP D 226 -32.32 -42.07 -15.14
CA ASP D 226 -31.36 -41.14 -14.56
C ASP D 226 -30.24 -41.94 -13.90
N GLN D 227 -29.05 -41.84 -14.46
CA GLN D 227 -27.87 -42.60 -14.02
C GLN D 227 -26.79 -41.63 -13.55
N SER D 228 -25.58 -42.15 -13.39
CA SER D 228 -24.40 -41.60 -12.72
C SER D 228 -24.49 -41.83 -11.21
N ALA D 229 -25.58 -42.42 -10.72
CA ALA D 229 -25.58 -42.92 -9.34
C ALA D 229 -24.77 -44.21 -9.24
N LEU D 230 -24.83 -45.05 -10.28
CA LEU D 230 -24.04 -46.27 -10.35
C LEU D 230 -23.11 -46.32 -11.56
N THR D 231 -23.30 -45.45 -12.54
CA THR D 231 -22.48 -45.38 -13.75
C THR D 231 -21.80 -44.02 -13.82
N GLY D 232 -21.21 -43.72 -14.97
CA GLY D 232 -20.48 -42.48 -15.13
C GLY D 232 -21.28 -41.32 -15.70
N GLU D 233 -21.89 -41.50 -16.87
CA GLU D 233 -22.47 -40.39 -17.61
C GLU D 233 -23.70 -39.84 -16.91
N SER D 234 -23.80 -38.51 -16.85
CA SER D 234 -24.92 -37.82 -16.26
C SER D 234 -25.99 -37.43 -17.28
N LEU D 235 -25.78 -37.75 -18.55
CA LEU D 235 -26.70 -37.36 -19.61
C LEU D 235 -27.82 -38.40 -19.70
N ALA D 236 -28.60 -38.36 -20.77
CA ALA D 236 -29.69 -39.30 -20.99
C ALA D 236 -29.12 -40.68 -21.29
N VAL D 237 -29.28 -41.61 -20.36
CA VAL D 237 -28.92 -43.01 -20.58
C VAL D 237 -30.20 -43.71 -21.02
N ASP D 238 -30.43 -43.71 -22.33
CA ASP D 238 -31.72 -44.14 -22.88
C ASP D 238 -31.63 -45.61 -23.32
N LYS D 239 -31.79 -46.51 -22.35
CA LYS D 239 -32.02 -47.90 -22.68
C LYS D 239 -33.42 -48.06 -23.25
N HIS D 240 -33.54 -48.83 -24.32
CA HIS D 240 -34.78 -48.90 -25.08
C HIS D 240 -35.50 -50.24 -24.91
N LYS D 241 -34.84 -51.34 -25.23
CA LYS D 241 -35.47 -52.66 -25.14
C LYS D 241 -34.44 -53.71 -24.78
N GLY D 242 -34.74 -54.51 -23.77
CA GLY D 242 -33.92 -55.65 -23.41
C GLY D 242 -32.60 -55.34 -22.74
N ASP D 243 -32.30 -54.08 -22.49
CA ASP D 243 -31.05 -53.71 -21.84
C ASP D 243 -31.15 -53.94 -20.33
N GLN D 244 -30.00 -53.82 -19.67
CA GLN D 244 -29.93 -54.05 -18.22
C GLN D 244 -30.42 -52.81 -17.49
N VAL D 245 -31.61 -52.89 -16.92
CA VAL D 245 -32.18 -51.81 -16.13
C VAL D 245 -31.63 -51.92 -14.71
N PHE D 246 -30.98 -50.86 -14.24
CA PHE D 246 -30.24 -50.89 -12.99
C PHE D 246 -31.12 -50.49 -11.83
N ALA D 247 -31.09 -51.31 -10.77
CA ALA D 247 -31.87 -51.02 -9.58
C ALA D 247 -31.29 -49.81 -8.84
N SER D 248 -32.11 -49.23 -7.96
CA SER D 248 -31.76 -48.04 -7.20
C SER D 248 -31.37 -46.89 -8.13
N SER D 249 -32.08 -46.77 -9.24
CA SER D 249 -31.88 -45.69 -10.19
C SER D 249 -33.24 -45.13 -10.59
N ALA D 250 -33.24 -43.86 -10.96
CA ALA D 250 -34.47 -43.15 -11.31
C ALA D 250 -34.74 -43.24 -12.81
N VAL D 251 -35.93 -42.80 -13.20
CA VAL D 251 -36.31 -42.68 -14.60
C VAL D 251 -36.74 -41.24 -14.86
N LYS D 252 -36.02 -40.56 -15.75
CA LYS D 252 -36.32 -39.17 -16.05
C LYS D 252 -37.67 -39.03 -16.72
N ARG D 253 -37.97 -39.92 -17.66
CA ARG D 253 -39.25 -39.92 -18.37
C ARG D 253 -39.39 -41.26 -19.08
N GLY D 254 -40.61 -41.75 -19.17
CA GLY D 254 -40.86 -42.98 -19.89
C GLY D 254 -42.01 -43.76 -19.27
N GLU D 255 -42.41 -44.80 -20.00
CA GLU D 255 -43.50 -45.68 -19.57
C GLU D 255 -43.18 -47.08 -20.08
N ALA D 256 -42.58 -47.89 -19.23
CA ALA D 256 -42.18 -49.24 -19.62
C ALA D 256 -42.39 -50.19 -18.44
N PHE D 257 -42.30 -51.49 -18.73
CA PHE D 257 -42.43 -52.54 -17.74
C PHE D 257 -41.11 -53.31 -17.66
N VAL D 258 -40.82 -53.83 -16.48
CA VAL D 258 -39.52 -54.42 -16.18
C VAL D 258 -39.69 -55.87 -15.76
N VAL D 259 -38.77 -56.73 -16.21
CA VAL D 259 -38.69 -58.09 -15.73
C VAL D 259 -37.52 -58.24 -14.78
N ILE D 260 -37.77 -58.84 -13.63
CA ILE D 260 -36.82 -58.82 -12.52
C ILE D 260 -35.70 -59.82 -12.79
N THR D 261 -34.46 -59.35 -12.65
CA THR D 261 -33.27 -60.19 -12.71
C THR D 261 -32.28 -59.69 -11.68
N ALA D 262 -31.75 -60.60 -10.87
CA ALA D 262 -30.84 -60.26 -9.77
C ALA D 262 -31.52 -59.32 -8.78
N THR D 263 -32.55 -59.85 -8.11
CA THR D 263 -33.39 -59.05 -7.22
C THR D 263 -32.61 -58.45 -6.05
N GLY D 264 -31.45 -58.99 -5.72
CA GLY D 264 -30.63 -58.41 -4.67
C GLY D 264 -29.14 -58.52 -4.96
N ASP D 265 -28.80 -58.97 -6.15
CA ASP D 265 -27.42 -59.22 -6.54
C ASP D 265 -26.84 -58.02 -7.27
N ASN D 266 -25.50 -57.95 -7.28
CA ASN D 266 -24.68 -57.02 -8.04
C ASN D 266 -25.25 -55.61 -8.12
N THR D 267 -25.79 -55.10 -7.02
CA THR D 267 -26.26 -53.72 -6.97
C THR D 267 -25.06 -52.78 -6.94
N PHE D 268 -24.59 -52.37 -8.11
CA PHE D 268 -23.37 -51.59 -8.24
C PHE D 268 -23.66 -50.09 -8.37
N GLY D 284 -21.55 -38.85 9.33
CA GLY D 284 -21.83 -37.56 8.73
C GLY D 284 -20.69 -36.56 8.89
N HIS D 285 -20.96 -35.47 9.61
CA HIS D 285 -19.94 -34.46 9.86
C HIS D 285 -19.76 -34.24 11.35
N PHE D 286 -20.83 -34.41 12.14
CA PHE D 286 -20.69 -34.31 13.57
C PHE D 286 -19.90 -35.48 14.15
N THR D 287 -19.91 -36.63 13.45
CA THR D 287 -19.13 -37.76 13.90
C THR D 287 -17.63 -37.49 13.79
N GLU D 288 -17.19 -36.86 12.71
CA GLU D 288 -15.78 -36.51 12.58
C GLU D 288 -15.35 -35.48 13.61
N VAL D 289 -16.23 -34.50 13.89
CA VAL D 289 -15.94 -33.52 14.92
C VAL D 289 -15.81 -34.20 16.27
N LEU D 290 -16.71 -35.15 16.56
CA LEU D 290 -16.61 -35.90 17.80
C LEU D 290 -15.33 -36.72 17.87
N ASN D 291 -14.93 -37.32 16.75
CA ASN D 291 -13.69 -38.09 16.74
C ASN D 291 -12.49 -37.21 17.03
N GLY D 292 -12.43 -36.02 16.42
CA GLY D 292 -11.34 -35.10 16.72
C GLY D 292 -11.35 -34.64 18.16
N ILE D 293 -12.52 -34.33 18.69
CA ILE D 293 -12.63 -33.90 20.08
C ILE D 293 -12.17 -35.01 21.01
N GLY D 294 -12.58 -36.24 20.73
CA GLY D 294 -12.16 -37.36 21.55
C GLY D 294 -10.67 -37.60 21.48
N THR D 295 -10.07 -37.42 20.31
CA THR D 295 -8.62 -37.55 20.18
C THR D 295 -7.90 -36.49 21.01
N ILE D 296 -8.38 -35.24 20.96
CA ILE D 296 -7.73 -34.19 21.74
C ILE D 296 -7.90 -34.44 23.23
N LEU D 297 -9.07 -34.96 23.63
CA LEU D 297 -9.27 -35.29 25.04
C LEU D 297 -8.36 -36.42 25.48
N LEU D 298 -8.15 -37.42 24.62
CA LEU D 298 -7.19 -38.47 24.92
C LEU D 298 -5.79 -37.90 25.07
N ILE D 299 -5.42 -36.95 24.22
CA ILE D 299 -4.11 -36.32 24.34
C ILE D 299 -3.98 -35.61 25.69
N LEU D 300 -5.03 -34.91 26.11
CA LEU D 300 -5.00 -34.22 27.39
C LEU D 300 -4.87 -35.20 28.55
N VAL D 301 -5.61 -36.31 28.49
CA VAL D 301 -5.52 -37.31 29.54
C VAL D 301 -4.14 -37.93 29.60
N ILE D 302 -3.53 -38.16 28.44
CA ILE D 302 -2.18 -38.72 28.41
C ILE D 302 -1.18 -37.74 29.00
N PHE D 303 -1.35 -36.45 28.71
CA PHE D 303 -0.45 -35.45 29.29
C PHE D 303 -0.58 -35.41 30.81
N THR D 304 -1.83 -35.45 31.30
CA THR D 304 -2.03 -35.47 32.75
C THR D 304 -1.44 -36.72 33.39
N LEU D 305 -1.62 -37.87 32.74
CA LEU D 305 -1.06 -39.11 33.28
C LEU D 305 0.45 -39.06 33.27
N LEU D 306 1.05 -38.45 32.25
CA LEU D 306 2.50 -38.30 32.22
C LEU D 306 2.99 -37.44 33.38
N ILE D 307 2.28 -36.34 33.66
CA ILE D 307 2.65 -35.52 34.81
C ILE D 307 2.57 -36.32 36.10
N VAL D 308 1.48 -37.07 36.26
CA VAL D 308 1.27 -37.85 37.48
C VAL D 308 2.35 -38.92 37.65
N TRP D 309 2.65 -39.63 36.57
CA TRP D 309 3.65 -40.69 36.66
C TRP D 309 5.04 -40.13 36.91
N VAL D 310 5.38 -39.00 36.27
CA VAL D 310 6.69 -38.39 36.52
C VAL D 310 6.81 -37.95 37.97
N SER D 311 5.76 -37.28 38.48
CA SER D 311 5.81 -36.78 39.84
C SER D 311 5.77 -37.91 40.86
N SER D 312 5.19 -39.04 40.51
CA SER D 312 5.24 -40.19 41.39
C SER D 312 6.60 -40.88 41.34
N PHE D 313 7.24 -40.87 40.17
CA PHE D 313 8.58 -41.44 40.08
C PHE D 313 9.57 -40.64 40.93
N TYR D 314 9.49 -39.31 40.88
CA TYR D 314 10.40 -38.52 41.70
C TYR D 314 10.17 -38.74 43.19
N ARG D 315 8.95 -39.09 43.59
CA ARG D 315 8.66 -39.38 44.99
C ARG D 315 8.79 -40.85 45.33
N SER D 316 9.14 -41.70 44.36
CA SER D 316 9.30 -43.14 44.57
C SER D 316 8.05 -43.76 45.17
N ASN D 317 6.90 -43.35 44.65
CA ASN D 317 5.64 -43.92 45.10
C ASN D 317 5.59 -45.41 44.77
N PRO D 318 5.01 -46.24 45.62
CA PRO D 318 4.81 -47.64 45.26
C PRO D 318 3.88 -47.75 44.05
N ILE D 319 4.07 -48.82 43.28
CA ILE D 319 3.34 -48.95 42.01
C ILE D 319 1.83 -48.96 42.25
N VAL D 320 1.39 -49.44 43.41
CA VAL D 320 -0.05 -49.51 43.68
C VAL D 320 -0.65 -48.11 43.77
N GLN D 321 0.04 -47.19 44.46
CA GLN D 321 -0.47 -45.83 44.56
C GLN D 321 -0.48 -45.15 43.20
N ILE D 322 0.56 -45.38 42.39
CA ILE D 322 0.59 -44.82 41.05
C ILE D 322 -0.58 -45.34 40.23
N LEU D 323 -0.88 -46.64 40.37
CA LEU D 323 -2.00 -47.23 39.64
C LEU D 323 -3.32 -46.64 40.10
N GLU D 324 -3.47 -46.38 41.40
CA GLU D 324 -4.69 -45.74 41.88
C GLU D 324 -4.85 -44.35 41.29
N PHE D 325 -3.76 -43.57 41.26
CA PHE D 325 -3.81 -42.23 40.67
C PHE D 325 -4.21 -42.30 39.20
N THR D 326 -3.55 -43.19 38.44
CA THR D 326 -3.83 -43.27 37.02
C THR D 326 -5.23 -43.79 36.75
N LEU D 327 -5.76 -44.65 37.62
CA LEU D 327 -7.14 -45.10 37.47
C LEU D 327 -8.11 -43.96 37.69
N ALA D 328 -7.89 -43.15 38.73
CA ALA D 328 -8.77 -42.02 38.98
C ALA D 328 -8.78 -41.06 37.80
N ILE D 329 -7.60 -40.75 37.28
CA ILE D 329 -7.53 -39.78 36.19
C ILE D 329 -8.07 -40.37 34.89
N THR D 330 -7.87 -41.66 34.65
CA THR D 330 -8.50 -42.29 33.48
C THR D 330 -10.02 -42.24 33.58
N ILE D 331 -10.55 -42.46 34.78
CA ILE D 331 -12.00 -42.41 34.97
C ILE D 331 -12.53 -41.02 34.70
N ILE D 332 -11.85 -39.98 35.21
CA ILE D 332 -12.41 -38.64 35.05
C ILE D 332 -12.17 -38.08 33.66
N GLY D 333 -11.05 -38.44 33.02
CA GLY D 333 -10.60 -37.71 31.86
C GLY D 333 -11.31 -38.07 30.56
N VAL D 334 -11.24 -39.34 30.17
CA VAL D 334 -11.83 -39.76 28.91
C VAL D 334 -13.34 -39.93 29.09
N PRO D 335 -14.15 -39.22 28.30
CA PRO D 335 -15.60 -39.43 28.35
C PRO D 335 -15.95 -40.75 27.68
N VAL D 336 -16.55 -41.65 28.44
CA VAL D 336 -16.83 -42.99 27.94
C VAL D 336 -17.84 -42.94 26.81
N GLY D 337 -18.91 -42.17 26.99
CA GLY D 337 -20.01 -42.22 26.06
C GLY D 337 -20.37 -40.90 25.39
N LEU D 338 -19.37 -40.10 25.02
CA LEU D 338 -19.65 -38.86 24.30
C LEU D 338 -20.32 -39.11 22.95
N PRO D 339 -19.73 -39.88 22.03
CA PRO D 339 -20.42 -40.09 20.74
C PRO D 339 -21.75 -40.81 20.88
N ALA D 340 -21.88 -41.71 21.88
CA ALA D 340 -23.13 -42.42 22.05
C ALA D 340 -24.26 -41.48 22.43
N VAL D 341 -24.02 -40.57 23.39
CA VAL D 341 -25.06 -39.66 23.80
C VAL D 341 -25.30 -38.59 22.74
N VAL D 342 -24.28 -38.22 21.97
CA VAL D 342 -24.52 -37.31 20.85
C VAL D 342 -25.43 -37.96 19.81
N THR D 343 -25.16 -39.22 19.47
CA THR D 343 -26.04 -39.91 18.53
C THR D 343 -27.44 -40.09 19.11
N THR D 344 -27.54 -40.30 20.43
CA THR D 344 -28.85 -40.38 21.06
C THR D 344 -29.61 -39.06 20.95
N THR D 345 -28.91 -37.94 21.15
CA THR D 345 -29.54 -36.63 20.98
C THR D 345 -30.01 -36.45 19.55
N MET D 346 -29.17 -36.81 18.58
CA MET D 346 -29.58 -36.71 17.18
C MET D 346 -30.79 -37.58 16.89
N ALA D 347 -30.83 -38.80 17.43
CA ALA D 347 -31.93 -39.71 17.14
C ALA D 347 -33.22 -39.23 17.78
N VAL D 348 -33.16 -38.76 19.02
CA VAL D 348 -34.36 -38.23 19.66
C VAL D 348 -34.86 -37.00 18.92
N GLY D 349 -33.95 -36.14 18.48
CA GLY D 349 -34.35 -34.99 17.69
C GLY D 349 -34.97 -35.38 16.37
N ALA D 350 -34.41 -36.39 15.71
CA ALA D 350 -34.99 -36.86 14.45
C ALA D 350 -36.38 -37.43 14.66
N ALA D 351 -36.57 -38.17 15.75
CA ALA D 351 -37.91 -38.66 16.07
C ALA D 351 -38.88 -37.53 16.30
N TYR D 352 -38.45 -36.50 17.04
CA TYR D 352 -39.32 -35.36 17.28
C TYR D 352 -39.65 -34.64 15.97
N LEU D 353 -38.67 -34.53 15.07
CA LEU D 353 -38.91 -33.92 13.77
C LEU D 353 -39.91 -34.73 12.95
N ALA D 354 -39.73 -36.05 12.92
CA ALA D 354 -40.67 -36.90 12.19
C ALA D 354 -42.06 -36.83 12.79
N LYS D 355 -42.17 -36.55 14.08
CA LYS D 355 -43.47 -36.26 14.67
C LYS D 355 -44.06 -34.99 14.08
N LYS D 356 -43.22 -34.01 13.76
CA LYS D 356 -43.63 -32.75 13.14
C LYS D 356 -43.78 -32.87 11.62
N LYS D 357 -43.87 -34.08 11.10
CA LYS D 357 -44.00 -34.34 9.66
C LYS D 357 -42.76 -33.84 8.90
N ALA D 358 -41.60 -34.34 9.33
CA ALA D 358 -40.34 -34.04 8.64
C ALA D 358 -39.40 -35.22 8.88
N ILE D 359 -39.36 -36.15 7.94
CA ILE D 359 -38.57 -37.37 8.08
C ILE D 359 -37.18 -37.12 7.51
N VAL D 360 -36.17 -37.50 8.28
CA VAL D 360 -34.78 -37.22 7.95
C VAL D 360 -34.15 -38.47 7.36
N GLN D 361 -33.49 -38.33 6.20
CA GLN D 361 -32.92 -39.48 5.52
C GLN D 361 -31.71 -40.01 6.28
N LYS D 362 -30.68 -39.18 6.41
CA LYS D 362 -29.48 -39.53 7.18
C LYS D 362 -29.44 -38.66 8.42
N LEU D 363 -29.01 -39.26 9.55
CA LEU D 363 -29.02 -38.54 10.82
C LEU D 363 -28.19 -37.28 10.78
N SER D 364 -27.23 -37.19 9.86
CA SER D 364 -26.40 -36.00 9.75
C SER D 364 -27.13 -34.80 9.14
N ALA D 365 -28.32 -35.00 8.59
CA ALA D 365 -29.04 -33.89 7.98
C ALA D 365 -29.57 -32.91 9.01
N ILE D 366 -29.62 -33.30 10.28
CA ILE D 366 -30.07 -32.38 11.32
C ILE D 366 -29.11 -31.20 11.42
N GLU D 367 -27.81 -31.49 11.51
CA GLU D 367 -26.82 -30.43 11.60
C GLU D 367 -26.79 -29.58 10.33
N SER D 368 -26.90 -30.24 9.17
CA SER D 368 -26.92 -29.49 7.92
C SER D 368 -28.10 -28.53 7.86
N LEU D 369 -29.28 -28.99 8.26
CA LEU D 369 -30.44 -28.08 8.27
C LEU D 369 -30.25 -26.97 9.28
N ALA D 370 -29.64 -27.28 10.44
CA ALA D 370 -29.37 -26.23 11.42
C ALA D 370 -28.41 -25.19 10.87
N GLY D 371 -27.53 -25.58 9.96
CA GLY D 371 -26.52 -24.67 9.46
C GLY D 371 -26.85 -23.87 8.23
N VAL D 372 -27.98 -24.13 7.57
CA VAL D 372 -28.27 -23.48 6.30
C VAL D 372 -28.48 -21.98 6.50
N GLU D 373 -27.96 -21.20 5.56
CA GLU D 373 -28.14 -19.76 5.56
C GLU D 373 -29.05 -19.26 4.45
N ILE D 374 -29.11 -19.97 3.33
CA ILE D 374 -29.94 -19.59 2.20
C ILE D 374 -30.85 -20.76 1.87
N LEU D 375 -32.14 -20.50 1.76
CA LEU D 375 -33.14 -21.51 1.42
C LEU D 375 -33.74 -21.14 0.07
N CYS D 376 -33.34 -21.87 -0.97
CA CYS D 376 -33.82 -21.63 -2.32
C CYS D 376 -35.02 -22.54 -2.56
N SER D 377 -36.22 -21.97 -2.47
CA SER D 377 -37.45 -22.75 -2.54
C SER D 377 -38.24 -22.38 -3.79
N ASP D 378 -38.75 -23.39 -4.48
CA ASP D 378 -39.65 -23.16 -5.60
C ASP D 378 -40.94 -22.53 -5.13
N LYS D 379 -41.43 -21.56 -5.90
CA LYS D 379 -42.63 -20.83 -5.50
C LYS D 379 -43.85 -21.75 -5.46
N THR D 380 -44.02 -22.58 -6.47
CA THR D 380 -45.23 -23.38 -6.59
C THR D 380 -45.15 -24.59 -5.67
N GLY D 381 -46.12 -24.71 -4.77
CA GLY D 381 -46.19 -25.82 -3.85
C GLY D 381 -45.56 -25.56 -2.49
N THR D 382 -44.69 -24.57 -2.38
CA THR D 382 -44.07 -24.22 -1.11
C THR D 382 -44.49 -22.83 -0.64
N LEU D 383 -44.29 -21.81 -1.46
CA LEU D 383 -44.70 -20.45 -1.11
C LEU D 383 -46.14 -20.17 -1.51
N THR D 384 -46.79 -21.08 -2.22
CA THR D 384 -48.15 -20.86 -2.67
C THR D 384 -48.83 -22.21 -2.87
N LYS D 385 -50.16 -22.20 -2.87
CA LYS D 385 -50.93 -23.42 -2.96
C LYS D 385 -50.97 -23.92 -4.41
N ASN D 386 -51.29 -25.19 -4.57
CA ASN D 386 -51.33 -25.79 -5.90
C ASN D 386 -52.68 -25.68 -6.58
N LYS D 387 -53.71 -25.17 -5.90
CA LYS D 387 -55.01 -25.00 -6.52
C LYS D 387 -55.14 -23.58 -7.05
N LEU D 388 -55.53 -23.46 -8.32
CA LEU D 388 -55.54 -22.19 -9.04
C LEU D 388 -56.96 -21.67 -9.21
N SER D 389 -57.09 -20.35 -9.12
CA SER D 389 -58.37 -19.67 -9.34
C SER D 389 -58.35 -19.02 -10.72
N LEU D 390 -59.43 -19.23 -11.47
CA LEU D 390 -59.55 -18.73 -12.84
C LEU D 390 -60.49 -17.53 -12.86
N HIS D 391 -60.03 -16.43 -13.45
CA HIS D 391 -60.76 -15.15 -13.40
C HIS D 391 -60.94 -14.62 -14.82
N ASP D 392 -62.12 -14.85 -15.41
CA ASP D 392 -62.56 -14.21 -16.65
C ASP D 392 -61.53 -14.35 -17.78
N PRO D 393 -61.42 -15.53 -18.41
CA PRO D 393 -60.49 -15.71 -19.52
C PRO D 393 -60.54 -14.55 -20.52
N TYR D 394 -59.35 -14.14 -20.97
CA TYR D 394 -59.20 -13.02 -21.90
C TYR D 394 -59.57 -13.49 -23.30
N THR D 395 -60.87 -13.49 -23.59
CA THR D 395 -61.38 -13.92 -24.88
C THR D 395 -61.45 -12.76 -25.88
N VAL D 396 -60.71 -11.69 -25.63
CA VAL D 396 -60.65 -10.57 -26.56
C VAL D 396 -59.55 -10.88 -27.56
N ALA D 397 -59.95 -11.31 -28.76
CA ALA D 397 -59.02 -11.77 -29.78
C ALA D 397 -59.64 -11.48 -31.14
N GLY D 398 -59.14 -12.16 -32.17
CA GLY D 398 -59.68 -12.03 -33.50
C GLY D 398 -60.97 -12.81 -33.69
N VAL D 399 -61.03 -13.59 -34.78
CA VAL D 399 -62.25 -14.32 -35.11
C VAL D 399 -62.64 -15.29 -34.00
N ASP D 400 -61.67 -15.81 -33.25
CA ASP D 400 -61.93 -16.84 -32.24
C ASP D 400 -62.62 -16.25 -31.02
N PRO D 401 -63.93 -16.47 -30.86
CA PRO D 401 -64.65 -15.80 -29.76
C PRO D 401 -64.50 -16.45 -28.40
N GLU D 402 -64.52 -17.79 -28.35
CA GLU D 402 -64.55 -18.49 -27.09
C GLU D 402 -63.71 -19.76 -27.10
N ASP D 403 -62.88 -19.97 -28.13
CA ASP D 403 -62.17 -21.23 -28.29
C ASP D 403 -61.11 -21.47 -27.23
N LEU D 404 -60.82 -20.48 -26.38
CA LEU D 404 -59.82 -20.66 -25.34
C LEU D 404 -60.13 -21.86 -24.47
N MET D 405 -61.34 -21.92 -23.91
CA MET D 405 -61.70 -23.00 -23.00
C MET D 405 -61.62 -24.35 -23.70
N LEU D 406 -62.22 -24.45 -24.88
CA LEU D 406 -62.29 -25.73 -25.59
C LEU D 406 -60.89 -26.23 -25.94
N THR D 407 -60.07 -25.37 -26.52
CA THR D 407 -58.74 -25.81 -26.97
C THR D 407 -57.83 -26.06 -25.79
N ALA D 408 -57.94 -25.26 -24.72
CA ALA D 408 -57.11 -25.48 -23.54
C ALA D 408 -57.46 -26.79 -22.85
N CYS D 409 -58.75 -27.07 -22.67
CA CYS D 409 -59.16 -28.34 -22.10
C CYS D 409 -58.89 -29.50 -23.04
N LEU D 410 -58.71 -29.22 -24.33
CA LEU D 410 -58.34 -30.27 -25.27
C LEU D 410 -56.99 -30.88 -24.92
N ALA D 411 -56.09 -30.10 -24.32
CA ALA D 411 -54.76 -30.54 -23.95
C ALA D 411 -54.69 -31.12 -22.55
N ALA D 412 -55.79 -31.70 -22.06
CA ALA D 412 -55.84 -32.26 -20.72
C ALA D 412 -55.51 -33.75 -20.78
N SER D 413 -54.56 -34.18 -19.94
CA SER D 413 -54.24 -35.60 -19.86
C SER D 413 -55.40 -36.41 -19.28
N ARG D 414 -56.16 -35.80 -18.36
CA ARG D 414 -57.41 -36.38 -17.86
C ARG D 414 -57.22 -37.74 -17.21
N LYS D 415 -56.04 -38.00 -16.63
CA LYS D 415 -55.84 -39.25 -15.91
C LYS D 415 -56.52 -39.22 -14.55
N LYS D 416 -56.50 -38.07 -13.88
CA LYS D 416 -57.04 -37.87 -12.53
C LYS D 416 -56.35 -38.73 -11.48
N LYS D 417 -55.19 -39.31 -11.82
CA LYS D 417 -54.33 -39.97 -10.85
C LYS D 417 -52.86 -39.61 -11.00
N GLY D 418 -52.49 -38.88 -12.05
CA GLY D 418 -51.12 -38.44 -12.23
C GLY D 418 -51.05 -37.05 -12.82
N ILE D 419 -52.20 -36.38 -12.92
CA ILE D 419 -52.24 -35.04 -13.49
C ILE D 419 -51.63 -34.05 -12.50
N ASP D 420 -51.07 -32.97 -13.04
CA ASP D 420 -50.40 -31.97 -12.22
C ASP D 420 -51.41 -30.97 -11.68
N ALA D 421 -50.92 -29.91 -11.03
CA ALA D 421 -51.80 -28.89 -10.47
C ALA D 421 -52.46 -28.05 -11.56
N ILE D 422 -51.76 -27.81 -12.67
CA ILE D 422 -52.30 -26.98 -13.73
C ILE D 422 -53.53 -27.63 -14.36
N ASP D 423 -53.47 -28.94 -14.59
CA ASP D 423 -54.53 -29.63 -15.32
C ASP D 423 -55.87 -29.57 -14.58
N LYS D 424 -55.82 -29.64 -13.24
CA LYS D 424 -57.06 -29.74 -12.48
C LYS D 424 -57.94 -28.50 -12.64
N ALA D 425 -57.33 -27.31 -12.59
CA ALA D 425 -58.12 -26.08 -12.58
C ALA D 425 -58.94 -25.92 -13.85
N PHE D 426 -58.44 -26.42 -14.99
CA PHE D 426 -59.20 -26.35 -16.22
C PHE D 426 -60.49 -27.17 -16.11
N LEU D 427 -60.41 -28.36 -15.52
CA LEU D 427 -61.58 -29.20 -15.39
C LEU D 427 -62.54 -28.66 -14.34
N LYS D 428 -62.02 -28.19 -13.20
CA LYS D 428 -62.89 -27.67 -12.16
C LYS D 428 -63.62 -26.42 -12.61
N SER D 429 -63.03 -25.65 -13.52
CA SER D 429 -63.64 -24.44 -14.05
C SER D 429 -64.18 -24.64 -15.46
N LEU D 430 -64.76 -25.82 -15.73
CA LEU D 430 -65.39 -26.11 -17.00
C LEU D 430 -66.91 -25.91 -16.95
N LYS D 431 -67.38 -24.97 -16.14
CA LYS D 431 -68.81 -24.66 -16.06
C LYS D 431 -69.23 -23.78 -17.24
N TYR D 432 -69.06 -24.34 -18.44
CA TYR D 432 -69.38 -23.67 -19.68
C TYR D 432 -70.53 -24.39 -20.37
N TYR D 433 -71.54 -23.64 -20.79
CA TYR D 433 -72.78 -24.22 -21.29
C TYR D 433 -72.71 -24.70 -22.75
N PRO D 434 -72.18 -23.91 -23.72
CA PRO D 434 -72.41 -24.26 -25.13
C PRO D 434 -71.85 -25.58 -25.58
N ARG D 435 -70.57 -25.85 -25.31
CA ARG D 435 -69.93 -27.03 -25.89
C ARG D 435 -69.02 -27.80 -24.93
N ALA D 436 -69.00 -27.46 -23.64
CA ALA D 436 -68.08 -28.14 -22.73
C ALA D 436 -68.40 -29.63 -22.62
N LYS D 437 -69.66 -30.01 -22.83
CA LYS D 437 -70.00 -31.43 -22.85
C LYS D 437 -69.54 -32.09 -24.14
N SER D 438 -69.69 -31.40 -25.28
CA SER D 438 -69.34 -31.96 -26.56
C SER D 438 -67.86 -31.81 -26.90
N VAL D 439 -67.11 -31.01 -26.13
CA VAL D 439 -65.71 -30.79 -26.45
C VAL D 439 -64.81 -31.94 -26.01
N LEU D 440 -65.25 -32.75 -25.04
CA LEU D 440 -64.45 -33.85 -24.53
C LEU D 440 -64.77 -35.17 -25.22
N SER D 441 -65.62 -35.15 -26.25
CA SER D 441 -66.06 -36.36 -26.94
C SER D 441 -65.42 -36.41 -28.32
N LYS D 442 -64.88 -37.59 -28.66
CA LYS D 442 -64.33 -37.93 -29.98
C LYS D 442 -63.04 -37.19 -30.30
N TYR D 443 -62.60 -36.26 -29.46
CA TYR D 443 -61.32 -35.57 -29.67
C TYR D 443 -60.19 -36.51 -29.27
N LYS D 444 -60.05 -37.58 -30.06
CA LYS D 444 -59.03 -38.59 -29.76
C LYS D 444 -57.64 -38.02 -29.92
N VAL D 445 -56.80 -38.26 -28.92
CA VAL D 445 -55.44 -37.72 -28.90
C VAL D 445 -54.54 -38.61 -29.74
N LEU D 446 -53.78 -37.99 -30.64
CA LEU D 446 -52.80 -38.69 -31.46
C LEU D 446 -51.40 -38.54 -30.88
N GLN D 447 -50.93 -37.31 -30.72
CA GLN D 447 -49.66 -37.01 -30.10
C GLN D 447 -49.88 -36.04 -28.95
N PHE D 448 -49.18 -36.26 -27.85
CA PHE D 448 -49.31 -35.43 -26.65
C PHE D 448 -47.91 -35.23 -26.07
N HIS D 449 -47.26 -34.15 -26.49
CA HIS D 449 -45.96 -33.80 -25.92
C HIS D 449 -46.15 -33.28 -24.50
N PRO D 450 -45.54 -33.90 -23.51
CA PRO D 450 -45.72 -33.43 -22.13
C PRO D 450 -45.06 -32.08 -21.91
N PHE D 451 -45.47 -31.42 -20.84
CA PHE D 451 -44.93 -30.12 -20.45
C PHE D 451 -43.42 -30.21 -20.23
N ASP D 452 -42.64 -29.57 -21.09
CA ASP D 452 -41.19 -29.60 -21.00
C ASP D 452 -40.69 -28.37 -20.27
N PRO D 453 -39.96 -28.50 -19.17
CA PRO D 453 -39.52 -27.32 -18.43
C PRO D 453 -38.63 -26.38 -19.24
N VAL D 454 -37.81 -26.92 -20.14
CA VAL D 454 -36.97 -26.07 -20.97
C VAL D 454 -37.80 -25.28 -21.98
N SER D 455 -39.02 -25.74 -22.26
CA SER D 455 -39.89 -25.07 -23.22
C SER D 455 -41.07 -24.34 -22.57
N LYS D 456 -41.45 -24.73 -21.36
CA LYS D 456 -42.63 -24.16 -20.68
C LYS D 456 -43.84 -24.21 -21.60
N LYS D 457 -44.08 -25.38 -22.18
CA LYS D 457 -45.02 -25.50 -23.28
C LYS D 457 -45.46 -26.95 -23.44
N VAL D 458 -46.76 -27.19 -23.40
CA VAL D 458 -47.34 -28.49 -23.68
C VAL D 458 -48.00 -28.44 -25.05
N VAL D 459 -47.68 -29.43 -25.89
CA VAL D 459 -48.19 -29.49 -27.25
C VAL D 459 -48.90 -30.83 -27.44
N ALA D 460 -50.13 -30.79 -27.94
CA ALA D 460 -50.93 -31.98 -28.17
C ALA D 460 -51.48 -31.96 -29.59
N VAL D 461 -51.53 -33.14 -30.21
CA VAL D 461 -52.12 -33.31 -31.54
C VAL D 461 -53.26 -34.31 -31.40
N VAL D 462 -54.47 -33.89 -31.76
CA VAL D 462 -55.67 -34.71 -31.57
C VAL D 462 -56.48 -34.69 -32.87
N GLU D 463 -57.49 -35.56 -32.90
CA GLU D 463 -58.43 -35.63 -34.00
C GLU D 463 -59.70 -34.86 -33.67
N SER D 464 -60.47 -34.55 -34.71
CA SER D 464 -61.72 -33.83 -34.58
C SER D 464 -62.77 -34.45 -35.49
N PRO D 465 -64.06 -34.28 -35.16
CA PRO D 465 -65.11 -34.79 -36.06
C PRO D 465 -65.05 -34.18 -37.44
N GLN D 466 -64.62 -32.92 -37.55
CA GLN D 466 -64.39 -32.30 -38.84
C GLN D 466 -63.22 -32.91 -39.59
N GLY D 467 -62.41 -33.73 -38.92
CA GLY D 467 -61.31 -34.44 -39.56
C GLY D 467 -59.97 -33.75 -39.49
N GLU D 468 -59.92 -32.51 -38.99
CA GLU D 468 -58.66 -31.79 -38.94
C GLU D 468 -57.79 -32.32 -37.80
N ARG D 469 -56.51 -31.98 -37.86
CA ARG D 469 -55.53 -32.32 -36.82
C ARG D 469 -55.25 -31.04 -36.02
N ILE D 470 -56.07 -30.81 -35.00
CA ILE D 470 -55.96 -29.61 -34.17
C ILE D 470 -54.77 -29.83 -33.24
N THR D 471 -53.64 -29.19 -33.56
CA THR D 471 -52.43 -29.30 -32.73
C THR D 471 -52.45 -28.18 -31.71
N CYS D 472 -53.05 -28.45 -30.55
CA CYS D 472 -53.09 -27.46 -29.48
C CYS D 472 -51.70 -27.25 -28.88
N VAL D 473 -51.42 -26.01 -28.51
CA VAL D 473 -50.20 -25.64 -27.80
C VAL D 473 -50.56 -24.71 -26.66
N LYS D 474 -49.99 -24.98 -25.49
CA LYS D 474 -50.31 -24.21 -24.28
C LYS D 474 -49.05 -24.07 -23.44
N GLY D 475 -48.78 -22.86 -22.98
CA GLY D 475 -47.60 -22.62 -22.18
C GLY D 475 -47.48 -21.20 -21.66
N ALA D 476 -46.26 -20.73 -21.46
CA ALA D 476 -46.06 -19.35 -21.05
C ALA D 476 -46.58 -18.42 -22.14
N PRO D 477 -47.19 -17.29 -21.76
CA PRO D 477 -47.83 -16.44 -22.78
C PRO D 477 -46.87 -15.94 -23.86
N LEU D 478 -45.63 -15.65 -23.50
CA LEU D 478 -44.67 -15.20 -24.51
C LEU D 478 -44.23 -16.35 -25.41
N PHE D 479 -44.10 -17.55 -24.84
CA PHE D 479 -43.61 -18.69 -25.62
C PHE D 479 -44.61 -19.14 -26.67
N VAL D 480 -45.91 -19.00 -26.39
CA VAL D 480 -46.91 -19.32 -27.42
C VAL D 480 -46.76 -18.38 -28.61
N LEU D 481 -46.53 -17.10 -28.35
CA LEU D 481 -46.29 -16.16 -29.44
C LEU D 481 -44.99 -16.48 -30.17
N LYS D 482 -43.95 -16.87 -29.43
CA LYS D 482 -42.73 -17.33 -30.09
C LYS D 482 -42.99 -18.55 -30.96
N THR D 483 -44.00 -19.34 -30.62
CA THR D 483 -44.38 -20.47 -31.46
C THR D 483 -45.16 -20.02 -32.69
N VAL D 484 -46.03 -19.01 -32.53
CA VAL D 484 -46.92 -18.59 -33.61
C VAL D 484 -46.32 -17.44 -34.41
N GLU D 485 -45.03 -17.14 -34.23
CA GLU D 485 -44.40 -16.05 -34.96
C GLU D 485 -44.20 -16.37 -36.43
N GLU D 486 -44.36 -17.63 -36.85
CA GLU D 486 -44.13 -18.00 -38.23
C GLU D 486 -45.29 -17.59 -39.13
N ASP D 487 -46.48 -18.12 -38.85
CA ASP D 487 -47.68 -17.77 -39.60
C ASP D 487 -48.42 -16.65 -38.88
N HIS D 488 -48.91 -15.68 -39.66
CA HIS D 488 -49.51 -14.47 -39.11
C HIS D 488 -48.47 -13.79 -38.22
N PRO D 489 -47.36 -13.31 -38.79
CA PRO D 489 -46.18 -12.96 -37.99
C PRO D 489 -46.31 -11.58 -37.35
N ILE D 490 -46.53 -11.57 -36.03
CA ILE D 490 -46.45 -10.38 -35.18
C ILE D 490 -47.14 -9.17 -35.80
N PRO D 491 -48.47 -9.16 -35.93
CA PRO D 491 -49.14 -7.90 -36.28
C PRO D 491 -49.11 -6.93 -35.11
N GLU D 492 -48.85 -5.66 -35.41
CA GLU D 492 -48.71 -4.66 -34.36
C GLU D 492 -50.01 -4.43 -33.61
N GLU D 493 -51.15 -4.65 -34.27
CA GLU D 493 -52.43 -4.43 -33.61
C GLU D 493 -52.66 -5.42 -32.47
N VAL D 494 -52.29 -6.68 -32.67
CA VAL D 494 -52.57 -7.73 -31.70
C VAL D 494 -51.41 -7.97 -30.75
N ASP D 495 -50.17 -7.87 -31.25
CA ASP D 495 -49.02 -8.16 -30.40
C ASP D 495 -48.89 -7.15 -29.26
N GLN D 496 -49.09 -5.86 -29.55
CA GLN D 496 -49.00 -4.85 -28.51
C GLN D 496 -50.08 -5.05 -27.46
N ALA D 497 -51.31 -5.33 -27.89
CA ALA D 497 -52.39 -5.59 -26.95
C ALA D 497 -52.11 -6.83 -26.11
N TYR D 498 -51.57 -7.88 -26.73
CA TYR D 498 -51.25 -9.11 -26.02
C TYR D 498 -50.20 -8.86 -24.93
N LYS D 499 -49.12 -8.16 -25.30
CA LYS D 499 -48.08 -7.87 -24.32
C LYS D 499 -48.60 -6.96 -23.21
N ASN D 500 -49.42 -5.96 -23.56
CA ASN D 500 -50.00 -5.09 -22.55
C ASN D 500 -50.89 -5.86 -21.60
N LYS D 501 -51.69 -6.80 -22.12
CA LYS D 501 -52.59 -7.55 -21.26
C LYS D 501 -51.83 -8.52 -20.36
N VAL D 502 -50.77 -9.16 -20.89
CA VAL D 502 -50.01 -10.06 -20.03
C VAL D 502 -49.28 -9.27 -18.95
N ALA D 503 -48.79 -8.08 -19.28
CA ALA D 503 -48.19 -7.23 -18.24
C ALA D 503 -49.23 -6.80 -17.21
N GLU D 504 -50.44 -6.48 -17.66
CA GLU D 504 -51.49 -6.07 -16.74
C GLU D 504 -51.86 -7.21 -15.79
N PHE D 505 -51.99 -8.42 -16.31
CA PHE D 505 -52.31 -9.55 -15.43
C PHE D 505 -51.13 -9.94 -14.56
N ALA D 506 -49.90 -9.64 -15.00
CA ALA D 506 -48.77 -9.74 -14.09
C ALA D 506 -48.91 -8.76 -12.94
N THR D 507 -49.33 -7.53 -13.23
CA THR D 507 -49.55 -6.54 -12.18
C THR D 507 -50.65 -6.97 -11.23
N ARG D 508 -51.62 -7.73 -11.73
CA ARG D 508 -52.72 -8.24 -10.91
C ARG D 508 -52.39 -9.56 -10.23
N GLY D 509 -51.15 -10.01 -10.31
CA GLY D 509 -50.75 -11.26 -9.68
C GLY D 509 -51.42 -12.49 -10.26
N PHE D 510 -51.50 -12.58 -11.59
CA PHE D 510 -52.19 -13.65 -12.26
C PHE D 510 -51.22 -14.44 -13.12
N ARG D 511 -51.16 -15.75 -12.90
CA ARG D 511 -50.46 -16.62 -13.83
C ARG D 511 -51.27 -16.74 -15.12
N SER D 512 -50.60 -16.53 -16.25
CA SER D 512 -51.28 -16.49 -17.53
C SER D 512 -50.79 -17.64 -18.42
N LEU D 513 -51.70 -18.15 -19.24
CA LEU D 513 -51.42 -19.23 -20.17
C LEU D 513 -51.94 -18.86 -21.54
N GLY D 514 -51.08 -19.00 -22.56
CA GLY D 514 -51.47 -18.72 -23.93
C GLY D 514 -51.74 -19.99 -24.70
N VAL D 515 -52.64 -19.89 -25.68
CA VAL D 515 -53.03 -21.03 -26.50
C VAL D 515 -53.05 -20.62 -27.97
N ALA D 516 -52.51 -21.48 -28.83
CA ALA D 516 -52.57 -21.30 -30.27
C ALA D 516 -53.08 -22.59 -30.90
N ARG D 517 -53.78 -22.46 -32.01
CA ARG D 517 -54.50 -23.56 -32.63
C ARG D 517 -54.08 -23.74 -34.08
N LYS D 518 -54.24 -24.96 -34.58
CA LYS D 518 -53.88 -25.32 -35.95
C LYS D 518 -55.05 -26.05 -36.59
N ARG D 519 -55.89 -25.31 -37.33
CA ARG D 519 -56.99 -25.94 -38.05
C ARG D 519 -56.45 -26.69 -39.26
N GLY D 520 -55.88 -25.95 -40.21
CA GLY D 520 -55.37 -26.52 -41.44
C GLY D 520 -53.86 -26.68 -41.41
N GLU D 521 -53.26 -26.64 -42.61
CA GLU D 521 -51.81 -26.73 -42.74
C GLU D 521 -51.13 -25.37 -42.82
N GLY D 522 -51.89 -24.29 -42.91
CA GLY D 522 -51.31 -22.96 -43.01
C GLY D 522 -52.04 -21.90 -42.21
N SER D 523 -52.69 -22.31 -41.12
CA SER D 523 -53.46 -21.40 -40.28
C SER D 523 -52.89 -21.42 -38.87
N TRP D 524 -52.63 -20.23 -38.32
CA TRP D 524 -52.12 -20.10 -36.96
C TRP D 524 -52.71 -18.81 -36.36
N GLU D 525 -53.83 -18.96 -35.67
CA GLU D 525 -54.42 -17.84 -34.94
C GLU D 525 -53.95 -17.85 -33.50
N ILE D 526 -53.96 -16.66 -32.90
CA ILE D 526 -53.62 -16.49 -31.49
C ILE D 526 -54.92 -16.33 -30.71
N LEU D 527 -55.13 -17.20 -29.73
CA LEU D 527 -56.42 -17.28 -29.05
C LEU D 527 -56.50 -16.31 -27.87
N GLY D 528 -55.51 -16.29 -26.99
CA GLY D 528 -55.50 -15.37 -25.89
C GLY D 528 -54.81 -15.96 -24.68
N ILE D 529 -54.88 -15.22 -23.57
CA ILE D 529 -54.25 -15.59 -22.31
C ILE D 529 -55.32 -16.00 -21.32
N MET D 530 -54.95 -16.93 -20.43
CA MET D 530 -55.85 -17.44 -19.40
C MET D 530 -55.35 -17.00 -18.03
N PRO D 531 -56.03 -16.10 -17.34
CA PRO D 531 -55.52 -15.56 -16.06
C PRO D 531 -55.81 -16.46 -14.85
N CYS D 532 -54.96 -17.46 -14.65
CA CYS D 532 -55.02 -18.28 -13.45
C CYS D 532 -54.35 -17.56 -12.29
N MET D 533 -54.67 -18.00 -11.07
CA MET D 533 -54.09 -17.40 -9.88
C MET D 533 -54.06 -18.43 -8.76
N ASP D 534 -52.89 -18.61 -8.17
CA ASP D 534 -52.71 -19.47 -7.00
C ASP D 534 -52.27 -18.63 -5.80
N PRO D 535 -53.15 -18.36 -4.84
CA PRO D 535 -52.80 -17.45 -3.76
C PRO D 535 -51.76 -18.07 -2.84
N PRO D 536 -50.95 -17.26 -2.17
CA PRO D 536 -50.00 -17.81 -1.20
C PRO D 536 -50.72 -18.43 -0.02
N ARG D 537 -50.06 -19.40 0.60
CA ARG D 537 -50.63 -20.05 1.77
C ARG D 537 -50.80 -19.03 2.90
N HIS D 538 -51.86 -19.21 3.68
CA HIS D 538 -52.24 -18.19 4.65
C HIS D 538 -51.19 -17.98 5.73
N ASP D 539 -50.26 -18.92 5.90
CA ASP D 539 -49.18 -18.78 6.86
C ASP D 539 -47.86 -18.38 6.21
N THR D 540 -47.84 -18.13 4.91
CA THR D 540 -46.58 -17.91 4.21
C THR D 540 -45.97 -16.55 4.53
N TYR D 541 -46.80 -15.51 4.60
CA TYR D 541 -46.26 -14.17 4.81
C TYR D 541 -45.55 -14.05 6.15
N LYS D 542 -46.22 -14.48 7.22
CA LYS D 542 -45.60 -14.41 8.54
C LYS D 542 -44.45 -15.38 8.68
N THR D 543 -44.50 -16.51 7.96
CA THR D 543 -43.37 -17.43 7.95
C THR D 543 -42.14 -16.78 7.33
N VAL D 544 -42.33 -16.05 6.22
CA VAL D 544 -41.20 -15.37 5.59
C VAL D 544 -40.72 -14.23 6.47
N CYS D 545 -41.64 -13.54 7.16
CA CYS D 545 -41.22 -12.49 8.09
C CYS D 545 -40.35 -13.06 9.21
N GLU D 546 -40.76 -14.19 9.79
CA GLU D 546 -39.98 -14.76 10.88
C GLU D 546 -38.71 -15.41 10.39
N ALA D 547 -38.67 -15.86 9.13
CA ALA D 547 -37.45 -16.45 8.59
C ALA D 547 -36.33 -15.43 8.47
N LYS D 548 -36.66 -14.13 8.42
CA LYS D 548 -35.62 -13.12 8.41
C LYS D 548 -35.00 -12.91 9.78
N THR D 549 -35.77 -13.18 10.84
CA THR D 549 -35.22 -13.13 12.18
C THR D 549 -34.39 -14.36 12.52
N LEU D 550 -34.54 -15.44 11.75
CA LEU D 550 -33.79 -16.66 11.95
C LEU D 550 -32.46 -16.68 11.21
N GLY D 551 -32.12 -15.60 10.51
CA GLY D 551 -30.88 -15.53 9.78
C GLY D 551 -30.94 -16.08 8.37
N LEU D 552 -32.05 -16.68 7.97
CA LEU D 552 -32.17 -17.19 6.61
C LEU D 552 -32.36 -16.04 5.62
N SER D 553 -32.22 -16.39 4.34
CA SER D 553 -32.53 -15.47 3.24
C SER D 553 -33.18 -16.32 2.15
N ILE D 554 -34.49 -16.20 2.01
CA ILE D 554 -35.25 -17.04 1.11
C ILE D 554 -35.10 -16.53 -0.32
N LYS D 555 -34.72 -17.43 -1.23
CA LYS D 555 -34.59 -17.11 -2.65
C LYS D 555 -35.64 -17.91 -3.40
N MET D 556 -36.65 -17.24 -3.91
CA MET D 556 -37.69 -17.92 -4.67
C MET D 556 -37.17 -18.33 -6.04
N LEU D 557 -37.69 -19.45 -6.55
CA LEU D 557 -37.37 -19.92 -7.89
C LEU D 557 -38.66 -20.19 -8.64
N THR D 558 -38.94 -19.37 -9.65
CA THR D 558 -40.16 -19.48 -10.43
C THR D 558 -39.83 -19.78 -11.88
N GLY D 559 -40.61 -20.68 -12.48
CA GLY D 559 -40.54 -20.82 -13.92
C GLY D 559 -41.32 -19.77 -14.66
N ASP D 560 -41.98 -18.88 -13.94
CA ASP D 560 -42.80 -17.83 -14.51
C ASP D 560 -41.91 -16.74 -15.10
N ALA D 561 -42.53 -15.76 -15.75
CA ALA D 561 -41.78 -14.61 -16.22
C ALA D 561 -41.42 -13.71 -15.05
N VAL D 562 -40.61 -12.69 -15.33
CA VAL D 562 -40.09 -11.84 -14.27
C VAL D 562 -41.21 -11.04 -13.61
N GLY D 563 -42.20 -10.59 -14.40
CA GLY D 563 -43.25 -9.76 -13.83
C GLY D 563 -44.08 -10.47 -12.79
N ILE D 564 -44.50 -11.70 -13.09
CA ILE D 564 -45.29 -12.48 -12.13
C ILE D 564 -44.48 -12.75 -10.88
N ALA D 565 -43.20 -13.12 -11.04
CA ALA D 565 -42.37 -13.39 -9.90
C ALA D 565 -42.19 -12.14 -9.04
N ARG D 566 -42.01 -10.99 -9.67
CA ARG D 566 -41.84 -9.75 -8.91
C ARG D 566 -43.11 -9.38 -8.17
N GLU D 567 -44.27 -9.57 -8.79
CA GLU D 567 -45.52 -9.27 -8.09
C GLU D 567 -45.74 -10.25 -6.93
N THR D 568 -45.38 -11.52 -7.11
CA THR D 568 -45.46 -12.46 -6.00
C THR D 568 -44.53 -12.07 -4.87
N SER D 569 -43.32 -11.60 -5.21
CA SER D 569 -42.40 -11.14 -4.18
C SER D 569 -42.97 -9.95 -3.42
N ARG D 570 -43.62 -9.02 -4.13
CA ARG D 570 -44.26 -7.90 -3.46
C ARG D 570 -45.39 -8.37 -2.55
N GLN D 571 -46.16 -9.36 -3.00
CA GLN D 571 -47.24 -9.90 -2.18
C GLN D 571 -46.71 -10.54 -0.92
N LEU D 572 -45.62 -11.31 -1.03
CA LEU D 572 -45.09 -12.09 0.07
C LEU D 572 -44.14 -11.29 0.96
N GLY D 573 -43.87 -10.04 0.64
CA GLY D 573 -42.85 -9.30 1.37
C GLY D 573 -41.47 -9.89 1.24
N LEU D 574 -41.17 -10.51 0.10
CA LEU D 574 -39.91 -11.19 -0.12
C LEU D 574 -38.84 -10.28 -0.72
N GLY D 575 -39.18 -9.03 -1.02
CA GLY D 575 -38.23 -8.14 -1.68
C GLY D 575 -38.24 -8.35 -3.18
N THR D 576 -38.06 -7.29 -3.95
CA THR D 576 -38.21 -7.35 -5.40
C THR D 576 -36.85 -7.11 -6.05
N ASN D 577 -36.05 -8.17 -6.14
CA ASN D 577 -34.86 -8.23 -6.98
C ASN D 577 -34.92 -9.57 -7.69
N ILE D 578 -35.64 -9.62 -8.80
CA ILE D 578 -35.85 -10.85 -9.56
C ILE D 578 -35.14 -10.72 -10.90
N TYR D 579 -34.26 -11.67 -11.19
CA TYR D 579 -33.48 -11.67 -12.42
C TYR D 579 -33.82 -12.91 -13.22
N ASN D 580 -34.01 -12.73 -14.52
CA ASN D 580 -34.20 -13.87 -15.40
C ASN D 580 -32.95 -14.74 -15.39
N ALA D 581 -33.14 -16.05 -15.22
CA ALA D 581 -31.98 -16.93 -15.03
C ALA D 581 -31.10 -16.97 -16.27
N GLU D 582 -31.70 -17.11 -17.46
CA GLU D 582 -30.90 -17.20 -18.67
C GLU D 582 -30.16 -15.90 -18.95
N ARG D 583 -30.83 -14.77 -18.78
CA ARG D 583 -30.19 -13.48 -19.04
C ARG D 583 -29.03 -13.24 -18.08
N LEU D 584 -29.19 -13.64 -16.82
CA LEU D 584 -28.20 -13.31 -15.80
C LEU D 584 -26.85 -13.96 -16.09
N GLY D 585 -26.86 -15.22 -16.52
CA GLY D 585 -25.61 -15.88 -16.81
C GLY D 585 -25.51 -17.28 -16.26
N LEU D 586 -26.62 -17.81 -15.74
CA LEU D 586 -26.64 -19.18 -15.25
C LEU D 586 -26.58 -20.15 -16.41
N GLY D 587 -25.38 -20.62 -16.76
CA GLY D 587 -25.19 -21.43 -17.93
C GLY D 587 -24.39 -20.69 -18.97
N GLY D 588 -24.96 -20.53 -20.17
CA GLY D 588 -24.35 -19.68 -21.16
C GLY D 588 -24.57 -18.22 -20.83
N GLY D 589 -23.49 -17.54 -20.41
CA GLY D 589 -23.61 -16.17 -19.97
C GLY D 589 -23.88 -15.20 -21.10
N GLY D 590 -24.24 -13.98 -20.70
CA GLY D 590 -24.51 -12.92 -21.65
C GLY D 590 -23.39 -11.90 -21.67
N ASP D 591 -22.15 -12.39 -21.56
CA ASP D 591 -20.93 -11.60 -21.50
C ASP D 591 -20.93 -10.74 -20.22
N MET D 592 -21.73 -11.10 -19.23
CA MET D 592 -21.66 -10.45 -17.93
C MET D 592 -20.36 -10.86 -17.24
N PRO D 593 -19.58 -9.90 -16.73
CA PRO D 593 -18.33 -10.26 -16.04
C PRO D 593 -18.60 -11.27 -14.93
N GLY D 594 -17.73 -12.27 -14.84
CA GLY D 594 -17.97 -13.37 -13.92
C GLY D 594 -17.99 -12.95 -12.47
N SER D 595 -17.19 -11.95 -12.10
CA SER D 595 -17.15 -11.51 -10.72
C SER D 595 -18.46 -10.91 -10.27
N GLU D 596 -19.30 -10.46 -11.20
CA GLU D 596 -20.54 -9.79 -10.86
C GLU D 596 -21.78 -10.64 -11.09
N VAL D 597 -21.70 -11.69 -11.92
CA VAL D 597 -22.82 -12.62 -12.00
C VAL D 597 -22.95 -13.40 -10.70
N TYR D 598 -21.82 -13.75 -10.09
CA TYR D 598 -21.85 -14.38 -8.76
C TYR D 598 -22.45 -13.42 -7.74
N ASP D 599 -22.09 -12.14 -7.82
CA ASP D 599 -22.63 -11.16 -6.89
C ASP D 599 -24.13 -10.98 -7.07
N PHE D 600 -24.60 -10.96 -8.32
CA PHE D 600 -26.03 -10.86 -8.56
C PHE D 600 -26.77 -12.09 -8.06
N VAL D 601 -26.20 -13.28 -8.25
CA VAL D 601 -26.84 -14.49 -7.75
C VAL D 601 -26.91 -14.47 -6.23
N GLU D 602 -25.82 -14.06 -5.57
CA GLU D 602 -25.79 -14.06 -4.12
C GLU D 602 -26.82 -13.09 -3.55
N ALA D 603 -26.88 -11.87 -4.08
CA ALA D 603 -27.82 -10.86 -3.63
C ALA D 603 -28.96 -10.81 -4.64
N ALA D 604 -29.86 -11.78 -4.53
CA ALA D 604 -30.99 -11.88 -5.44
C ALA D 604 -32.18 -12.41 -4.66
N ASP D 605 -33.30 -11.71 -4.73
CA ASP D 605 -34.50 -12.13 -4.02
C ASP D 605 -35.26 -13.24 -4.74
N GLY D 606 -34.84 -13.59 -5.96
CA GLY D 606 -35.51 -14.66 -6.68
C GLY D 606 -34.86 -14.85 -8.04
N PHE D 607 -35.40 -15.83 -8.77
CA PHE D 607 -34.92 -16.14 -10.11
C PHE D 607 -36.12 -16.59 -10.94
N ALA D 608 -36.49 -15.80 -11.93
CA ALA D 608 -37.63 -16.10 -12.77
C ALA D 608 -37.19 -16.83 -14.04
N GLU D 609 -38.12 -17.61 -14.60
CA GLU D 609 -37.88 -18.39 -15.80
C GLU D 609 -36.63 -19.27 -15.62
N VAL D 610 -36.74 -20.21 -14.68
CA VAL D 610 -35.64 -21.07 -14.29
C VAL D 610 -35.86 -22.46 -14.87
N PHE D 611 -34.83 -23.00 -15.50
CA PHE D 611 -34.82 -24.37 -15.99
C PHE D 611 -34.15 -25.28 -14.99
N PRO D 612 -34.28 -26.60 -15.16
CA PRO D 612 -33.65 -27.52 -14.20
C PRO D 612 -32.15 -27.31 -14.02
N GLN D 613 -31.42 -27.01 -15.08
CA GLN D 613 -29.96 -26.84 -14.95
C GLN D 613 -29.62 -25.58 -14.16
N HIS D 614 -30.45 -24.55 -14.26
CA HIS D 614 -30.18 -23.31 -13.53
C HIS D 614 -30.24 -23.54 -12.04
N LYS D 615 -31.03 -24.50 -11.57
CA LYS D 615 -31.08 -24.80 -10.15
C LYS D 615 -29.73 -25.30 -9.65
N TYR D 616 -29.13 -26.24 -10.39
CA TYR D 616 -27.82 -26.73 -10.03
C TYR D 616 -26.78 -25.63 -10.11
N ASN D 617 -26.86 -24.79 -11.15
CA ASN D 617 -25.89 -23.70 -11.26
C ASN D 617 -26.02 -22.72 -10.11
N VAL D 618 -27.24 -22.43 -9.68
CA VAL D 618 -27.44 -21.54 -8.54
C VAL D 618 -26.86 -22.15 -7.27
N VAL D 619 -27.08 -23.45 -7.06
CA VAL D 619 -26.52 -24.09 -5.88
C VAL D 619 -24.99 -24.06 -5.93
N GLU D 620 -24.42 -24.35 -7.09
CA GLU D 620 -22.97 -24.36 -7.23
C GLU D 620 -22.38 -22.97 -6.98
N ILE D 621 -23.04 -21.93 -7.50
CA ILE D 621 -22.53 -20.57 -7.32
C ILE D 621 -22.65 -20.15 -5.87
N LEU D 622 -23.78 -20.44 -5.23
CA LEU D 622 -24.00 -19.96 -3.87
C LEU D 622 -23.05 -20.60 -2.87
N GLN D 623 -22.57 -21.81 -3.16
CA GLN D 623 -21.60 -22.46 -2.29
C GLN D 623 -20.19 -21.91 -2.46
N GLN D 624 -19.88 -21.33 -3.62
CA GLN D 624 -18.57 -20.71 -3.80
C GLN D 624 -18.38 -19.53 -2.87
N ARG D 625 -19.43 -18.76 -2.64
CA ARG D 625 -19.36 -17.60 -1.76
C ARG D 625 -19.24 -17.98 -0.29
N GLY D 626 -19.42 -19.25 0.04
CA GLY D 626 -19.31 -19.70 1.42
C GLY D 626 -20.62 -19.87 2.15
N TYR D 627 -21.69 -20.24 1.45
CA TYR D 627 -22.98 -20.47 2.08
C TYR D 627 -23.29 -21.95 2.18
N LEU D 628 -24.29 -22.27 2.99
CA LEU D 628 -24.87 -23.60 3.06
C LEU D 628 -26.29 -23.49 2.55
N VAL D 629 -26.56 -24.11 1.42
CA VAL D 629 -27.79 -23.90 0.67
C VAL D 629 -28.74 -25.07 0.89
N ALA D 630 -30.00 -24.76 1.17
CA ALA D 630 -31.05 -25.76 1.30
C ALA D 630 -31.99 -25.61 0.11
N MET D 631 -32.15 -26.68 -0.66
CA MET D 631 -32.95 -26.63 -1.86
C MET D 631 -34.27 -27.36 -1.66
N THR D 632 -35.35 -26.74 -2.14
CA THR D 632 -36.67 -27.36 -2.13
C THR D 632 -36.85 -28.09 -3.45
N GLY D 633 -36.75 -29.41 -3.41
CA GLY D 633 -36.86 -30.23 -4.59
C GLY D 633 -38.20 -30.94 -4.68
N ASP D 634 -38.61 -31.24 -5.91
CA ASP D 634 -39.86 -31.94 -6.16
C ASP D 634 -39.76 -32.48 -7.59
N GLY D 635 -39.86 -33.79 -7.74
CA GLY D 635 -39.71 -34.40 -9.04
C GLY D 635 -38.29 -34.78 -9.36
N VAL D 636 -38.13 -35.48 -10.48
CA VAL D 636 -36.84 -36.01 -10.87
C VAL D 636 -35.95 -34.96 -11.53
N ASN D 637 -36.53 -33.84 -11.97
CA ASN D 637 -35.75 -32.83 -12.67
C ASN D 637 -34.66 -32.24 -11.78
N ASP D 638 -34.99 -31.98 -10.52
CA ASP D 638 -34.09 -31.30 -9.60
C ASP D 638 -33.35 -32.25 -8.68
N ALA D 639 -33.22 -33.52 -9.08
CA ALA D 639 -32.43 -34.46 -8.27
C ALA D 639 -30.96 -34.07 -8.18
N PRO D 640 -30.26 -33.73 -9.27
CA PRO D 640 -28.86 -33.31 -9.12
C PRO D 640 -28.69 -32.07 -8.25
N SER D 641 -29.63 -31.12 -8.33
CA SER D 641 -29.55 -29.95 -7.46
C SER D 641 -29.77 -30.34 -6.01
N LEU D 642 -30.68 -31.27 -5.76
CA LEU D 642 -30.89 -31.76 -4.40
C LEU D 642 -29.63 -32.43 -3.85
N LYS D 643 -28.95 -33.21 -4.69
CA LYS D 643 -27.71 -33.85 -4.23
C LYS D 643 -26.61 -32.83 -3.99
N LYS D 644 -26.50 -31.83 -4.87
CA LYS D 644 -25.42 -30.85 -4.73
C LYS D 644 -25.66 -29.92 -3.54
N ALA D 645 -26.92 -29.64 -3.21
CA ALA D 645 -27.22 -28.75 -2.11
C ALA D 645 -26.76 -29.38 -0.79
N ASP D 646 -26.38 -28.50 0.15
CA ASP D 646 -25.94 -28.99 1.46
C ASP D 646 -27.08 -29.69 2.19
N THR D 647 -28.32 -29.23 1.99
CA THR D 647 -29.50 -29.84 2.61
C THR D 647 -30.62 -29.87 1.57
N GLY D 648 -30.68 -30.96 0.81
CA GLY D 648 -31.75 -31.12 -0.15
C GLY D 648 -33.05 -31.46 0.55
N ILE D 649 -34.06 -30.62 0.38
CA ILE D 649 -35.36 -30.80 1.05
C ILE D 649 -36.36 -31.25 0.00
N ALA D 650 -36.92 -32.44 0.19
CA ALA D 650 -37.96 -32.95 -0.69
C ALA D 650 -39.31 -32.50 -0.15
N VAL D 651 -39.98 -31.63 -0.89
CA VAL D 651 -41.22 -31.01 -0.42
C VAL D 651 -42.38 -31.96 -0.65
N GLU D 652 -43.53 -31.65 -0.05
CA GLU D 652 -44.74 -32.45 -0.19
C GLU D 652 -45.04 -32.78 -1.65
N GLY D 653 -45.52 -33.99 -1.89
CA GLY D 653 -45.90 -34.42 -3.22
C GLY D 653 -44.75 -34.72 -4.15
N SER D 654 -43.53 -34.87 -3.62
CA SER D 654 -42.38 -35.14 -4.46
C SER D 654 -42.42 -36.57 -4.99
N SER D 655 -41.66 -36.81 -6.05
CA SER D 655 -41.55 -38.13 -6.61
C SER D 655 -40.59 -38.99 -5.79
N ASP D 656 -40.54 -40.27 -6.12
CA ASP D 656 -39.67 -41.18 -5.37
C ASP D 656 -38.21 -40.80 -5.51
N ALA D 657 -37.78 -40.44 -6.73
CA ALA D 657 -36.39 -40.07 -6.94
C ALA D 657 -36.02 -38.80 -6.18
N ALA D 658 -36.92 -37.82 -6.15
CA ALA D 658 -36.64 -36.57 -5.46
C ALA D 658 -36.38 -36.80 -3.98
N ARG D 659 -37.23 -37.60 -3.33
CA ARG D 659 -37.04 -37.87 -1.92
C ARG D 659 -35.89 -38.84 -1.66
N SER D 660 -35.56 -39.69 -2.63
CA SER D 660 -34.39 -40.54 -2.46
C SER D 660 -33.10 -39.74 -2.55
N ALA D 661 -33.08 -38.69 -3.36
CA ALA D 661 -31.89 -37.87 -3.52
C ALA D 661 -31.80 -36.75 -2.48
N ALA D 662 -32.84 -36.53 -1.69
CA ALA D 662 -32.87 -35.45 -0.74
C ALA D 662 -32.32 -35.89 0.62
N ASP D 663 -32.18 -34.92 1.52
CA ASP D 663 -31.74 -35.17 2.88
C ASP D 663 -32.89 -35.20 3.88
N ILE D 664 -33.89 -34.35 3.70
CA ILE D 664 -35.07 -34.32 4.55
C ILE D 664 -36.29 -34.45 3.65
N VAL D 665 -37.16 -35.40 3.99
CA VAL D 665 -38.41 -35.63 3.25
C VAL D 665 -39.56 -35.15 4.11
N PHE D 666 -40.37 -34.25 3.56
CA PHE D 666 -41.46 -33.65 4.31
C PHE D 666 -42.78 -34.32 3.94
N LEU D 667 -43.63 -34.49 4.95
CA LEU D 667 -44.99 -34.98 4.74
C LEU D 667 -46.03 -33.93 5.07
N ALA D 668 -45.63 -32.66 5.12
CA ALA D 668 -46.54 -31.53 5.27
C ALA D 668 -46.15 -30.45 4.28
N PRO D 669 -47.13 -29.75 3.71
CA PRO D 669 -46.83 -28.72 2.71
C PRO D 669 -46.55 -27.37 3.35
N GLY D 670 -46.00 -26.48 2.53
CA GLY D 670 -45.79 -25.11 2.92
C GLY D 670 -44.40 -24.84 3.47
N LEU D 671 -44.08 -23.55 3.56
CA LEU D 671 -42.82 -23.11 4.15
C LEU D 671 -42.87 -23.12 5.67
N GLY D 672 -44.07 -23.13 6.25
CA GLY D 672 -44.17 -23.18 7.71
C GLY D 672 -43.55 -24.44 8.28
N ALA D 673 -43.81 -25.58 7.63
CA ALA D 673 -43.22 -26.83 8.08
C ALA D 673 -41.70 -26.79 7.98
N ILE D 674 -41.18 -26.23 6.89
CA ILE D 674 -39.74 -26.15 6.71
C ILE D 674 -39.11 -25.28 7.80
N ILE D 675 -39.74 -24.14 8.10
CA ILE D 675 -39.18 -23.25 9.11
C ILE D 675 -39.28 -23.86 10.50
N ASP D 676 -40.38 -24.55 10.79
CA ASP D 676 -40.49 -25.23 12.08
C ASP D 676 -39.43 -26.31 12.22
N ALA D 677 -39.18 -27.06 11.15
CA ALA D 677 -38.12 -28.07 11.17
C ALA D 677 -36.76 -27.42 11.34
N LEU D 678 -36.54 -26.25 10.74
CA LEU D 678 -35.30 -25.52 10.92
C LEU D 678 -35.10 -25.15 12.39
N LYS D 679 -36.14 -24.61 13.01
CA LYS D 679 -36.04 -24.23 14.42
C LYS D 679 -35.78 -25.46 15.29
N THR D 680 -36.45 -26.57 15.00
CA THR D 680 -36.24 -27.78 15.77
C THR D 680 -34.82 -28.29 15.61
N SER D 681 -34.28 -28.26 14.39
CA SER D 681 -32.92 -28.70 14.16
C SER D 681 -31.93 -27.81 14.89
N ARG D 682 -32.18 -26.50 14.93
CA ARG D 682 -31.32 -25.61 15.69
C ARG D 682 -31.37 -25.95 17.18
N GLN D 683 -32.55 -26.28 17.70
CA GLN D 683 -32.65 -26.70 19.09
C GLN D 683 -31.85 -27.96 19.35
N ILE D 684 -31.95 -28.94 18.45
CA ILE D 684 -31.22 -30.19 18.62
C ILE D 684 -29.71 -29.94 18.60
N PHE D 685 -29.27 -29.09 17.68
CA PHE D 685 -27.85 -28.75 17.62
C PHE D 685 -27.42 -28.02 18.88
N HIS D 686 -28.28 -27.18 19.44
CA HIS D 686 -27.95 -26.50 20.69
C HIS D 686 -27.76 -27.52 21.81
N ARG D 687 -28.64 -28.53 21.87
CA ARG D 687 -28.47 -29.59 22.86
C ARG D 687 -27.13 -30.29 22.69
N MET D 688 -26.80 -30.65 21.46
CA MET D 688 -25.54 -31.33 21.18
C MET D 688 -24.34 -30.48 21.58
N TYR D 689 -24.33 -29.21 21.17
CA TYR D 689 -23.21 -28.33 21.47
C TYR D 689 -23.08 -28.08 22.97
N ALA D 690 -24.21 -27.88 23.65
CA ALA D 690 -24.17 -27.67 25.09
C ALA D 690 -23.60 -28.88 25.80
N TYR D 691 -24.02 -30.08 25.40
CA TYR D 691 -23.47 -31.27 26.04
C TYR D 691 -21.98 -31.41 25.78
N VAL D 692 -21.54 -31.14 24.56
CA VAL D 692 -20.12 -31.30 24.24
C VAL D 692 -19.29 -30.33 25.07
N VAL D 693 -19.73 -29.07 25.15
CA VAL D 693 -19.02 -28.08 25.96
C VAL D 693 -19.00 -28.50 27.42
N TYR D 694 -20.14 -28.95 27.93
CA TYR D 694 -20.21 -29.51 29.28
C TYR D 694 -19.17 -30.59 29.51
N ARG D 695 -19.15 -31.59 28.64
CA ARG D 695 -18.33 -32.77 28.86
C ARG D 695 -16.86 -32.41 28.85
N ILE D 696 -16.42 -31.68 27.83
CA ILE D 696 -14.99 -31.40 27.77
C ILE D 696 -14.59 -30.34 28.79
N ALA D 697 -15.48 -29.44 29.18
CA ALA D 697 -15.16 -28.48 30.23
C ALA D 697 -14.95 -29.18 31.57
N LEU D 698 -15.83 -30.11 31.93
CA LEU D 698 -15.62 -30.77 33.21
C LEU D 698 -14.46 -31.75 33.15
N SER D 699 -14.19 -32.34 31.98
CA SER D 699 -12.99 -33.15 31.82
C SER D 699 -11.74 -32.33 32.11
N ILE D 700 -11.61 -31.17 31.45
CA ILE D 700 -10.45 -30.32 31.69
C ILE D 700 -10.38 -29.89 33.14
N HIS D 701 -11.50 -29.42 33.69
CA HIS D 701 -11.62 -29.07 35.10
C HIS D 701 -10.99 -30.11 35.98
N LEU D 702 -11.56 -31.30 35.95
CA LEU D 702 -11.23 -32.27 36.96
C LEU D 702 -9.86 -32.89 36.71
N GLU D 703 -9.41 -32.94 35.45
CA GLU D 703 -8.06 -33.46 35.22
C GLU D 703 -7.00 -32.46 35.67
N ILE D 704 -7.16 -31.16 35.35
CA ILE D 704 -6.15 -30.21 35.79
C ILE D 704 -6.31 -29.84 37.25
N PHE D 705 -7.35 -30.33 37.91
CA PHE D 705 -7.34 -30.27 39.37
C PHE D 705 -6.64 -31.47 39.98
N LEU D 706 -7.10 -32.70 39.65
CA LEU D 706 -6.53 -33.87 40.31
C LEU D 706 -5.08 -34.10 39.91
N GLY D 707 -4.73 -33.92 38.64
CA GLY D 707 -3.34 -34.10 38.24
C GLY D 707 -2.41 -33.09 38.90
N LEU D 708 -2.83 -31.83 38.94
CA LEU D 708 -2.02 -30.82 39.62
C LEU D 708 -1.91 -31.11 41.11
N TRP D 709 -2.99 -31.59 41.73
CA TRP D 709 -2.97 -31.83 43.16
C TRP D 709 -2.11 -33.04 43.49
N ILE D 710 -2.12 -34.06 42.62
CA ILE D 710 -1.21 -35.19 42.78
C ILE D 710 0.23 -34.75 42.58
N ALA D 711 0.50 -33.95 41.54
CA ALA D 711 1.87 -33.54 41.27
C ALA D 711 2.43 -32.70 42.39
N ILE D 712 1.67 -31.69 42.83
CA ILE D 712 2.17 -30.77 43.85
C ILE D 712 2.24 -31.45 45.21
N LEU D 713 1.22 -32.25 45.56
CA LEU D 713 1.03 -32.64 46.95
C LEU D 713 0.89 -34.15 47.15
N ASN D 714 1.07 -34.95 46.11
CA ASN D 714 1.06 -36.41 46.23
C ASN D 714 -0.23 -36.91 46.88
N ARG D 715 -1.33 -36.23 46.58
CA ARG D 715 -2.62 -36.55 47.16
C ARG D 715 -3.67 -36.56 46.06
N SER D 716 -4.71 -37.37 46.27
CA SER D 716 -5.82 -37.44 45.33
C SER D 716 -7.07 -37.82 46.08
N LEU D 717 -8.21 -37.61 45.43
CA LEU D 717 -9.49 -37.96 46.04
C LEU D 717 -9.57 -39.47 46.25
N ASN D 718 -10.36 -39.87 47.25
CA ASN D 718 -10.62 -41.28 47.46
C ASN D 718 -11.22 -41.89 46.21
N ILE D 719 -10.83 -43.13 45.91
CA ILE D 719 -11.22 -43.72 44.63
C ILE D 719 -12.73 -43.88 44.54
N GLU D 720 -13.40 -44.21 45.65
CA GLU D 720 -14.85 -44.33 45.62
C GLU D 720 -15.50 -43.00 45.30
N LEU D 721 -15.00 -41.91 45.89
CA LEU D 721 -15.58 -40.60 45.64
C LEU D 721 -15.39 -40.17 44.19
N VAL D 722 -14.23 -40.45 43.61
CA VAL D 722 -14.00 -40.04 42.23
C VAL D 722 -14.84 -40.90 41.27
N VAL D 723 -15.04 -42.17 41.60
CA VAL D 723 -15.96 -43.00 40.83
C VAL D 723 -17.36 -42.43 40.89
N PHE D 724 -17.80 -41.99 42.06
CA PHE D 724 -19.14 -41.42 42.16
C PHE D 724 -19.25 -40.08 41.45
N ILE D 725 -18.17 -39.30 41.42
CA ILE D 725 -18.16 -38.08 40.62
C ILE D 725 -18.37 -38.42 39.15
N ALA D 726 -17.69 -39.47 38.67
CA ALA D 726 -17.89 -39.89 37.29
C ALA D 726 -19.32 -40.37 37.04
N ILE D 727 -19.89 -41.11 38.00
CA ILE D 727 -21.25 -41.59 37.85
C ILE D 727 -22.23 -40.42 37.78
N PHE D 728 -22.06 -39.43 38.64
CA PHE D 728 -22.94 -38.27 38.64
C PHE D 728 -22.86 -37.49 37.33
N ALA D 729 -21.77 -37.65 36.58
CA ALA D 729 -21.65 -37.05 35.26
C ALA D 729 -22.25 -37.92 34.17
N ASP D 730 -22.79 -39.08 34.52
CA ASP D 730 -23.53 -39.92 33.58
C ASP D 730 -24.99 -40.05 33.96
N VAL D 731 -25.43 -39.34 35.00
CA VAL D 731 -26.83 -39.29 35.37
C VAL D 731 -27.47 -37.97 34.97
N ALA D 732 -26.76 -36.86 35.14
CA ALA D 732 -27.22 -35.56 34.69
C ALA D 732 -27.02 -35.35 33.20
N THR D 733 -26.66 -36.39 32.46
CA THR D 733 -26.48 -36.30 31.02
C THR D 733 -27.38 -37.21 30.21
N LEU D 734 -28.00 -38.22 30.83
CA LEU D 734 -29.00 -38.99 30.11
C LEU D 734 -30.32 -38.24 29.99
N ALA D 735 -30.36 -36.96 30.37
CA ALA D 735 -31.55 -36.14 30.26
C ALA D 735 -31.36 -34.93 29.37
N ILE D 736 -30.15 -34.64 28.91
CA ILE D 736 -29.92 -33.45 28.09
C ILE D 736 -30.65 -33.57 26.77
N ALA D 737 -30.82 -34.80 26.26
CA ALA D 737 -31.52 -35.00 25.00
C ALA D 737 -33.00 -34.70 25.07
N TYR D 738 -33.55 -34.53 26.28
CA TYR D 738 -34.97 -34.23 26.48
C TYR D 738 -35.06 -32.96 27.32
N ASP D 739 -35.02 -31.79 26.68
CA ASP D 739 -35.22 -30.54 27.41
C ASP D 739 -35.62 -29.45 26.43
N ASN D 740 -36.13 -28.34 26.98
CA ASN D 740 -36.61 -27.22 26.19
C ASN D 740 -35.44 -26.30 25.84
N ALA D 741 -34.57 -26.82 24.98
CA ALA D 741 -33.41 -26.04 24.56
C ALA D 741 -33.85 -24.93 23.61
N PRO D 742 -33.36 -23.72 23.77
CA PRO D 742 -33.68 -22.64 22.82
C PRO D 742 -32.88 -22.81 21.54
N TYR D 743 -33.39 -22.18 20.49
CA TYR D 743 -32.73 -22.20 19.19
C TYR D 743 -32.01 -20.88 18.94
N SER D 744 -30.86 -20.97 18.29
CA SER D 744 -30.11 -19.78 17.96
C SER D 744 -30.86 -18.92 16.96
N GLN D 745 -30.64 -17.62 17.03
CA GLN D 745 -31.26 -16.67 16.10
C GLN D 745 -30.46 -16.51 14.82
N THR D 746 -29.32 -17.18 14.70
CA THR D 746 -28.49 -17.19 13.51
C THR D 746 -28.09 -18.61 13.21
N PRO D 747 -27.76 -18.92 11.95
CA PRO D 747 -27.34 -20.29 11.61
C PRO D 747 -26.15 -20.72 12.47
N VAL D 748 -26.22 -21.94 12.99
CA VAL D 748 -25.31 -22.42 14.01
C VAL D 748 -24.38 -23.45 13.38
N LYS D 749 -23.10 -23.38 13.74
CA LYS D 749 -22.08 -24.22 13.14
C LYS D 749 -21.03 -24.56 14.18
N TRP D 750 -20.27 -25.62 13.90
CA TRP D 750 -19.15 -26.01 14.74
C TRP D 750 -18.03 -24.99 14.60
N ASN D 751 -17.92 -24.09 15.56
CA ASN D 751 -16.78 -23.18 15.65
C ASN D 751 -15.80 -23.80 16.63
N LEU D 752 -15.05 -24.79 16.14
CA LEU D 752 -14.19 -25.58 17.02
C LEU D 752 -13.17 -24.75 17.80
N PRO D 753 -12.48 -23.76 17.22
CA PRO D 753 -11.60 -22.93 18.06
C PRO D 753 -12.35 -22.22 19.18
N LYS D 754 -13.54 -21.67 18.89
CA LYS D 754 -14.30 -21.00 19.93
C LYS D 754 -14.83 -22.00 20.95
N LEU D 755 -15.24 -23.19 20.50
CA LEU D 755 -15.70 -24.22 21.42
C LEU D 755 -14.58 -24.61 22.39
N TRP D 756 -13.38 -24.86 21.87
CA TRP D 756 -12.27 -25.23 22.73
C TRP D 756 -11.89 -24.09 23.67
N GLY D 757 -11.90 -22.85 23.18
CA GLY D 757 -11.59 -21.73 24.05
C GLY D 757 -12.58 -21.61 25.20
N MET D 758 -13.87 -21.68 24.88
CA MET D 758 -14.90 -21.59 25.91
C MET D 758 -14.78 -22.72 26.92
N SER D 759 -14.55 -23.94 26.44
CA SER D 759 -14.50 -25.08 27.35
C SER D 759 -13.26 -25.05 28.21
N VAL D 760 -12.12 -24.67 27.64
CA VAL D 760 -10.90 -24.55 28.44
C VAL D 760 -11.06 -23.48 29.49
N LEU D 761 -11.68 -22.34 29.14
CA LEU D 761 -11.88 -21.30 30.14
C LEU D 761 -12.82 -21.75 31.24
N LEU D 762 -13.90 -22.45 30.90
CA LEU D 762 -14.82 -22.93 31.92
C LEU D 762 -14.15 -23.94 32.83
N GLY D 763 -13.37 -24.86 32.26
CA GLY D 763 -12.66 -25.82 33.07
C GLY D 763 -11.61 -25.18 33.97
N VAL D 764 -10.94 -24.15 33.47
CA VAL D 764 -9.96 -23.44 34.28
C VAL D 764 -10.66 -22.73 35.43
N VAL D 765 -11.82 -22.11 35.17
CA VAL D 765 -12.56 -21.46 36.24
C VAL D 765 -12.99 -22.47 37.30
N LEU D 766 -13.49 -23.62 36.86
CA LEU D 766 -13.91 -24.65 37.80
C LEU D 766 -12.73 -25.16 38.62
N ALA D 767 -11.59 -25.37 37.97
CA ALA D 767 -10.40 -25.84 38.66
C ALA D 767 -9.90 -24.80 39.66
N VAL D 768 -9.97 -23.52 39.32
CA VAL D 768 -9.57 -22.48 40.25
C VAL D 768 -10.49 -22.46 41.46
N GLY D 769 -11.79 -22.65 41.23
CA GLY D 769 -12.71 -22.73 42.36
C GLY D 769 -12.39 -23.90 43.28
N THR D 770 -12.12 -25.06 42.69
CA THR D 770 -11.81 -26.24 43.50
C THR D 770 -10.48 -26.07 44.25
N TRP D 771 -9.49 -25.46 43.59
CA TRP D 771 -8.21 -25.22 44.24
C TRP D 771 -8.36 -24.22 45.38
N ILE D 772 -9.19 -23.21 45.22
CA ILE D 772 -9.48 -22.31 46.33
C ILE D 772 -10.12 -23.08 47.48
N THR D 773 -11.07 -23.97 47.15
CA THR D 773 -11.74 -24.76 48.19
C THR D 773 -10.73 -25.56 49.00
N VAL D 774 -9.80 -26.24 48.32
CA VAL D 774 -8.87 -27.10 49.05
C VAL D 774 -7.76 -26.30 49.74
N THR D 775 -7.33 -25.18 49.15
CA THR D 775 -6.32 -24.37 49.80
C THR D 775 -6.86 -23.63 51.00
N THR D 776 -8.17 -23.45 51.10
CA THR D 776 -8.73 -22.94 52.35
C THR D 776 -8.50 -23.91 53.49
N MET D 777 -8.71 -25.21 53.25
CA MET D 777 -8.50 -26.19 54.31
C MET D 777 -7.03 -26.42 54.60
N TYR D 778 -6.17 -26.30 53.60
CA TYR D 778 -4.73 -26.21 53.92
C TYR D 778 -4.40 -24.99 54.76
N ALA D 779 -5.00 -23.85 54.46
CA ALA D 779 -4.67 -22.64 55.19
C ALA D 779 -5.14 -22.72 56.64
N GLN D 780 -6.39 -23.12 56.85
CA GLN D 780 -7.00 -23.05 58.17
C GLN D 780 -7.31 -24.42 58.76
N GLY D 781 -6.60 -25.45 58.34
CA GLY D 781 -6.79 -26.78 58.90
C GLY D 781 -7.94 -27.52 58.26
N GLU D 782 -7.99 -28.83 58.54
CA GLU D 782 -8.97 -29.69 57.89
C GLU D 782 -10.40 -29.26 58.20
N ASN D 783 -10.64 -28.76 59.40
CA ASN D 783 -11.98 -28.40 59.84
C ASN D 783 -12.06 -26.94 60.24
N GLY D 784 -11.39 -26.07 59.48
CA GLY D 784 -11.43 -24.66 59.82
C GLY D 784 -11.52 -23.70 58.65
N GLY D 785 -11.49 -24.20 57.42
CA GLY D 785 -11.40 -23.32 56.28
C GLY D 785 -12.77 -23.00 55.70
N ILE D 786 -13.09 -23.59 54.54
CA ILE D 786 -14.43 -23.45 54.00
C ILE D 786 -15.45 -24.14 54.91
N VAL D 787 -15.01 -25.10 55.70
CA VAL D 787 -15.85 -25.73 56.72
C VAL D 787 -15.76 -24.91 57.99
N GLN D 788 -16.85 -24.89 58.77
CA GLN D 788 -16.88 -24.06 59.97
C GLN D 788 -16.68 -24.87 61.25
N ASN D 789 -17.52 -25.87 61.48
CA ASN D 789 -17.42 -26.61 62.74
C ASN D 789 -16.54 -27.84 62.63
N PHE D 790 -16.82 -28.73 61.67
CA PHE D 790 -15.98 -29.89 61.44
C PHE D 790 -16.21 -30.38 60.01
N GLY D 791 -15.28 -31.20 59.54
CA GLY D 791 -15.40 -31.75 58.21
C GLY D 791 -14.16 -32.54 57.86
N ASN D 792 -14.09 -32.96 56.60
CA ASN D 792 -12.91 -33.62 56.08
C ASN D 792 -12.72 -33.18 54.64
N MET D 793 -11.45 -33.10 54.25
CA MET D 793 -11.10 -32.51 52.96
C MET D 793 -11.76 -33.26 51.80
N ASP D 794 -11.75 -34.59 51.85
CA ASP D 794 -12.13 -35.36 50.68
C ASP D 794 -13.62 -35.23 50.38
N GLU D 795 -14.47 -35.33 51.40
CA GLU D 795 -15.90 -35.21 51.17
C GLU D 795 -16.31 -33.79 50.82
N VAL D 796 -15.63 -32.79 51.39
CA VAL D 796 -15.90 -31.41 51.02
C VAL D 796 -15.55 -31.16 49.57
N LEU D 797 -14.40 -31.67 49.13
CA LEU D 797 -14.04 -31.55 47.72
C LEU D 797 -15.02 -32.30 46.85
N PHE D 798 -15.49 -33.46 47.32
CA PHE D 798 -16.50 -34.21 46.58
C PHE D 798 -17.75 -33.37 46.36
N LEU D 799 -18.26 -32.76 47.42
CA LEU D 799 -19.47 -31.96 47.31
C LEU D 799 -19.26 -30.76 46.40
N GLN D 800 -18.14 -30.05 46.56
CA GLN D 800 -17.89 -28.87 45.75
C GLN D 800 -17.77 -29.24 44.28
N ILE D 801 -17.00 -30.29 43.98
CA ILE D 801 -16.81 -30.71 42.61
C ILE D 801 -18.14 -31.15 42.00
N SER D 802 -18.92 -31.94 42.74
CA SER D 802 -20.20 -32.41 42.22
C SER D 802 -21.13 -31.24 41.90
N LEU D 803 -21.27 -30.31 42.84
CA LEU D 803 -22.18 -29.20 42.63
C LEU D 803 -21.74 -28.34 41.46
N THR D 804 -20.48 -27.89 41.47
CA THR D 804 -20.03 -26.97 40.43
C THR D 804 -19.96 -27.67 39.07
N GLU D 805 -19.82 -29.00 39.04
CA GLU D 805 -19.76 -29.69 37.77
C GLU D 805 -21.15 -29.90 37.19
N ASN D 806 -22.08 -30.40 37.99
CA ASN D 806 -23.41 -30.66 37.47
C ASN D 806 -24.15 -29.37 37.15
N TRP D 807 -23.96 -28.31 37.95
CA TRP D 807 -24.62 -27.05 37.63
C TRP D 807 -24.09 -26.41 36.37
N LEU D 808 -22.97 -26.89 35.83
CA LEU D 808 -22.41 -26.31 34.61
C LEU D 808 -23.35 -26.46 33.43
N ILE D 809 -24.21 -27.48 33.45
CA ILE D 809 -25.08 -27.72 32.30
C ILE D 809 -26.10 -26.60 32.15
N PHE D 810 -26.52 -25.97 33.25
CA PHE D 810 -27.50 -24.90 33.17
C PHE D 810 -27.01 -23.66 32.45
N ILE D 811 -25.70 -23.45 32.36
CA ILE D 811 -25.21 -22.28 31.65
C ILE D 811 -24.84 -22.60 30.20
N THR D 812 -24.53 -23.85 29.89
CA THR D 812 -24.26 -24.22 28.50
C THR D 812 -25.53 -24.35 27.67
N ARG D 813 -26.66 -24.67 28.29
CA ARG D 813 -27.92 -24.82 27.58
C ARG D 813 -28.73 -23.53 27.55
N ALA D 814 -28.11 -22.43 27.16
CA ALA D 814 -28.81 -21.15 27.20
C ALA D 814 -28.26 -20.22 26.13
N ASN D 815 -29.10 -19.26 25.74
CA ASN D 815 -28.71 -18.18 24.84
C ASN D 815 -28.44 -16.97 25.72
N GLY D 816 -27.16 -16.71 26.00
CA GLY D 816 -26.79 -15.62 26.87
C GLY D 816 -26.87 -16.04 28.33
N PRO D 817 -27.59 -15.25 29.13
CA PRO D 817 -27.67 -15.56 30.57
C PRO D 817 -28.38 -16.87 30.83
N PHE D 818 -27.98 -17.54 31.90
CA PHE D 818 -28.53 -18.85 32.23
C PHE D 818 -29.98 -18.78 32.68
N TRP D 819 -30.50 -17.60 33.01
CA TRP D 819 -31.87 -17.44 33.45
C TRP D 819 -32.83 -17.13 32.32
N SER D 820 -32.34 -17.09 31.07
CA SER D 820 -33.21 -16.76 29.95
C SER D 820 -34.32 -17.80 29.79
N SER D 821 -33.94 -19.05 29.53
CA SER D 821 -34.90 -20.12 29.36
C SER D 821 -34.97 -20.97 30.63
N ILE D 822 -36.16 -21.49 30.91
CA ILE D 822 -36.39 -22.36 32.06
C ILE D 822 -36.05 -23.79 31.66
N PRO D 823 -35.15 -24.47 32.36
CA PRO D 823 -34.85 -25.86 32.00
C PRO D 823 -36.04 -26.76 32.24
N SER D 824 -36.08 -27.87 31.51
CA SER D 824 -37.17 -28.83 31.64
C SER D 824 -37.16 -29.46 33.02
N TRP D 825 -38.33 -29.96 33.43
CA TRP D 825 -38.44 -30.57 34.76
C TRP D 825 -37.55 -31.79 34.88
N GLN D 826 -37.32 -32.50 33.77
CA GLN D 826 -36.52 -33.73 33.83
C GLN D 826 -35.07 -33.42 34.17
N LEU D 827 -34.47 -32.47 33.46
CA LEU D 827 -33.08 -32.11 33.74
C LEU D 827 -32.93 -31.53 35.13
N SER D 828 -33.82 -30.62 35.52
CA SER D 828 -33.74 -30.01 36.84
C SER D 828 -33.89 -31.05 37.93
N GLY D 829 -34.83 -31.98 37.78
CA GLY D 829 -35.00 -33.03 38.77
C GLY D 829 -33.81 -33.95 38.84
N ALA D 830 -33.28 -34.38 37.69
CA ALA D 830 -32.15 -35.28 37.69
C ALA D 830 -30.90 -34.64 38.29
N ILE D 831 -30.77 -33.33 38.16
CA ILE D 831 -29.62 -32.65 38.74
C ILE D 831 -29.82 -32.35 40.22
N PHE D 832 -31.03 -31.97 40.61
CA PHE D 832 -31.31 -31.72 42.02
C PHE D 832 -31.20 -33.00 42.84
N LEU D 833 -31.59 -34.14 42.27
CA LEU D 833 -31.43 -35.41 42.97
C LEU D 833 -29.95 -35.73 43.19
N VAL D 834 -29.12 -35.49 42.18
CA VAL D 834 -27.69 -35.72 42.33
C VAL D 834 -27.10 -34.77 43.37
N ASP D 835 -27.56 -33.52 43.38
CA ASP D 835 -27.07 -32.57 44.38
C ASP D 835 -27.46 -33.01 45.78
N ILE D 836 -28.68 -33.54 45.94
CA ILE D 836 -29.10 -34.05 47.23
C ILE D 836 -28.26 -35.25 47.64
N LEU D 837 -27.96 -36.14 46.70
CA LEU D 837 -27.11 -37.29 47.03
C LEU D 837 -25.72 -36.86 47.45
N ALA D 838 -25.13 -35.89 46.74
CA ALA D 838 -23.81 -35.41 47.12
C ALA D 838 -23.84 -34.74 48.50
N THR D 839 -24.90 -33.97 48.77
CA THR D 839 -25.01 -33.34 50.08
C THR D 839 -25.14 -34.38 51.18
N CYS D 840 -25.90 -35.46 50.93
CA CYS D 840 -26.00 -36.52 51.92
C CYS D 840 -24.66 -37.22 52.12
N PHE D 841 -23.95 -37.49 51.03
CA PHE D 841 -22.60 -38.02 51.10
C PHE D 841 -21.75 -37.18 52.04
N THR D 842 -21.79 -35.87 51.88
CA THR D 842 -20.95 -35.00 52.69
C THR D 842 -21.41 -34.99 54.14
N ILE D 843 -22.72 -34.88 54.38
CA ILE D 843 -23.22 -34.77 55.74
C ILE D 843 -22.89 -36.01 56.56
N TRP D 844 -23.10 -37.19 55.98
CA TRP D 844 -22.85 -38.40 56.75
C TRP D 844 -21.53 -39.08 56.44
N GLY D 845 -20.85 -38.67 55.36
CA GLY D 845 -19.50 -39.15 55.10
C GLY D 845 -19.38 -40.66 55.02
N TRP D 846 -20.27 -41.31 54.28
CA TRP D 846 -20.26 -42.77 54.30
C TRP D 846 -19.33 -43.38 53.26
N PHE D 847 -18.26 -42.69 52.90
CA PHE D 847 -17.14 -43.35 52.22
C PHE D 847 -15.80 -42.90 52.79
N GLU D 848 -15.81 -42.08 53.83
CA GLU D 848 -14.60 -41.72 54.57
C GLU D 848 -14.88 -41.83 56.07
N HIS D 849 -13.88 -41.46 56.87
CA HIS D 849 -13.88 -41.81 58.29
C HIS D 849 -14.56 -40.78 59.17
N SER D 850 -15.00 -39.65 58.65
CA SER D 850 -15.62 -38.63 59.47
C SER D 850 -16.69 -37.91 58.68
N ASP D 851 -17.64 -37.32 59.41
CA ASP D 851 -18.74 -36.58 58.81
C ASP D 851 -18.44 -35.09 58.78
N THR D 852 -19.32 -34.34 58.12
CA THR D 852 -19.15 -32.92 57.90
C THR D 852 -20.32 -32.15 58.52
N SER D 853 -20.03 -30.97 59.04
CA SER D 853 -21.03 -30.19 59.73
C SER D 853 -22.14 -29.73 58.78
N ILE D 854 -23.33 -29.53 59.33
CA ILE D 854 -24.46 -29.09 58.53
C ILE D 854 -24.30 -27.66 58.06
N VAL D 855 -23.44 -26.88 58.71
CA VAL D 855 -23.19 -25.52 58.26
C VAL D 855 -22.07 -25.49 57.22
N ALA D 856 -21.15 -26.46 57.29
CA ALA D 856 -20.11 -26.56 56.27
C ALA D 856 -20.70 -26.84 54.90
N VAL D 857 -21.72 -27.70 54.83
CA VAL D 857 -22.35 -27.94 53.53
C VAL D 857 -23.08 -26.70 53.05
N VAL D 858 -23.65 -25.91 53.96
CA VAL D 858 -24.29 -24.67 53.55
C VAL D 858 -23.27 -23.72 52.95
N ARG D 859 -22.11 -23.60 53.59
CA ARG D 859 -21.06 -22.72 53.05
C ARG D 859 -20.54 -23.24 51.72
N ILE D 860 -20.43 -24.56 51.57
CA ILE D 860 -19.99 -25.13 50.31
C ILE D 860 -21.02 -24.84 49.22
N TRP D 861 -22.31 -24.92 49.55
CA TRP D 861 -23.34 -24.59 48.58
C TRP D 861 -23.26 -23.13 48.17
N ILE D 862 -23.05 -22.23 49.13
CA ILE D 862 -22.94 -20.81 48.80
C ILE D 862 -21.75 -20.55 47.89
N PHE D 863 -20.60 -21.15 48.23
CA PHE D 863 -19.41 -20.94 47.42
C PHE D 863 -19.57 -21.54 46.03
N SER D 864 -20.20 -22.71 45.94
CA SER D 864 -20.45 -23.34 44.65
C SER D 864 -21.40 -22.51 43.81
N PHE D 865 -22.40 -21.90 44.45
CA PHE D 865 -23.30 -21.01 43.71
C PHE D 865 -22.57 -19.77 43.22
N GLY D 866 -21.65 -19.24 44.02
CA GLY D 866 -20.85 -18.12 43.55
C GLY D 866 -19.97 -18.49 42.37
N ILE D 867 -19.35 -19.66 42.43
CA ILE D 867 -18.55 -20.13 41.30
C ILE D 867 -19.42 -20.34 40.08
N PHE D 868 -20.63 -20.88 40.28
CA PHE D 868 -21.56 -21.06 39.19
C PHE D 868 -21.95 -19.72 38.57
N CYS D 869 -22.19 -18.70 39.39
CA CYS D 869 -22.56 -17.40 38.87
C CYS D 869 -21.41 -16.76 38.09
N ILE D 870 -20.19 -16.82 38.62
CA ILE D 870 -19.07 -16.20 37.90
C ILE D 870 -18.78 -16.95 36.61
N MET D 871 -18.92 -18.28 36.64
CA MET D 871 -18.72 -19.09 35.44
C MET D 871 -19.79 -18.80 34.40
N GLY D 872 -21.04 -18.66 34.82
CA GLY D 872 -22.10 -18.30 33.90
C GLY D 872 -21.92 -16.90 33.33
N GLY D 873 -21.44 -15.97 34.15
CA GLY D 873 -21.15 -14.64 33.65
C GLY D 873 -20.03 -14.64 32.62
N VAL D 874 -18.99 -15.44 32.87
CA VAL D 874 -17.93 -15.59 31.88
C VAL D 874 -18.48 -16.17 30.58
N TYR D 875 -19.33 -17.20 30.70
CA TYR D 875 -19.92 -17.80 29.50
C TYR D 875 -20.80 -16.81 28.74
N TYR D 876 -21.51 -15.95 29.47
CA TYR D 876 -22.39 -14.98 28.83
C TYR D 876 -21.61 -13.86 28.17
N ILE D 877 -20.54 -13.39 28.82
CA ILE D 877 -19.74 -12.29 28.27
C ILE D 877 -19.09 -12.72 26.95
N LEU D 878 -18.52 -13.91 26.93
CA LEU D 878 -17.79 -14.39 25.77
C LEU D 878 -18.68 -15.11 24.76
N GLN D 879 -19.99 -15.15 24.99
CA GLN D 879 -20.88 -15.82 24.04
C GLN D 879 -20.89 -15.11 22.70
N ASP D 880 -20.88 -13.78 22.71
CA ASP D 880 -20.82 -13.02 21.46
C ASP D 880 -19.82 -11.87 21.59
N SER D 892 -23.88 -6.75 -0.79
CA SER D 892 -22.48 -6.36 -0.74
C SER D 892 -21.59 -7.41 -1.38
N PRO D 893 -20.62 -6.96 -2.18
CA PRO D 893 -19.69 -7.91 -2.81
C PRO D 893 -18.82 -8.62 -1.78
N LYS D 894 -19.03 -9.92 -1.60
CA LYS D 894 -18.29 -10.70 -0.61
C LYS D 894 -16.98 -11.22 -1.19
N GLY D 895 -16.09 -10.29 -1.53
CA GLY D 895 -14.81 -10.68 -2.05
C GLY D 895 -13.78 -9.57 -2.15
N ASN D 896 -12.52 -9.92 -1.96
CA ASN D 896 -11.41 -9.00 -2.23
C ASN D 896 -11.07 -9.10 -3.71
N GLN D 897 -9.95 -8.50 -4.13
CA GLN D 897 -9.54 -8.59 -5.52
C GLN D 897 -9.31 -10.04 -5.92
N LYS D 898 -8.72 -10.83 -5.02
CA LYS D 898 -8.45 -12.23 -5.33
C LYS D 898 -9.73 -13.00 -5.61
N GLN D 899 -10.75 -12.82 -4.78
CA GLN D 899 -11.96 -13.62 -4.91
C GLN D 899 -12.74 -13.24 -6.18
N ARG D 900 -12.94 -11.94 -6.41
CA ARG D 900 -13.64 -11.52 -7.62
C ARG D 900 -12.86 -11.94 -8.86
N SER D 901 -11.53 -11.83 -8.82
CA SER D 901 -10.72 -12.27 -9.95
C SER D 901 -10.90 -13.77 -10.19
N LEU D 902 -10.95 -14.56 -9.12
CA LEU D 902 -11.11 -16.01 -9.27
C LEU D 902 -12.45 -16.36 -9.88
N GLU D 903 -13.53 -15.74 -9.38
CA GLU D 903 -14.86 -16.02 -9.94
C GLU D 903 -14.94 -15.58 -11.39
N ASP D 904 -14.39 -14.40 -11.70
CA ASP D 904 -14.38 -13.93 -13.08
C ASP D 904 -13.62 -14.89 -13.98
N PHE D 905 -12.48 -15.39 -13.50
CA PHE D 905 -11.70 -16.34 -14.27
C PHE D 905 -12.48 -17.64 -14.50
N VAL D 906 -13.19 -18.11 -13.48
CA VAL D 906 -13.96 -19.35 -13.61
C VAL D 906 -15.03 -19.19 -14.69
N VAL D 907 -15.82 -18.11 -14.58
CA VAL D 907 -16.90 -17.91 -15.55
C VAL D 907 -16.34 -17.66 -16.95
N SER D 908 -15.25 -16.91 -17.04
CA SER D 908 -14.64 -16.63 -18.34
C SER D 908 -14.11 -17.89 -18.99
N LEU D 909 -13.48 -18.77 -18.21
CA LEU D 909 -12.96 -20.00 -18.79
C LEU D 909 -14.10 -20.91 -19.24
N GLN D 910 -15.21 -20.93 -18.48
CA GLN D 910 -16.40 -21.64 -18.95
C GLN D 910 -16.87 -21.11 -20.30
N ARG D 911 -16.96 -19.78 -20.40
CA ARG D 911 -17.46 -19.17 -21.63
C ARG D 911 -16.54 -19.43 -22.80
N VAL D 912 -15.22 -19.29 -22.61
CA VAL D 912 -14.30 -19.51 -23.71
C VAL D 912 -14.25 -20.98 -24.10
N SER D 913 -14.40 -21.89 -23.12
CA SER D 913 -14.50 -23.30 -23.46
C SER D 913 -15.71 -23.56 -24.35
N THR D 914 -16.86 -22.98 -24.01
CA THR D 914 -18.03 -23.11 -24.87
C THR D 914 -17.77 -22.49 -26.25
N GLN D 915 -17.12 -21.33 -26.27
CA GLN D 915 -16.92 -20.61 -27.52
C GLN D 915 -16.04 -21.38 -28.49
N HIS D 916 -14.96 -21.92 -27.97
CA HIS D 916 -14.05 -22.69 -28.78
C HIS D 916 -14.72 -23.96 -29.16
N GLU D 917 -15.44 -24.57 -28.24
CA GLU D 917 -16.09 -25.83 -28.55
C GLU D 917 -17.07 -25.65 -29.70
N LYS D 918 -17.67 -24.47 -29.82
CA LYS D 918 -18.46 -24.17 -31.00
C LYS D 918 -17.62 -24.27 -32.27
N SER D 919 -16.33 -23.94 -32.17
CA SER D 919 -15.37 -24.11 -33.26
C SER D 919 -15.77 -23.30 -34.49
N GLN D 920 -15.88 -21.98 -34.28
CA GLN D 920 -16.20 -20.99 -35.32
C GLN D 920 -17.22 -21.47 -36.35
N GLU E 66 -64.24 -16.82 15.90
CA GLU E 66 -65.63 -16.58 16.26
C GLU E 66 -66.27 -15.58 15.31
N ALA E 67 -67.08 -16.07 14.37
CA ALA E 67 -67.79 -15.19 13.45
C ALA E 67 -69.30 -15.23 13.65
N THR E 68 -69.92 -16.40 13.54
CA THR E 68 -71.35 -16.54 13.81
C THR E 68 -71.68 -16.71 15.30
N PRO E 69 -70.95 -17.51 16.07
CA PRO E 69 -71.31 -17.68 17.49
C PRO E 69 -70.58 -16.76 18.45
N GLY E 70 -69.80 -15.81 17.96
CA GLY E 70 -69.03 -14.94 18.83
C GLY E 70 -69.45 -13.48 18.75
N GLY E 71 -70.74 -13.25 18.49
CA GLY E 71 -71.25 -11.90 18.44
C GLY E 71 -71.47 -11.39 17.03
N GLY E 72 -72.01 -12.23 16.15
CA GLY E 72 -72.32 -11.81 14.80
C GLY E 72 -73.39 -12.65 14.15
N ARG E 73 -74.43 -12.00 13.64
CA ARG E 73 -75.54 -12.63 12.95
C ARG E 73 -76.31 -11.51 12.24
N VAL E 74 -77.51 -11.82 11.76
CA VAL E 74 -78.25 -10.86 10.93
C VAL E 74 -78.62 -9.60 11.72
N VAL E 75 -79.02 -9.74 12.98
CA VAL E 75 -79.53 -8.60 13.73
C VAL E 75 -78.44 -7.59 14.09
N PRO E 76 -77.15 -7.94 14.17
CA PRO E 76 -76.10 -6.91 14.10
C PRO E 76 -75.52 -6.67 12.71
N GLU E 77 -76.04 -7.32 11.67
CA GLU E 77 -75.49 -7.17 10.33
C GLU E 77 -76.45 -6.50 9.36
N ASP E 78 -77.65 -7.06 9.17
CA ASP E 78 -78.61 -6.52 8.22
C ASP E 78 -79.62 -5.58 8.86
N MET E 79 -79.89 -5.74 10.16
CA MET E 79 -80.69 -4.74 10.87
C MET E 79 -79.96 -3.42 10.99
N LEU E 80 -78.64 -3.40 10.77
CA LEU E 80 -77.93 -2.14 10.56
C LEU E 80 -78.50 -1.41 9.35
N GLN E 81 -78.64 -2.14 8.23
CA GLN E 81 -79.11 -1.55 6.98
C GLN E 81 -80.63 -1.71 6.86
N THR E 82 -81.32 -1.15 7.85
CA THR E 82 -82.76 -0.96 7.77
C THR E 82 -83.16 0.50 7.64
N ASP E 83 -82.30 1.43 8.03
CA ASP E 83 -82.48 2.85 7.83
C ASP E 83 -81.70 3.32 6.60
N THR E 84 -81.81 4.62 6.33
CA THR E 84 -81.06 5.21 5.24
C THR E 84 -79.58 5.34 5.62
N ARG E 85 -78.80 5.91 4.70
CA ARG E 85 -77.38 6.12 4.96
C ARG E 85 -77.15 7.06 6.13
N VAL E 86 -77.93 8.13 6.21
CA VAL E 86 -77.74 9.16 7.23
C VAL E 86 -78.84 9.00 8.27
N GLY E 87 -78.49 8.40 9.40
CA GLY E 87 -79.40 8.26 10.52
C GLY E 87 -79.08 7.10 11.42
N LEU E 88 -79.15 7.31 12.74
CA LEU E 88 -78.98 6.24 13.71
C LEU E 88 -79.58 6.69 15.03
N THR E 89 -80.36 5.81 15.65
CA THR E 89 -81.03 6.15 16.91
C THR E 89 -81.05 4.94 17.82
N SER E 90 -81.13 5.20 19.12
CA SER E 90 -81.51 4.23 20.15
C SER E 90 -80.53 3.05 20.19
N GLU E 91 -79.31 3.34 20.64
CA GLU E 91 -78.49 2.25 21.17
C GLU E 91 -79.24 1.69 22.37
N GLU E 92 -79.84 0.51 22.22
CA GLU E 92 -80.96 0.22 23.10
C GLU E 92 -80.56 -0.43 24.43
N VAL E 93 -80.20 -1.71 24.41
CA VAL E 93 -79.87 -2.46 25.62
C VAL E 93 -78.65 -3.34 25.33
N VAL E 94 -77.67 -2.80 24.60
CA VAL E 94 -76.77 -3.56 23.74
C VAL E 94 -76.19 -4.83 24.36
N GLN E 95 -76.25 -4.96 25.68
CA GLN E 95 -75.96 -6.17 26.49
C GLN E 95 -74.47 -6.46 26.61
N ARG E 96 -73.59 -5.81 25.84
CA ARG E 96 -72.17 -6.07 25.90
C ARG E 96 -71.44 -4.92 25.22
N ARG E 97 -70.54 -4.27 25.93
CA ARG E 97 -69.68 -3.25 25.35
C ARG E 97 -68.26 -3.80 25.42
N ARG E 98 -67.92 -4.61 24.43
CA ARG E 98 -66.58 -5.18 24.29
C ARG E 98 -65.88 -4.34 23.22
N LYS E 99 -65.34 -3.20 23.64
CA LYS E 99 -64.89 -2.17 22.72
C LYS E 99 -63.53 -1.58 23.04
N TYR E 100 -63.07 -1.65 24.28
CA TYR E 100 -61.96 -0.83 24.76
C TYR E 100 -60.65 -1.63 24.76
N GLY E 101 -60.20 -2.01 23.56
CA GLY E 101 -58.97 -2.78 23.46
C GLY E 101 -59.06 -4.04 24.29
N LEU E 102 -59.85 -4.99 23.84
CA LEU E 102 -60.42 -6.06 24.67
C LEU E 102 -59.38 -6.67 25.61
N ASN E 103 -59.63 -6.49 26.91
CA ASN E 103 -58.84 -7.12 27.98
C ASN E 103 -57.35 -6.81 27.84
N GLN E 104 -57.04 -5.57 27.47
CA GLN E 104 -55.66 -5.10 27.41
C GLN E 104 -55.38 -4.00 28.42
N MET E 105 -56.15 -2.91 28.38
CA MET E 105 -56.01 -1.86 29.37
C MET E 105 -56.93 -2.10 30.57
N LYS E 106 -58.12 -2.64 30.34
CA LYS E 106 -59.06 -2.96 31.40
C LYS E 106 -58.75 -4.30 32.07
N GLU E 107 -57.77 -5.04 31.57
CA GLU E 107 -57.40 -6.33 32.15
C GLU E 107 -56.96 -6.18 33.59
N GLU E 108 -57.71 -6.75 34.51
CA GLU E 108 -57.47 -6.64 35.96
C GLU E 108 -57.38 -5.17 36.37
N LYS E 109 -58.52 -4.50 36.21
CA LYS E 109 -58.59 -3.06 36.34
C LYS E 109 -58.17 -2.60 37.73
N GLU E 110 -57.28 -1.61 37.77
CA GLU E 110 -56.85 -0.92 38.97
C GLU E 110 -56.66 -1.87 40.15
N ASN E 111 -55.76 -2.84 39.95
CA ASN E 111 -55.42 -3.75 41.04
C ASN E 111 -54.82 -2.98 42.22
N HIS E 112 -53.80 -2.17 41.94
CA HIS E 112 -53.31 -1.11 42.81
C HIS E 112 -52.80 -1.62 44.15
N PHE E 113 -52.80 -2.94 44.36
CA PHE E 113 -52.21 -3.53 45.57
C PHE E 113 -51.31 -4.72 45.29
N LEU E 114 -51.37 -5.34 44.12
CA LEU E 114 -50.42 -6.39 43.77
C LEU E 114 -49.17 -5.84 43.09
N LYS E 115 -49.16 -4.54 42.75
CA LYS E 115 -47.92 -3.89 42.36
C LYS E 115 -47.06 -3.57 43.57
N PHE E 116 -47.69 -3.27 44.71
CA PHE E 116 -46.94 -2.96 45.93
C PHE E 116 -46.23 -4.20 46.45
N LEU E 117 -46.95 -5.32 46.57
CA LEU E 117 -46.32 -6.56 47.03
C LEU E 117 -45.38 -7.13 45.97
N GLY E 118 -45.61 -6.80 44.70
CA GLY E 118 -44.72 -7.27 43.65
C GLY E 118 -43.30 -6.73 43.80
N PHE E 119 -43.17 -5.53 44.37
CA PHE E 119 -41.86 -4.96 44.63
C PHE E 119 -41.21 -5.51 45.89
N PHE E 120 -41.95 -6.25 46.70
CA PHE E 120 -41.41 -6.90 47.88
C PHE E 120 -40.92 -8.31 47.60
N VAL E 121 -41.02 -8.78 46.36
CA VAL E 121 -40.59 -10.12 45.98
C VAL E 121 -39.64 -10.02 44.80
N GLY E 122 -38.51 -10.72 44.89
CA GLY E 122 -37.52 -10.70 43.84
C GLY E 122 -36.19 -11.25 44.34
N PRO E 123 -35.17 -11.20 43.50
CA PRO E 123 -33.85 -11.68 43.93
C PRO E 123 -33.26 -10.87 45.08
N ILE E 124 -33.13 -9.56 44.90
CA ILE E 124 -32.54 -8.72 45.94
C ILE E 124 -33.47 -8.62 47.15
N GLN E 125 -34.78 -8.49 46.90
CA GLN E 125 -35.73 -8.40 48.00
C GLN E 125 -35.70 -9.66 48.85
N PHE E 126 -35.44 -10.82 48.25
CA PHE E 126 -35.27 -12.04 49.04
C PHE E 126 -34.03 -11.96 49.91
N VAL E 127 -32.94 -11.39 49.39
CA VAL E 127 -31.74 -11.21 50.20
C VAL E 127 -32.02 -10.31 51.39
N MET E 128 -32.75 -9.22 51.15
CA MET E 128 -33.11 -8.32 52.25
C MET E 128 -34.05 -8.98 53.26
N GLU E 129 -34.97 -9.81 52.78
CA GLU E 129 -35.85 -10.53 53.70
C GLU E 129 -35.07 -11.51 54.55
N GLY E 130 -34.13 -12.23 53.94
CA GLY E 130 -33.28 -13.12 54.70
C GLY E 130 -32.42 -12.36 55.71
N ALA E 131 -31.97 -11.16 55.33
CA ALA E 131 -31.22 -10.33 56.26
C ALA E 131 -32.08 -9.92 57.46
N ALA E 132 -33.30 -9.46 57.19
CA ALA E 132 -34.19 -9.03 58.26
C ALA E 132 -34.65 -10.18 59.13
N VAL E 133 -34.71 -11.40 58.58
CA VAL E 133 -35.08 -12.55 59.39
C VAL E 133 -33.90 -13.03 60.22
N LEU E 134 -32.72 -13.10 59.62
CA LEU E 134 -31.52 -13.57 60.31
C LEU E 134 -30.96 -12.55 61.29
N ALA E 135 -31.65 -11.45 61.54
CA ALA E 135 -31.26 -10.53 62.61
C ALA E 135 -31.94 -10.91 63.92
N ALA E 136 -31.81 -12.19 64.28
CA ALA E 136 -32.46 -12.77 65.46
C ALA E 136 -33.96 -12.47 65.47
N GLY E 137 -34.56 -12.50 64.28
CA GLY E 137 -35.96 -12.16 64.17
C GLY E 137 -36.23 -10.73 64.57
N LEU E 138 -37.25 -10.55 65.42
CA LEU E 138 -37.63 -9.24 65.92
C LEU E 138 -37.01 -8.95 67.30
N GLU E 139 -35.79 -9.45 67.53
CA GLU E 139 -35.14 -9.26 68.83
C GLU E 139 -35.05 -7.79 69.20
N ASP E 140 -34.33 -7.00 68.41
CA ASP E 140 -34.16 -5.58 68.66
C ASP E 140 -34.32 -4.82 67.36
N TRP E 141 -34.96 -3.64 67.45
CA TRP E 141 -35.27 -2.82 66.28
C TRP E 141 -34.12 -1.87 65.97
N VAL E 142 -32.95 -2.44 65.70
CA VAL E 142 -31.79 -1.67 65.28
C VAL E 142 -31.30 -2.16 63.93
N ASP E 143 -31.00 -3.45 63.81
CA ASP E 143 -30.65 -4.03 62.53
C ASP E 143 -31.90 -4.35 61.72
N PHE E 144 -32.84 -5.06 62.34
CA PHE E 144 -34.11 -5.36 61.68
C PHE E 144 -34.82 -4.08 61.26
N GLY E 145 -34.86 -3.09 62.16
CA GLY E 145 -35.56 -1.86 61.85
C GLY E 145 -34.97 -1.15 60.63
N VAL E 146 -33.65 -1.01 60.60
CA VAL E 146 -33.03 -0.27 59.50
C VAL E 146 -33.13 -1.06 58.18
N ILE E 147 -32.97 -2.38 58.24
CA ILE E 147 -33.06 -3.17 57.02
C ILE E 147 -34.48 -3.14 56.45
N CYS E 148 -35.48 -3.33 57.31
CA CYS E 148 -36.86 -3.26 56.85
C CYS E 148 -37.21 -1.85 56.39
N GLY E 149 -36.62 -0.82 57.01
CA GLY E 149 -36.84 0.53 56.53
C GLY E 149 -36.29 0.74 55.13
N LEU E 150 -35.10 0.23 54.86
CA LEU E 150 -34.55 0.34 53.50
C LEU E 150 -35.40 -0.42 52.50
N LEU E 151 -35.82 -1.63 52.86
CA LEU E 151 -36.65 -2.41 51.94
C LEU E 151 -37.97 -1.70 51.67
N LEU E 152 -38.60 -1.16 52.70
CA LEU E 152 -39.85 -0.43 52.52
C LEU E 152 -39.64 0.81 51.69
N LEU E 153 -38.53 1.51 51.89
CA LEU E 153 -38.27 2.72 51.10
C LEU E 153 -38.09 2.38 49.63
N ASN E 154 -37.33 1.32 49.33
CA ASN E 154 -37.19 0.91 47.94
C ASN E 154 -38.52 0.52 47.33
N ALA E 155 -39.33 -0.26 48.06
CA ALA E 155 -40.63 -0.65 47.54
C ALA E 155 -41.54 0.54 47.31
N VAL E 156 -41.60 1.48 48.25
CA VAL E 156 -42.46 2.66 48.10
C VAL E 156 -41.99 3.56 46.98
N VAL E 157 -40.67 3.78 46.86
CA VAL E 157 -40.16 4.61 45.78
C VAL E 157 -40.47 3.98 44.42
N GLY E 158 -40.25 2.67 44.31
CA GLY E 158 -40.57 2.00 43.06
C GLY E 158 -42.04 2.07 42.72
N PHE E 159 -42.90 1.87 43.72
CA PHE E 159 -44.34 1.94 43.48
C PHE E 159 -44.76 3.34 43.05
N VAL E 160 -44.25 4.38 43.71
CA VAL E 160 -44.61 5.75 43.37
C VAL E 160 -44.12 6.08 41.96
N GLN E 161 -42.91 5.66 41.62
CA GLN E 161 -42.38 5.96 40.29
C GLN E 161 -43.17 5.24 39.21
N GLU E 162 -43.51 3.97 39.42
CA GLU E 162 -44.33 3.26 38.44
C GLU E 162 -45.71 3.87 38.32
N PHE E 163 -46.29 4.29 39.44
CA PHE E 163 -47.60 4.93 39.40
C PHE E 163 -47.57 6.22 38.61
N GLN E 164 -46.54 7.04 38.83
CA GLN E 164 -46.42 8.28 38.09
C GLN E 164 -46.21 8.03 36.60
N ALA E 165 -45.36 7.04 36.27
CA ALA E 165 -45.08 6.75 34.87
C ALA E 165 -46.27 6.11 34.15
N GLY E 166 -47.14 5.42 34.87
CA GLY E 166 -48.30 4.81 34.25
C GLY E 166 -49.52 5.69 34.26
N SER E 167 -49.54 6.70 35.12
CA SER E 167 -50.63 7.65 35.18
C SER E 167 -50.43 8.86 34.29
N ILE E 168 -49.28 8.95 33.62
CA ILE E 168 -49.01 10.05 32.70
C ILE E 168 -48.81 9.58 31.27
N VAL E 169 -48.43 8.32 31.05
CA VAL E 169 -48.41 7.79 29.69
C VAL E 169 -49.82 7.53 29.19
N ASP E 170 -50.76 7.30 30.12
CA ASP E 170 -52.16 7.13 29.73
C ASP E 170 -52.82 8.46 29.41
N GLU E 171 -52.37 9.55 30.04
CA GLU E 171 -52.90 10.86 29.70
C GLU E 171 -52.48 11.28 28.29
N LEU E 172 -51.33 10.81 27.82
CA LEU E 172 -50.96 11.04 26.43
C LEU E 172 -51.73 10.14 25.48
N LYS E 173 -52.03 8.90 25.91
CA LYS E 173 -52.85 8.02 25.09
C LYS E 173 -54.25 8.58 24.91
N LYS E 174 -54.80 9.20 25.97
CA LYS E 174 -56.16 9.73 25.89
C LYS E 174 -56.25 10.88 24.89
N THR E 175 -55.26 11.75 24.85
CA THR E 175 -55.27 12.91 23.96
C THR E 175 -54.88 12.56 22.54
N LEU E 176 -54.78 11.27 22.21
CA LEU E 176 -54.32 10.84 20.89
C LEU E 176 -55.17 9.69 20.35
N ALA E 177 -56.28 9.37 21.00
CA ALA E 177 -57.12 8.26 20.56
C ALA E 177 -57.78 8.58 19.22
N LEU E 178 -57.93 7.56 18.39
CA LEU E 178 -58.47 7.70 17.05
C LEU E 178 -59.99 7.83 17.13
N LYS E 179 -60.45 9.06 17.32
CA LYS E 179 -61.88 9.33 17.41
C LYS E 179 -62.58 8.95 16.11
N ALA E 180 -63.81 8.44 16.24
CA ALA E 180 -64.55 7.85 15.13
C ALA E 180 -65.85 8.60 14.89
N VAL E 181 -66.15 8.86 13.61
CA VAL E 181 -67.31 9.66 13.23
C VAL E 181 -68.43 8.74 12.74
N VAL E 182 -69.64 8.97 13.25
CA VAL E 182 -70.85 8.32 12.77
C VAL E 182 -71.89 9.42 12.63
N LEU E 183 -72.59 9.46 11.50
CA LEU E 183 -73.55 10.52 11.24
C LEU E 183 -74.96 10.04 11.55
N ARG E 184 -75.65 10.74 12.44
CA ARG E 184 -77.03 10.50 12.80
C ARG E 184 -77.91 11.59 12.20
N ASP E 185 -79.18 11.61 12.60
CA ASP E 185 -80.15 12.57 12.09
C ASP E 185 -79.60 13.98 12.00
N GLY E 186 -78.92 14.44 13.05
CA GLY E 186 -78.31 15.75 13.07
C GLY E 186 -76.83 15.71 12.73
N THR E 187 -76.20 16.89 12.83
CA THR E 187 -74.77 17.01 12.55
C THR E 187 -73.99 16.60 13.81
N LEU E 188 -74.06 15.31 14.11
CA LEU E 188 -73.30 14.77 15.23
C LEU E 188 -71.81 14.99 15.02
N LYS E 189 -71.15 15.52 16.05
CA LYS E 189 -69.75 15.90 15.90
C LYS E 189 -68.88 14.68 15.59
N GLU E 190 -68.75 13.77 16.56
CA GLU E 190 -67.91 12.59 16.41
C GLU E 190 -68.01 11.79 17.70
N ILE E 191 -67.67 10.50 17.62
CA ILE E 191 -67.76 9.59 18.76
C ILE E 191 -66.35 9.23 19.22
N GLU E 192 -66.10 9.34 20.52
CA GLU E 192 -64.82 8.96 21.09
C GLU E 192 -64.60 7.46 20.88
N ALA E 193 -63.34 7.09 20.60
CA ALA E 193 -62.99 5.91 19.81
C ALA E 193 -63.67 4.61 20.21
N PRO E 194 -63.49 4.07 21.41
CA PRO E 194 -64.03 2.74 21.68
C PRO E 194 -65.53 2.72 21.94
N GLU E 195 -66.08 3.75 22.60
CA GLU E 195 -67.48 3.71 23.01
C GLU E 195 -68.38 4.02 21.81
N VAL E 196 -68.34 3.09 20.86
CA VAL E 196 -69.26 3.06 19.73
C VAL E 196 -69.88 1.67 19.68
N VAL E 197 -71.19 1.60 19.51
CA VAL E 197 -71.92 0.34 19.59
C VAL E 197 -71.55 -0.56 18.41
N PRO E 198 -71.45 -1.86 18.60
CA PRO E 198 -71.23 -2.76 17.46
C PRO E 198 -72.46 -2.81 16.57
N GLY E 199 -72.26 -3.25 15.34
CA GLY E 199 -73.34 -3.24 14.37
C GLY E 199 -73.86 -1.85 14.09
N ASP E 200 -72.97 -0.89 13.90
CA ASP E 200 -73.34 0.49 13.66
C ASP E 200 -72.65 1.00 12.41
N ILE E 201 -73.23 2.04 11.81
CA ILE E 201 -72.65 2.63 10.60
C ILE E 201 -71.31 3.29 10.94
N LEU E 202 -70.54 3.57 9.90
CA LEU E 202 -69.26 4.23 10.02
C LEU E 202 -68.98 5.03 8.76
N GLN E 203 -68.19 6.08 8.90
CA GLN E 203 -67.80 6.93 7.78
C GLN E 203 -66.28 7.02 7.74
N VAL E 204 -65.66 6.18 6.91
CA VAL E 204 -64.23 6.24 6.67
C VAL E 204 -63.98 7.20 5.52
N GLU E 205 -63.17 8.24 5.77
CA GLU E 205 -63.05 9.36 4.85
C GLU E 205 -61.57 9.72 4.66
N GLU E 206 -60.98 9.21 3.57
CA GLU E 206 -59.72 9.72 3.03
C GLU E 206 -58.62 9.83 4.09
N GLY E 207 -58.17 8.68 4.57
CA GLY E 207 -57.06 8.67 5.51
C GLY E 207 -57.48 8.68 6.96
N THR E 208 -58.37 7.76 7.33
CA THR E 208 -58.80 7.59 8.72
C THR E 208 -58.63 6.13 9.11
N ILE E 209 -58.07 5.90 10.29
CA ILE E 209 -57.90 4.54 10.78
C ILE E 209 -59.27 3.93 11.03
N ILE E 210 -59.54 2.79 10.39
CA ILE E 210 -60.84 2.14 10.44
C ILE E 210 -61.13 1.71 11.87
N PRO E 211 -62.03 2.40 12.58
CA PRO E 211 -62.15 2.17 14.03
C PRO E 211 -62.62 0.78 14.40
N ALA E 212 -63.49 0.17 13.59
CA ALA E 212 -64.07 -1.12 13.93
C ALA E 212 -64.04 -2.03 12.72
N ASP E 213 -63.73 -3.30 12.97
CA ASP E 213 -63.71 -4.29 11.90
C ASP E 213 -65.11 -4.50 11.35
N GLY E 214 -65.19 -4.92 10.10
CA GLY E 214 -66.51 -5.20 9.53
C GLY E 214 -66.47 -5.24 8.01
N ARG E 215 -67.60 -4.89 7.41
CA ARG E 215 -67.84 -4.99 5.98
C ARG E 215 -68.45 -3.69 5.46
N ILE E 216 -68.43 -3.54 4.13
CA ILE E 216 -68.80 -2.29 3.47
C ILE E 216 -70.32 -2.23 3.35
N VAL E 217 -70.85 -1.02 3.16
CA VAL E 217 -72.28 -0.79 2.99
C VAL E 217 -72.60 -0.77 1.50
N THR E 218 -73.85 -1.12 1.18
CA THR E 218 -74.34 -1.35 -0.18
C THR E 218 -74.00 -0.27 -1.19
N ASP E 219 -73.75 0.97 -0.74
CA ASP E 219 -73.46 2.05 -1.67
C ASP E 219 -72.19 1.74 -2.46
N ASP E 220 -72.22 2.08 -3.76
CA ASP E 220 -71.17 1.67 -4.69
C ASP E 220 -70.04 2.69 -4.71
N ALA E 221 -68.87 2.26 -4.22
CA ALA E 221 -67.63 3.04 -4.26
C ALA E 221 -66.50 2.14 -3.79
N PHE E 222 -65.31 2.36 -4.35
CA PHE E 222 -64.14 1.58 -4.01
C PHE E 222 -63.18 2.42 -3.18
N LEU E 223 -62.74 1.87 -2.05
CA LEU E 223 -61.78 2.54 -1.18
C LEU E 223 -60.52 1.70 -1.12
N GLN E 224 -59.37 2.34 -1.36
CA GLN E 224 -58.09 1.65 -1.34
C GLN E 224 -57.57 1.67 0.09
N VAL E 225 -57.72 0.54 0.77
CA VAL E 225 -57.28 0.44 2.16
C VAL E 225 -55.78 0.20 2.19
N ASP E 226 -55.08 0.99 2.99
CA ASP E 226 -53.63 0.83 3.16
C ASP E 226 -53.38 -0.34 4.11
N GLN E 227 -52.81 -1.41 3.58
CA GLN E 227 -52.56 -2.64 4.31
C GLN E 227 -51.05 -2.91 4.36
N SER E 228 -50.71 -4.14 4.75
CA SER E 228 -49.39 -4.64 5.15
C SER E 228 -49.12 -4.31 6.61
N ALA E 229 -50.03 -3.61 7.29
CA ALA E 229 -49.95 -3.53 8.75
C ALA E 229 -50.42 -4.83 9.38
N LEU E 230 -51.43 -5.47 8.79
CA LEU E 230 -51.92 -6.76 9.24
C LEU E 230 -51.81 -7.85 8.17
N THR E 231 -51.59 -7.50 6.91
CA THR E 231 -51.48 -8.43 5.80
C THR E 231 -50.08 -8.30 5.19
N GLY E 232 -49.90 -8.92 4.03
CA GLY E 232 -48.60 -8.91 3.38
C GLY E 232 -48.37 -7.81 2.37
N GLU E 233 -49.25 -7.70 1.37
CA GLU E 233 -48.98 -6.83 0.23
C GLU E 233 -49.05 -5.36 0.62
N SER E 234 -48.09 -4.59 0.12
CA SER E 234 -48.02 -3.15 0.35
C SER E 234 -48.67 -2.33 -0.75
N LEU E 235 -49.21 -2.99 -1.78
CA LEU E 235 -49.80 -2.30 -2.92
C LEU E 235 -51.26 -1.94 -2.59
N ALA E 236 -52.02 -1.54 -3.60
CA ALA E 236 -53.42 -1.19 -3.42
C ALA E 236 -54.22 -2.45 -3.12
N VAL E 237 -54.72 -2.57 -1.89
CA VAL E 237 -55.63 -3.64 -1.51
C VAL E 237 -57.02 -3.05 -1.65
N ASP E 238 -57.60 -3.19 -2.84
CA ASP E 238 -58.84 -2.50 -3.19
C ASP E 238 -60.03 -3.43 -2.98
N LYS E 239 -60.47 -3.53 -1.73
CA LYS E 239 -61.76 -4.14 -1.46
C LYS E 239 -62.87 -3.22 -1.94
N HIS E 240 -63.87 -3.79 -2.60
CA HIS E 240 -64.89 -2.99 -3.28
C HIS E 240 -66.24 -3.06 -2.59
N LYS E 241 -66.81 -4.25 -2.42
CA LYS E 241 -68.12 -4.39 -1.80
C LYS E 241 -68.19 -5.69 -1.02
N GLY E 242 -68.64 -5.60 0.23
CA GLY E 242 -68.91 -6.77 1.04
C GLY E 242 -67.70 -7.52 1.55
N ASP E 243 -66.50 -7.04 1.26
CA ASP E 243 -65.30 -7.73 1.72
C ASP E 243 -65.03 -7.39 3.18
N GLN E 244 -64.06 -8.10 3.76
CA GLN E 244 -63.72 -7.92 5.17
C GLN E 244 -62.82 -6.70 5.31
N VAL E 245 -63.38 -5.62 5.85
CA VAL E 245 -62.64 -4.39 6.11
C VAL E 245 -61.94 -4.55 7.46
N PHE E 246 -60.61 -4.42 7.46
CA PHE E 246 -59.80 -4.73 8.62
C PHE E 246 -59.63 -3.51 9.51
N ALA E 247 -59.86 -3.69 10.81
CA ALA E 247 -59.71 -2.61 11.77
C ALA E 247 -58.23 -2.27 11.95
N SER E 248 -57.98 -1.09 12.50
CA SER E 248 -56.63 -0.57 12.70
C SER E 248 -55.85 -0.52 11.39
N SER E 249 -56.53 -0.16 10.32
CA SER E 249 -55.92 0.00 9.01
C SER E 249 -56.40 1.30 8.39
N ALA E 250 -55.57 1.87 7.52
CA ALA E 250 -55.86 3.15 6.90
C ALA E 250 -56.58 2.95 5.56
N VAL E 251 -57.06 4.05 5.01
CA VAL E 251 -57.65 4.08 3.67
C VAL E 251 -56.89 5.12 2.83
N LYS E 252 -56.26 4.65 1.76
CA LYS E 252 -55.49 5.55 0.90
C LYS E 252 -56.38 6.55 0.21
N ARG E 253 -57.52 6.11 -0.29
CA ARG E 253 -58.50 6.98 -0.95
C ARG E 253 -59.81 6.23 -1.05
N GLY E 254 -60.91 6.95 -0.94
CA GLY E 254 -62.22 6.34 -1.10
C GLY E 254 -63.25 7.03 -0.24
N GLU E 255 -64.51 6.65 -0.48
CA GLU E 255 -65.65 7.19 0.26
C GLU E 255 -66.68 6.08 0.38
N ALA E 256 -66.68 5.37 1.50
CA ALA E 256 -67.58 4.26 1.71
C ALA E 256 -68.03 4.22 3.17
N PHE E 257 -69.05 3.41 3.44
CA PHE E 257 -69.58 3.22 4.77
C PHE E 257 -69.39 1.77 5.18
N VAL E 258 -69.22 1.55 6.48
CA VAL E 258 -68.82 0.26 7.02
C VAL E 258 -69.87 -0.25 8.00
N VAL E 259 -70.13 -1.55 7.96
CA VAL E 259 -70.96 -2.20 8.96
C VAL E 259 -70.07 -3.00 9.90
N ILE E 260 -70.30 -2.82 11.20
CA ILE E 260 -69.37 -3.31 12.21
C ILE E 260 -69.56 -4.81 12.40
N THR E 261 -68.45 -5.55 12.35
CA THR E 261 -68.42 -6.97 12.66
C THR E 261 -67.15 -7.27 13.42
N ALA E 262 -67.25 -7.99 14.54
CA ALA E 262 -66.12 -8.27 15.42
C ALA E 262 -65.48 -6.98 15.92
N THR E 263 -66.25 -6.25 16.73
CA THR E 263 -65.83 -4.92 17.19
C THR E 263 -64.55 -4.96 18.03
N GLY E 264 -64.18 -6.11 18.57
CA GLY E 264 -62.93 -6.22 19.30
C GLY E 264 -62.26 -7.56 19.11
N ASP E 265 -62.79 -8.37 18.22
CA ASP E 265 -62.32 -9.73 17.99
C ASP E 265 -61.32 -9.76 16.84
N ASN E 266 -60.51 -10.83 16.83
CA ASN E 266 -59.58 -11.21 15.76
C ASN E 266 -58.89 -10.04 15.10
N THR E 267 -58.45 -9.06 15.88
CA THR E 267 -57.67 -7.96 15.35
C THR E 267 -56.26 -8.45 15.01
N PHE E 268 -56.07 -8.90 13.78
CA PHE E 268 -54.82 -9.53 13.36
C PHE E 268 -53.92 -8.56 12.62
N GLY E 284 -38.44 -0.07 24.14
CA GLY E 284 -37.82 0.67 23.06
C GLY E 284 -36.38 0.30 22.82
N HIS E 285 -35.47 1.27 23.02
CA HIS E 285 -34.05 1.00 22.85
C HIS E 285 -33.29 1.34 24.12
N PHE E 286 -33.77 2.33 24.88
CA PHE E 286 -33.15 2.63 26.16
C PHE E 286 -33.38 1.52 27.17
N THR E 287 -34.48 0.76 27.01
CA THR E 287 -34.74 -0.36 27.90
C THR E 287 -33.71 -1.47 27.72
N GLU E 288 -33.33 -1.77 26.47
CA GLU E 288 -32.31 -2.79 26.24
C GLU E 288 -30.96 -2.33 26.76
N VAL E 289 -30.63 -1.05 26.59
CA VAL E 289 -29.39 -0.52 27.13
C VAL E 289 -29.38 -0.64 28.65
N LEU E 290 -30.51 -0.33 29.29
CA LEU E 290 -30.62 -0.48 30.73
C LEU E 290 -30.46 -1.94 31.15
N ASN E 291 -31.05 -2.86 30.38
CA ASN E 291 -30.92 -4.27 30.71
C ASN E 291 -29.47 -4.72 30.64
N GLY E 292 -28.76 -4.31 29.59
CA GLY E 292 -27.35 -4.66 29.50
C GLY E 292 -26.53 -4.06 30.62
N ILE E 293 -26.80 -2.80 30.97
CA ILE E 293 -26.08 -2.14 32.05
C ILE E 293 -26.34 -2.86 33.36
N GLY E 294 -27.60 -3.23 33.61
CA GLY E 294 -27.92 -3.95 34.83
C GLY E 294 -27.27 -5.31 34.89
N THR E 295 -27.17 -6.00 33.75
CA THR E 295 -26.48 -7.28 33.71
C THR E 295 -25.01 -7.13 34.05
N ILE E 296 -24.36 -6.11 33.48
CA ILE E 296 -22.95 -5.89 33.77
C ILE E 296 -22.74 -5.51 35.23
N LEU E 297 -23.67 -4.73 35.78
CA LEU E 297 -23.58 -4.38 37.21
C LEU E 297 -23.75 -5.61 38.08
N LEU E 298 -24.66 -6.50 37.71
CA LEU E 298 -24.80 -7.76 38.44
C LEU E 298 -23.52 -8.58 38.36
N ILE E 299 -22.88 -8.60 37.21
CA ILE E 299 -21.61 -9.31 37.07
C ILE E 299 -20.56 -8.72 38.02
N LEU E 300 -20.50 -7.39 38.09
CA LEU E 300 -19.54 -6.74 38.97
C LEU E 300 -19.82 -7.07 40.44
N VAL E 301 -21.10 -7.06 40.82
CA VAL E 301 -21.46 -7.37 42.20
C VAL E 301 -21.10 -8.82 42.53
N ILE E 302 -21.31 -9.72 41.58
CA ILE E 302 -20.97 -11.12 41.80
C ILE E 302 -19.47 -11.28 41.96
N PHE E 303 -18.69 -10.56 41.15
CA PHE E 303 -17.23 -10.63 41.29
C PHE E 303 -16.79 -10.12 42.66
N THR E 304 -17.37 -9.00 43.10
CA THR E 304 -17.02 -8.48 44.43
C THR E 304 -17.40 -9.46 45.53
N LEU E 305 -18.59 -10.06 45.41
CA LEU E 305 -19.02 -11.03 46.42
C LEU E 305 -18.13 -12.24 46.42
N LEU E 306 -17.65 -12.66 45.25
CA LEU E 306 -16.72 -13.78 45.19
C LEU E 306 -15.42 -13.45 45.90
N ILE E 307 -14.90 -12.24 45.69
CA ILE E 307 -13.69 -11.82 46.40
C ILE E 307 -13.93 -11.85 47.90
N VAL E 308 -15.06 -11.31 48.34
CA VAL E 308 -15.35 -11.23 49.77
C VAL E 308 -15.48 -12.62 50.38
N TRP E 309 -16.20 -13.52 49.70
CA TRP E 309 -16.40 -14.85 50.23
C TRP E 309 -15.10 -15.64 50.26
N VAL E 310 -14.27 -15.50 49.22
CA VAL E 310 -12.98 -16.20 49.21
C VAL E 310 -12.10 -15.70 50.35
N SER E 311 -12.03 -14.37 50.52
CA SER E 311 -11.17 -13.81 51.56
C SER E 311 -11.70 -14.12 52.95
N SER E 312 -13.01 -14.30 53.09
CA SER E 312 -13.56 -14.73 54.37
C SER E 312 -13.31 -16.20 54.62
N PHE E 313 -13.32 -17.02 53.57
CA PHE E 313 -13.00 -18.43 53.74
C PHE E 313 -11.56 -18.62 54.20
N TYR E 314 -10.63 -17.88 53.61
CA TYR E 314 -9.24 -18.01 54.05
C TYR E 314 -9.05 -17.57 55.49
N ARG E 315 -9.88 -16.65 55.98
CA ARG E 315 -9.80 -16.21 57.37
C ARG E 315 -10.72 -17.00 58.28
N SER E 316 -11.47 -17.95 57.76
CA SER E 316 -12.39 -18.78 58.54
C SER E 316 -13.37 -17.92 59.33
N ASN E 317 -13.91 -16.90 58.66
CA ASN E 317 -14.91 -16.05 59.29
C ASN E 317 -16.15 -16.87 59.59
N PRO E 318 -16.83 -16.60 60.71
CA PRO E 318 -18.12 -17.25 60.95
C PRO E 318 -19.13 -16.85 59.88
N ILE E 319 -20.08 -17.74 59.62
CA ILE E 319 -21.01 -17.53 58.51
C ILE E 319 -21.80 -16.24 58.70
N VAL E 320 -22.05 -15.84 59.95
CA VAL E 320 -22.83 -14.63 60.20
C VAL E 320 -22.10 -13.39 59.70
N GLN E 321 -20.78 -13.31 59.95
CA GLN E 321 -20.02 -12.17 59.48
C GLN E 321 -19.95 -12.14 57.95
N ILE E 322 -19.80 -13.31 57.33
CA ILE E 322 -19.80 -13.39 55.88
C ILE E 322 -21.14 -12.90 55.33
N LEU E 323 -22.24 -13.29 55.99
CA LEU E 323 -23.55 -12.86 55.54
C LEU E 323 -23.72 -11.35 55.70
N GLU E 324 -23.19 -10.78 56.77
CA GLU E 324 -23.24 -9.33 56.93
C GLU E 324 -22.48 -8.63 55.81
N PHE E 325 -21.29 -9.13 55.49
CA PHE E 325 -20.51 -8.54 54.39
C PHE E 325 -21.28 -8.62 53.08
N THR E 326 -21.82 -9.79 52.76
CA THR E 326 -22.50 -9.97 51.49
C THR E 326 -23.78 -9.15 51.44
N LEU E 327 -24.45 -8.94 52.58
CA LEU E 327 -25.63 -8.09 52.61
C LEU E 327 -25.24 -6.65 52.31
N ALA E 328 -24.17 -6.16 52.93
CA ALA E 328 -23.75 -4.78 52.69
C ALA E 328 -23.42 -4.57 51.21
N ILE E 329 -22.67 -5.52 50.63
CA ILE E 329 -22.27 -5.34 49.24
C ILE E 329 -23.45 -5.53 48.28
N THR E 330 -24.39 -6.41 48.61
CA THR E 330 -25.59 -6.52 47.79
C THR E 330 -26.40 -5.23 47.83
N ILE E 331 -26.49 -4.60 49.01
CA ILE E 331 -27.21 -3.34 49.13
C ILE E 331 -26.55 -2.25 48.30
N ILE E 332 -25.22 -2.15 48.35
CA ILE E 332 -24.59 -1.04 47.65
C ILE E 332 -24.48 -1.30 46.15
N GLY E 333 -24.33 -2.56 45.74
CA GLY E 333 -23.90 -2.84 44.39
C GLY E 333 -25.00 -2.77 43.34
N VAL E 334 -26.04 -3.57 43.51
CA VAL E 334 -27.11 -3.62 42.53
C VAL E 334 -28.04 -2.43 42.73
N PRO E 335 -28.23 -1.59 41.70
CA PRO E 335 -29.21 -0.50 41.81
C PRO E 335 -30.62 -1.06 41.74
N VAL E 336 -31.39 -0.85 42.80
CA VAL E 336 -32.72 -1.44 42.89
C VAL E 336 -33.64 -0.86 41.82
N GLY E 337 -33.61 0.45 41.65
CA GLY E 337 -34.57 1.11 40.80
C GLY E 337 -34.02 1.91 39.64
N LEU E 338 -32.97 1.41 38.99
CA LEU E 338 -32.44 2.11 37.82
C LEU E 338 -33.45 2.19 36.68
N PRO E 339 -33.99 1.07 36.17
CA PRO E 339 -34.97 1.21 35.07
C PRO E 339 -36.23 1.97 35.48
N ALA E 340 -36.65 1.85 36.74
CA ALA E 340 -37.85 2.55 37.18
C ALA E 340 -37.66 4.06 37.11
N VAL E 341 -36.53 4.56 37.62
CA VAL E 341 -36.30 6.00 37.60
C VAL E 341 -35.98 6.48 36.19
N VAL E 342 -35.38 5.63 35.35
CA VAL E 342 -35.19 6.02 33.95
C VAL E 342 -36.54 6.18 33.26
N THR E 343 -37.46 5.23 33.48
CA THR E 343 -38.79 5.35 32.89
C THR E 343 -39.53 6.55 33.47
N THR E 344 -39.31 6.86 34.74
CA THR E 344 -39.92 8.05 35.34
C THR E 344 -39.39 9.32 34.67
N THR E 345 -38.09 9.38 34.41
CA THR E 345 -37.52 10.53 33.70
C THR E 345 -38.13 10.66 32.32
N MET E 346 -38.24 9.53 31.61
CA MET E 346 -38.86 9.56 30.28
C MET E 346 -40.30 10.04 30.34
N ALA E 347 -41.05 9.58 31.34
CA ALA E 347 -42.46 9.94 31.44
C ALA E 347 -42.64 11.41 31.80
N VAL E 348 -41.85 11.91 32.74
CA VAL E 348 -41.92 13.32 33.08
C VAL E 348 -41.53 14.18 31.89
N GLY E 349 -40.50 13.77 31.15
CA GLY E 349 -40.12 14.50 29.95
C GLY E 349 -41.21 14.48 28.89
N ALA E 350 -41.86 13.33 28.72
CA ALA E 350 -42.95 13.24 27.75
C ALA E 350 -44.13 14.13 28.16
N ALA E 351 -44.42 14.19 29.45
CA ALA E 351 -45.46 15.11 29.93
C ALA E 351 -45.08 16.56 29.65
N TYR E 352 -43.83 16.91 29.91
CA TYR E 352 -43.39 18.27 29.64
C TYR E 352 -43.46 18.59 28.14
N LEU E 353 -43.12 17.61 27.30
CA LEU E 353 -43.22 17.80 25.86
C LEU E 353 -44.67 17.99 25.43
N ALA E 354 -45.58 17.16 25.95
CA ALA E 354 -46.99 17.31 25.62
C ALA E 354 -47.53 18.64 26.11
N LYS E 355 -46.96 19.19 27.17
CA LYS E 355 -47.29 20.55 27.56
C LYS E 355 -46.88 21.55 26.49
N LYS E 356 -45.76 21.29 25.81
CA LYS E 356 -45.26 22.12 24.72
C LYS E 356 -45.93 21.81 23.38
N LYS E 357 -47.07 21.11 23.40
CA LYS E 357 -47.81 20.73 22.19
C LYS E 357 -46.97 19.79 21.32
N ALA E 358 -46.53 18.69 21.93
CA ALA E 358 -45.83 17.64 21.21
C ALA E 358 -46.09 16.32 21.93
N ILE E 359 -47.08 15.57 21.46
CA ILE E 359 -47.49 14.33 22.10
C ILE E 359 -46.70 13.18 21.51
N VAL E 360 -46.15 12.34 22.38
CA VAL E 360 -45.25 11.26 21.98
C VAL E 360 -46.03 9.95 21.97
N GLN E 361 -45.92 9.21 20.88
CA GLN E 361 -46.68 7.97 20.74
C GLN E 361 -46.13 6.89 21.67
N LYS E 362 -44.89 6.51 21.47
CA LYS E 362 -44.20 5.54 22.33
C LYS E 362 -43.12 6.27 23.11
N LEU E 363 -42.95 5.88 24.38
CA LEU E 363 -42.00 6.59 25.25
C LEU E 363 -40.59 6.54 24.71
N SER E 364 -40.27 5.58 23.84
CA SER E 364 -38.93 5.48 23.27
C SER E 364 -38.66 6.53 22.21
N ALA E 365 -39.68 7.28 21.77
CA ALA E 365 -39.46 8.29 20.74
C ALA E 365 -38.68 9.49 21.27
N ILE E 366 -38.59 9.65 22.58
CA ILE E 366 -37.81 10.74 23.15
C ILE E 366 -36.34 10.60 22.76
N GLU E 367 -35.78 9.41 22.99
CA GLU E 367 -34.39 9.16 22.65
C GLU E 367 -34.15 9.25 21.15
N SER E 368 -35.10 8.72 20.36
CA SER E 368 -34.95 8.81 18.90
C SER E 368 -34.93 10.26 18.44
N LEU E 369 -35.82 11.10 18.97
CA LEU E 369 -35.80 12.51 18.59
C LEU E 369 -34.52 13.18 19.06
N ALA E 370 -34.03 12.81 20.24
CA ALA E 370 -32.76 13.37 20.71
C ALA E 370 -31.61 12.99 19.80
N GLY E 371 -31.70 11.84 19.14
CA GLY E 371 -30.60 11.35 18.33
C GLY E 371 -30.60 11.74 16.87
N VAL E 372 -31.66 12.36 16.36
CA VAL E 372 -31.76 12.61 14.93
C VAL E 372 -30.68 13.61 14.49
N GLU E 373 -30.10 13.35 13.32
CA GLU E 373 -29.12 14.24 12.72
C GLU E 373 -29.64 14.98 11.50
N ILE E 374 -30.57 14.38 10.77
CA ILE E 374 -31.14 14.98 9.57
C ILE E 374 -32.64 15.02 9.73
N LEU E 375 -33.22 16.20 9.50
CA LEU E 375 -34.66 16.41 9.59
C LEU E 375 -35.18 16.75 8.20
N CYS E 376 -35.84 15.79 7.55
CA CYS E 376 -36.38 15.97 6.22
C CYS E 376 -37.83 16.42 6.36
N SER E 377 -38.07 17.72 6.18
CA SER E 377 -39.37 18.31 6.42
C SER E 377 -39.96 18.84 5.12
N ASP E 378 -41.24 18.56 4.90
CA ASP E 378 -41.95 19.12 3.76
C ASP E 378 -42.06 20.64 3.91
N LYS E 379 -41.87 21.35 2.80
CA LYS E 379 -41.87 22.81 2.84
C LYS E 379 -43.25 23.34 3.24
N THR E 380 -44.30 22.80 2.66
CA THR E 380 -45.63 23.34 2.85
C THR E 380 -46.19 22.88 4.19
N GLY E 381 -46.54 23.84 5.05
CA GLY E 381 -47.11 23.56 6.34
C GLY E 381 -46.12 23.52 7.48
N THR E 382 -44.83 23.34 7.19
CA THR E 382 -43.80 23.33 8.21
C THR E 382 -42.84 24.51 8.06
N LEU E 383 -42.22 24.67 6.90
CA LEU E 383 -41.33 25.80 6.65
C LEU E 383 -42.07 27.02 6.14
N THR E 384 -43.37 26.91 5.86
CA THR E 384 -44.13 28.02 5.33
C THR E 384 -45.59 27.83 5.70
N LYS E 385 -46.34 28.93 5.67
CA LYS E 385 -47.74 28.91 6.08
C LYS E 385 -48.60 28.31 4.96
N ASN E 386 -49.80 27.88 5.34
CA ASN E 386 -50.71 27.27 4.37
C ASN E 386 -51.63 28.27 3.69
N LYS E 387 -51.61 29.54 4.08
CA LYS E 387 -52.42 30.55 3.42
C LYS E 387 -51.61 31.26 2.34
N LEU E 388 -52.16 31.32 1.13
CA LEU E 388 -51.45 31.79 -0.04
C LEU E 388 -51.93 33.19 -0.44
N SER E 389 -50.99 34.00 -0.90
CA SER E 389 -51.28 35.34 -1.41
C SER E 389 -51.25 35.32 -2.93
N LEU E 390 -52.25 35.92 -3.55
CA LEU E 390 -52.40 35.92 -5.00
C LEU E 390 -52.04 37.31 -5.53
N HIS E 391 -51.15 37.36 -6.51
CA HIS E 391 -50.60 38.63 -7.01
C HIS E 391 -50.77 38.69 -8.53
N ASP E 392 -51.81 39.40 -8.98
CA ASP E 392 -51.98 39.77 -10.39
C ASP E 392 -51.88 38.58 -11.34
N PRO E 393 -52.91 37.73 -11.42
CA PRO E 393 -52.87 36.59 -12.35
C PRO E 393 -52.35 36.98 -13.74
N TYR E 394 -51.52 36.11 -14.30
CA TYR E 394 -50.90 36.33 -15.60
C TYR E 394 -51.93 36.03 -16.68
N THR E 395 -52.77 37.03 -16.97
CA THR E 395 -53.79 36.91 -17.99
C THR E 395 -53.31 37.32 -19.37
N VAL E 396 -51.99 37.32 -19.58
CA VAL E 396 -51.41 37.63 -20.89
C VAL E 396 -51.35 36.31 -21.65
N ALA E 397 -52.30 36.11 -22.57
CA ALA E 397 -52.45 34.87 -23.29
C ALA E 397 -53.03 35.18 -24.66
N GLY E 398 -53.59 34.17 -25.31
CA GLY E 398 -54.24 34.35 -26.59
C GLY E 398 -55.62 34.94 -26.46
N VAL E 399 -56.61 34.33 -27.13
CA VAL E 399 -57.96 34.86 -27.15
C VAL E 399 -58.55 34.97 -25.75
N ASP E 400 -58.14 34.09 -24.83
CA ASP E 400 -58.73 34.01 -23.50
C ASP E 400 -58.28 35.18 -22.64
N PRO E 401 -59.14 36.19 -22.42
CA PRO E 401 -58.70 37.40 -21.71
C PRO E 401 -58.65 37.28 -20.20
N GLU E 402 -59.64 36.62 -19.61
CA GLU E 402 -59.79 36.60 -18.16
C GLU E 402 -60.25 35.25 -17.64
N ASP E 403 -60.27 34.21 -18.47
CA ASP E 403 -60.87 32.94 -18.09
C ASP E 403 -60.09 32.21 -17.01
N LEU E 404 -58.90 32.70 -16.64
CA LEU E 404 -58.12 32.04 -15.60
C LEU E 404 -58.91 31.89 -14.31
N MET E 405 -59.47 32.99 -13.80
CA MET E 405 -60.18 32.94 -12.53
C MET E 405 -61.39 32.01 -12.61
N LEU E 406 -62.19 32.16 -13.66
CA LEU E 406 -63.41 31.38 -13.78
C LEU E 406 -63.11 29.90 -13.87
N THR E 407 -62.18 29.51 -14.74
CA THR E 407 -61.91 28.09 -14.94
C THR E 407 -61.18 27.50 -13.74
N ALA E 408 -60.30 28.27 -13.10
CA ALA E 408 -59.59 27.77 -11.93
C ALA E 408 -60.55 27.55 -10.76
N CYS E 409 -61.44 28.52 -10.50
CA CYS E 409 -62.44 28.34 -9.47
C CYS E 409 -63.47 27.29 -9.84
N LEU E 410 -63.58 26.95 -11.13
CA LEU E 410 -64.47 25.87 -11.54
C LEU E 410 -64.03 24.54 -10.95
N ALA E 411 -62.73 24.37 -10.71
CA ALA E 411 -62.18 23.13 -10.17
C ALA E 411 -62.12 23.13 -8.65
N ALA E 412 -63.01 23.86 -7.99
CA ALA E 412 -63.02 23.93 -6.54
C ALA E 412 -63.98 22.89 -5.96
N SER E 413 -63.48 22.09 -5.01
CA SER E 413 -64.33 21.11 -4.35
C SER E 413 -65.41 21.79 -3.51
N ARG E 414 -65.10 22.96 -2.93
CA ARG E 414 -66.07 23.81 -2.26
C ARG E 414 -66.78 23.11 -1.10
N LYS E 415 -66.10 22.16 -0.45
CA LYS E 415 -66.70 21.53 0.73
C LYS E 415 -66.62 22.44 1.94
N LYS E 416 -65.52 23.18 2.08
CA LYS E 416 -65.23 24.07 3.21
C LYS E 416 -65.13 23.32 4.53
N LYS E 417 -65.02 21.98 4.49
CA LYS E 417 -64.70 21.19 5.66
C LYS E 417 -63.64 20.12 5.40
N GLY E 418 -63.22 19.94 4.15
CA GLY E 418 -62.17 19.01 3.83
C GLY E 418 -61.27 19.51 2.72
N ILE E 419 -61.47 20.77 2.33
CA ILE E 419 -60.67 21.36 1.26
C ILE E 419 -59.25 21.62 1.76
N ASP E 420 -58.30 21.59 0.84
CA ASP E 420 -56.89 21.75 1.18
C ASP E 420 -56.55 23.23 1.24
N ALA E 421 -55.25 23.53 1.41
CA ALA E 421 -54.82 24.92 1.48
C ALA E 421 -54.92 25.62 0.13
N ILE E 422 -54.70 24.89 -0.97
CA ILE E 422 -54.75 25.50 -2.29
C ILE E 422 -56.14 26.02 -2.61
N ASP E 423 -57.16 25.23 -2.28
CA ASP E 423 -58.53 25.57 -2.68
C ASP E 423 -59.00 26.88 -2.05
N LYS E 424 -58.60 27.14 -0.80
CA LYS E 424 -59.12 28.30 -0.09
C LYS E 424 -58.75 29.61 -0.77
N ALA E 425 -57.49 29.74 -1.19
CA ALA E 425 -57.01 31.02 -1.71
C ALA E 425 -57.78 31.46 -2.95
N PHE E 426 -58.24 30.52 -3.77
CA PHE E 426 -59.04 30.86 -4.93
C PHE E 426 -60.36 31.52 -4.52
N LEU E 427 -61.01 30.99 -3.49
CA LEU E 427 -62.27 31.55 -3.05
C LEU E 427 -62.07 32.88 -2.33
N LYS E 428 -61.05 32.97 -1.47
CA LYS E 428 -60.81 34.22 -0.75
C LYS E 428 -60.43 35.35 -1.69
N SER E 429 -59.81 35.03 -2.83
CA SER E 429 -59.43 36.03 -3.82
C SER E 429 -60.36 36.02 -5.03
N LEU E 430 -61.66 35.82 -4.81
CA LEU E 430 -62.66 35.87 -5.85
C LEU E 430 -63.37 37.23 -5.91
N LYS E 431 -62.66 38.30 -5.57
CA LYS E 431 -63.22 39.65 -5.65
C LYS E 431 -63.19 40.15 -7.10
N TYR E 432 -63.91 39.43 -7.95
CA TYR E 432 -63.99 39.72 -9.37
C TYR E 432 -65.42 40.12 -9.71
N TYR E 433 -65.58 41.22 -10.42
CA TYR E 433 -66.88 41.82 -10.67
C TYR E 433 -67.69 41.16 -11.79
N PRO E 434 -67.11 40.89 -13.00
CA PRO E 434 -67.95 40.56 -14.14
C PRO E 434 -68.79 39.29 -14.00
N ARG E 435 -68.17 38.17 -13.61
CA ARG E 435 -68.88 36.89 -13.64
C ARG E 435 -68.62 36.00 -12.44
N ALA E 436 -67.92 36.47 -11.40
CA ALA E 436 -67.61 35.60 -10.27
C ALA E 436 -68.87 35.12 -9.57
N LYS E 437 -69.95 35.90 -9.62
CA LYS E 437 -71.22 35.45 -9.06
C LYS E 437 -71.87 34.39 -9.96
N SER E 438 -71.81 34.60 -11.28
CA SER E 438 -72.46 33.69 -12.22
C SER E 438 -71.61 32.47 -12.56
N VAL E 439 -70.33 32.47 -12.18
CA VAL E 439 -69.46 31.35 -12.53
C VAL E 439 -69.67 30.14 -11.64
N LEU E 440 -70.21 30.32 -10.44
CA LEU E 440 -70.41 29.22 -9.50
C LEU E 440 -71.81 28.64 -9.59
N SER E 441 -72.62 29.09 -10.54
CA SER E 441 -74.00 28.65 -10.69
C SER E 441 -74.13 27.75 -11.91
N LYS E 442 -74.82 26.62 -11.73
CA LYS E 442 -75.20 25.66 -12.78
C LYS E 442 -74.01 24.91 -13.35
N TYR E 443 -72.78 25.23 -12.96
CA TYR E 443 -71.61 24.49 -13.42
C TYR E 443 -71.53 23.17 -12.65
N LYS E 444 -72.50 22.31 -12.93
CA LYS E 444 -72.59 21.04 -12.21
C LYS E 444 -71.40 20.15 -12.57
N VAL E 445 -70.77 19.59 -11.54
CA VAL E 445 -69.59 18.75 -11.72
C VAL E 445 -70.01 17.35 -12.11
N LEU E 446 -69.41 16.83 -13.18
CA LEU E 446 -69.65 15.45 -13.61
C LEU E 446 -68.55 14.52 -13.13
N GLN E 447 -67.30 14.82 -13.48
CA GLN E 447 -66.13 14.08 -13.01
C GLN E 447 -65.15 15.05 -12.38
N PHE E 448 -64.57 14.64 -11.26
CA PHE E 448 -63.62 15.48 -10.51
C PHE E 448 -62.47 14.58 -10.05
N HIS E 449 -61.43 14.50 -10.87
CA HIS E 449 -60.23 13.76 -10.47
C HIS E 449 -59.49 14.53 -9.39
N PRO E 450 -59.27 13.95 -8.22
CA PRO E 450 -58.57 14.68 -7.16
C PRO E 450 -57.10 14.90 -7.52
N PHE E 451 -56.49 15.84 -6.81
CA PHE E 451 -55.08 16.16 -6.99
C PHE E 451 -54.21 14.94 -6.72
N ASP E 452 -53.56 14.42 -7.76
CA ASP E 452 -52.73 13.24 -7.63
C ASP E 452 -51.27 13.65 -7.47
N PRO E 453 -50.60 13.25 -6.40
CA PRO E 453 -49.20 13.69 -6.21
C PRO E 453 -48.28 13.25 -7.31
N VAL E 454 -48.50 12.07 -7.90
CA VAL E 454 -47.65 11.61 -8.99
C VAL E 454 -47.87 12.44 -10.25
N SER E 455 -49.00 13.14 -10.34
CA SER E 455 -49.31 13.97 -11.50
C SER E 455 -49.22 15.45 -11.23
N LYS E 456 -49.35 15.88 -9.97
CA LYS E 456 -49.36 17.30 -9.61
C LYS E 456 -50.41 18.05 -10.45
N LYS E 457 -51.61 17.49 -10.49
CA LYS E 457 -52.60 17.92 -11.47
C LYS E 457 -53.98 17.49 -11.03
N VAL E 458 -54.89 18.46 -10.92
CA VAL E 458 -56.30 18.19 -10.64
C VAL E 458 -57.09 18.40 -11.92
N VAL E 459 -57.93 17.43 -12.27
CA VAL E 459 -58.72 17.47 -13.49
C VAL E 459 -60.19 17.31 -13.13
N ALA E 460 -61.02 18.22 -13.62
CA ALA E 460 -62.45 18.20 -13.35
C ALA E 460 -63.23 18.31 -14.66
N VAL E 461 -64.33 17.59 -14.74
CA VAL E 461 -65.24 17.65 -15.89
C VAL E 461 -66.60 18.10 -15.37
N VAL E 462 -67.10 19.22 -15.89
CA VAL E 462 -68.33 19.83 -15.40
C VAL E 462 -69.21 20.18 -16.61
N GLU E 463 -70.45 20.56 -16.30
CA GLU E 463 -71.42 21.01 -17.29
C GLU E 463 -71.45 22.53 -17.33
N SER E 464 -72.00 23.06 -18.41
CA SER E 464 -72.12 24.50 -18.62
C SER E 464 -73.50 24.82 -19.21
N PRO E 465 -74.01 26.03 -18.99
CA PRO E 465 -75.29 26.40 -19.62
C PRO E 465 -75.24 26.32 -21.13
N GLN E 466 -74.09 26.60 -21.74
CA GLN E 466 -73.92 26.41 -23.17
C GLN E 466 -73.95 24.95 -23.58
N GLY E 467 -73.88 24.02 -22.63
CA GLY E 467 -73.99 22.61 -22.89
C GLY E 467 -72.69 21.87 -23.09
N GLU E 468 -71.56 22.59 -23.15
CA GLU E 468 -70.28 21.95 -23.37
C GLU E 468 -69.80 21.25 -22.10
N ARG E 469 -68.83 20.36 -22.28
CA ARG E 469 -68.18 19.64 -21.18
C ARG E 469 -66.81 20.27 -20.97
N ILE E 470 -66.77 21.32 -20.15
CA ILE E 470 -65.53 22.04 -19.88
C ILE E 470 -64.70 21.21 -18.92
N THR E 471 -63.68 20.52 -19.46
CA THR E 471 -62.81 19.68 -18.63
C THR E 471 -61.63 20.53 -18.17
N CYS E 472 -61.79 21.16 -17.01
CA CYS E 472 -60.74 21.97 -16.45
C CYS E 472 -59.58 21.10 -15.96
N VAL E 473 -58.37 21.61 -16.13
CA VAL E 473 -57.16 20.97 -15.62
C VAL E 473 -56.29 22.03 -14.97
N LYS E 474 -55.78 21.72 -13.78
CA LYS E 474 -54.99 22.68 -13.00
C LYS E 474 -53.88 21.92 -12.27
N GLY E 475 -52.66 22.44 -12.36
CA GLY E 475 -51.55 21.80 -11.70
C GLY E 475 -50.24 22.57 -11.80
N ALA E 476 -49.13 21.85 -11.80
CA ALA E 476 -47.85 22.50 -11.99
C ALA E 476 -47.79 23.14 -13.38
N PRO E 477 -47.17 24.32 -13.51
CA PRO E 477 -47.24 25.03 -14.80
C PRO E 477 -46.68 24.24 -15.97
N LEU E 478 -45.62 23.45 -15.74
CA LEU E 478 -45.07 22.64 -16.83
C LEU E 478 -45.97 21.47 -17.16
N PHE E 479 -46.62 20.88 -16.15
CA PHE E 479 -47.44 19.70 -16.38
C PHE E 479 -48.70 20.03 -17.17
N VAL E 480 -49.25 21.23 -17.00
CA VAL E 480 -50.39 21.63 -17.82
C VAL E 480 -50.00 21.69 -19.29
N LEU E 481 -48.82 22.24 -19.57
CA LEU E 481 -48.33 22.25 -20.96
C LEU E 481 -48.08 20.84 -21.46
N LYS E 482 -47.53 19.96 -20.61
CA LYS E 482 -47.38 18.57 -21.00
C LYS E 482 -48.74 17.93 -21.30
N THR E 483 -49.81 18.44 -20.68
CA THR E 483 -51.14 17.95 -20.98
C THR E 483 -51.66 18.52 -22.30
N VAL E 484 -51.36 19.79 -22.59
CA VAL E 484 -51.90 20.47 -23.76
C VAL E 484 -50.95 20.38 -24.96
N GLU E 485 -49.93 19.52 -24.88
CA GLU E 485 -48.99 19.38 -25.99
C GLU E 485 -49.59 18.68 -27.20
N GLU E 486 -50.77 18.07 -27.06
CA GLU E 486 -51.37 17.33 -28.17
C GLU E 486 -52.02 18.28 -29.17
N ASP E 487 -53.01 19.05 -28.72
CA ASP E 487 -53.69 20.03 -29.57
C ASP E 487 -53.04 21.39 -29.38
N HIS E 488 -52.84 22.11 -30.50
CA HIS E 488 -52.09 23.36 -30.52
C HIS E 488 -50.70 23.07 -29.97
N PRO E 489 -49.89 22.26 -30.66
CA PRO E 489 -48.69 21.68 -30.06
C PRO E 489 -47.52 22.65 -30.05
N ILE E 490 -47.20 23.16 -28.86
CA ILE E 490 -45.98 23.94 -28.56
C ILE E 490 -45.67 24.97 -29.64
N PRO E 491 -46.47 26.03 -29.79
CA PRO E 491 -46.03 27.15 -30.63
C PRO E 491 -44.89 27.92 -29.97
N GLU E 492 -43.89 28.27 -30.77
CA GLU E 492 -42.71 28.94 -30.22
C GLU E 492 -43.04 30.31 -29.65
N GLU E 493 -44.07 30.98 -30.18
CA GLU E 493 -44.42 32.30 -29.69
C GLU E 493 -44.92 32.26 -28.25
N VAL E 494 -45.72 31.26 -27.91
CA VAL E 494 -46.35 31.19 -26.59
C VAL E 494 -45.55 30.34 -25.61
N ASP E 495 -44.94 29.26 -26.08
CA ASP E 495 -44.20 28.37 -25.18
C ASP E 495 -43.01 29.08 -24.55
N GLN E 496 -42.24 29.83 -25.35
CA GLN E 496 -41.09 30.55 -24.81
C GLN E 496 -41.51 31.58 -23.80
N ALA E 497 -42.58 32.34 -24.09
CA ALA E 497 -43.08 33.33 -23.14
C ALA E 497 -43.58 32.66 -21.87
N TYR E 498 -44.25 31.52 -22.00
CA TYR E 498 -44.76 30.81 -20.83
C TYR E 498 -43.62 30.34 -19.92
N LYS E 499 -42.59 29.73 -20.52
CA LYS E 499 -41.46 29.28 -19.74
C LYS E 499 -40.71 30.45 -19.11
N ASN E 500 -40.54 31.55 -19.86
CA ASN E 500 -39.88 32.72 -19.31
C ASN E 500 -40.67 33.29 -18.14
N LYS E 501 -42.00 33.33 -18.24
CA LYS E 501 -42.80 33.89 -17.16
C LYS E 501 -42.80 32.99 -15.93
N VAL E 502 -42.84 31.68 -16.13
CA VAL E 502 -42.80 30.80 -14.96
C VAL E 502 -41.43 30.87 -14.29
N ALA E 503 -40.36 31.00 -15.07
CA ALA E 503 -39.04 31.20 -14.47
C ALA E 503 -38.97 32.53 -13.73
N GLU E 504 -39.57 33.58 -14.29
CA GLU E 504 -39.57 34.88 -13.64
C GLU E 504 -40.31 34.84 -12.31
N PHE E 505 -41.47 34.18 -12.28
CA PHE E 505 -42.22 34.08 -11.03
C PHE E 505 -41.54 33.14 -10.05
N ALA E 506 -40.76 32.18 -10.55
CA ALA E 506 -39.89 31.41 -9.66
C ALA E 506 -38.85 32.33 -9.02
N THR E 507 -38.26 33.24 -9.80
CA THR E 507 -37.30 34.18 -9.26
C THR E 507 -37.95 35.11 -8.23
N ARG E 508 -39.25 35.38 -8.38
CA ARG E 508 -39.97 36.23 -7.45
C ARG E 508 -40.56 35.44 -6.28
N GLY E 509 -40.21 34.17 -6.15
CA GLY E 509 -40.71 33.36 -5.05
C GLY E 509 -42.20 33.13 -5.09
N PHE E 510 -42.76 32.82 -6.26
CA PHE E 510 -44.19 32.67 -6.44
C PHE E 510 -44.50 31.25 -6.89
N ARG E 511 -45.38 30.58 -6.14
CA ARG E 511 -45.93 29.32 -6.62
C ARG E 511 -46.91 29.60 -7.76
N SER E 512 -46.75 28.88 -8.86
CA SER E 512 -47.52 29.13 -10.06
C SER E 512 -48.40 27.93 -10.38
N LEU E 513 -49.58 28.20 -10.93
CA LEU E 513 -50.54 27.18 -11.33
C LEU E 513 -51.01 27.45 -12.74
N GLY E 514 -50.96 26.43 -13.59
CA GLY E 514 -51.41 26.55 -14.97
C GLY E 514 -52.77 25.92 -15.15
N VAL E 515 -53.54 26.46 -16.10
CA VAL E 515 -54.89 25.99 -16.38
C VAL E 515 -55.07 25.85 -17.89
N ALA E 516 -55.70 24.76 -18.31
CA ALA E 516 -56.07 24.53 -19.69
C ALA E 516 -57.53 24.13 -19.75
N ARG E 517 -58.20 24.50 -20.83
CA ARG E 517 -59.64 24.36 -20.95
C ARG E 517 -60.01 23.57 -22.19
N LYS E 518 -61.18 22.94 -22.15
CA LYS E 518 -61.70 22.12 -23.24
C LYS E 518 -63.13 22.55 -23.54
N ARG E 519 -63.30 23.43 -24.53
CA ARG E 519 -64.65 23.82 -24.95
C ARG E 519 -65.30 22.69 -25.73
N GLY E 520 -64.73 22.36 -26.89
CA GLY E 520 -65.26 21.35 -27.77
C GLY E 520 -64.52 20.03 -27.65
N GLU E 521 -64.53 19.28 -28.74
CA GLU E 521 -63.81 18.01 -28.80
C GLU E 521 -62.44 18.13 -29.42
N GLY E 522 -62.08 19.29 -29.97
CA GLY E 522 -60.78 19.48 -30.59
C GLY E 522 -60.15 20.82 -30.32
N SER E 523 -60.47 21.41 -29.16
CA SER E 523 -59.95 22.71 -28.79
C SER E 523 -59.17 22.60 -27.49
N TRP E 524 -57.95 23.13 -27.48
CA TRP E 524 -57.11 23.12 -26.28
C TRP E 524 -56.29 24.41 -26.28
N GLU E 525 -56.81 25.43 -25.60
CA GLU E 525 -56.08 26.68 -25.41
C GLU E 525 -55.32 26.65 -24.09
N ILE E 526 -54.24 27.42 -24.03
CA ILE E 526 -53.46 27.58 -22.82
C ILE E 526 -53.83 28.92 -22.18
N LEU E 527 -54.29 28.88 -20.94
CA LEU E 527 -54.86 30.07 -20.31
C LEU E 527 -53.79 30.93 -19.64
N GLY E 528 -52.92 30.34 -18.83
CA GLY E 528 -51.85 31.09 -18.20
C GLY E 528 -51.50 30.53 -16.84
N ILE E 529 -50.63 31.24 -16.14
CA ILE E 529 -50.12 30.85 -14.84
C ILE E 529 -50.72 31.75 -13.78
N MET E 530 -50.92 31.20 -12.58
CA MET E 530 -51.47 31.93 -11.45
C MET E 530 -50.41 32.08 -10.37
N PRO E 531 -49.90 33.28 -10.12
CA PRO E 531 -48.78 33.46 -9.17
C PRO E 531 -49.22 33.54 -7.70
N CYS E 532 -49.41 32.37 -7.10
CA CYS E 532 -49.68 32.29 -5.67
C CYS E 532 -48.37 32.41 -4.89
N MET E 533 -48.48 32.75 -3.61
CA MET E 533 -47.31 32.88 -2.75
C MET E 533 -47.69 32.60 -1.32
N ASP E 534 -46.96 31.69 -0.69
CA ASP E 534 -47.11 31.41 0.74
C ASP E 534 -45.84 31.77 1.49
N PRO E 535 -45.83 32.86 2.25
CA PRO E 535 -44.58 33.32 2.86
C PRO E 535 -44.16 32.38 3.97
N PRO E 536 -42.86 32.30 4.26
CA PRO E 536 -42.41 31.49 5.38
C PRO E 536 -42.90 32.04 6.71
N ARG E 537 -43.05 31.16 7.68
CA ARG E 537 -43.48 31.58 9.01
C ARG E 537 -42.45 32.53 9.61
N HIS E 538 -42.93 33.49 10.38
CA HIS E 538 -42.06 34.57 10.84
C HIS E 538 -40.95 34.09 11.75
N ASP E 539 -41.07 32.88 12.31
CA ASP E 539 -40.02 32.32 13.15
C ASP E 539 -39.18 31.28 12.41
N THR E 540 -39.40 31.07 11.12
CA THR E 540 -38.75 29.97 10.41
C THR E 540 -37.28 30.26 10.16
N TYR E 541 -36.94 31.49 9.78
CA TYR E 541 -35.55 31.79 9.42
C TYR E 541 -34.62 31.61 10.61
N LYS E 542 -34.99 32.20 11.75
CA LYS E 542 -34.14 32.07 12.94
C LYS E 542 -34.16 30.64 13.48
N THR E 543 -35.27 29.92 13.28
CA THR E 543 -35.31 28.52 13.68
C THR E 543 -34.33 27.69 12.86
N VAL E 544 -34.26 27.94 11.55
CA VAL E 544 -33.30 27.23 10.72
C VAL E 544 -31.88 27.63 11.06
N CYS E 545 -31.66 28.91 11.39
CA CYS E 545 -30.33 29.35 11.81
C CYS E 545 -29.89 28.63 13.08
N GLU E 546 -30.79 28.51 14.06
CA GLU E 546 -30.41 27.86 15.31
C GLU E 546 -30.33 26.35 15.15
N ALA E 547 -31.06 25.78 14.18
CA ALA E 547 -30.98 24.34 13.96
C ALA E 547 -29.61 23.91 13.45
N LYS E 548 -28.85 24.84 12.87
CA LYS E 548 -27.49 24.51 12.45
C LYS E 548 -26.53 24.45 13.62
N THR E 549 -26.82 25.21 14.69
CA THR E 549 -26.03 25.12 15.91
C THR E 549 -26.36 23.88 16.73
N LEU E 550 -27.51 23.26 16.47
CA LEU E 550 -27.94 22.06 17.17
C LEU E 550 -27.43 20.79 16.53
N GLY E 551 -26.66 20.88 15.45
CA GLY E 551 -26.14 19.72 14.78
C GLY E 551 -27.04 19.13 13.72
N LEU E 552 -28.26 19.63 13.58
CA LEU E 552 -29.16 19.14 12.55
C LEU E 552 -28.74 19.64 11.17
N SER E 553 -29.33 19.03 10.15
CA SER E 553 -29.19 19.48 8.77
C SER E 553 -30.55 19.30 8.12
N ILE E 554 -31.26 20.40 7.92
CA ILE E 554 -32.62 20.36 7.43
C ILE E 554 -32.62 20.15 5.92
N LYS E 555 -33.38 19.15 5.46
CA LYS E 555 -33.53 18.86 4.05
C LYS E 555 -34.98 19.10 3.67
N MET E 556 -35.23 20.15 2.91
CA MET E 556 -36.58 20.48 2.49
C MET E 556 -37.04 19.50 1.42
N LEU E 557 -38.35 19.22 1.40
CA LEU E 557 -38.96 18.37 0.38
C LEU E 557 -40.14 19.11 -0.21
N THR E 558 -40.03 19.50 -1.47
CA THR E 558 -41.06 20.25 -2.17
C THR E 558 -41.58 19.46 -3.35
N GLY E 559 -42.89 19.48 -3.55
CA GLY E 559 -43.44 19.00 -4.79
C GLY E 559 -43.34 19.99 -5.91
N ASP E 560 -42.82 21.18 -5.63
CA ASP E 560 -42.69 22.24 -6.60
C ASP E 560 -41.54 21.94 -7.58
N ALA E 561 -41.38 22.79 -8.58
CA ALA E 561 -40.24 22.65 -9.47
C ALA E 561 -38.97 23.11 -8.77
N VAL E 562 -37.83 22.90 -9.43
CA VAL E 562 -36.55 23.19 -8.81
C VAL E 562 -36.37 24.68 -8.56
N GLY E 563 -36.87 25.52 -9.48
CA GLY E 563 -36.66 26.96 -9.32
C GLY E 563 -37.33 27.53 -8.09
N ILE E 564 -38.59 27.16 -7.87
CA ILE E 564 -39.31 27.65 -6.69
C ILE E 564 -38.63 27.15 -5.42
N ALA E 565 -38.23 25.88 -5.40
CA ALA E 565 -37.57 25.34 -4.23
C ALA E 565 -36.26 26.06 -3.95
N ARG E 566 -35.50 26.35 -5.00
CA ARG E 566 -34.23 27.03 -4.82
C ARG E 566 -34.43 28.45 -4.32
N GLU E 567 -35.44 29.14 -4.82
CA GLU E 567 -35.71 30.49 -4.33
C GLU E 567 -36.18 30.47 -2.88
N THR E 568 -36.98 29.46 -2.51
CA THR E 568 -37.38 29.33 -1.11
C THR E 568 -36.18 29.05 -0.23
N SER E 569 -35.25 28.21 -0.71
CA SER E 569 -34.03 27.95 0.05
C SER E 569 -33.22 29.22 0.25
N ARG E 570 -33.12 30.04 -0.80
CA ARG E 570 -32.43 31.33 -0.66
C ARG E 570 -33.13 32.23 0.34
N GLN E 571 -34.46 32.25 0.32
CA GLN E 571 -35.21 33.07 1.28
C GLN E 571 -34.98 32.60 2.71
N LEU E 572 -34.97 31.29 2.94
CA LEU E 572 -34.89 30.73 4.27
C LEU E 572 -33.46 30.57 4.77
N GLY E 573 -32.46 30.92 3.96
CA GLY E 573 -31.08 30.66 4.34
C GLY E 573 -30.78 29.18 4.49
N LEU E 574 -31.44 28.34 3.71
CA LEU E 574 -31.31 26.89 3.81
C LEU E 574 -30.21 26.34 2.91
N GLY E 575 -29.56 27.19 2.12
CA GLY E 575 -28.57 26.71 1.16
C GLY E 575 -29.22 26.24 -0.11
N THR E 576 -28.57 26.44 -1.25
CA THR E 576 -29.18 26.17 -2.55
C THR E 576 -28.44 25.02 -3.22
N ASN E 577 -28.81 23.79 -2.84
CA ASN E 577 -28.44 22.58 -3.57
C ASN E 577 -29.73 21.76 -3.66
N ILE E 578 -30.54 22.03 -4.67
CA ILE E 578 -31.83 21.39 -4.85
C ILE E 578 -31.77 20.55 -6.11
N TYR E 579 -32.07 19.27 -5.98
CA TYR E 579 -32.02 18.32 -7.08
C TYR E 579 -33.42 17.75 -7.30
N ASN E 580 -33.82 17.67 -8.57
CA ASN E 580 -35.08 17.02 -8.89
C ASN E 580 -35.01 15.56 -8.51
N ALA E 581 -36.04 15.07 -7.82
CA ALA E 581 -35.98 13.73 -7.26
C ALA E 581 -35.92 12.67 -8.36
N GLU E 582 -36.75 12.79 -9.39
CA GLU E 582 -36.77 11.78 -10.45
C GLU E 582 -35.46 11.78 -11.22
N ARG E 583 -34.93 12.96 -11.55
CA ARG E 583 -33.68 13.04 -12.30
C ARG E 583 -32.53 12.45 -11.51
N LEU E 584 -32.50 12.69 -10.20
CA LEU E 584 -31.35 12.30 -9.39
C LEU E 584 -31.16 10.79 -9.37
N GLY E 585 -32.24 10.04 -9.24
CA GLY E 585 -32.12 8.60 -9.21
C GLY E 585 -32.94 7.93 -8.12
N LEU E 586 -33.80 8.69 -7.45
CA LEU E 586 -34.67 8.12 -6.44
C LEU E 586 -35.76 7.28 -7.10
N GLY E 587 -35.53 5.98 -7.20
CA GLY E 587 -36.42 5.11 -7.94
C GLY E 587 -35.75 4.58 -9.17
N GLY E 588 -36.35 4.83 -10.34
CA GLY E 588 -35.68 4.52 -11.58
C GLY E 588 -34.59 5.54 -11.88
N GLY E 589 -33.34 5.11 -11.77
CA GLY E 589 -32.24 6.03 -11.93
C GLY E 589 -32.03 6.47 -13.36
N GLY E 590 -31.20 7.49 -13.51
CA GLY E 590 -30.86 8.01 -14.82
C GLY E 590 -29.46 7.62 -15.23
N ASP E 591 -29.08 6.39 -14.91
CA ASP E 591 -27.77 5.81 -15.16
C ASP E 591 -26.70 6.57 -14.35
N MET E 592 -27.11 7.28 -13.31
CA MET E 592 -26.16 7.88 -12.39
C MET E 592 -25.48 6.78 -11.58
N PRO E 593 -24.15 6.76 -11.50
CA PRO E 593 -23.49 5.73 -10.69
C PRO E 593 -24.03 5.71 -9.27
N GLY E 594 -24.24 4.50 -8.76
CA GLY E 594 -24.90 4.35 -7.48
C GLY E 594 -24.13 4.95 -6.33
N SER E 595 -22.80 4.89 -6.39
CA SER E 595 -21.99 5.43 -5.31
C SER E 595 -22.14 6.94 -5.17
N GLU E 596 -22.59 7.62 -6.23
CA GLU E 596 -22.69 9.07 -6.22
C GLU E 596 -24.12 9.59 -6.09
N VAL E 597 -25.13 8.77 -6.42
CA VAL E 597 -26.50 9.18 -6.12
C VAL E 597 -26.72 9.22 -4.62
N TYR E 598 -26.14 8.27 -3.90
CA TYR E 598 -26.19 8.30 -2.43
C TYR E 598 -25.48 9.54 -1.90
N ASP E 599 -24.35 9.89 -2.50
CA ASP E 599 -23.60 11.07 -2.07
C ASP E 599 -24.39 12.34 -2.32
N PHE E 600 -25.06 12.43 -3.48
CA PHE E 600 -25.89 13.59 -3.77
C PHE E 600 -27.07 13.69 -2.82
N VAL E 601 -27.69 12.56 -2.49
CA VAL E 601 -28.81 12.59 -1.55
C VAL E 601 -28.33 13.02 -0.17
N GLU E 602 -27.19 12.51 0.28
CA GLU E 602 -26.69 12.85 1.60
C GLU E 602 -26.36 14.34 1.70
N ALA E 603 -25.65 14.88 0.72
CA ALA E 603 -25.28 16.29 0.69
C ALA E 603 -26.23 17.00 -0.27
N ALA E 604 -27.45 17.25 0.21
CA ALA E 604 -28.46 17.91 -0.59
C ALA E 604 -29.29 18.81 0.32
N ASP E 605 -29.43 20.07 -0.06
CA ASP E 605 -30.20 21.01 0.74
C ASP E 605 -31.70 20.87 0.53
N GLY E 606 -32.13 20.04 -0.42
CA GLY E 606 -33.54 19.86 -0.66
C GLY E 606 -33.76 18.89 -1.81
N PHE E 607 -35.05 18.65 -2.07
CA PHE E 607 -35.45 17.76 -3.16
C PHE E 607 -36.74 18.31 -3.75
N ALA E 608 -36.69 18.76 -4.99
CA ALA E 608 -37.85 19.34 -5.64
C ALA E 608 -38.56 18.28 -6.49
N GLU E 609 -39.86 18.50 -6.70
CA GLU E 609 -40.71 17.60 -7.47
C GLU E 609 -40.59 16.17 -6.91
N VAL E 610 -41.05 16.02 -5.67
CA VAL E 610 -40.94 14.77 -4.94
C VAL E 610 -42.30 14.08 -4.90
N PHE E 611 -42.32 12.80 -5.23
CA PHE E 611 -43.50 11.97 -5.13
C PHE E 611 -43.48 11.20 -3.82
N PRO E 612 -44.60 10.58 -3.43
CA PRO E 612 -44.61 9.83 -2.17
C PRO E 612 -43.54 8.75 -2.06
N GLN E 613 -43.24 8.03 -3.15
CA GLN E 613 -42.24 6.98 -3.06
C GLN E 613 -40.83 7.54 -2.86
N HIS E 614 -40.57 8.73 -3.39
CA HIS E 614 -39.24 9.33 -3.24
C HIS E 614 -38.95 9.62 -1.78
N LYS E 615 -39.98 9.90 -0.97
CA LYS E 615 -39.77 10.14 0.44
C LYS E 615 -39.21 8.90 1.13
N TYR E 616 -39.80 7.74 0.85
CA TYR E 616 -39.30 6.49 1.41
C TYR E 616 -37.90 6.19 0.89
N ASN E 617 -37.67 6.43 -0.40
CA ASN E 617 -36.33 6.17 -0.93
C ASN E 617 -35.28 7.07 -0.29
N VAL E 618 -35.63 8.34 -0.04
CA VAL E 618 -34.70 9.24 0.63
C VAL E 618 -34.40 8.76 2.04
N VAL E 619 -35.44 8.33 2.77
CA VAL E 619 -35.21 7.82 4.12
C VAL E 619 -34.33 6.58 4.08
N GLU E 620 -34.60 5.67 3.16
CA GLU E 620 -33.81 4.44 3.06
C GLU E 620 -32.36 4.74 2.72
N ILE E 621 -32.13 5.68 1.81
CA ILE E 621 -30.76 6.03 1.43
C ILE E 621 -30.03 6.69 2.57
N LEU E 622 -30.68 7.63 3.25
CA LEU E 622 -30.00 8.40 4.29
C LEU E 622 -29.62 7.54 5.48
N GLN E 623 -30.34 6.44 5.72
CA GLN E 623 -29.99 5.53 6.80
C GLN E 623 -28.82 4.63 6.44
N GLN E 624 -28.60 4.37 5.16
CA GLN E 624 -27.44 3.57 4.76
C GLN E 624 -26.14 4.26 5.13
N ARG E 625 -26.08 5.59 4.99
CA ARG E 625 -24.88 6.34 5.32
C ARG E 625 -24.62 6.41 6.82
N GLY E 626 -25.57 5.98 7.64
CA GLY E 626 -25.39 6.01 9.08
C GLY E 626 -26.03 7.18 9.79
N TYR E 627 -27.14 7.68 9.29
CA TYR E 627 -27.84 8.78 9.94
C TYR E 627 -29.10 8.30 10.63
N LEU E 628 -29.65 9.15 11.48
CA LEU E 628 -30.96 8.96 12.09
C LEU E 628 -31.85 10.05 11.55
N VAL E 629 -32.86 9.67 10.77
CA VAL E 629 -33.65 10.61 9.99
C VAL E 629 -34.99 10.83 10.66
N ALA E 630 -35.40 12.09 10.76
CA ALA E 630 -36.70 12.48 11.27
C ALA E 630 -37.51 13.02 10.10
N MET E 631 -38.66 12.41 9.85
CA MET E 631 -39.48 12.79 8.71
C MET E 631 -40.72 13.54 9.18
N THR E 632 -41.04 14.63 8.46
CA THR E 632 -42.25 15.39 8.71
C THR E 632 -43.33 14.83 7.81
N GLY E 633 -44.26 14.09 8.39
CA GLY E 633 -45.33 13.46 7.65
C GLY E 633 -46.65 14.16 7.84
N ASP E 634 -47.51 14.04 6.83
CA ASP E 634 -48.85 14.63 6.87
C ASP E 634 -49.65 13.93 5.79
N GLY E 635 -50.75 13.29 6.19
CA GLY E 635 -51.55 12.54 5.27
C GLY E 635 -51.12 11.09 5.15
N VAL E 636 -51.93 10.32 4.42
CA VAL E 636 -51.72 8.88 4.31
C VAL E 636 -50.63 8.54 3.29
N ASN E 637 -50.28 9.48 2.42
CA ASN E 637 -49.29 9.18 1.38
C ASN E 637 -47.93 8.83 1.97
N ASP E 638 -47.51 9.55 3.00
CA ASP E 638 -46.18 9.39 3.57
C ASP E 638 -46.18 8.50 4.82
N ALA E 639 -47.19 7.66 4.98
CA ALA E 639 -47.17 6.73 6.12
C ALA E 639 -46.01 5.74 6.06
N PRO E 640 -45.71 5.08 4.94
CA PRO E 640 -44.53 4.18 4.93
C PRO E 640 -43.23 4.90 5.22
N SER E 641 -43.07 6.13 4.73
CA SER E 641 -41.87 6.90 5.04
C SER E 641 -41.81 7.24 6.52
N LEU E 642 -42.96 7.56 7.12
CA LEU E 642 -42.98 7.83 8.55
C LEU E 642 -42.59 6.59 9.36
N LYS E 643 -43.06 5.41 8.92
CA LYS E 643 -42.69 4.18 9.63
C LYS E 643 -41.21 3.87 9.45
N LYS E 644 -40.68 4.06 8.24
CA LYS E 644 -39.28 3.73 7.98
C LYS E 644 -38.33 4.69 8.67
N ALA E 645 -38.73 5.95 8.83
CA ALA E 645 -37.88 6.94 9.47
C ALA E 645 -37.64 6.57 10.93
N ASP E 646 -36.46 6.95 11.43
CA ASP E 646 -36.14 6.66 12.83
C ASP E 646 -37.08 7.41 13.77
N THR E 647 -37.51 8.61 13.38
CA THR E 647 -38.43 9.42 14.17
C THR E 647 -39.44 10.06 13.22
N GLY E 648 -40.55 9.37 12.97
CA GLY E 648 -41.60 9.91 12.15
C GLY E 648 -42.37 10.98 12.90
N ILE E 649 -42.38 12.20 12.39
CA ILE E 649 -43.03 13.33 13.04
C ILE E 649 -44.29 13.66 12.26
N ALA E 650 -45.44 13.55 12.91
CA ALA E 650 -46.71 13.93 12.31
C ALA E 650 -46.97 15.40 12.59
N VAL E 651 -46.94 16.22 11.54
CA VAL E 651 -47.03 17.66 11.69
C VAL E 651 -48.49 18.07 11.86
N GLU E 652 -48.71 19.32 12.26
CA GLU E 652 -50.06 19.86 12.43
C GLU E 652 -50.94 19.58 11.23
N GLY E 653 -52.22 19.28 11.51
CA GLY E 653 -53.19 19.04 10.47
C GLY E 653 -53.06 17.71 9.77
N SER E 654 -52.31 16.77 10.33
CA SER E 654 -52.13 15.47 9.70
C SER E 654 -53.40 14.64 9.81
N SER E 655 -53.49 13.63 8.95
CA SER E 655 -54.61 12.71 8.98
C SER E 655 -54.42 11.69 10.10
N ASP E 656 -55.47 10.90 10.33
CA ASP E 656 -55.41 9.91 11.40
C ASP E 656 -54.33 8.87 11.14
N ALA E 657 -54.22 8.42 9.90
CA ALA E 657 -53.21 7.41 9.57
C ALA E 657 -51.80 7.95 9.75
N ALA E 658 -51.57 9.21 9.36
CA ALA E 658 -50.24 9.79 9.47
C ALA E 658 -49.78 9.82 10.92
N ARG E 659 -50.66 10.27 11.83
CA ARG E 659 -50.28 10.32 13.23
C ARG E 659 -50.25 8.95 13.88
N SER E 660 -51.03 8.00 13.36
CA SER E 660 -50.95 6.64 13.88
C SER E 660 -49.64 5.97 13.49
N ALA E 661 -49.11 6.29 12.32
CA ALA E 661 -47.85 5.71 11.86
C ALA E 661 -46.63 6.47 12.34
N ALA E 662 -46.80 7.63 12.96
CA ALA E 662 -45.69 8.45 13.38
C ALA E 662 -45.25 8.11 14.81
N ASP E 663 -44.15 8.72 15.22
CA ASP E 663 -43.65 8.57 16.58
C ASP E 663 -43.99 9.75 17.48
N ILE E 664 -43.98 10.96 16.94
CA ILE E 664 -44.36 12.16 17.69
C ILE E 664 -45.45 12.87 16.90
N VAL E 665 -46.55 13.17 17.58
CA VAL E 665 -47.68 13.89 16.99
C VAL E 665 -47.69 15.30 17.55
N PHE E 666 -47.67 16.29 16.68
CA PHE E 666 -47.59 17.68 17.09
C PHE E 666 -48.97 18.33 17.00
N LEU E 667 -49.26 19.18 17.98
CA LEU E 667 -50.48 19.99 17.97
C LEU E 667 -50.17 21.48 17.81
N ALA E 668 -48.98 21.81 17.34
CA ALA E 668 -48.60 23.17 17.00
C ALA E 668 -47.89 23.16 15.65
N PRO E 669 -48.11 24.18 14.83
CA PRO E 669 -47.50 24.21 13.50
C PRO E 669 -46.12 24.84 13.53
N GLY E 670 -45.41 24.65 12.43
CA GLY E 670 -44.11 25.28 12.22
C GLY E 670 -42.94 24.43 12.64
N LEU E 671 -41.76 24.84 12.19
CA LEU E 671 -40.52 24.19 12.57
C LEU E 671 -40.05 24.61 13.96
N GLY E 672 -40.55 25.73 14.47
CA GLY E 672 -40.17 26.15 15.81
C GLY E 672 -40.58 25.14 16.87
N ALA E 673 -41.79 24.59 16.74
CA ALA E 673 -42.24 23.58 17.68
C ALA E 673 -41.37 22.33 17.59
N ILE E 674 -41.02 21.92 16.38
CA ILE E 674 -40.19 20.73 16.20
C ILE E 674 -38.82 20.94 16.85
N ILE E 675 -38.23 22.12 16.65
CA ILE E 675 -36.90 22.37 17.21
C ILE E 675 -36.97 22.49 18.72
N ASP E 676 -38.01 23.11 19.26
CA ASP E 676 -38.16 23.17 20.71
C ASP E 676 -38.33 21.77 21.30
N ALA E 677 -39.11 20.91 20.64
CA ALA E 677 -39.23 19.53 21.09
C ALA E 677 -37.91 18.79 21.00
N LEU E 678 -37.12 19.07 19.97
CA LEU E 678 -35.79 18.48 19.86
C LEU E 678 -34.91 18.87 21.05
N LYS E 679 -34.91 20.16 21.38
CA LYS E 679 -34.10 20.61 22.51
C LYS E 679 -34.58 19.99 23.81
N THR E 680 -35.90 19.90 23.99
CA THR E 680 -36.42 19.29 25.20
C THR E 680 -36.05 17.81 25.28
N SER E 681 -36.13 17.09 24.17
CA SER E 681 -35.75 15.68 24.16
C SER E 681 -34.27 15.52 24.48
N ARG E 682 -33.43 16.41 23.97
CA ARG E 682 -32.01 16.36 24.31
C ARG E 682 -31.80 16.59 25.80
N GLN E 683 -32.57 17.52 26.40
CA GLN E 683 -32.47 17.73 27.83
C GLN E 683 -32.87 16.48 28.60
N ILE E 684 -33.96 15.84 28.19
CA ILE E 684 -34.43 14.64 28.87
C ILE E 684 -33.38 13.53 28.77
N PHE E 685 -32.79 13.37 27.59
CA PHE E 685 -31.73 12.38 27.42
C PHE E 685 -30.53 12.71 28.28
N HIS E 686 -30.21 14.00 28.42
CA HIS E 686 -29.10 14.37 29.29
C HIS E 686 -29.39 13.98 30.73
N ARG E 687 -30.63 14.19 31.19
CA ARG E 687 -31.00 13.76 32.53
C ARG E 687 -30.82 12.25 32.69
N MET E 688 -31.30 11.49 31.72
CA MET E 688 -31.18 10.04 31.76
C MET E 688 -29.72 9.59 31.80
N TYR E 689 -28.90 10.13 30.91
CA TYR E 689 -27.50 9.75 30.84
C TYR E 689 -26.76 10.14 32.10
N ALA E 690 -27.02 11.34 32.62
CA ALA E 690 -26.37 11.79 33.85
C ALA E 690 -26.71 10.87 35.00
N TYR E 691 -27.99 10.48 35.13
CA TYR E 691 -28.35 9.59 36.21
C TYR E 691 -27.69 8.22 36.05
N VAL E 692 -27.64 7.70 34.84
CA VAL E 692 -27.04 6.37 34.63
C VAL E 692 -25.56 6.40 35.01
N VAL E 693 -24.86 7.43 34.56
CA VAL E 693 -23.43 7.56 34.89
C VAL E 693 -23.25 7.70 36.40
N TYR E 694 -24.09 8.51 37.03
CA TYR E 694 -24.09 8.62 38.49
C TYR E 694 -24.24 7.27 39.17
N ARG E 695 -25.27 6.52 38.78
CA ARG E 695 -25.61 5.30 39.48
C ARG E 695 -24.50 4.27 39.35
N ILE E 696 -24.03 4.04 38.13
CA ILE E 696 -23.02 3.00 37.98
C ILE E 696 -21.67 3.47 38.48
N ALA E 697 -21.38 4.77 38.46
CA ALA E 697 -20.12 5.25 39.02
C ALA E 697 -20.08 5.05 40.52
N LEU E 698 -21.17 5.38 41.22
CA LEU E 698 -21.13 5.20 42.67
C LEU E 698 -21.22 3.71 43.04
N SER E 699 -21.89 2.90 42.22
CA SER E 699 -21.87 1.47 42.43
C SER E 699 -20.44 0.94 42.38
N ILE E 700 -19.71 1.26 41.30
CA ILE E 700 -18.33 0.81 41.18
C ILE E 700 -17.48 1.34 42.33
N HIS E 701 -17.59 2.64 42.62
CA HIS E 701 -16.93 3.27 43.75
C HIS E 701 -17.06 2.43 45.00
N LEU E 702 -18.30 2.27 45.46
CA LEU E 702 -18.49 1.75 46.78
C LEU E 702 -18.26 0.25 46.83
N GLU E 703 -18.46 -0.46 45.71
CA GLU E 703 -18.14 -1.88 45.73
C GLU E 703 -16.64 -2.12 45.75
N ILE E 704 -15.87 -1.40 44.93
CA ILE E 704 -14.42 -1.63 44.95
C ILE E 704 -13.76 -0.95 46.13
N PHE E 705 -14.51 -0.18 46.91
CA PHE E 705 -13.97 0.20 48.22
C PHE E 705 -14.28 -0.84 49.28
N LEU E 706 -15.57 -1.18 49.48
CA LEU E 706 -15.91 -2.08 50.57
C LEU E 706 -15.38 -3.49 50.33
N GLY E 707 -15.46 -4.01 49.10
CA GLY E 707 -14.93 -5.32 48.84
C GLY E 707 -13.43 -5.41 49.04
N LEU E 708 -12.70 -4.40 48.55
CA LEU E 708 -11.26 -4.38 48.76
C LEU E 708 -10.93 -4.25 50.25
N TRP E 709 -11.70 -3.46 50.98
CA TRP E 709 -11.40 -3.24 52.39
C TRP E 709 -11.71 -4.48 53.21
N ILE E 710 -12.76 -5.21 52.83
CA ILE E 710 -13.04 -6.51 53.45
C ILE E 710 -11.95 -7.51 53.12
N ALA E 711 -11.54 -7.57 51.85
CA ALA E 711 -10.54 -8.56 51.45
C ALA E 711 -9.21 -8.30 52.14
N ILE E 712 -8.74 -7.05 52.11
CA ILE E 712 -7.43 -6.73 52.67
C ILE E 712 -7.45 -6.79 54.19
N LEU E 713 -8.53 -6.29 54.82
CA LEU E 713 -8.46 -5.99 56.24
C LEU E 713 -9.62 -6.60 57.05
N ASN E 714 -10.46 -7.43 56.43
CA ASN E 714 -11.52 -8.14 57.15
C ASN E 714 -12.42 -7.18 57.92
N ARG E 715 -12.62 -6.00 57.34
CA ARG E 715 -13.43 -4.97 57.98
C ARG E 715 -14.40 -4.39 56.96
N SER E 716 -15.53 -3.90 57.47
CA SER E 716 -16.53 -3.26 56.63
C SER E 716 -17.28 -2.23 57.45
N LEU E 717 -17.99 -1.35 56.75
CA LEU E 717 -18.79 -0.34 57.42
C LEU E 717 -19.89 -1.01 58.24
N ASN E 718 -20.32 -0.32 59.29
CA ASN E 718 -21.46 -0.77 60.07
C ASN E 718 -22.67 -0.91 59.17
N ILE E 719 -23.49 -1.94 59.41
CA ILE E 719 -24.57 -2.24 58.49
C ILE E 719 -25.59 -1.11 58.45
N GLU E 720 -25.84 -0.46 59.58
CA GLU E 720 -26.78 0.65 59.57
C GLU E 720 -26.26 1.80 58.72
N LEU E 721 -24.96 2.09 58.82
CA LEU E 721 -24.39 3.19 58.04
C LEU E 721 -24.44 2.89 56.55
N VAL E 722 -24.17 1.65 56.15
CA VAL E 722 -24.19 1.32 54.73
C VAL E 722 -25.62 1.34 54.20
N VAL E 723 -26.58 0.92 55.02
CA VAL E 723 -27.99 1.05 54.65
C VAL E 723 -28.36 2.52 54.44
N PHE E 724 -27.88 3.40 55.32
CA PHE E 724 -28.20 4.81 55.15
C PHE E 724 -27.48 5.42 53.95
N ILE E 725 -26.29 4.93 53.62
CA ILE E 725 -25.63 5.35 52.39
C ILE E 725 -26.49 4.98 51.19
N ALA E 726 -27.04 3.76 51.19
CA ALA E 726 -27.93 3.36 50.10
C ALA E 726 -29.18 4.23 50.05
N ILE E 727 -29.75 4.55 51.22
CA ILE E 727 -30.95 5.38 51.26
C ILE E 727 -30.66 6.76 50.69
N PHE E 728 -29.53 7.36 51.07
CA PHE E 728 -29.16 8.67 50.58
C PHE E 728 -28.97 8.68 49.07
N ALA E 729 -28.70 7.52 48.47
CA ALA E 729 -28.62 7.40 47.02
C ALA E 729 -29.97 7.18 46.37
N ASP E 730 -31.04 7.10 47.16
CA ASP E 730 -32.40 7.04 46.64
C ASP E 730 -33.21 8.27 47.02
N VAL E 731 -32.59 9.25 47.66
CA VAL E 731 -33.24 10.52 47.96
C VAL E 731 -32.74 11.62 47.03
N ALA E 732 -31.45 11.66 46.75
CA ALA E 732 -30.88 12.60 45.79
C ALA E 732 -31.10 12.17 44.35
N THR E 733 -31.92 11.15 44.11
CA THR E 733 -32.21 10.68 42.76
C THR E 733 -33.68 10.75 42.39
N LEU E 734 -34.59 10.89 43.35
CA LEU E 734 -35.98 11.15 43.01
C LEU E 734 -36.21 12.58 42.56
N ALA E 735 -35.15 13.37 42.38
CA ALA E 735 -35.26 14.74 41.92
C ALA E 735 -34.53 15.00 40.61
N ILE E 736 -33.76 14.03 40.10
CA ILE E 736 -33.01 14.25 38.87
C ILE E 736 -33.96 14.45 37.70
N ALA E 737 -35.14 13.84 37.74
CA ALA E 737 -36.12 13.99 36.66
C ALA E 737 -36.71 15.38 36.58
N TYR E 738 -36.50 16.22 37.59
CA TYR E 738 -37.01 17.58 37.63
C TYR E 738 -35.84 18.53 37.87
N ASP E 739 -35.15 18.94 36.80
CA ASP E 739 -34.09 19.92 36.95
C ASP E 739 -33.82 20.57 35.59
N ASN E 740 -33.10 21.69 35.64
CA ASN E 740 -32.79 22.48 34.45
C ASN E 740 -31.55 21.90 33.77
N ALA E 741 -31.72 20.71 33.22
CA ALA E 741 -30.62 20.06 32.53
C ALA E 741 -30.35 20.76 31.20
N PRO E 742 -29.09 21.02 30.86
CA PRO E 742 -28.79 21.59 29.54
C PRO E 742 -28.88 20.54 28.46
N TYR E 743 -29.04 21.02 27.22
CA TYR E 743 -29.11 20.14 26.07
C TYR E 743 -27.79 20.17 25.31
N SER E 744 -27.41 19.02 24.77
CA SER E 744 -26.19 18.93 23.99
C SER E 744 -26.31 19.75 22.71
N GLN E 745 -25.18 20.26 22.25
CA GLN E 745 -25.13 21.01 21.00
C GLN E 745 -24.97 20.12 19.78
N THR E 746 -24.86 18.82 19.97
CA THR E 746 -24.78 17.84 18.90
C THR E 746 -25.73 16.69 19.22
N PRO E 747 -26.18 15.96 18.21
CA PRO E 747 -27.07 14.82 18.47
C PRO E 747 -26.43 13.84 19.45
N VAL E 748 -27.22 13.41 20.43
CA VAL E 748 -26.73 12.65 21.57
C VAL E 748 -27.17 11.21 21.44
N LYS E 749 -26.26 10.29 21.75
CA LYS E 749 -26.51 8.87 21.58
C LYS E 749 -25.82 8.09 22.68
N TRP E 750 -26.28 6.85 22.87
CA TRP E 750 -25.65 5.94 23.82
C TRP E 750 -24.29 5.51 23.29
N ASN E 751 -23.23 6.13 23.80
CA ASN E 751 -21.87 5.69 23.52
C ASN E 751 -21.45 4.81 24.69
N LEU E 752 -21.92 3.56 24.67
CA LEU E 752 -21.73 2.67 25.80
C LEU E 752 -20.27 2.45 26.19
N PRO E 753 -19.32 2.25 25.26
CA PRO E 753 -17.92 2.18 25.71
C PRO E 753 -17.44 3.43 26.42
N LYS E 754 -17.81 4.61 25.91
CA LYS E 754 -17.40 5.85 26.57
C LYS E 754 -18.12 6.02 27.90
N LEU E 755 -19.39 5.63 27.97
CA LEU E 755 -20.13 5.70 29.22
C LEU E 755 -19.46 4.82 30.29
N TRP E 756 -19.13 3.58 29.94
CA TRP E 756 -18.49 2.70 30.90
C TRP E 756 -17.11 3.20 31.29
N GLY E 757 -16.35 3.73 30.33
CA GLY E 757 -15.05 4.28 30.67
C GLY E 757 -15.14 5.43 31.65
N MET E 758 -16.05 6.38 31.37
CA MET E 758 -16.22 7.53 32.24
C MET E 758 -16.66 7.10 33.63
N SER E 759 -17.62 6.16 33.71
CA SER E 759 -18.14 5.76 35.01
C SER E 759 -17.11 4.97 35.80
N VAL E 760 -16.36 4.09 35.14
CA VAL E 760 -15.32 3.34 35.84
C VAL E 760 -14.26 4.30 36.36
N LEU E 761 -13.88 5.30 35.56
CA LEU E 761 -12.88 6.24 36.03
C LEU E 761 -13.40 7.07 37.21
N LEU E 762 -14.65 7.50 37.16
CA LEU E 762 -15.21 8.26 38.27
C LEU E 762 -15.28 7.41 39.53
N GLY E 763 -15.71 6.16 39.40
CA GLY E 763 -15.76 5.28 40.55
C GLY E 763 -14.39 4.98 41.12
N VAL E 764 -13.39 4.83 40.25
CA VAL E 764 -12.03 4.61 40.72
C VAL E 764 -11.51 5.83 41.46
N VAL E 765 -11.81 7.04 40.95
CA VAL E 765 -11.38 8.25 41.64
C VAL E 765 -12.04 8.34 43.02
N LEU E 766 -13.34 8.05 43.08
CA LEU E 766 -14.04 8.10 44.35
C LEU E 766 -13.47 7.07 45.33
N ALA E 767 -13.19 5.87 44.84
CA ALA E 767 -12.63 4.82 45.69
C ALA E 767 -11.24 5.20 46.18
N VAL E 768 -10.43 5.82 45.34
CA VAL E 768 -9.12 6.27 45.77
C VAL E 768 -9.24 7.33 46.84
N GLY E 769 -10.19 8.24 46.69
CA GLY E 769 -10.42 9.23 47.74
C GLY E 769 -10.80 8.60 49.06
N THR E 770 -11.72 7.64 49.01
CA THR E 770 -12.16 6.97 50.24
C THR E 770 -11.02 6.16 50.87
N TRP E 771 -10.21 5.51 50.04
CA TRP E 771 -9.08 4.74 50.55
C TRP E 771 -8.04 5.65 51.18
N ILE E 772 -7.82 6.82 50.61
CA ILE E 772 -6.94 7.80 51.23
C ILE E 772 -7.50 8.21 52.59
N THR E 773 -8.82 8.46 52.64
CA THR E 773 -9.45 8.85 53.90
C THR E 773 -9.22 7.81 54.99
N VAL E 774 -9.42 6.53 54.66
CA VAL E 774 -9.29 5.51 55.70
C VAL E 774 -7.82 5.19 56.02
N THR E 775 -6.94 5.25 55.03
CA THR E 775 -5.53 5.00 55.30
C THR E 775 -4.88 6.14 56.08
N THR E 776 -5.48 7.33 56.07
CA THR E 776 -5.00 8.36 56.99
C THR E 776 -5.22 7.95 58.44
N MET E 777 -6.40 7.39 58.74
CA MET E 777 -6.67 6.99 60.13
C MET E 777 -5.90 5.73 60.51
N TYR E 778 -5.64 4.83 59.56
CA TYR E 778 -4.65 3.79 59.84
C TYR E 778 -3.27 4.36 60.11
N ALA E 779 -2.85 5.36 59.35
CA ALA E 779 -1.51 5.89 59.52
C ALA E 779 -1.37 6.59 60.87
N GLN E 780 -2.31 7.47 61.21
CA GLN E 780 -2.18 8.34 62.37
C GLN E 780 -3.18 8.03 63.46
N GLY E 781 -3.70 6.81 63.53
CA GLY E 781 -4.61 6.43 64.57
C GLY E 781 -6.05 6.83 64.27
N GLU E 782 -6.96 6.26 65.07
CA GLU E 782 -8.39 6.45 64.82
C GLU E 782 -8.78 7.92 64.89
N ASN E 783 -8.15 8.67 65.78
CA ASN E 783 -8.50 10.07 66.01
C ASN E 783 -7.31 10.99 65.77
N GLY E 784 -6.53 10.71 64.73
CA GLY E 784 -5.38 11.53 64.45
C GLY E 784 -5.09 11.83 62.99
N GLY E 785 -5.86 11.22 62.08
CA GLY E 785 -5.53 11.34 60.68
C GLY E 785 -6.26 12.47 60.00
N ILE E 786 -7.26 12.15 59.18
CA ILE E 786 -8.11 13.18 58.61
C ILE E 786 -8.90 13.89 59.70
N VAL E 787 -9.12 13.23 60.83
CA VAL E 787 -9.74 13.84 62.00
C VAL E 787 -8.65 14.52 62.82
N GLN E 788 -9.00 15.61 63.50
CA GLN E 788 -8.00 16.36 64.26
C GLN E 788 -8.07 16.10 65.76
N ASN E 789 -9.24 16.32 66.37
CA ASN E 789 -9.32 16.18 67.82
C ASN E 789 -9.77 14.78 68.24
N PHE E 790 -10.91 14.33 67.73
CA PHE E 790 -11.38 12.98 68.01
C PHE E 790 -12.35 12.56 66.91
N GLY E 791 -12.59 11.26 66.83
CA GLY E 791 -13.51 10.74 65.85
C GLY E 791 -13.50 9.23 65.87
N ASN E 792 -14.19 8.65 64.90
CA ASN E 792 -14.19 7.20 64.72
C ASN E 792 -14.22 6.91 63.24
N MET E 793 -13.56 5.81 62.86
CA MET E 793 -13.35 5.52 61.45
C MET E 793 -14.66 5.38 60.69
N ASP E 794 -15.64 4.70 61.29
CA ASP E 794 -16.83 4.32 60.53
C ASP E 794 -17.67 5.53 60.18
N GLU E 795 -17.90 6.43 61.14
CA GLU E 795 -18.72 7.61 60.85
C GLU E 795 -17.99 8.58 59.94
N VAL E 796 -16.67 8.68 60.06
CA VAL E 796 -15.91 9.53 59.15
C VAL E 796 -16.00 9.02 57.73
N LEU E 797 -15.86 7.70 57.56
CA LEU E 797 -16.03 7.11 56.24
C LEU E 797 -17.44 7.31 55.74
N PHE E 798 -18.43 7.21 56.63
CA PHE E 798 -19.82 7.47 56.25
C PHE E 798 -19.98 8.87 55.68
N LEU E 799 -19.46 9.88 56.39
CA LEU E 799 -19.58 11.25 55.93
C LEU E 799 -18.86 11.47 54.61
N GLN E 800 -17.63 10.97 54.49
CA GLN E 800 -16.87 11.16 53.27
C GLN E 800 -17.56 10.51 52.08
N ILE E 801 -18.00 9.26 52.26
CA ILE E 801 -18.67 8.54 51.18
C ILE E 801 -19.95 9.25 50.78
N SER E 802 -20.75 9.66 51.77
CA SER E 802 -22.00 10.34 51.46
C SER E 802 -21.77 11.63 50.68
N LEU E 803 -20.84 12.47 51.15
CA LEU E 803 -20.60 13.73 50.49
C LEU E 803 -20.09 13.52 49.07
N THR E 804 -19.03 12.72 48.92
CA THR E 804 -18.43 12.57 47.60
C THR E 804 -19.35 11.80 46.65
N GLU E 805 -20.28 11.01 47.18
CA GLU E 805 -21.18 10.28 46.31
C GLU E 805 -22.33 11.16 45.84
N ASN E 806 -22.98 11.88 46.76
CA ASN E 806 -24.11 12.70 46.37
C ASN E 806 -23.66 13.90 45.53
N TRP E 807 -22.50 14.48 45.83
CA TRP E 807 -22.03 15.59 45.01
C TRP E 807 -21.67 15.17 43.60
N LEU E 808 -21.56 13.87 43.33
CA LEU E 808 -21.20 13.41 41.98
C LEU E 808 -22.25 13.80 40.96
N ILE E 809 -23.49 13.99 41.38
CA ILE E 809 -24.54 14.30 40.41
C ILE E 809 -24.34 15.67 39.79
N PHE E 810 -23.74 16.61 40.54
CA PHE E 810 -23.54 17.96 40.01
C PHE E 810 -22.56 18.01 38.85
N ILE E 811 -21.69 17.02 38.70
CA ILE E 811 -20.76 17.04 37.58
C ILE E 811 -21.27 16.22 36.40
N THR E 812 -22.13 15.24 36.64
CA THR E 812 -22.71 14.48 35.53
C THR E 812 -23.80 15.26 34.80
N ARG E 813 -24.49 16.16 35.48
CA ARG E 813 -25.56 16.94 34.87
C ARG E 813 -25.06 18.27 34.30
N ALA E 814 -24.01 18.22 33.50
CA ALA E 814 -23.44 19.46 33.00
C ALA E 814 -22.78 19.23 31.65
N ASN E 815 -22.67 20.32 30.89
CA ASN E 815 -21.92 20.32 29.63
C ASN E 815 -20.56 20.95 29.93
N GLY E 816 -19.55 20.12 30.10
CA GLY E 816 -18.25 20.59 30.46
C GLY E 816 -18.11 20.80 31.96
N PRO E 817 -17.67 21.99 32.35
CA PRO E 817 -17.47 22.26 33.78
C PRO E 817 -18.79 22.23 34.54
N PHE E 818 -18.70 21.83 35.81
CA PHE E 818 -19.90 21.68 36.63
C PHE E 818 -20.53 23.02 36.99
N TRP E 819 -19.83 24.12 36.79
CA TRP E 819 -20.36 25.45 37.11
C TRP E 819 -21.04 26.12 35.93
N SER E 820 -21.14 25.43 34.79
CA SER E 820 -21.76 26.03 33.62
C SER E 820 -23.23 26.36 33.88
N SER E 821 -24.03 25.34 34.17
CA SER E 821 -25.45 25.53 34.44
C SER E 821 -25.70 25.46 35.93
N ILE E 822 -26.68 26.23 36.39
CA ILE E 822 -27.08 26.27 37.79
C ILE E 822 -28.10 25.15 38.02
N PRO E 823 -27.86 24.24 38.95
CA PRO E 823 -28.86 23.19 39.21
C PRO E 823 -30.14 23.75 39.78
N SER E 824 -31.23 23.03 39.57
CA SER E 824 -32.53 23.46 40.06
C SER E 824 -32.55 23.47 41.58
N TRP E 825 -33.45 24.29 42.14
CA TRP E 825 -33.53 24.39 43.60
C TRP E 825 -33.91 23.05 44.24
N GLN E 826 -34.68 22.22 43.52
CA GLN E 826 -35.11 20.95 44.09
C GLN E 826 -33.94 20.00 44.30
N LEU E 827 -33.11 19.82 43.27
CA LEU E 827 -31.95 18.94 43.40
C LEU E 827 -30.98 19.46 44.44
N SER E 828 -30.68 20.76 44.39
CA SER E 828 -29.74 21.34 45.35
C SER E 828 -30.25 21.20 46.77
N GLY E 829 -31.54 21.45 47.00
CA GLY E 829 -32.09 21.30 48.32
C GLY E 829 -32.08 19.85 48.80
N ALA E 830 -32.48 18.92 47.93
CA ALA E 830 -32.51 17.52 48.33
C ALA E 830 -31.12 16.99 48.63
N ILE E 831 -30.09 17.53 47.97
CA ILE E 831 -28.73 17.08 48.23
C ILE E 831 -28.14 17.76 49.46
N PHE E 832 -28.41 19.05 49.64
CA PHE E 832 -27.92 19.75 50.81
C PHE E 832 -28.55 19.21 52.09
N LEU E 833 -29.82 18.79 52.03
CA LEU E 833 -30.45 18.18 53.19
C LEU E 833 -29.79 16.86 53.56
N VAL E 834 -29.45 16.05 52.55
CA VAL E 834 -28.75 14.80 52.81
C VAL E 834 -27.37 15.07 53.37
N ASP E 835 -26.68 16.08 52.86
CA ASP E 835 -25.36 16.43 53.38
C ASP E 835 -25.47 16.87 54.84
N ILE E 836 -26.50 17.64 55.18
CA ILE E 836 -26.70 18.05 56.56
C ILE E 836 -26.97 16.84 57.44
N LEU E 837 -27.79 15.90 56.96
CA LEU E 837 -28.06 14.69 57.75
C LEU E 837 -26.79 13.88 57.97
N ALA E 838 -25.96 13.72 56.94
CA ALA E 838 -24.72 12.98 57.11
C ALA E 838 -23.79 13.69 58.09
N THR E 839 -23.72 15.02 58.00
CA THR E 839 -22.88 15.77 58.93
C THR E 839 -23.37 15.61 60.36
N CYS E 840 -24.70 15.61 60.56
CA CYS E 840 -25.23 15.39 61.90
C CYS E 840 -24.92 13.99 62.40
N PHE E 841 -25.08 12.99 61.53
CA PHE E 841 -24.68 11.63 61.83
C PHE E 841 -23.26 11.61 62.36
N THR E 842 -22.34 12.27 61.67
CA THR E 842 -20.95 12.23 62.06
C THR E 842 -20.72 12.98 63.37
N ILE E 843 -21.32 14.16 63.53
CA ILE E 843 -21.06 14.97 64.71
C ILE E 843 -21.53 14.27 65.97
N TRP E 844 -22.73 13.68 65.93
CA TRP E 844 -23.25 13.04 67.13
C TRP E 844 -23.11 11.54 67.15
N GLY E 845 -22.76 10.93 66.01
CA GLY E 845 -22.44 9.50 66.00
C GLY E 845 -23.52 8.62 66.54
N TRP E 846 -24.77 8.82 66.13
CA TRP E 846 -25.85 8.06 66.74
C TRP E 846 -26.11 6.72 66.07
N PHE E 847 -25.11 6.10 65.47
CA PHE E 847 -25.18 4.69 65.14
C PHE E 847 -23.89 3.96 65.50
N GLU E 848 -22.93 4.65 66.10
CA GLU E 848 -21.74 4.04 66.66
C GLU E 848 -21.48 4.58 68.06
N HIS E 849 -20.37 4.15 68.66
CA HIS E 849 -20.16 4.32 70.09
C HIS E 849 -19.49 5.63 70.47
N SER E 850 -19.07 6.44 69.51
CA SER E 850 -18.38 7.68 69.83
C SER E 850 -18.71 8.74 68.79
N ASP E 851 -18.58 10.00 69.19
CA ASP E 851 -18.85 11.13 68.33
C ASP E 851 -17.57 11.65 67.69
N THR E 852 -17.73 12.60 66.77
CA THR E 852 -16.64 13.13 65.98
C THR E 852 -16.52 14.63 66.21
N SER E 853 -15.30 15.14 66.19
CA SER E 853 -15.07 16.54 66.50
C SER E 853 -15.67 17.44 65.42
N ILE E 854 -16.02 18.66 65.82
CA ILE E 854 -16.61 19.62 64.89
C ILE E 854 -15.58 20.11 63.87
N VAL E 855 -14.30 19.97 64.16
CA VAL E 855 -13.28 20.35 63.19
C VAL E 855 -12.96 19.18 62.25
N ALA E 856 -13.14 17.95 62.73
CA ALA E 856 -12.95 16.80 61.86
C ALA E 856 -13.95 16.80 60.71
N VAL E 857 -15.21 17.17 60.99
CA VAL E 857 -16.18 17.24 59.90
C VAL E 857 -15.82 18.36 58.93
N VAL E 858 -15.25 19.45 59.43
CA VAL E 858 -14.81 20.52 58.53
C VAL E 858 -13.72 20.02 57.61
N ARG E 859 -12.75 19.29 58.15
CA ARG E 859 -11.67 18.76 57.33
C ARG E 859 -12.20 17.73 56.34
N ILE E 860 -13.17 16.92 56.75
CA ILE E 860 -13.77 15.95 55.84
C ILE E 860 -14.50 16.67 54.71
N TRP E 861 -15.19 17.76 55.02
CA TRP E 861 -15.85 18.54 53.99
C TRP E 861 -14.85 19.13 53.01
N ILE E 862 -13.73 19.66 53.51
CA ILE E 862 -12.71 20.22 52.63
C ILE E 862 -12.12 19.15 51.72
N PHE E 863 -11.81 17.99 52.29
CA PHE E 863 -11.24 16.92 51.49
C PHE E 863 -12.24 16.39 50.47
N SER E 864 -13.51 16.29 50.86
CA SER E 864 -14.54 15.84 49.94
C SER E 864 -14.75 16.84 48.82
N PHE E 865 -14.65 18.13 49.13
CA PHE E 865 -14.75 19.14 48.08
C PHE E 865 -13.55 19.05 47.13
N GLY E 866 -12.36 18.78 47.65
CA GLY E 866 -11.22 18.59 46.78
C GLY E 866 -11.38 17.39 45.87
N ILE E 867 -11.89 16.28 46.42
CA ILE E 867 -12.15 15.10 45.60
C ILE E 867 -13.21 15.40 44.56
N PHE E 868 -14.24 16.16 44.95
CA PHE E 868 -15.27 16.57 44.01
C PHE E 868 -14.70 17.41 42.88
N CYS E 869 -13.80 18.34 43.21
CA CYS E 869 -13.19 19.19 42.18
C CYS E 869 -12.32 18.40 41.24
N ILE E 870 -11.49 17.48 41.77
CA ILE E 870 -10.62 16.72 40.87
C ILE E 870 -11.44 15.76 40.02
N MET E 871 -12.51 15.19 40.58
CA MET E 871 -13.40 14.32 39.83
C MET E 871 -14.14 15.08 38.74
N GLY E 872 -14.61 16.29 39.05
CA GLY E 872 -15.25 17.11 38.04
C GLY E 872 -14.28 17.54 36.95
N GLY E 873 -13.03 17.84 37.33
CA GLY E 873 -12.04 18.16 36.32
C GLY E 873 -11.73 16.99 35.40
N VAL E 874 -11.66 15.78 35.97
CA VAL E 874 -11.49 14.59 35.16
C VAL E 874 -12.67 14.41 34.21
N TYR E 875 -13.89 14.62 34.72
CA TYR E 875 -15.07 14.48 33.86
C TYR E 875 -15.08 15.52 32.75
N TYR E 876 -14.60 16.73 33.04
CA TYR E 876 -14.59 17.79 32.05
C TYR E 876 -13.51 17.57 31.00
N ILE E 877 -12.34 17.10 31.41
CA ILE E 877 -11.24 16.87 30.48
C ILE E 877 -11.63 15.80 29.47
N LEU E 878 -12.20 14.70 29.95
CA LEU E 878 -12.52 13.57 29.10
C LEU E 878 -13.91 13.68 28.46
N GLN E 879 -14.61 14.79 28.67
CA GLN E 879 -15.93 14.94 28.06
C GLN E 879 -15.84 14.97 26.55
N ASP E 880 -14.84 15.65 26.00
CA ASP E 880 -14.64 15.69 24.56
C ASP E 880 -13.17 15.50 24.22
N SER E 892 -19.01 15.89 1.65
CA SER E 892 -17.89 14.96 1.56
C SER E 892 -18.39 13.52 1.43
N PRO E 893 -17.76 12.76 0.52
CA PRO E 893 -18.14 11.34 0.36
C PRO E 893 -17.83 10.54 1.60
N LYS E 894 -18.87 10.07 2.30
CA LYS E 894 -18.71 9.32 3.54
C LYS E 894 -18.54 7.83 3.25
N GLY E 895 -17.45 7.49 2.57
CA GLY E 895 -17.17 6.10 2.28
C GLY E 895 -15.78 5.82 1.75
N ASN E 896 -15.26 4.65 2.09
CA ASN E 896 -14.03 4.15 1.48
C ASN E 896 -14.39 3.45 0.18
N GLN E 897 -13.44 2.75 -0.43
CA GLN E 897 -13.73 2.01 -1.65
C GLN E 897 -14.82 0.97 -1.41
N LYS E 898 -14.78 0.31 -0.26
CA LYS E 898 -15.77 -0.72 0.05
C LYS E 898 -17.18 -0.14 0.08
N GLN E 899 -17.36 1.00 0.75
CA GLN E 899 -18.69 1.55 0.93
C GLN E 899 -19.27 2.06 -0.39
N ARG E 900 -18.49 2.84 -1.14
CA ARG E 900 -18.97 3.33 -2.43
C ARG E 900 -19.24 2.16 -3.37
N SER E 901 -18.39 1.14 -3.36
CA SER E 901 -18.63 -0.03 -4.18
C SER E 901 -19.94 -0.72 -3.79
N LEU E 902 -20.21 -0.82 -2.49
CA LEU E 902 -21.43 -1.47 -2.03
C LEU E 902 -22.67 -0.71 -2.46
N GLU E 903 -22.66 0.62 -2.29
CA GLU E 903 -23.81 1.42 -2.71
C GLU E 903 -24.00 1.37 -4.21
N ASP E 904 -22.90 1.44 -4.97
CA ASP E 904 -23.01 1.34 -6.42
C ASP E 904 -23.58 -0.01 -6.83
N PHE E 905 -23.15 -1.08 -6.16
CA PHE E 905 -23.68 -2.41 -6.46
C PHE E 905 -25.16 -2.49 -6.15
N VAL E 906 -25.59 -1.90 -5.03
CA VAL E 906 -27.00 -1.94 -4.67
C VAL E 906 -27.85 -1.25 -5.73
N VAL E 907 -27.46 -0.02 -6.09
CA VAL E 907 -28.24 0.73 -7.07
C VAL E 907 -28.20 0.04 -8.43
N SER E 908 -27.04 -0.48 -8.82
CA SER E 908 -26.91 -1.16 -10.10
C SER E 908 -27.76 -2.41 -10.16
N LEU E 909 -27.81 -3.19 -9.08
CA LEU E 909 -28.63 -4.39 -9.09
C LEU E 909 -30.10 -4.03 -9.15
N GLN E 910 -30.50 -2.95 -8.47
CA GLN E 910 -31.88 -2.47 -8.62
C GLN E 910 -32.18 -2.13 -10.08
N ARG E 911 -31.28 -1.39 -10.72
CA ARG E 911 -31.51 -0.98 -12.09
C ARG E 911 -31.56 -2.16 -13.05
N VAL E 912 -30.64 -3.11 -12.90
CA VAL E 912 -30.64 -4.27 -13.80
C VAL E 912 -31.84 -5.16 -13.55
N SER E 913 -32.29 -5.26 -12.29
CA SER E 913 -33.52 -6.00 -12.01
C SER E 913 -34.70 -5.36 -12.74
N THR E 914 -34.80 -4.03 -12.68
CA THR E 914 -35.86 -3.36 -13.44
C THR E 914 -35.70 -3.58 -14.94
N GLN E 915 -34.46 -3.53 -15.43
CA GLN E 915 -34.21 -3.63 -16.87
C GLN E 915 -34.61 -4.99 -17.41
N HIS E 916 -34.23 -6.02 -16.69
CA HIS E 916 -34.55 -7.37 -17.10
C HIS E 916 -36.00 -7.57 -16.94
N GLU E 917 -36.57 -7.07 -15.86
CA GLU E 917 -38.00 -7.26 -15.63
C GLU E 917 -38.81 -6.66 -16.76
N LYS E 918 -38.30 -5.59 -17.38
CA LYS E 918 -38.92 -5.08 -18.59
C LYS E 918 -38.93 -6.13 -19.69
N SER E 919 -37.91 -7.00 -19.71
CA SER E 919 -37.84 -8.15 -20.62
C SER E 919 -37.86 -7.70 -22.08
N GLN E 920 -36.87 -6.88 -22.43
CA GLN E 920 -36.66 -6.37 -23.79
C GLN E 920 -37.94 -6.03 -24.55
N GLU F 66 -44.20 47.92 20.31
CA GLU F 66 -44.70 49.28 20.52
C GLU F 66 -44.62 50.08 19.22
N ALA F 67 -45.77 50.26 18.56
CA ALA F 67 -45.82 51.06 17.34
C ALA F 67 -46.65 52.32 17.52
N THR F 68 -47.92 52.20 17.89
CA THR F 68 -48.76 53.36 18.16
C THR F 68 -48.57 53.91 19.58
N PRO F 69 -48.51 53.11 20.63
CA PRO F 69 -48.37 53.67 21.99
C PRO F 69 -46.95 53.77 22.50
N GLY F 70 -45.94 53.51 21.67
CA GLY F 70 -44.57 53.55 22.11
C GLY F 70 -43.74 54.63 21.44
N GLY F 71 -44.39 55.74 21.08
CA GLY F 71 -43.69 56.84 20.47
C GLY F 71 -43.89 56.93 18.97
N GLY F 72 -45.13 56.72 18.51
CA GLY F 72 -45.44 56.85 17.10
C GLY F 72 -46.89 57.13 16.83
N ARG F 73 -47.16 58.19 16.09
CA ARG F 73 -48.50 58.61 15.70
C ARG F 73 -48.35 59.63 14.58
N VAL F 74 -49.42 60.35 14.24
CA VAL F 74 -49.39 61.24 13.09
C VAL F 74 -48.40 62.38 13.28
N VAL F 75 -48.32 62.95 14.48
CA VAL F 75 -47.50 64.15 14.68
C VAL F 75 -45.99 63.86 14.60
N PRO F 76 -45.51 62.65 14.85
CA PRO F 76 -44.15 62.31 14.38
C PRO F 76 -44.10 61.61 13.03
N GLU F 77 -45.22 61.44 12.33
CA GLU F 77 -45.24 60.72 11.06
C GLU F 77 -45.61 61.62 9.88
N ASP F 78 -46.77 62.27 9.92
CA ASP F 78 -47.22 63.10 8.81
C ASP F 78 -46.90 64.56 9.00
N MET F 79 -46.75 65.04 10.24
CA MET F 79 -46.21 66.37 10.46
C MET F 79 -44.76 66.49 10.04
N LEU F 80 -44.07 65.36 9.85
CA LEU F 80 -42.79 65.39 9.15
C LEU F 80 -42.97 65.92 7.75
N GLN F 81 -43.95 65.39 7.02
CA GLN F 81 -44.19 65.77 5.63
C GLN F 81 -45.23 66.89 5.56
N THR F 82 -44.87 68.00 6.21
CA THR F 82 -45.58 69.26 6.05
C THR F 82 -44.76 70.30 5.31
N ASP F 83 -43.44 70.17 5.30
CA ASP F 83 -42.54 71.00 4.53
C ASP F 83 -42.15 70.31 3.23
N THR F 84 -41.32 70.99 2.44
CA THR F 84 -40.81 70.40 1.22
C THR F 84 -39.74 69.36 1.54
N ARG F 85 -39.16 68.80 0.48
CA ARG F 85 -38.11 67.79 0.65
C ARG F 85 -36.90 68.39 1.34
N VAL F 86 -36.50 69.60 0.95
CA VAL F 86 -35.29 70.23 1.46
C VAL F 86 -35.70 71.31 2.45
N GLY F 87 -35.57 70.99 3.74
CA GLY F 87 -35.83 71.95 4.80
C GLY F 87 -36.23 71.31 6.11
N LEU F 88 -35.67 71.81 7.22
CA LEU F 88 -36.06 71.35 8.55
C LEU F 88 -35.63 72.40 9.56
N THR F 89 -36.53 72.76 10.47
CA THR F 89 -36.25 73.79 11.46
C THR F 89 -36.88 73.40 12.80
N SER F 90 -36.29 73.93 13.87
CA SER F 90 -36.90 73.99 15.20
C SER F 90 -37.21 72.59 15.74
N GLU F 91 -36.14 71.85 16.05
CA GLU F 91 -36.32 70.76 17.00
C GLU F 91 -36.78 71.38 18.31
N GLU F 92 -38.06 71.22 18.64
CA GLU F 92 -38.63 72.21 19.55
C GLU F 92 -38.44 71.87 21.03
N VAL F 93 -39.21 70.91 21.55
CA VAL F 93 -39.19 70.57 22.97
C VAL F 93 -39.24 69.04 23.09
N VAL F 94 -38.51 68.33 22.22
CA VAL F 94 -38.84 66.98 21.76
C VAL F 94 -39.27 66.01 22.86
N GLN F 95 -38.96 66.33 24.12
CA GLN F 95 -39.43 65.65 25.35
C GLN F 95 -38.76 64.32 25.61
N ARG F 96 -38.02 63.75 24.66
CA ARG F 96 -37.38 62.46 24.85
C ARG F 96 -36.33 62.28 23.76
N ARG F 97 -35.09 62.07 24.16
CA ARG F 97 -34.03 61.74 23.23
C ARG F 97 -33.60 60.31 23.53
N ARG F 98 -34.33 59.36 22.98
CA ARG F 98 -34.04 57.94 23.11
C ARG F 98 -33.36 57.53 21.80
N LYS F 99 -32.07 57.78 21.72
CA LYS F 99 -31.34 57.70 20.46
C LYS F 99 -30.00 56.99 20.54
N TYR F 100 -29.38 56.89 21.70
CA TYR F 100 -27.97 56.51 21.82
C TYR F 100 -27.82 55.03 22.17
N GLY F 101 -28.25 54.17 21.25
CA GLY F 101 -28.15 52.74 21.49
C GLY F 101 -28.87 52.36 22.77
N LEU F 102 -30.20 52.41 22.74
CA LEU F 102 -31.04 52.53 23.92
C LEU F 102 -30.61 51.61 25.06
N ASN F 103 -30.19 52.22 26.16
CA ASN F 103 -29.85 51.51 27.40
C ASN F 103 -28.81 50.42 27.18
N GLN F 104 -27.82 50.71 26.33
CA GLN F 104 -26.70 49.80 26.11
C GLN F 104 -25.38 50.40 26.58
N MET F 105 -25.02 51.59 26.07
CA MET F 105 -23.82 52.26 26.55
C MET F 105 -24.13 53.18 27.73
N LYS F 106 -25.30 53.81 27.72
CA LYS F 106 -25.73 54.69 28.80
C LYS F 106 -26.33 53.92 29.97
N GLU F 107 -26.49 52.60 29.83
CA GLU F 107 -27.06 51.77 30.90
C GLU F 107 -26.22 51.86 32.16
N GLU F 108 -26.79 52.41 33.23
CA GLU F 108 -26.08 52.62 34.49
C GLU F 108 -24.80 53.42 34.26
N LYS F 109 -25.00 54.66 33.83
CA LYS F 109 -23.91 55.49 33.34
C LYS F 109 -22.87 55.73 34.43
N GLU F 110 -21.61 55.51 34.07
CA GLU F 110 -20.44 55.84 34.89
C GLU F 110 -20.66 55.47 36.36
N ASN F 111 -20.94 54.18 36.60
CA ASN F 111 -21.07 53.71 37.97
C ASN F 111 -19.76 53.91 38.74
N HIS F 112 -18.66 53.42 38.17
CA HIS F 112 -17.29 53.78 38.53
C HIS F 112 -16.95 53.43 39.97
N PHE F 113 -17.86 52.80 40.71
CA PHE F 113 -17.57 52.31 42.05
C PHE F 113 -18.04 50.90 42.31
N LEU F 114 -18.93 50.33 41.50
CA LEU F 114 -19.28 48.92 41.63
C LEU F 114 -18.38 48.02 40.80
N LYS F 115 -17.52 48.59 39.96
CA LYS F 115 -16.44 47.81 39.36
C LYS F 115 -15.31 47.58 40.35
N PHE F 116 -15.07 48.54 41.24
CA PHE F 116 -14.01 48.39 42.25
C PHE F 116 -14.36 47.30 43.25
N LEU F 117 -15.58 47.34 43.80
CA LEU F 117 -15.99 46.29 44.74
C LEU F 117 -16.23 44.97 44.02
N GLY F 118 -16.53 45.01 42.73
CA GLY F 118 -16.71 43.78 41.98
C GLY F 118 -15.45 42.94 41.93
N PHE F 119 -14.29 43.58 41.95
CA PHE F 119 -13.03 42.86 41.97
C PHE F 119 -12.66 42.36 43.36
N PHE F 120 -13.37 42.79 44.39
CA PHE F 120 -13.16 42.31 45.74
C PHE F 120 -14.03 41.11 46.08
N VAL F 121 -14.84 40.63 45.14
CA VAL F 121 -15.73 39.50 45.35
C VAL F 121 -15.50 38.48 44.25
N GLY F 122 -15.34 37.22 44.64
CA GLY F 122 -15.11 36.14 43.70
C GLY F 122 -14.59 34.91 44.41
N PRO F 123 -14.24 33.87 43.63
CA PRO F 123 -13.71 32.65 44.25
C PRO F 123 -12.39 32.88 44.97
N ILE F 124 -11.39 33.40 44.27
CA ILE F 124 -10.08 33.61 44.88
C ILE F 124 -10.14 34.72 45.92
N GLN F 125 -10.87 35.80 45.62
CA GLN F 125 -10.99 36.90 46.57
C GLN F 125 -11.64 36.44 47.87
N PHE F 126 -12.55 35.48 47.79
CA PHE F 126 -13.12 34.91 49.02
C PHE F 126 -12.06 34.15 49.81
N VAL F 127 -11.17 33.43 49.11
CA VAL F 127 -10.09 32.73 49.80
C VAL F 127 -9.18 33.73 50.50
N MET F 128 -8.86 34.82 49.82
CA MET F 128 -8.02 35.85 50.45
C MET F 128 -8.73 36.53 51.62
N GLU F 129 -10.04 36.75 51.51
CA GLU F 129 -10.78 37.33 52.63
C GLU F 129 -10.79 36.38 53.83
N GLY F 130 -11.00 35.10 53.58
CA GLY F 130 -10.92 34.13 54.66
C GLY F 130 -9.53 34.07 55.28
N ALA F 131 -8.49 34.23 54.45
CA ALA F 131 -7.13 34.28 54.97
C ALA F 131 -6.93 35.48 55.87
N ALA F 132 -7.37 36.66 55.42
CA ALA F 132 -7.20 37.88 56.20
C ALA F 132 -8.05 37.88 57.46
N VAL F 133 -9.17 37.16 57.46
CA VAL F 133 -9.99 37.07 58.67
C VAL F 133 -9.39 36.06 59.64
N LEU F 134 -8.97 34.91 59.14
CA LEU F 134 -8.41 33.86 59.99
C LEU F 134 -7.00 34.16 60.46
N ALA F 135 -6.48 35.37 60.23
CA ALA F 135 -5.21 35.79 60.83
C ALA F 135 -5.46 36.47 62.17
N ALA F 136 -6.23 35.79 63.03
CA ALA F 136 -6.64 36.33 64.33
C ALA F 136 -7.28 37.71 64.18
N GLY F 137 -8.04 37.89 63.10
CA GLY F 137 -8.63 39.18 62.84
C GLY F 137 -7.57 40.24 62.61
N LEU F 138 -7.74 41.38 63.29
CA LEU F 138 -6.81 42.50 63.21
C LEU F 138 -5.78 42.48 64.35
N GLU F 139 -5.38 41.29 64.79
CA GLU F 139 -4.45 41.17 65.91
C GLU F 139 -3.16 41.95 65.64
N ASP F 140 -2.43 41.57 64.60
CA ASP F 140 -1.18 42.22 64.25
C ASP F 140 -1.12 42.43 62.75
N TRP F 141 -0.57 43.58 62.34
CA TRP F 141 -0.53 43.97 60.93
C TRP F 141 0.76 43.44 60.27
N VAL F 142 0.89 42.12 60.28
CA VAL F 142 2.01 41.46 59.60
C VAL F 142 1.48 40.47 58.58
N ASP F 143 0.64 39.52 59.01
CA ASP F 143 -0.01 38.62 58.08
C ASP F 143 -1.24 39.28 57.46
N PHE F 144 -2.10 39.84 58.30
CA PHE F 144 -3.28 40.56 57.80
C PHE F 144 -2.86 41.69 56.88
N GLY F 145 -1.84 42.45 57.29
CA GLY F 145 -1.42 43.59 56.48
C GLY F 145 -0.96 43.18 55.10
N VAL F 146 -0.10 42.16 55.03
CA VAL F 146 0.45 41.75 53.73
C VAL F 146 -0.63 41.10 52.86
N ILE F 147 -1.52 40.30 53.46
CA ILE F 147 -2.57 39.67 52.67
C ILE F 147 -3.54 40.70 52.11
N CYS F 148 -3.97 41.64 52.96
CA CYS F 148 -4.86 42.69 52.48
C CYS F 148 -4.16 43.59 51.48
N GLY F 149 -2.84 43.79 51.63
CA GLY F 149 -2.11 44.55 50.63
C GLY F 149 -2.11 43.86 49.28
N LEU F 150 -1.90 42.55 49.26
CA LEU F 150 -1.94 41.82 47.99
C LEU F 150 -3.32 41.88 47.38
N LEU F 151 -4.36 41.69 48.20
CA LEU F 151 -5.72 41.73 47.67
C LEU F 151 -6.04 43.11 47.11
N LEU F 152 -5.65 44.17 47.81
CA LEU F 152 -5.88 45.52 47.33
C LEU F 152 -5.10 45.78 46.06
N LEU F 153 -3.87 45.29 45.97
CA LEU F 153 -3.08 45.50 44.76
C LEU F 153 -3.71 44.81 43.57
N ASN F 154 -4.18 43.57 43.74
CA ASN F 154 -4.86 42.89 42.65
C ASN F 154 -6.11 43.64 42.23
N ALA F 155 -6.92 44.08 43.20
CA ALA F 155 -8.12 44.81 42.87
C ALA F 155 -7.84 46.11 42.15
N VAL F 156 -6.85 46.88 42.61
CA VAL F 156 -6.51 48.15 41.98
C VAL F 156 -5.93 47.96 40.60
N VAL F 157 -5.05 46.96 40.42
CA VAL F 157 -4.49 46.71 39.10
C VAL F 157 -5.58 46.28 38.12
N GLY F 158 -6.48 45.39 38.56
CA GLY F 158 -7.58 45.00 37.69
C GLY F 158 -8.48 46.17 37.33
N PHE F 159 -8.80 47.02 38.31
CA PHE F 159 -9.64 48.17 38.04
C PHE F 159 -8.97 49.13 37.06
N VAL F 160 -7.68 49.41 37.25
CA VAL F 160 -6.98 50.32 36.36
C VAL F 160 -6.92 49.75 34.95
N GLN F 161 -6.64 48.45 34.83
CA GLN F 161 -6.55 47.84 33.51
C GLN F 161 -7.90 47.86 32.80
N GLU F 162 -8.98 47.53 33.51
CA GLU F 162 -10.31 47.58 32.90
C GLU F 162 -10.68 49.01 32.51
N PHE F 163 -10.33 49.98 33.36
CA PHE F 163 -10.62 51.37 33.03
C PHE F 163 -9.89 51.81 31.78
N GLN F 164 -8.61 51.45 31.66
CA GLN F 164 -7.84 51.80 30.47
C GLN F 164 -8.41 51.12 29.23
N ALA F 165 -8.77 49.84 29.35
CA ALA F 165 -9.29 49.11 28.20
C ALA F 165 -10.68 49.58 27.79
N GLY F 166 -11.46 50.12 28.71
CA GLY F 166 -12.80 50.59 28.37
C GLY F 166 -12.84 52.06 28.01
N SER F 167 -11.79 52.80 28.36
CA SER F 167 -11.69 54.21 28.02
C SER F 167 -10.96 54.43 26.70
N ILE F 168 -10.45 53.38 26.08
CA ILE F 168 -9.78 53.50 24.80
C ILE F 168 -10.50 52.73 23.69
N VAL F 169 -11.30 51.72 24.01
CA VAL F 169 -12.12 51.08 22.99
C VAL F 169 -13.29 51.99 22.63
N ASP F 170 -13.70 52.87 23.54
CA ASP F 170 -14.75 53.83 23.24
C ASP F 170 -14.24 54.98 22.38
N GLU F 171 -12.96 55.32 22.52
CA GLU F 171 -12.39 56.36 21.65
C GLU F 171 -12.30 55.88 20.21
N LEU F 172 -12.15 54.58 20.00
CA LEU F 172 -12.21 54.04 18.64
C LEU F 172 -13.64 53.97 18.14
N LYS F 173 -14.61 53.69 19.02
CA LYS F 173 -16.01 53.69 18.63
C LYS F 173 -16.45 55.10 18.22
N LYS F 174 -15.95 56.12 18.92
CA LYS F 174 -16.35 57.49 18.60
C LYS F 174 -15.88 57.91 17.21
N THR F 175 -14.66 57.54 16.83
CA THR F 175 -14.09 57.93 15.55
C THR F 175 -14.60 57.07 14.40
N LEU F 176 -15.62 56.24 14.63
CA LEU F 176 -16.11 55.32 13.62
C LEU F 176 -17.64 55.28 13.58
N ALA F 177 -18.30 56.18 14.29
CA ALA F 177 -19.76 56.20 14.34
C ALA F 177 -20.34 56.56 12.96
N LEU F 178 -21.47 55.95 12.63
CA LEU F 178 -22.11 56.13 11.34
C LEU F 178 -22.86 57.46 11.34
N LYS F 179 -22.14 58.53 10.99
CA LYS F 179 -22.73 59.85 10.94
C LYS F 179 -23.84 59.92 9.90
N ALA F 180 -24.88 60.69 10.20
CA ALA F 180 -26.12 60.71 9.43
C ALA F 180 -26.37 62.11 8.87
N VAL F 181 -26.78 62.17 7.60
CA VAL F 181 -26.96 63.43 6.90
C VAL F 181 -28.45 63.76 6.81
N VAL F 182 -28.81 64.99 7.16
CA VAL F 182 -30.16 65.53 6.98
C VAL F 182 -29.97 66.92 6.38
N LEU F 183 -30.71 67.23 5.32
CA LEU F 183 -30.54 68.50 4.63
C LEU F 183 -31.62 69.48 5.08
N ARG F 184 -31.19 70.63 5.59
CA ARG F 184 -32.05 71.73 6.00
C ARG F 184 -31.92 72.86 4.99
N ASP F 185 -32.51 74.01 5.32
CA ASP F 185 -32.52 75.18 4.44
C ASP F 185 -31.16 75.43 3.79
N GLY F 186 -30.09 75.37 4.57
CA GLY F 186 -28.74 75.56 4.06
C GLY F 186 -28.04 74.23 3.79
N THR F 187 -26.77 74.36 3.41
CA THR F 187 -25.94 73.18 3.13
C THR F 187 -25.38 72.63 4.45
N LEU F 188 -26.30 72.10 5.26
CA LEU F 188 -25.91 71.49 6.52
C LEU F 188 -24.95 70.33 6.26
N LYS F 189 -23.83 70.31 6.98
CA LYS F 189 -22.80 69.32 6.72
C LYS F 189 -23.32 67.91 6.95
N GLU F 190 -23.61 67.57 8.21
CA GLU F 190 -24.06 66.24 8.58
C GLU F 190 -24.30 66.23 10.09
N ILE F 191 -25.09 65.27 10.55
CA ILE F 191 -25.45 65.15 11.96
C ILE F 191 -24.76 63.92 12.55
N GLU F 192 -24.11 64.10 13.69
CA GLU F 192 -23.48 63.00 14.40
C GLU F 192 -24.54 61.99 14.82
N ALA F 193 -24.19 60.70 14.75
CA ALA F 193 -25.13 59.60 14.52
C ALA F 193 -26.37 59.59 15.40
N PRO F 194 -26.27 59.46 16.72
CA PRO F 194 -27.50 59.28 17.52
C PRO F 194 -28.28 60.57 17.72
N GLU F 195 -27.62 61.71 17.90
CA GLU F 195 -28.31 62.95 18.26
C GLU F 195 -28.99 63.55 17.03
N VAL F 196 -29.97 62.79 16.54
CA VAL F 196 -30.89 63.25 15.51
C VAL F 196 -32.31 63.02 16.03
N VAL F 197 -33.16 64.03 15.88
CA VAL F 197 -34.51 63.98 16.46
C VAL F 197 -35.35 62.93 15.76
N PRO F 198 -36.22 62.22 16.48
CA PRO F 198 -37.14 61.30 15.81
C PRO F 198 -38.18 62.06 15.00
N GLY F 199 -38.80 61.35 14.06
CA GLY F 199 -39.73 62.00 13.16
C GLY F 199 -39.07 63.08 12.32
N ASP F 200 -37.90 62.79 11.76
CA ASP F 200 -37.15 63.76 10.96
C ASP F 200 -36.79 63.12 9.63
N ILE F 201 -36.54 64.00 8.65
CA ILE F 201 -36.16 63.53 7.32
C ILE F 201 -34.79 62.86 7.38
N LEU F 202 -34.49 62.10 6.33
CA LEU F 202 -33.21 61.42 6.18
C LEU F 202 -32.87 61.31 4.71
N GLN F 203 -31.58 61.22 4.42
CA GLN F 203 -31.09 61.07 3.06
C GLN F 203 -30.16 59.86 3.01
N VAL F 204 -30.72 58.72 2.61
CA VAL F 204 -29.92 57.51 2.39
C VAL F 204 -29.43 57.52 0.95
N GLU F 205 -28.12 57.44 0.76
CA GLU F 205 -27.50 57.70 -0.54
C GLU F 205 -26.45 56.63 -0.83
N GLU F 206 -26.85 55.61 -1.60
CA GLU F 206 -25.92 54.71 -2.28
C GLU F 206 -24.86 54.14 -1.34
N GLY F 207 -25.31 53.28 -0.43
CA GLY F 207 -24.38 52.60 0.46
C GLY F 207 -24.13 53.32 1.76
N THR F 208 -25.20 53.66 2.47
CA THR F 208 -25.12 54.26 3.79
C THR F 208 -25.99 53.48 4.75
N ILE F 209 -25.45 53.19 5.93
CA ILE F 209 -26.22 52.48 6.95
C ILE F 209 -27.38 53.35 7.40
N ILE F 210 -28.60 52.82 7.29
CA ILE F 210 -29.82 53.57 7.57
C ILE F 210 -29.83 53.93 9.05
N PRO F 211 -29.61 55.19 9.40
CA PRO F 211 -29.37 55.55 10.81
C PRO F 211 -30.56 55.31 11.72
N ALA F 212 -31.78 55.50 11.21
CA ALA F 212 -32.97 55.40 12.04
C ALA F 212 -34.03 54.60 11.32
N ASP F 213 -34.72 53.74 12.07
CA ASP F 213 -35.81 52.95 11.51
C ASP F 213 -36.95 53.87 11.07
N GLY F 214 -37.73 53.40 10.10
CA GLY F 214 -38.88 54.18 9.67
C GLY F 214 -39.38 53.76 8.31
N ARG F 215 -39.97 54.72 7.60
CA ARG F 215 -40.65 54.50 6.33
C ARG F 215 -40.19 55.54 5.31
N ILE F 216 -40.51 55.27 4.04
CA ILE F 216 -40.01 56.05 2.92
C ILE F 216 -40.86 57.31 2.75
N VAL F 217 -40.32 58.31 2.08
CA VAL F 217 -41.03 59.57 1.80
C VAL F 217 -41.69 59.46 0.43
N THR F 218 -42.77 60.23 0.26
CA THR F 218 -43.67 60.17 -0.89
C THR F 218 -42.98 60.21 -2.25
N ASP F 219 -41.77 60.75 -2.34
CA ASP F 219 -41.10 60.83 -3.64
C ASP F 219 -40.87 59.44 -4.21
N ASP F 220 -41.05 59.31 -5.53
CA ASP F 220 -41.07 58.01 -6.19
C ASP F 220 -39.66 57.61 -6.61
N ALA F 221 -39.15 56.55 -5.97
CA ALA F 221 -37.87 55.93 -6.30
C ALA F 221 -37.74 54.65 -5.49
N PHE F 222 -37.07 53.66 -6.06
CA PHE F 222 -36.88 52.37 -5.41
C PHE F 222 -35.43 52.23 -4.99
N LEU F 223 -35.21 51.87 -3.73
CA LEU F 223 -33.88 51.64 -3.19
C LEU F 223 -33.76 50.18 -2.77
N GLN F 224 -32.71 49.52 -3.23
CA GLN F 224 -32.48 48.11 -2.91
C GLN F 224 -31.70 48.06 -1.61
N VAL F 225 -32.40 47.77 -0.52
CA VAL F 225 -31.78 47.70 0.79
C VAL F 225 -31.09 46.36 0.95
N ASP F 226 -29.83 46.39 1.36
CA ASP F 226 -29.07 45.16 1.61
C ASP F 226 -29.49 44.59 2.96
N GLN F 227 -30.13 43.44 2.92
CA GLN F 227 -30.68 42.77 4.10
C GLN F 227 -30.00 41.43 4.29
N SER F 228 -30.60 40.60 5.15
CA SER F 228 -30.09 39.36 5.75
C SER F 228 -29.20 39.67 6.95
N ALA F 229 -28.97 40.94 7.26
CA ALA F 229 -28.39 41.29 8.56
C ALA F 229 -29.43 41.15 9.67
N LEU F 230 -30.69 41.50 9.37
CA LEU F 230 -31.79 41.35 10.30
C LEU F 230 -32.89 40.44 9.78
N THR F 231 -32.91 40.13 8.49
CA THR F 231 -33.91 39.27 7.87
C THR F 231 -33.22 38.04 7.28
N GLY F 232 -33.97 37.28 6.48
CA GLY F 232 -33.42 36.07 5.91
C GLY F 232 -32.79 36.20 4.54
N GLU F 233 -33.54 36.73 3.57
CA GLU F 233 -33.12 36.67 2.18
C GLU F 233 -31.92 37.58 1.92
N SER F 234 -30.95 37.06 1.17
CA SER F 234 -29.76 37.81 0.79
C SER F 234 -29.88 38.49 -0.57
N LEU F 235 -31.02 38.34 -1.24
CA LEU F 235 -31.22 38.89 -2.57
C LEU F 235 -31.67 40.35 -2.44
N ALA F 236 -32.15 40.93 -3.54
CA ALA F 236 -32.63 42.31 -3.55
C ALA F 236 -33.94 42.38 -2.77
N VAL F 237 -33.90 43.04 -1.61
CA VAL F 237 -35.10 43.32 -0.84
C VAL F 237 -35.51 44.74 -1.22
N ASP F 238 -36.34 44.84 -2.27
CA ASP F 238 -36.64 46.13 -2.89
C ASP F 238 -37.95 46.67 -2.34
N LYS F 239 -37.87 47.30 -1.17
CA LYS F 239 -38.98 48.11 -0.69
C LYS F 239 -39.07 49.38 -1.53
N HIS F 240 -40.29 49.73 -1.91
CA HIS F 240 -40.50 50.81 -2.88
C HIS F 240 -41.10 52.05 -2.25
N LYS F 241 -42.26 51.95 -1.60
CA LYS F 241 -42.91 53.11 -1.01
C LYS F 241 -43.68 52.69 0.23
N GLY F 242 -43.46 53.41 1.33
CA GLY F 242 -44.23 53.23 2.55
C GLY F 242 -43.93 51.98 3.34
N ASP F 243 -42.98 51.16 2.90
CA ASP F 243 -42.65 49.94 3.62
C ASP F 243 -41.76 50.26 4.82
N GLN F 244 -41.55 49.24 5.66
CA GLN F 244 -40.75 49.41 6.88
C GLN F 244 -39.27 49.35 6.52
N VAL F 245 -38.61 50.49 6.55
CA VAL F 245 -37.17 50.58 6.29
C VAL F 245 -36.44 50.26 7.60
N PHE F 246 -35.59 49.24 7.57
CA PHE F 246 -34.98 48.71 8.77
C PHE F 246 -33.67 49.42 9.08
N ALA F 247 -33.52 49.84 10.33
CA ALA F 247 -32.30 50.51 10.76
C ALA F 247 -31.14 49.52 10.81
N SER F 248 -29.92 50.07 10.83
CA SER F 248 -28.69 49.27 10.82
C SER F 248 -28.65 48.33 9.62
N SER F 249 -29.12 48.81 8.49
CA SER F 249 -29.07 48.07 7.24
C SER F 249 -28.58 48.97 6.13
N ALA F 250 -27.96 48.37 5.12
CA ALA F 250 -27.37 49.12 4.02
C ALA F 250 -28.37 49.27 2.87
N VAL F 251 -27.99 50.10 1.90
CA VAL F 251 -28.75 50.25 0.66
C VAL F 251 -27.82 49.97 -0.51
N LYS F 252 -28.17 48.94 -1.29
CA LYS F 252 -27.33 48.55 -2.43
C LYS F 252 -27.32 49.63 -3.49
N ARG F 253 -28.47 50.22 -3.78
CA ARG F 253 -28.59 51.30 -4.76
C ARG F 253 -29.94 51.97 -4.55
N GLY F 254 -29.99 53.27 -4.78
CA GLY F 254 -31.25 53.98 -4.69
C GLY F 254 -31.05 55.40 -4.21
N GLU F 255 -32.13 56.17 -4.30
CA GLU F 255 -32.13 57.57 -3.86
C GLU F 255 -33.52 57.87 -3.32
N ALA F 256 -33.68 57.78 -2.00
CA ALA F 256 -34.98 58.00 -1.37
C ALA F 256 -34.76 58.72 -0.03
N PHE F 257 -35.87 59.20 0.53
CA PHE F 257 -35.88 59.87 1.81
C PHE F 257 -36.72 59.06 2.79
N VAL F 258 -36.37 59.13 4.07
CA VAL F 258 -36.93 58.27 5.09
C VAL F 258 -37.58 59.11 6.18
N VAL F 259 -38.72 58.65 6.68
CA VAL F 259 -39.36 59.23 7.84
C VAL F 259 -39.15 58.34 9.04
N ILE F 260 -38.71 58.94 10.15
CA ILE F 260 -38.22 58.18 11.29
C ILE F 260 -39.39 57.61 12.08
N THR F 261 -39.33 56.31 12.36
CA THR F 261 -40.28 55.62 13.23
C THR F 261 -39.51 54.61 14.06
N ALA F 262 -39.74 54.62 15.37
CA ALA F 262 -39.02 53.75 16.31
C ALA F 262 -37.52 54.01 16.24
N THR F 263 -37.14 55.23 16.67
CA THR F 263 -35.76 55.69 16.56
C THR F 263 -34.78 54.82 17.35
N GLY F 264 -35.25 54.06 18.32
CA GLY F 264 -34.38 53.17 19.06
C GLY F 264 -35.06 51.88 19.45
N ASP F 265 -36.27 51.67 18.96
CA ASP F 265 -37.09 50.52 19.32
C ASP F 265 -36.93 49.40 18.30
N ASN F 266 -37.26 48.19 18.74
CA ASN F 266 -37.37 46.96 17.95
C ASN F 266 -36.30 46.83 16.87
N THR F 267 -35.06 47.17 17.18
CA THR F 267 -33.96 46.96 16.26
C THR F 267 -33.64 45.48 16.18
N PHE F 268 -34.27 44.79 15.25
CA PHE F 268 -34.18 43.34 15.16
C PHE F 268 -33.17 42.91 14.09
N GLY F 284 -14.13 37.47 21.35
CA GLY F 284 -13.58 37.09 20.07
C GLY F 284 -13.11 35.65 20.03
N HIS F 285 -11.80 35.46 19.83
CA HIS F 285 -11.24 34.12 19.81
C HIS F 285 -10.13 33.98 20.84
N PHE F 286 -9.42 35.08 21.12
CA PHE F 286 -8.41 35.03 22.17
C PHE F 286 -9.05 34.91 23.54
N THR F 287 -10.30 35.37 23.69
CA THR F 287 -10.99 35.23 24.96
C THR F 287 -11.30 33.77 25.27
N GLU F 288 -11.72 32.99 24.27
CA GLU F 288 -11.97 31.57 24.49
C GLU F 288 -10.68 30.83 24.80
N VAL F 289 -9.59 31.18 24.13
CA VAL F 289 -8.30 30.57 24.42
C VAL F 289 -7.89 30.89 25.85
N LEU F 290 -8.09 32.14 26.29
CA LEU F 290 -7.80 32.50 27.66
C LEU F 290 -8.67 31.73 28.65
N ASN F 291 -9.94 31.54 28.32
CA ASN F 291 -10.82 30.80 29.20
C ASN F 291 -10.36 29.35 29.35
N GLY F 292 -9.98 28.72 28.24
CA GLY F 292 -9.46 27.36 28.32
C GLY F 292 -8.17 27.28 29.11
N ILE F 293 -7.27 28.23 28.89
CA ILE F 293 -6.01 28.24 29.62
C ILE F 293 -6.26 28.42 31.11
N GLY F 294 -7.18 29.32 31.47
CA GLY F 294 -7.51 29.52 32.87
C GLY F 294 -8.13 28.29 33.50
N THR F 295 -8.97 27.58 32.75
CA THR F 295 -9.55 26.34 33.25
C THR F 295 -8.47 25.30 33.52
N ILE F 296 -7.52 25.15 32.59
CA ILE F 296 -6.47 24.18 32.79
C ILE F 296 -5.58 24.57 33.97
N LEU F 297 -5.33 25.88 34.13
CA LEU F 297 -4.55 26.33 35.28
C LEU F 297 -5.28 26.06 36.58
N LEU F 298 -6.60 26.25 36.61
CA LEU F 298 -7.39 25.90 37.78
C LEU F 298 -7.29 24.41 38.08
N ILE F 299 -7.33 23.57 37.04
CA ILE F 299 -7.17 22.15 37.23
C ILE F 299 -5.82 21.82 37.87
N LEU F 300 -4.76 22.47 37.38
CA LEU F 300 -3.44 22.24 37.94
C LEU F 300 -3.36 22.67 39.40
N VAL F 301 -3.96 23.82 39.73
CA VAL F 301 -3.94 24.29 41.11
C VAL F 301 -4.72 23.35 42.01
N ILE F 302 -5.83 22.81 41.51
CA ILE F 302 -6.61 21.86 42.30
C ILE F 302 -5.83 20.58 42.53
N PHE F 303 -5.10 20.12 41.52
CA PHE F 303 -4.28 18.92 41.69
C PHE F 303 -3.18 19.15 42.73
N THR F 304 -2.53 20.32 42.67
CA THR F 304 -1.50 20.64 43.67
C THR F 304 -2.10 20.73 45.07
N LEU F 305 -3.26 21.36 45.19
CA LEU F 305 -3.91 21.47 46.50
C LEU F 305 -4.31 20.10 47.02
N LEU F 306 -4.74 19.20 46.13
CA LEU F 306 -5.06 17.85 46.55
C LEU F 306 -3.83 17.13 47.08
N ILE F 307 -2.69 17.28 46.40
CA ILE F 307 -1.46 16.68 46.90
C ILE F 307 -1.12 17.23 48.28
N VAL F 308 -1.22 18.55 48.44
CA VAL F 308 -0.85 19.18 49.70
C VAL F 308 -1.78 18.72 50.83
N TRP F 309 -3.07 18.69 50.56
CA TRP F 309 -4.02 18.29 51.60
C TRP F 309 -3.86 16.82 51.96
N VAL F 310 -3.62 15.96 50.98
CA VAL F 310 -3.40 14.54 51.28
C VAL F 310 -2.15 14.36 52.12
N SER F 311 -1.06 15.03 51.73
CA SER F 311 0.19 14.87 52.47
C SER F 311 0.11 15.50 53.85
N SER F 312 -0.73 16.51 54.03
CA SER F 312 -0.94 17.06 55.36
C SER F 312 -1.82 16.16 56.21
N PHE F 313 -2.78 15.48 55.58
CA PHE F 313 -3.61 14.54 56.33
C PHE F 313 -2.77 13.38 56.85
N TYR F 314 -1.87 12.84 56.02
CA TYR F 314 -1.04 11.75 56.50
C TYR F 314 -0.12 12.18 57.63
N ARG F 315 0.26 13.45 57.68
CA ARG F 315 1.09 13.97 58.77
C ARG F 315 0.27 14.55 59.91
N SER F 316 -1.06 14.52 59.82
CA SER F 316 -1.94 15.05 60.86
C SER F 316 -1.60 16.49 61.20
N ASN F 317 -1.36 17.29 60.16
CA ASN F 317 -1.08 18.71 60.36
C ASN F 317 -2.31 19.38 60.96
N PRO F 318 -2.14 20.35 61.85
CA PRO F 318 -3.28 21.13 62.32
C PRO F 318 -3.91 21.90 61.16
N ILE F 319 -5.21 22.15 61.27
CA ILE F 319 -5.95 22.75 60.16
C ILE F 319 -5.38 24.12 59.79
N VAL F 320 -4.79 24.83 60.76
CA VAL F 320 -4.26 26.15 60.47
C VAL F 320 -3.07 26.07 59.52
N GLN F 321 -2.17 25.10 59.74
CA GLN F 321 -1.03 24.95 58.84
C GLN F 321 -1.48 24.53 57.45
N ILE F 322 -2.48 23.64 57.37
CA ILE F 322 -3.01 23.25 56.07
C ILE F 322 -3.59 24.45 55.35
N LEU F 323 -4.30 25.32 56.09
CA LEU F 323 -4.88 26.51 55.49
C LEU F 323 -3.79 27.46 55.01
N GLU F 324 -2.70 27.58 55.76
CA GLU F 324 -1.59 28.42 55.30
C GLU F 324 -0.99 27.88 54.00
N PHE F 325 -0.80 26.56 53.93
CA PHE F 325 -0.27 25.96 52.71
C PHE F 325 -1.20 26.21 51.53
N THR F 326 -2.49 25.96 51.72
CA THR F 326 -3.43 26.13 50.62
C THR F 326 -3.57 27.59 50.22
N LEU F 327 -3.42 28.51 51.16
CA LEU F 327 -3.45 29.93 50.81
C LEU F 327 -2.24 30.30 49.96
N ALA F 328 -1.06 29.83 50.33
CA ALA F 328 0.14 30.12 49.55
C ALA F 328 0.00 29.59 48.12
N ILE F 329 -0.48 28.35 48.00
CA ILE F 329 -0.58 27.76 46.67
C ILE F 329 -1.70 28.40 45.85
N THR F 330 -2.80 28.79 46.49
CA THR F 330 -3.84 29.52 45.77
C THR F 330 -3.31 30.85 45.27
N ILE F 331 -2.51 31.54 46.08
CA ILE F 331 -1.93 32.82 45.66
C ILE F 331 -1.02 32.63 44.46
N ILE F 332 -0.16 31.61 44.50
CA ILE F 332 0.81 31.48 43.40
C ILE F 332 0.19 30.89 42.15
N GLY F 333 -0.81 30.02 42.29
CA GLY F 333 -1.22 29.19 41.19
C GLY F 333 -2.15 29.86 40.19
N VAL F 334 -3.29 30.34 40.65
CA VAL F 334 -4.26 30.95 39.76
C VAL F 334 -3.83 32.38 39.43
N PRO F 335 -3.65 32.71 38.15
CA PRO F 335 -3.36 34.10 37.79
C PRO F 335 -4.61 34.95 37.92
N VAL F 336 -4.55 35.95 38.79
CA VAL F 336 -5.73 36.75 39.09
C VAL F 336 -6.16 37.54 37.87
N GLY F 337 -5.22 38.15 37.17
CA GLY F 337 -5.56 39.07 36.11
C GLY F 337 -5.02 38.74 34.73
N LEU F 338 -5.01 37.46 34.36
CA LEU F 338 -4.56 37.09 33.02
C LEU F 338 -5.46 37.68 31.93
N PRO F 339 -6.78 37.43 31.91
CA PRO F 339 -7.59 38.03 30.84
C PRO F 339 -7.61 39.54 30.88
N ALA F 340 -7.52 40.14 32.07
CA ALA F 340 -7.54 41.60 32.16
C ALA F 340 -6.32 42.21 31.48
N VAL F 341 -5.13 41.67 31.75
CA VAL F 341 -3.93 42.21 31.15
C VAL F 341 -3.86 41.85 29.67
N VAL F 342 -4.41 40.71 29.26
CA VAL F 342 -4.48 40.41 27.83
C VAL F 342 -5.36 41.42 27.11
N THR F 343 -6.52 41.74 27.69
CA THR F 343 -7.38 42.75 27.08
C THR F 343 -6.72 44.11 27.10
N THR F 344 -5.94 44.42 28.14
CA THR F 344 -5.20 45.66 28.17
C THR F 344 -4.17 45.73 27.06
N THR F 345 -3.47 44.63 26.82
CA THR F 345 -2.51 44.59 25.71
C THR F 345 -3.21 44.79 24.38
N MET F 346 -4.35 44.13 24.19
CA MET F 346 -5.13 44.32 22.97
C MET F 346 -5.57 45.77 22.80
N ALA F 347 -6.02 46.40 23.89
CA ALA F 347 -6.53 47.76 23.80
C ALA F 347 -5.41 48.75 23.53
N VAL F 348 -4.26 48.59 24.18
CA VAL F 348 -3.14 49.47 23.91
C VAL F 348 -2.65 49.30 22.48
N GLY F 349 -2.63 48.06 22.00
CA GLY F 349 -2.26 47.83 20.61
C GLY F 349 -3.24 48.43 19.64
N ALA F 350 -4.53 48.35 19.94
CA ALA F 350 -5.55 48.95 19.08
C ALA F 350 -5.41 50.47 19.05
N ALA F 351 -5.11 51.07 20.21
CA ALA F 351 -4.86 52.50 20.24
C ALA F 351 -3.65 52.87 19.40
N TYR F 352 -2.58 52.09 19.51
CA TYR F 352 -1.39 52.37 18.71
C TYR F 352 -1.69 52.23 17.22
N LEU F 353 -2.50 51.24 16.86
CA LEU F 353 -2.90 51.05 15.47
C LEU F 353 -3.72 52.24 14.97
N ALA F 354 -4.69 52.67 15.77
CA ALA F 354 -5.50 53.82 15.38
C ALA F 354 -4.65 55.08 15.27
N LYS F 355 -3.56 55.16 16.02
CA LYS F 355 -2.60 56.23 15.81
C LYS F 355 -1.97 56.13 14.43
N LYS F 356 -1.75 54.92 13.94
CA LYS F 356 -1.19 54.67 12.61
C LYS F 356 -2.26 54.72 11.51
N LYS F 357 -3.42 55.30 11.80
CA LYS F 357 -4.53 55.40 10.84
C LYS F 357 -5.04 54.02 10.45
N ALA F 358 -5.42 53.25 11.47
CA ALA F 358 -6.04 51.94 11.25
C ALA F 358 -6.95 51.66 12.45
N ILE F 359 -8.22 51.96 12.31
CA ILE F 359 -9.18 51.82 13.40
C ILE F 359 -9.79 50.43 13.35
N VAL F 360 -9.82 49.76 14.50
CA VAL F 360 -10.24 48.37 14.60
C VAL F 360 -11.67 48.33 15.11
N GLN F 361 -12.53 47.58 14.42
CA GLN F 361 -13.94 47.54 14.80
C GLN F 361 -14.13 46.76 16.09
N LYS F 362 -13.76 45.49 16.09
CA LYS F 362 -13.82 44.65 17.28
C LYS F 362 -12.40 44.32 17.71
N LEU F 363 -12.17 44.31 19.04
CA LEU F 363 -10.82 44.11 19.55
C LEU F 363 -10.22 42.79 19.11
N SER F 364 -11.05 41.82 18.72
CA SER F 364 -10.54 40.53 18.26
C SER F 364 -9.94 40.59 16.86
N ALA F 365 -10.10 41.70 16.14
CA ALA F 365 -9.56 41.78 14.79
C ALA F 365 -8.04 41.90 14.79
N ILE F 366 -7.44 42.22 15.93
CA ILE F 366 -5.98 42.30 16.00
C ILE F 366 -5.38 40.93 15.74
N GLU F 367 -5.88 39.91 16.44
CA GLU F 367 -5.37 38.55 16.26
C GLU F 367 -5.67 38.04 14.85
N SER F 368 -6.86 38.33 14.33
CA SER F 368 -7.20 37.91 12.98
C SER F 368 -6.24 38.51 11.96
N LEU F 369 -5.95 39.80 12.08
CA LEU F 369 -5.01 40.42 11.16
C LEU F 369 -3.62 39.83 11.33
N ALA F 370 -3.22 39.54 12.57
CA ALA F 370 -1.92 38.91 12.79
C ALA F 370 -1.84 37.54 12.13
N GLY F 371 -2.98 36.86 12.01
CA GLY F 371 -2.98 35.50 11.49
C GLY F 371 -3.18 35.34 10.00
N VAL F 372 -3.48 36.40 9.26
CA VAL F 372 -3.81 36.25 7.85
C VAL F 372 -2.60 35.78 7.06
N GLU F 373 -2.84 34.88 6.11
CA GLU F 373 -1.81 34.39 5.21
C GLU F 373 -1.96 34.88 3.78
N ILE F 374 -3.18 35.15 3.35
CA ILE F 374 -3.45 35.63 2.00
C ILE F 374 -4.22 36.94 2.10
N LEU F 375 -3.75 37.96 1.40
CA LEU F 375 -4.39 39.27 1.37
C LEU F 375 -4.88 39.51 -0.05
N CYS F 376 -6.19 39.40 -0.25
CA CYS F 376 -6.81 39.60 -1.55
C CYS F 376 -7.26 41.06 -1.64
N SER F 377 -6.48 41.87 -2.33
CA SER F 377 -6.69 43.31 -2.39
C SER F 377 -7.06 43.74 -3.80
N ASP F 378 -8.08 44.59 -3.91
CA ASP F 378 -8.44 45.18 -5.19
C ASP F 378 -7.32 46.09 -5.68
N LYS F 379 -7.04 46.03 -6.98
CA LYS F 379 -5.94 46.79 -7.54
C LYS F 379 -6.19 48.29 -7.43
N THR F 380 -7.39 48.73 -7.75
CA THR F 380 -7.68 50.16 -7.82
C THR F 380 -7.91 50.70 -6.42
N GLY F 381 -7.11 51.70 -6.04
CA GLY F 381 -7.22 52.35 -4.75
C GLY F 381 -6.31 51.79 -3.68
N THR F 382 -5.80 50.57 -3.85
CA THR F 382 -4.88 49.97 -2.90
C THR F 382 -3.49 49.76 -3.50
N LEU F 383 -3.41 49.05 -4.62
CA LEU F 383 -2.13 48.84 -5.30
C LEU F 383 -1.80 49.95 -6.28
N THR F 384 -2.71 50.88 -6.51
CA THR F 384 -2.50 51.96 -7.46
C THR F 384 -3.36 53.15 -7.07
N LYS F 385 -2.96 54.32 -7.56
CA LYS F 385 -3.65 55.55 -7.21
C LYS F 385 -4.96 55.68 -8.00
N ASN F 386 -5.85 56.54 -7.50
CA ASN F 386 -7.14 56.72 -8.14
C ASN F 386 -7.14 57.82 -9.19
N LYS F 387 -6.05 58.56 -9.36
CA LYS F 387 -5.99 59.58 -10.39
C LYS F 387 -5.34 59.00 -11.64
N LEU F 388 -6.00 59.20 -12.79
CA LEU F 388 -5.63 58.56 -14.04
C LEU F 388 -4.98 59.57 -14.98
N SER F 389 -3.99 59.11 -15.73
CA SER F 389 -3.32 59.91 -16.74
C SER F 389 -3.81 59.49 -18.12
N LEU F 390 -4.15 60.47 -18.95
CA LEU F 390 -4.70 60.23 -20.28
C LEU F 390 -3.63 60.52 -21.32
N HIS F 391 -3.40 59.57 -22.22
CA HIS F 391 -2.31 59.65 -23.19
C HIS F 391 -2.85 59.45 -24.60
N ASP F 392 -3.07 60.55 -25.32
CA ASP F 392 -3.35 60.53 -26.77
C ASP F 392 -4.49 59.59 -27.13
N PRO F 393 -5.75 59.98 -26.88
CA PRO F 393 -6.88 59.13 -27.25
C PRO F 393 -6.76 58.56 -28.67
N TYR F 394 -7.11 57.29 -28.80
CA TYR F 394 -7.02 56.57 -30.07
C TYR F 394 -8.19 56.99 -30.96
N THR F 395 -8.02 58.11 -31.64
CA THR F 395 -9.03 58.65 -32.53
C THR F 395 -8.90 58.11 -33.95
N VAL F 396 -8.22 56.99 -34.12
CA VAL F 396 -8.08 56.34 -35.43
C VAL F 396 -9.29 55.42 -35.58
N ALA F 397 -10.28 55.87 -36.35
CA ALA F 397 -11.54 55.17 -36.50
C ALA F 397 -12.09 55.47 -37.89
N GLY F 398 -13.39 55.24 -38.07
CA GLY F 398 -14.04 55.54 -39.32
C GLY F 398 -14.35 57.03 -39.47
N VAL F 399 -15.58 57.35 -39.85
CA VAL F 399 -15.97 58.73 -40.11
C VAL F 399 -15.77 59.61 -38.88
N ASP F 400 -15.90 59.05 -37.68
CA ASP F 400 -15.85 59.82 -36.44
C ASP F 400 -14.42 60.27 -36.14
N PRO F 401 -14.10 61.55 -36.36
CA PRO F 401 -12.70 61.99 -36.22
C PRO F 401 -12.26 62.26 -34.79
N GLU F 402 -13.13 62.89 -33.99
CA GLU F 402 -12.75 63.35 -32.67
C GLU F 402 -13.87 63.17 -31.64
N ASP F 403 -14.93 62.43 -31.98
CA ASP F 403 -16.10 62.37 -31.11
C ASP F 403 -15.85 61.62 -29.81
N LEU F 404 -14.68 61.00 -29.65
CA LEU F 404 -14.38 60.28 -28.42
C LEU F 404 -14.52 61.17 -27.20
N MET F 405 -13.85 62.32 -27.20
CA MET F 405 -13.87 63.20 -26.04
C MET F 405 -15.29 63.68 -25.75
N LEU F 406 -15.98 64.16 -26.78
CA LEU F 406 -17.31 64.72 -26.59
C LEU F 406 -18.28 63.69 -26.05
N THR F 407 -18.32 62.51 -26.67
CA THR F 407 -19.30 61.51 -26.26
C THR F 407 -18.93 60.90 -24.92
N ALA F 408 -17.63 60.74 -24.63
CA ALA F 408 -17.23 60.20 -23.35
C ALA F 408 -17.55 61.16 -22.21
N CYS F 409 -17.25 62.45 -22.39
CA CYS F 409 -17.61 63.43 -21.39
C CYS F 409 -19.12 63.64 -21.31
N LEU F 410 -19.85 63.24 -22.35
CA LEU F 410 -21.30 63.30 -22.30
C LEU F 410 -21.87 62.41 -21.20
N ALA F 411 -21.17 61.31 -20.89
CA ALA F 411 -21.60 60.36 -19.88
C ALA F 411 -21.07 60.69 -18.49
N ALA F 412 -20.82 61.96 -18.21
CA ALA F 412 -20.30 62.37 -16.91
C ALA F 412 -21.44 62.75 -15.98
N SER F 413 -21.43 62.17 -14.77
CA SER F 413 -22.44 62.53 -13.78
C SER F 413 -22.27 63.97 -13.31
N ARG F 414 -21.03 64.46 -13.26
CA ARG F 414 -20.73 65.87 -13.02
C ARG F 414 -21.27 66.37 -11.69
N LYS F 415 -21.38 65.49 -10.69
CA LYS F 415 -21.81 65.95 -9.37
C LYS F 415 -20.68 66.66 -8.64
N LYS F 416 -19.45 66.17 -8.80
CA LYS F 416 -18.25 66.67 -8.13
C LYS F 416 -18.33 66.53 -6.61
N LYS F 417 -19.27 65.74 -6.10
CA LYS F 417 -19.31 65.37 -4.70
C LYS F 417 -19.58 63.88 -4.48
N GLY F 418 -19.89 63.14 -5.53
CA GLY F 418 -20.09 61.70 -5.42
C GLY F 418 -19.57 60.96 -6.63
N ILE F 419 -18.86 61.67 -7.50
CA ILE F 419 -18.32 61.05 -8.71
C ILE F 419 -17.15 60.15 -8.33
N ASP F 420 -16.93 59.12 -9.14
CA ASP F 420 -15.88 58.14 -8.87
C ASP F 420 -14.55 58.63 -9.43
N ALA F 421 -13.53 57.78 -9.38
CA ALA F 421 -12.21 58.15 -9.88
C ALA F 421 -12.19 58.27 -11.40
N ILE F 422 -12.97 57.43 -12.10
CA ILE F 422 -12.97 57.45 -13.55
C ILE F 422 -13.49 58.79 -14.08
N ASP F 423 -14.56 59.30 -13.47
CA ASP F 423 -15.22 60.49 -13.99
C ASP F 423 -14.30 61.71 -13.98
N LYS F 424 -13.46 61.83 -12.94
CA LYS F 424 -12.66 63.04 -12.77
C LYS F 424 -11.69 63.24 -13.92
N ALA F 425 -11.00 62.16 -14.35
CA ALA F 425 -9.94 62.30 -15.34
C ALA F 425 -10.46 62.86 -16.66
N PHE F 426 -11.70 62.54 -17.03
CA PHE F 426 -12.28 63.09 -18.24
C PHE F 426 -12.40 64.60 -18.16
N LEU F 427 -12.84 65.11 -17.01
CA LEU F 427 -13.00 66.55 -16.86
C LEU F 427 -11.64 67.25 -16.75
N LYS F 428 -10.71 66.67 -15.99
CA LYS F 428 -9.40 67.30 -15.85
C LYS F 428 -8.65 67.34 -17.16
N SER F 429 -8.90 66.39 -18.06
CA SER F 429 -8.26 66.34 -19.36
C SER F 429 -9.20 66.80 -20.48
N LEU F 430 -10.02 67.81 -20.21
CA LEU F 430 -10.90 68.40 -21.21
C LEU F 430 -10.31 69.66 -21.83
N LYS F 431 -8.98 69.73 -21.95
CA LYS F 431 -8.31 70.86 -22.59
C LYS F 431 -8.40 70.74 -24.11
N TYR F 432 -9.64 70.74 -24.61
CA TYR F 432 -9.92 70.61 -26.02
C TYR F 432 -10.56 71.90 -26.52
N TYR F 433 -10.05 72.41 -27.63
CA TYR F 433 -10.44 73.73 -28.12
C TYR F 433 -11.76 73.78 -28.89
N PRO F 434 -12.03 72.86 -29.86
CA PRO F 434 -13.15 73.09 -30.78
C PRO F 434 -14.53 73.15 -30.14
N ARG F 435 -14.88 72.17 -29.32
CA ARG F 435 -16.25 72.08 -28.83
C ARG F 435 -16.38 71.71 -27.36
N ALA F 436 -15.29 71.64 -26.60
CA ALA F 436 -15.40 71.22 -25.20
C ALA F 436 -16.25 72.18 -24.39
N LYS F 437 -16.30 73.45 -24.78
CA LYS F 437 -17.18 74.39 -24.10
C LYS F 437 -18.63 74.16 -24.50
N SER F 438 -18.89 73.90 -25.78
CA SER F 438 -20.24 73.72 -26.28
C SER F 438 -20.78 72.31 -26.07
N VAL F 439 -19.93 71.36 -25.69
CA VAL F 439 -20.38 69.98 -25.55
C VAL F 439 -21.12 69.74 -24.24
N LEU F 440 -20.90 70.58 -23.22
CA LEU F 440 -21.54 70.41 -21.92
C LEU F 440 -22.81 71.24 -21.78
N SER F 441 -23.24 71.89 -22.86
CA SER F 441 -24.41 72.76 -22.83
C SER F 441 -25.56 72.10 -23.57
N LYS F 442 -26.74 72.12 -22.96
CA LYS F 442 -28.02 71.69 -23.52
C LYS F 442 -28.09 70.17 -23.71
N TYR F 443 -27.02 69.43 -23.47
CA TYR F 443 -27.05 67.97 -23.57
C TYR F 443 -27.75 67.41 -22.31
N LYS F 444 -29.04 67.70 -22.23
CA LYS F 444 -29.82 67.29 -21.05
C LYS F 444 -29.92 65.78 -20.99
N VAL F 445 -29.64 65.23 -19.82
CA VAL F 445 -29.65 63.78 -19.62
C VAL F 445 -31.08 63.31 -19.40
N LEU F 446 -31.47 62.27 -20.14
CA LEU F 446 -32.78 61.65 -19.98
C LEU F 446 -32.69 60.38 -19.13
N GLN F 447 -31.87 59.43 -19.56
CA GLN F 447 -31.60 58.22 -18.81
C GLN F 447 -30.11 58.07 -18.60
N PHE F 448 -29.71 57.66 -17.41
CA PHE F 448 -28.29 57.50 -17.05
C PHE F 448 -28.15 56.21 -16.25
N HIS F 449 -27.89 55.11 -16.94
CA HIS F 449 -27.63 53.85 -16.25
C HIS F 449 -26.27 53.91 -15.58
N PRO F 450 -26.19 53.72 -14.27
CA PRO F 450 -24.89 53.78 -13.59
C PRO F 450 -24.00 52.60 -13.98
N PHE F 451 -22.70 52.78 -13.72
CA PHE F 451 -21.72 51.74 -13.99
C PHE F 451 -22.05 50.46 -13.22
N ASP F 452 -22.41 49.40 -13.94
CA ASP F 452 -22.78 48.14 -13.32
C ASP F 452 -21.59 47.20 -13.32
N PRO F 453 -21.15 46.71 -12.17
CA PRO F 453 -19.97 45.84 -12.15
C PRO F 453 -20.12 44.56 -12.96
N VAL F 454 -21.33 43.99 -13.01
CA VAL F 454 -21.55 42.79 -13.80
C VAL F 454 -21.46 43.09 -15.29
N SER F 455 -21.62 44.35 -15.68
CA SER F 455 -21.56 44.75 -17.09
C SER F 455 -20.29 45.52 -17.45
N LYS F 456 -19.62 46.14 -16.49
CA LYS F 456 -18.46 46.99 -16.74
C LYS F 456 -18.77 48.01 -17.83
N LYS F 457 -19.89 48.71 -17.66
CA LYS F 457 -20.45 49.49 -18.75
C LYS F 457 -21.43 50.51 -18.19
N VAL F 458 -21.19 51.79 -18.50
CA VAL F 458 -22.11 52.87 -18.16
C VAL F 458 -22.82 53.31 -19.43
N VAL F 459 -24.14 53.41 -19.36
CA VAL F 459 -24.97 53.77 -20.51
C VAL F 459 -25.80 54.98 -20.14
N ALA F 460 -25.77 56.01 -20.98
CA ALA F 460 -26.51 57.24 -20.75
C ALA F 460 -27.29 57.61 -22.00
N VAL F 461 -28.51 58.12 -21.79
CA VAL F 461 -29.35 58.62 -22.89
C VAL F 461 -29.63 60.09 -22.62
N VAL F 462 -29.25 60.94 -23.56
CA VAL F 462 -29.34 62.39 -23.39
C VAL F 462 -29.97 62.99 -24.65
N GLU F 463 -30.30 64.27 -24.54
CA GLU F 463 -30.84 65.04 -25.65
C GLU F 463 -29.73 65.87 -26.31
N SER F 464 -30.00 66.31 -27.53
CA SER F 464 -29.06 67.11 -28.31
C SER F 464 -29.81 68.24 -29.00
N PRO F 465 -29.11 69.35 -29.32
CA PRO F 465 -29.77 70.42 -30.06
C PRO F 465 -30.30 69.98 -31.40
N GLN F 466 -29.63 69.02 -32.05
CA GLN F 466 -30.15 68.42 -33.28
C GLN F 466 -31.40 67.60 -33.05
N GLY F 467 -31.74 67.30 -31.79
CA GLY F 467 -32.96 66.60 -31.45
C GLY F 467 -32.82 65.10 -31.31
N GLU F 468 -31.67 64.53 -31.64
CA GLU F 468 -31.49 63.09 -31.55
C GLU F 468 -31.32 62.65 -30.10
N ARG F 469 -31.49 61.35 -29.88
CA ARG F 469 -31.29 60.73 -28.57
C ARG F 469 -29.96 59.98 -28.61
N ILE F 470 -28.88 60.69 -28.30
CA ILE F 470 -27.53 60.12 -28.34
C ILE F 470 -27.38 59.24 -27.10
N THR F 471 -27.48 57.93 -27.29
CA THR F 471 -27.34 56.97 -26.18
C THR F 471 -25.88 56.56 -26.08
N CYS F 472 -25.12 57.32 -25.29
CA CYS F 472 -23.71 57.00 -25.10
C CYS F 472 -23.54 55.73 -24.27
N VAL F 473 -22.53 54.95 -24.61
CA VAL F 473 -22.15 53.77 -23.86
C VAL F 473 -20.64 53.76 -23.69
N LYS F 474 -20.18 53.47 -22.48
CA LYS F 474 -18.76 53.53 -22.15
C LYS F 474 -18.46 52.42 -21.15
N GLY F 475 -17.40 51.66 -21.42
CA GLY F 475 -17.02 50.57 -20.53
C GLY F 475 -15.73 49.88 -20.93
N ALA F 476 -15.63 48.59 -20.61
CA ALA F 476 -14.47 47.83 -21.03
C ALA F 476 -14.41 47.77 -22.55
N PRO F 477 -13.22 47.84 -23.15
CA PRO F 477 -13.14 47.93 -24.62
C PRO F 477 -13.80 46.78 -25.35
N LEU F 478 -13.71 45.56 -24.80
CA LEU F 478 -14.36 44.42 -25.45
C LEU F 478 -15.87 44.47 -25.28
N PHE F 479 -16.34 44.95 -24.13
CA PHE F 479 -17.78 44.96 -23.87
C PHE F 479 -18.52 45.96 -24.75
N VAL F 480 -17.87 47.08 -25.09
CA VAL F 480 -18.50 48.01 -26.02
C VAL F 480 -18.71 47.36 -27.38
N LEU F 481 -17.71 46.60 -27.85
CA LEU F 481 -17.89 45.87 -29.10
C LEU F 481 -18.97 44.81 -28.98
N LYS F 482 -19.02 44.12 -27.83
CA LYS F 482 -20.12 43.18 -27.60
C LYS F 482 -21.47 43.89 -27.64
N THR F 483 -21.50 45.17 -27.30
CA THR F 483 -22.73 45.95 -27.40
C THR F 483 -23.03 46.33 -28.85
N VAL F 484 -21.99 46.67 -29.63
CA VAL F 484 -22.17 47.17 -30.98
C VAL F 484 -22.10 46.04 -32.02
N GLU F 485 -22.15 44.79 -31.58
CA GLU F 485 -22.07 43.67 -32.52
C GLU F 485 -23.35 43.50 -33.34
N GLU F 486 -24.43 44.19 -32.97
CA GLU F 486 -25.69 44.02 -33.69
C GLU F 486 -25.68 44.80 -35.01
N ASP F 487 -25.52 46.11 -34.93
CA ASP F 487 -25.45 46.96 -36.12
C ASP F 487 -24.00 47.18 -36.50
N HIS F 488 -23.72 47.10 -37.81
CA HIS F 488 -22.36 47.13 -38.33
C HIS F 488 -21.59 45.98 -37.69
N PRO F 489 -21.96 44.72 -37.97
CA PRO F 489 -21.50 43.60 -37.16
C PRO F 489 -20.11 43.15 -37.53
N ILE F 490 -19.15 43.44 -36.65
CA ILE F 490 -17.78 42.91 -36.68
C ILE F 490 -17.18 42.92 -38.08
N PRO F 491 -16.88 44.08 -38.67
CA PRO F 491 -16.07 44.09 -39.89
C PRO F 491 -14.62 43.73 -39.58
N GLU F 492 -14.04 42.90 -40.44
CA GLU F 492 -12.69 42.40 -40.20
C GLU F 492 -11.66 43.52 -40.25
N GLU F 493 -11.93 44.58 -41.02
CA GLU F 493 -10.97 45.67 -41.13
C GLU F 493 -10.82 46.42 -39.81
N VAL F 494 -11.91 46.64 -39.10
CA VAL F 494 -11.89 47.46 -37.88
C VAL F 494 -11.75 46.61 -36.62
N ASP F 495 -12.36 45.42 -36.60
CA ASP F 495 -12.31 44.59 -35.40
C ASP F 495 -10.89 44.13 -35.09
N GLN F 496 -10.15 43.70 -36.12
CA GLN F 496 -8.78 43.24 -35.91
C GLN F 496 -7.90 44.39 -35.42
N ALA F 497 -8.05 45.58 -36.02
CA ALA F 497 -7.28 46.74 -35.57
C ALA F 497 -7.64 47.12 -34.14
N TYR F 498 -8.93 47.05 -33.80
CA TYR F 498 -9.37 47.39 -32.45
C TYR F 498 -8.77 46.44 -31.42
N LYS F 499 -8.84 45.13 -31.69
CA LYS F 499 -8.26 44.16 -30.77
C LYS F 499 -6.75 44.31 -30.67
N ASN F 500 -6.08 44.56 -31.80
CA ASN F 500 -4.64 44.75 -31.77
C ASN F 500 -4.27 45.98 -30.95
N LYS F 501 -5.04 47.07 -31.09
CA LYS F 501 -4.73 48.28 -30.35
C LYS F 501 -5.00 48.12 -28.85
N VAL F 502 -6.07 47.43 -28.49
CA VAL F 502 -6.33 47.23 -27.07
C VAL F 502 -5.27 46.33 -26.46
N ALA F 503 -4.81 45.32 -27.21
CA ALA F 503 -3.70 44.49 -26.72
C ALA F 503 -2.42 45.31 -26.59
N GLU F 504 -2.16 46.20 -27.55
CA GLU F 504 -0.97 47.03 -27.49
C GLU F 504 -0.99 47.94 -26.27
N PHE F 505 -2.14 48.58 -26.00
CA PHE F 505 -2.23 49.43 -24.83
C PHE F 505 -2.23 48.64 -23.54
N ALA F 506 -2.67 47.37 -23.59
CA ALA F 506 -2.45 46.50 -22.44
C ALA F 506 -0.96 46.28 -22.22
N THR F 507 -0.20 46.07 -23.30
CA THR F 507 1.24 45.90 -23.18
C THR F 507 1.90 47.16 -22.63
N ARG F 508 1.32 48.33 -22.90
CA ARG F 508 1.84 49.59 -22.42
C ARG F 508 1.30 49.96 -21.04
N GLY F 509 0.59 49.05 -20.39
CA GLY F 509 0.05 49.31 -19.06
C GLY F 509 -0.99 50.41 -19.03
N PHE F 510 -1.92 50.42 -19.98
CA PHE F 510 -2.91 51.47 -20.10
C PHE F 510 -4.31 50.88 -19.93
N ARG F 511 -5.07 51.44 -18.99
CA ARG F 511 -6.48 51.13 -18.92
C ARG F 511 -7.21 51.78 -20.08
N SER F 512 -8.02 51.00 -20.79
CA SER F 512 -8.67 51.48 -22.00
C SER F 512 -10.19 51.49 -21.81
N LEU F 513 -10.84 52.46 -22.44
CA LEU F 513 -12.28 52.62 -22.40
C LEU F 513 -12.80 52.78 -23.81
N GLY F 514 -13.83 52.01 -24.16
CA GLY F 514 -14.45 52.09 -25.47
C GLY F 514 -15.77 52.85 -25.40
N VAL F 515 -16.11 53.51 -26.50
CA VAL F 515 -17.32 54.32 -26.59
C VAL F 515 -18.03 54.01 -27.91
N ALA F 516 -19.36 53.85 -27.84
CA ALA F 516 -20.18 53.70 -29.03
C ALA F 516 -21.35 54.67 -28.94
N ARG F 517 -21.81 55.14 -30.08
CA ARG F 517 -22.78 56.23 -30.15
C ARG F 517 -23.99 55.81 -30.97
N LYS F 518 -25.12 56.46 -30.69
CA LYS F 518 -26.40 56.18 -31.35
C LYS F 518 -26.99 57.51 -31.83
N ARG F 519 -26.75 57.85 -33.10
CA ARG F 519 -27.37 59.05 -33.66
C ARG F 519 -28.84 58.80 -33.93
N GLY F 520 -29.14 57.88 -34.83
CA GLY F 520 -30.50 57.58 -35.23
C GLY F 520 -31.02 56.31 -34.56
N GLU F 521 -31.96 55.66 -35.25
CA GLU F 521 -32.52 54.41 -34.76
C GLU F 521 -31.84 53.17 -35.36
N GLY F 522 -30.95 53.35 -36.33
CA GLY F 522 -30.27 52.23 -36.95
C GLY F 522 -28.81 52.48 -37.24
N SER F 523 -28.16 53.32 -36.44
CA SER F 523 -26.76 53.67 -36.63
C SER F 523 -25.98 53.30 -35.38
N TRP F 524 -24.87 52.57 -35.57
CA TRP F 524 -24.01 52.18 -34.46
C TRP F 524 -22.57 52.18 -34.98
N GLU F 525 -21.89 53.30 -34.79
CA GLU F 525 -20.47 53.38 -35.11
C GLU F 525 -19.62 53.08 -33.89
N ILE F 526 -18.40 52.62 -34.13
CA ILE F 526 -17.43 52.35 -33.08
C ILE F 526 -16.44 53.50 -33.06
N LEU F 527 -16.31 54.17 -31.92
CA LEU F 527 -15.54 55.40 -31.85
C LEU F 527 -14.06 55.15 -31.57
N GLY F 528 -13.74 54.34 -30.58
CA GLY F 528 -12.36 54.00 -30.30
C GLY F 528 -12.14 53.76 -28.82
N ILE F 529 -10.86 53.58 -28.46
CA ILE F 529 -10.45 53.30 -27.10
C ILE F 529 -9.76 54.52 -26.52
N MET F 530 -9.89 54.69 -25.20
CA MET F 530 -9.29 55.80 -24.48
C MET F 530 -8.21 55.28 -23.54
N PRO F 531 -6.93 55.54 -23.81
CA PRO F 531 -5.85 54.96 -22.99
C PRO F 531 -5.55 55.72 -21.70
N CYS F 532 -6.35 55.42 -20.67
CA CYS F 532 -6.08 55.96 -19.34
C CYS F 532 -5.00 55.14 -18.66
N MET F 533 -4.38 55.73 -17.63
CA MET F 533 -3.33 55.04 -16.89
C MET F 533 -3.29 55.58 -15.46
N ASP F 534 -3.35 54.66 -14.51
CA ASP F 534 -3.18 55.00 -13.09
C ASP F 534 -1.93 54.33 -12.53
N PRO F 535 -0.85 55.08 -12.30
CA PRO F 535 0.41 54.44 -11.91
C PRO F 535 0.31 53.89 -10.50
N PRO F 536 1.09 52.86 -10.18
CA PRO F 536 1.10 52.34 -8.81
C PRO F 536 1.68 53.36 -7.85
N ARG F 537 1.25 53.27 -6.59
CA ARG F 537 1.76 54.17 -5.57
C ARG F 537 3.26 53.96 -5.39
N HIS F 538 3.97 55.06 -5.10
CA HIS F 538 5.42 55.02 -5.11
C HIS F 538 5.99 54.07 -4.06
N ASP F 539 5.21 53.69 -3.06
CA ASP F 539 5.65 52.75 -2.04
C ASP F 539 5.12 51.34 -2.27
N THR F 540 4.40 51.10 -3.36
CA THR F 540 3.72 49.82 -3.54
C THR F 540 4.70 48.70 -3.87
N TYR F 541 5.69 48.96 -4.72
CA TYR F 541 6.59 47.89 -5.14
C TYR F 541 7.38 47.34 -3.97
N LYS F 542 7.99 48.21 -3.18
CA LYS F 542 8.76 47.74 -2.03
C LYS F 542 7.87 47.17 -0.95
N THR F 543 6.62 47.65 -0.85
CA THR F 543 5.67 47.06 0.09
C THR F 543 5.35 45.63 -0.30
N VAL F 544 5.15 45.38 -1.59
CA VAL F 544 4.88 44.02 -2.04
C VAL F 544 6.12 43.15 -1.87
N CYS F 545 7.31 43.72 -2.10
CA CYS F 545 8.53 42.94 -1.87
C CYS F 545 8.67 42.53 -0.41
N GLU F 546 8.39 43.45 0.52
CA GLU F 546 8.53 43.12 1.93
C GLU F 546 7.38 42.23 2.41
N ALA F 547 6.22 42.29 1.75
CA ALA F 547 5.12 41.42 2.13
C ALA F 547 5.41 39.96 1.87
N LYS F 548 6.35 39.66 0.98
CA LYS F 548 6.74 38.27 0.76
C LYS F 548 7.63 37.76 1.87
N THR F 549 8.39 38.65 2.52
CA THR F 549 9.17 38.26 3.68
C THR F 549 8.32 38.10 4.93
N LEU F 550 7.12 38.66 4.93
CA LEU F 550 6.21 38.56 6.06
C LEU F 550 5.32 37.33 6.01
N GLY F 551 5.49 36.48 5.00
CA GLY F 551 4.69 35.28 4.88
C GLY F 551 3.39 35.45 4.14
N LEU F 552 3.01 36.68 3.79
CA LEU F 552 1.79 36.90 3.04
C LEU F 552 1.95 36.47 1.58
N SER F 553 0.82 36.39 0.90
CA SER F 553 0.79 36.16 -0.55
C SER F 553 -0.35 37.02 -1.09
N ILE F 554 0.01 38.11 -1.74
CA ILE F 554 -0.97 39.09 -2.20
C ILE F 554 -1.62 38.60 -3.48
N LYS F 555 -2.95 38.60 -3.50
CA LYS F 555 -3.73 38.22 -4.67
C LYS F 555 -4.50 39.44 -5.14
N MET F 556 -4.09 39.99 -6.27
CA MET F 556 -4.78 41.16 -6.81
C MET F 556 -6.13 40.77 -7.39
N LEU F 557 -7.08 41.69 -7.31
CA LEU F 557 -8.41 41.50 -7.90
C LEU F 557 -8.73 42.71 -8.76
N THR F 558 -8.77 42.50 -10.08
CA THR F 558 -9.04 43.56 -11.04
C THR F 558 -10.32 43.28 -11.80
N GLY F 559 -11.12 44.32 -12.00
CA GLY F 559 -12.20 44.21 -12.95
C GLY F 559 -11.76 44.37 -14.38
N ASP F 560 -10.49 44.61 -14.61
CA ASP F 560 -9.93 44.81 -15.93
C ASP F 560 -9.83 43.47 -16.67
N ALA F 561 -9.42 43.53 -17.93
CA ALA F 561 -9.17 42.31 -18.66
C ALA F 561 -7.87 41.68 -18.19
N VAL F 562 -7.59 40.48 -18.69
CA VAL F 562 -6.44 39.72 -18.22
C VAL F 562 -5.13 40.41 -18.60
N GLY F 563 -5.09 41.02 -19.79
CA GLY F 563 -3.84 41.62 -20.24
C GLY F 563 -3.38 42.78 -19.37
N ILE F 564 -4.31 43.68 -19.04
CA ILE F 564 -3.97 44.81 -18.17
C ILE F 564 -3.54 44.33 -16.80
N ALA F 565 -4.26 43.35 -16.25
CA ALA F 565 -3.91 42.81 -14.95
C ALA F 565 -2.52 42.18 -14.97
N ARG F 566 -2.20 41.43 -16.04
CA ARG F 566 -0.90 40.79 -16.13
C ARG F 566 0.21 41.82 -16.26
N GLU F 567 -0.02 42.88 -17.02
CA GLU F 567 1.01 43.92 -17.14
C GLU F 567 1.20 44.66 -15.82
N THR F 568 0.11 44.89 -15.08
CA THR F 568 0.23 45.49 -13.75
C THR F 568 1.00 44.58 -12.81
N SER F 569 0.75 43.27 -12.89
CA SER F 569 1.50 42.33 -12.07
C SER F 569 2.98 42.36 -12.40
N ARG F 570 3.32 42.45 -13.69
CA ARG F 570 4.72 42.58 -14.08
C ARG F 570 5.33 43.87 -13.55
N GLN F 571 4.57 44.96 -13.60
CA GLN F 571 5.07 46.24 -13.08
C GLN F 571 5.32 46.16 -11.58
N LEU F 572 4.42 45.54 -10.83
CA LEU F 572 4.49 45.51 -9.39
C LEU F 572 5.36 44.39 -8.84
N GLY F 573 5.91 43.55 -9.70
CA GLY F 573 6.63 42.37 -9.22
C GLY F 573 5.75 41.41 -8.47
N LEU F 574 4.48 41.31 -8.85
CA LEU F 574 3.50 40.48 -8.16
C LEU F 574 3.41 39.08 -8.73
N GLY F 575 4.17 38.78 -9.79
CA GLY F 575 4.06 37.49 -10.45
C GLY F 575 2.92 37.46 -11.42
N THR F 576 3.06 36.75 -12.53
CA THR F 576 2.09 36.78 -13.62
C THR F 576 1.43 35.41 -13.74
N ASN F 577 0.42 35.19 -12.90
CA ASN F 577 -0.52 34.08 -13.05
C ASN F 577 -1.90 34.68 -12.82
N ILE F 578 -2.49 35.24 -13.87
CA ILE F 578 -3.77 35.92 -13.79
C ILE F 578 -4.79 35.10 -14.59
N TYR F 579 -5.88 34.73 -13.94
CA TYR F 579 -6.93 33.93 -14.55
C TYR F 579 -8.22 34.73 -14.55
N ASN F 580 -8.93 34.70 -15.67
CA ASN F 580 -10.25 35.32 -15.73
C ASN F 580 -11.18 34.59 -14.77
N ALA F 581 -11.90 35.36 -13.96
CA ALA F 581 -12.70 34.76 -12.89
C ALA F 581 -13.82 33.88 -13.46
N GLU F 582 -14.54 34.37 -14.47
CA GLU F 582 -15.65 33.61 -15.01
C GLU F 582 -15.16 32.34 -15.69
N ARG F 583 -14.09 32.43 -16.47
CA ARG F 583 -13.56 31.26 -17.16
C ARG F 583 -13.08 30.21 -16.18
N LEU F 584 -12.45 30.64 -15.09
CA LEU F 584 -11.82 29.70 -14.17
C LEU F 584 -12.83 28.77 -13.52
N GLY F 585 -13.98 29.30 -13.11
CA GLY F 585 -14.99 28.47 -12.48
C GLY F 585 -15.60 29.06 -11.24
N LEU F 586 -15.29 30.32 -10.96
CA LEU F 586 -15.89 31.00 -9.81
C LEU F 586 -17.35 31.28 -10.09
N GLY F 587 -18.24 30.40 -9.64
CA GLY F 587 -19.65 30.51 -9.96
C GLY F 587 -20.06 29.37 -10.86
N GLY F 588 -20.60 29.70 -12.04
CA GLY F 588 -20.86 28.68 -13.03
C GLY F 588 -19.58 28.24 -13.71
N GLY F 589 -19.14 27.02 -13.40
CA GLY F 589 -17.87 26.55 -13.91
C GLY F 589 -17.90 26.25 -15.39
N GLY F 590 -16.70 26.06 -15.94
CA GLY F 590 -16.55 25.74 -17.33
C GLY F 590 -16.17 24.28 -17.53
N ASP F 591 -16.78 23.42 -16.71
CA ASP F 591 -16.54 21.97 -16.68
C ASP F 591 -15.09 21.69 -16.25
N MET F 592 -14.45 22.66 -15.60
CA MET F 592 -13.14 22.41 -14.99
C MET F 592 -13.32 21.49 -13.79
N PRO F 593 -12.55 20.41 -13.68
CA PRO F 593 -12.68 19.54 -12.51
C PRO F 593 -12.54 20.32 -11.22
N GLY F 594 -13.40 20.00 -10.26
CA GLY F 594 -13.46 20.79 -9.04
C GLY F 594 -12.19 20.75 -8.22
N SER F 595 -11.50 19.61 -8.23
CA SER F 595 -10.27 19.50 -7.46
C SER F 595 -9.18 20.43 -7.96
N GLU F 596 -9.27 20.89 -9.21
CA GLU F 596 -8.24 21.72 -9.79
C GLU F 596 -8.62 23.19 -9.91
N VAL F 597 -9.92 23.52 -9.90
CA VAL F 597 -10.30 24.92 -9.82
C VAL F 597 -9.91 25.50 -8.47
N TYR F 598 -10.06 24.72 -7.41
CA TYR F 598 -9.57 25.15 -6.09
C TYR F 598 -8.06 25.33 -6.11
N ASP F 599 -7.34 24.43 -6.78
CA ASP F 599 -5.90 24.54 -6.85
C ASP F 599 -5.47 25.78 -7.63
N PHE F 600 -6.17 26.08 -8.73
CA PHE F 600 -5.87 27.28 -9.49
C PHE F 600 -6.15 28.54 -8.68
N VAL F 601 -7.26 28.56 -7.92
CA VAL F 601 -7.57 29.72 -7.10
C VAL F 601 -6.51 29.90 -6.02
N GLU F 602 -6.10 28.80 -5.37
CA GLU F 602 -5.12 28.89 -4.30
C GLU F 602 -3.78 29.43 -4.81
N ALA F 603 -3.29 28.87 -5.92
CA ALA F 603 -2.04 29.29 -6.53
C ALA F 603 -2.36 30.20 -7.71
N ALA F 604 -2.70 31.45 -7.39
CA ALA F 604 -3.06 32.42 -8.42
C ALA F 604 -2.57 33.78 -7.97
N ASP F 605 -1.82 34.46 -8.84
CA ASP F 605 -1.29 35.77 -8.51
C ASP F 605 -2.32 36.88 -8.67
N GLY F 606 -3.50 36.56 -9.21
CA GLY F 606 -4.53 37.57 -9.37
C GLY F 606 -5.75 36.97 -10.02
N PHE F 607 -6.76 37.83 -10.19
CA PHE F 607 -8.02 37.42 -10.82
C PHE F 607 -8.54 38.62 -11.60
N ALA F 608 -8.58 38.52 -12.92
CA ALA F 608 -9.03 39.59 -13.77
C ALA F 608 -10.50 39.42 -14.12
N GLU F 609 -11.15 40.54 -14.42
CA GLU F 609 -12.57 40.58 -14.76
C GLU F 609 -13.39 39.89 -13.67
N VAL F 610 -13.36 40.49 -12.48
CA VAL F 610 -14.00 39.94 -11.30
C VAL F 610 -15.27 40.70 -11.01
N PHE F 611 -16.35 39.99 -10.78
CA PHE F 611 -17.62 40.54 -10.36
C PHE F 611 -17.76 40.45 -8.85
N PRO F 612 -18.74 41.14 -8.27
CA PRO F 612 -18.90 41.09 -6.80
C PRO F 612 -19.05 39.68 -6.24
N GLN F 613 -19.78 38.79 -6.93
CA GLN F 613 -19.96 37.45 -6.40
C GLN F 613 -18.67 36.64 -6.42
N HIS F 614 -17.81 36.90 -7.39
CA HIS F 614 -16.56 36.17 -7.47
C HIS F 614 -15.68 36.44 -6.26
N LYS F 615 -15.80 37.63 -5.66
CA LYS F 615 -15.02 37.93 -4.47
C LYS F 615 -15.42 37.00 -3.32
N TYR F 616 -16.72 36.83 -3.10
CA TYR F 616 -17.18 35.91 -2.08
C TYR F 616 -16.78 34.48 -2.40
N ASN F 617 -16.88 34.09 -3.67
CA ASN F 617 -16.49 32.72 -4.02
C ASN F 617 -15.00 32.49 -3.79
N VAL F 618 -14.17 33.49 -4.09
CA VAL F 618 -12.74 33.36 -3.83
C VAL F 618 -12.47 33.22 -2.34
N VAL F 619 -13.14 34.03 -1.52
CA VAL F 619 -12.94 33.92 -0.08
C VAL F 619 -13.38 32.55 0.41
N GLU F 620 -14.53 32.07 -0.06
CA GLU F 620 -15.03 30.77 0.37
C GLU F 620 -14.09 29.64 -0.03
N ILE F 621 -13.54 29.71 -1.25
CA ILE F 621 -12.64 28.67 -1.72
C ILE F 621 -11.33 28.70 -0.94
N LEU F 622 -10.78 29.89 -0.71
CA LEU F 622 -9.48 29.99 -0.07
C LEU F 622 -9.51 29.53 1.37
N GLN F 623 -10.66 29.62 2.03
CA GLN F 623 -10.79 29.12 3.40
C GLN F 623 -10.93 27.61 3.46
N GLN F 624 -11.40 26.97 2.40
CA GLN F 624 -11.48 25.51 2.38
C GLN F 624 -10.09 24.90 2.46
N ARG F 625 -9.10 25.50 1.79
CA ARG F 625 -7.74 24.99 1.80
C ARG F 625 -7.05 25.18 3.14
N GLY F 626 -7.64 25.94 4.05
CA GLY F 626 -7.05 26.17 5.36
C GLY F 626 -6.30 27.47 5.51
N TYR F 627 -6.72 28.52 4.83
CA TYR F 627 -6.08 29.82 4.95
C TYR F 627 -6.95 30.78 5.76
N LEU F 628 -6.34 31.88 6.17
CA LEU F 628 -7.04 33.00 6.79
C LEU F 628 -6.91 34.18 5.83
N VAL F 629 -8.02 34.59 5.26
CA VAL F 629 -8.02 35.53 4.14
C VAL F 629 -8.41 36.92 4.64
N ALA F 630 -7.66 37.92 4.20
CA ALA F 630 -7.95 39.31 4.49
C ALA F 630 -8.39 39.98 3.18
N MET F 631 -9.60 40.54 3.19
CA MET F 631 -10.15 41.13 1.98
C MET F 631 -10.15 42.64 2.07
N THR F 632 -9.75 43.28 0.97
CA THR F 632 -9.78 44.74 0.85
C THR F 632 -11.12 45.10 0.24
N GLY F 633 -12.02 45.62 1.07
CA GLY F 633 -13.35 45.99 0.63
C GLY F 633 -13.51 47.49 0.49
N ASP F 634 -14.43 47.88 -0.39
CA ASP F 634 -14.74 49.29 -0.62
C ASP F 634 -16.09 49.32 -1.33
N GLY F 635 -17.06 49.98 -0.72
CA GLY F 635 -18.40 50.02 -1.26
C GLY F 635 -19.27 48.90 -0.76
N VAL F 636 -20.56 48.98 -1.12
CA VAL F 636 -21.54 48.03 -0.63
C VAL F 636 -21.51 46.72 -1.40
N ASN F 637 -20.89 46.69 -2.57
CA ASN F 637 -20.90 45.48 -3.38
C ASN F 637 -20.19 44.33 -2.67
N ASP F 638 -19.07 44.61 -2.02
CA ASP F 638 -18.24 43.58 -1.42
C ASP F 638 -18.48 43.43 0.08
N ALA F 639 -19.65 43.86 0.57
CA ALA F 639 -19.97 43.65 1.98
C ALA F 639 -20.06 42.18 2.36
N PRO F 640 -20.75 41.31 1.62
CA PRO F 640 -20.75 39.88 2.00
C PRO F 640 -19.38 39.25 1.99
N SER F 641 -18.51 39.64 1.04
CA SER F 641 -17.15 39.13 1.02
C SER F 641 -16.37 39.62 2.23
N LEU F 642 -16.59 40.88 2.63
CA LEU F 642 -15.94 41.40 3.82
C LEU F 642 -16.38 40.62 5.07
N LYS F 643 -17.67 40.30 5.15
CA LYS F 643 -18.15 39.54 6.30
C LYS F 643 -17.60 38.12 6.30
N LYS F 644 -17.55 37.48 5.12
CA LYS F 644 -17.08 36.11 5.05
C LYS F 644 -15.58 36.00 5.30
N ALA F 645 -14.81 37.01 4.91
CA ALA F 645 -13.38 36.98 5.11
C ALA F 645 -13.04 36.96 6.59
N ASP F 646 -11.92 36.32 6.92
CA ASP F 646 -11.49 36.25 8.32
C ASP F 646 -11.15 37.64 8.84
N THR F 647 -10.63 38.52 7.98
CA THR F 647 -10.29 39.88 8.35
C THR F 647 -10.70 40.81 7.21
N GLY F 648 -11.94 41.29 7.25
CA GLY F 648 -12.40 42.24 6.26
C GLY F 648 -11.79 43.60 6.49
N ILE F 649 -11.04 44.11 5.52
CA ILE F 649 -10.35 45.39 5.64
C ILE F 649 -11.09 46.40 4.76
N ALA F 650 -11.61 47.45 5.38
CA ALA F 650 -12.27 48.53 4.66
C ALA F 650 -11.21 49.58 4.30
N VAL F 651 -10.93 49.71 3.02
CA VAL F 651 -9.84 50.56 2.55
C VAL F 651 -10.32 52.02 2.51
N GLU F 652 -9.37 52.95 2.35
CA GLU F 652 -9.68 54.37 2.27
C GLU F 652 -10.80 54.65 1.27
N GLY F 653 -11.66 55.61 1.63
CA GLY F 653 -12.74 56.02 0.76
C GLY F 653 -13.90 55.05 0.67
N SER F 654 -13.98 54.09 1.59
CA SER F 654 -15.06 53.12 1.55
C SER F 654 -16.38 53.75 1.97
N SER F 655 -17.47 53.09 1.60
CA SER F 655 -18.79 53.54 2.00
C SER F 655 -19.08 53.15 3.44
N ASP F 656 -20.20 53.66 3.96
CA ASP F 656 -20.56 53.36 5.34
C ASP F 656 -20.80 51.88 5.54
N ALA F 657 -21.49 51.23 4.60
CA ALA F 657 -21.78 49.81 4.74
C ALA F 657 -20.51 48.98 4.70
N ALA F 658 -19.56 49.35 3.84
CA ALA F 658 -18.33 48.57 3.73
C ALA F 658 -17.56 48.58 5.04
N ARG F 659 -17.43 49.74 5.66
CA ARG F 659 -16.71 49.82 6.92
C ARG F 659 -17.51 49.26 8.08
N SER F 660 -18.84 49.27 7.99
CA SER F 660 -19.64 48.63 9.02
C SER F 660 -19.52 47.12 8.97
N ALA F 661 -19.36 46.55 7.77
CA ALA F 661 -19.23 45.12 7.62
C ALA F 661 -17.80 44.62 7.77
N ALA F 662 -16.82 45.52 7.85
CA ALA F 662 -15.43 45.13 7.91
C ALA F 662 -14.97 44.96 9.36
N ASP F 663 -13.74 44.48 9.51
CA ASP F 663 -13.12 44.31 10.81
C ASP F 663 -12.14 45.43 11.14
N ILE F 664 -11.40 45.93 10.15
CA ILE F 664 -10.47 47.03 10.34
C ILE F 664 -10.82 48.10 9.31
N VAL F 665 -11.00 49.33 9.78
CA VAL F 665 -11.30 50.47 8.92
C VAL F 665 -10.07 51.35 8.85
N PHE F 666 -9.60 51.62 7.65
CA PHE F 666 -8.38 52.39 7.45
C PHE F 666 -8.71 53.82 7.08
N LEU F 667 -7.91 54.75 7.61
CA LEU F 667 -8.00 56.16 7.24
C LEU F 667 -6.77 56.63 6.50
N ALA F 668 -5.99 55.71 5.95
CA ALA F 668 -4.86 56.02 5.09
C ALA F 668 -4.90 55.10 3.88
N PRO F 669 -4.54 55.61 2.71
CA PRO F 669 -4.60 54.79 1.49
C PRO F 669 -3.32 53.99 1.28
N GLY F 670 -3.42 53.02 0.37
CA GLY F 670 -2.28 52.25 -0.06
C GLY F 670 -2.11 50.95 0.70
N LEU F 671 -1.27 50.08 0.14
CA LEU F 671 -0.91 48.82 0.77
C LEU F 671 0.12 49.00 1.87
N GLY F 672 0.85 50.12 1.87
CA GLY F 672 1.82 50.35 2.93
C GLY F 672 1.17 50.42 4.30
N ALA F 673 0.02 51.12 4.39
CA ALA F 673 -0.69 51.20 5.65
C ALA F 673 -1.16 49.82 6.10
N ILE F 674 -1.66 49.00 5.17
CA ILE F 674 -2.13 47.67 5.51
C ILE F 674 -0.98 46.82 6.04
N ILE F 675 0.17 46.89 5.38
CA ILE F 675 1.31 46.07 5.81
C ILE F 675 1.86 46.56 7.14
N ASP F 676 1.90 47.88 7.35
CA ASP F 676 2.34 48.39 8.65
C ASP F 676 1.39 47.95 9.76
N ALA F 677 0.08 47.98 9.50
CA ALA F 677 -0.88 47.49 10.48
C ALA F 677 -0.71 46.00 10.73
N LEU F 678 -0.39 45.23 9.69
CA LEU F 678 -0.11 43.81 9.85
C LEU F 678 1.08 43.59 10.78
N LYS F 679 2.17 44.33 10.55
CA LYS F 679 3.34 44.19 11.41
C LYS F 679 3.03 44.58 12.84
N THR F 680 2.26 45.66 13.03
CA THR F 680 1.90 46.09 14.37
C THR F 680 1.04 45.03 15.06
N SER F 681 0.09 44.44 14.34
CA SER F 681 -0.76 43.41 14.92
C SER F 681 0.06 42.19 15.31
N ARG F 682 1.05 41.83 14.49
CA ARG F 682 1.94 40.73 14.84
C ARG F 682 2.73 41.05 16.11
N GLN F 683 3.18 42.30 16.25
CA GLN F 683 3.86 42.70 17.48
C GLN F 683 2.95 42.58 18.69
N ILE F 684 1.71 43.03 18.55
CA ILE F 684 0.76 42.96 19.67
C ILE F 684 0.49 41.51 20.05
N PHE F 685 0.33 40.64 19.04
CA PHE F 685 0.13 39.23 19.32
C PHE F 685 1.35 38.62 19.99
N HIS F 686 2.55 39.06 19.59
CA HIS F 686 3.74 38.57 20.25
C HIS F 686 3.76 38.96 21.72
N ARG F 687 3.36 40.20 22.02
CA ARG F 687 3.27 40.62 23.43
C ARG F 687 2.30 39.73 24.19
N MET F 688 1.12 39.49 23.61
CA MET F 688 0.12 38.65 24.25
C MET F 688 0.63 37.23 24.50
N TYR F 689 1.22 36.62 23.47
CA TYR F 689 1.70 35.25 23.59
C TYR F 689 2.84 35.16 24.60
N ALA F 690 3.76 36.12 24.57
CA ALA F 690 4.87 36.12 25.51
C ALA F 690 4.36 36.23 26.94
N TYR F 691 3.39 37.09 27.19
CA TYR F 691 2.86 37.21 28.54
C TYR F 691 2.17 35.92 28.97
N VAL F 692 1.41 35.30 28.08
CA VAL F 692 0.68 34.09 28.45
C VAL F 692 1.67 32.97 28.81
N VAL F 693 2.71 32.82 27.98
CA VAL F 693 3.73 31.80 28.26
C VAL F 693 4.42 32.09 29.58
N TYR F 694 4.77 33.36 29.80
CA TYR F 694 5.34 33.79 31.09
C TYR F 694 4.45 33.38 32.26
N ARG F 695 3.17 33.74 32.20
CA ARG F 695 2.30 33.57 33.34
C ARG F 695 2.11 32.09 33.66
N ILE F 696 1.80 31.28 32.65
CA ILE F 696 1.56 29.88 32.96
C ILE F 696 2.85 29.13 33.25
N ALA F 697 3.98 29.56 32.69
CA ALA F 697 5.25 28.93 33.02
C ALA F 697 5.61 29.16 34.48
N LEU F 698 5.47 30.40 34.97
CA LEU F 698 5.83 30.63 36.36
C LEU F 698 4.79 30.03 37.30
N SER F 699 3.53 29.96 36.88
CA SER F 699 2.53 29.25 37.66
C SER F 699 2.93 27.79 37.86
N ILE F 700 3.25 27.10 36.76
CA ILE F 700 3.65 25.70 36.86
C ILE F 700 4.91 25.56 37.71
N HIS F 701 5.92 26.39 37.42
CA HIS F 701 7.15 26.46 38.21
C HIS F 701 6.86 26.46 39.69
N LEU F 702 6.17 27.50 40.15
CA LEU F 702 6.11 27.73 41.57
C LEU F 702 5.13 26.77 42.23
N GLU F 703 4.12 26.28 41.50
CA GLU F 703 3.23 25.29 42.12
C GLU F 703 3.92 23.94 42.26
N ILE F 704 4.64 23.47 41.22
CA ILE F 704 5.29 22.18 41.37
C ILE F 704 6.58 22.28 42.17
N PHE F 705 6.99 23.49 42.55
CA PHE F 705 8.01 23.56 43.59
C PHE F 705 7.39 23.55 44.99
N LEU F 706 6.47 24.48 45.28
CA LEU F 706 5.95 24.57 46.65
C LEU F 706 5.12 23.34 47.02
N GLY F 707 4.29 22.84 46.11
CA GLY F 707 3.52 21.66 46.42
C GLY F 707 4.38 20.44 46.66
N LEU F 708 5.39 20.23 45.81
CA LEU F 708 6.30 19.12 46.02
C LEU F 708 7.08 19.28 47.33
N TRP F 709 7.47 20.51 47.66
CA TRP F 709 8.27 20.72 48.86
C TRP F 709 7.44 20.54 50.11
N ILE F 710 6.16 20.93 50.05
CA ILE F 710 5.23 20.64 51.15
C ILE F 710 4.99 19.15 51.27
N ALA F 711 4.76 18.46 50.15
CA ALA F 711 4.46 17.03 50.21
C ALA F 711 5.65 16.25 50.75
N ILE F 712 6.84 16.51 50.22
CA ILE F 712 8.02 15.74 50.62
C ILE F 712 8.46 16.11 52.03
N LEU F 713 8.43 17.40 52.37
CA LEU F 713 9.14 17.86 53.56
C LEU F 713 8.30 18.69 54.52
N ASN F 714 6.99 18.79 54.28
CA ASN F 714 6.08 19.48 55.21
C ASN F 714 6.55 20.91 55.49
N ARG F 715 7.13 21.55 54.49
CA ARG F 715 7.65 22.90 54.63
C ARG F 715 7.19 23.74 53.45
N SER F 716 7.08 25.04 53.69
CA SER F 716 6.71 25.97 52.64
C SER F 716 7.32 27.33 52.95
N LEU F 717 7.34 28.19 51.94
CA LEU F 717 7.86 29.53 52.12
C LEU F 717 7.01 30.30 53.12
N ASN F 718 7.63 31.27 53.79
CA ASN F 718 6.89 32.16 54.66
C ASN F 718 5.79 32.86 53.87
N ILE F 719 4.63 33.04 54.51
CA ILE F 719 3.48 33.55 53.77
C ILE F 719 3.72 34.96 53.25
N GLU F 720 4.44 35.78 54.01
CA GLU F 720 4.74 37.13 53.53
C GLU F 720 5.63 37.08 52.29
N LEU F 721 6.62 36.20 52.28
CA LEU F 721 7.51 36.10 51.13
C LEU F 721 6.77 35.61 49.89
N VAL F 722 5.86 34.65 50.05
CA VAL F 722 5.14 34.15 48.89
C VAL F 722 4.16 35.20 48.37
N VAL F 723 3.56 35.97 49.28
CA VAL F 723 2.74 37.10 48.86
C VAL F 723 3.55 38.10 48.06
N PHE F 724 4.78 38.38 48.50
CA PHE F 724 5.60 39.33 47.76
C PHE F 724 6.07 38.76 46.43
N ILE F 725 6.28 37.45 46.35
CA ILE F 725 6.56 36.82 45.07
C ILE F 725 5.40 37.04 44.11
N ALA F 726 4.17 36.86 44.61
CA ALA F 726 3.01 37.11 43.77
C ALA F 726 2.92 38.57 43.35
N ILE F 727 3.22 39.49 44.26
CA ILE F 727 3.17 40.92 43.93
C ILE F 727 4.19 41.25 42.85
N PHE F 728 5.41 40.72 42.98
CA PHE F 728 6.44 40.98 41.99
C PHE F 728 6.06 40.44 40.61
N ALA F 729 5.15 39.48 40.55
CA ALA F 729 4.63 38.99 39.28
C ALA F 729 3.48 39.82 38.76
N ASP F 730 3.05 40.86 39.49
CA ASP F 730 2.06 41.81 39.02
C ASP F 730 2.65 43.20 38.84
N VAL F 731 3.95 43.36 39.03
CA VAL F 731 4.64 44.61 38.77
C VAL F 731 5.44 44.55 37.48
N ALA F 732 6.11 43.43 37.23
CA ALA F 732 6.82 43.22 35.98
C ALA F 732 5.91 42.81 34.84
N THR F 733 4.59 42.91 35.03
CA THR F 733 3.63 42.57 33.99
C THR F 733 2.72 43.72 33.60
N LEU F 734 2.62 44.77 34.40
CA LEU F 734 1.90 45.95 33.95
C LEU F 734 2.69 46.77 32.96
N ALA F 735 3.84 46.27 32.48
CA ALA F 735 4.65 46.95 31.49
C ALA F 735 4.83 46.15 30.21
N ILE F 736 4.38 44.90 30.15
CA ILE F 736 4.57 44.09 28.95
C ILE F 736 3.79 44.68 27.78
N ALA F 737 2.67 45.35 28.06
CA ALA F 737 1.87 45.95 26.99
C ALA F 737 2.55 47.14 26.34
N TYR F 738 3.63 47.66 26.92
CA TYR F 738 4.37 48.79 26.38
C TYR F 738 5.83 48.36 26.23
N ASP F 739 6.17 47.75 25.11
CA ASP F 739 7.58 47.43 24.85
C ASP F 739 7.77 47.21 23.36
N ASN F 740 9.04 47.20 22.94
CA ASN F 740 9.42 47.06 21.54
C ASN F 740 9.48 45.57 21.18
N ALA F 741 8.30 44.97 21.17
CA ALA F 741 8.22 43.54 20.83
C ALA F 741 8.46 43.36 19.33
N PRO F 742 9.26 42.37 18.93
CA PRO F 742 9.43 42.10 17.51
C PRO F 742 8.24 41.36 16.95
N TYR F 743 8.10 41.43 15.63
CA TYR F 743 7.03 40.75 14.93
C TYR F 743 7.55 39.49 14.25
N SER F 744 6.72 38.45 14.25
CA SER F 744 7.10 37.21 13.59
C SER F 744 7.22 37.42 12.09
N GLN F 745 8.10 36.63 11.48
CA GLN F 745 8.28 36.67 10.03
C GLN F 745 7.31 35.78 9.29
N THR F 746 6.45 35.07 10.00
CA THR F 746 5.41 34.22 9.43
C THR F 746 4.12 34.49 10.18
N PRO F 747 2.97 34.22 9.55
CA PRO F 747 1.69 34.44 10.25
C PRO F 747 1.64 33.66 11.55
N VAL F 748 1.19 34.32 12.61
CA VAL F 748 1.28 33.80 13.96
C VAL F 748 -0.11 33.40 14.44
N LYS F 749 -0.18 32.25 15.12
CA LYS F 749 -1.43 31.68 15.54
C LYS F 749 -1.27 30.99 16.87
N TRP F 750 -2.38 30.78 17.56
CA TRP F 750 -2.40 30.02 18.81
C TRP F 750 -2.11 28.55 18.52
N ASN F 751 -0.88 28.13 18.75
CA ASN F 751 -0.52 26.72 18.70
C ASN F 751 -0.57 26.21 20.14
N LEU F 752 -1.77 25.95 20.62
CA LEU F 752 -1.96 25.61 22.02
C LEU F 752 -1.15 24.41 22.49
N PRO F 753 -1.07 23.29 21.75
CA PRO F 753 -0.18 22.22 22.21
C PRO F 753 1.27 22.66 22.35
N LYS F 754 1.78 23.43 21.39
CA LYS F 754 3.16 23.90 21.49
C LYS F 754 3.32 24.91 22.62
N LEU F 755 2.31 25.76 22.82
CA LEU F 755 2.36 26.71 23.92
C LEU F 755 2.44 25.99 25.26
N TRP F 756 1.58 24.99 25.46
CA TRP F 756 1.60 24.25 26.71
C TRP F 756 2.89 23.47 26.88
N GLY F 757 3.41 22.88 25.80
CA GLY F 757 4.68 22.18 25.91
C GLY F 757 5.81 23.10 26.32
N MET F 758 5.92 24.26 25.66
CA MET F 758 6.96 25.22 25.98
C MET F 758 6.84 25.70 27.42
N SER F 759 5.62 26.02 27.86
CA SER F 759 5.45 26.56 29.19
C SER F 759 5.69 25.51 30.26
N VAL F 760 5.25 24.28 30.04
CA VAL F 760 5.53 23.22 31.00
C VAL F 760 7.02 22.97 31.10
N LEU F 761 7.71 22.97 29.97
CA LEU F 761 9.16 22.76 30.02
C LEU F 761 9.87 23.90 30.74
N LEU F 762 9.46 25.14 30.50
CA LEU F 762 10.08 26.26 31.19
C LEU F 762 9.82 26.21 32.69
N GLY F 763 8.59 25.87 33.07
CA GLY F 763 8.28 25.75 34.48
C GLY F 763 9.03 24.61 35.15
N VAL F 764 9.20 23.50 34.44
CA VAL F 764 9.96 22.39 34.98
C VAL F 764 11.42 22.78 35.16
N VAL F 765 11.99 23.51 34.20
CA VAL F 765 13.37 23.95 34.33
C VAL F 765 13.52 24.89 35.53
N LEU F 766 12.57 25.82 35.69
CA LEU F 766 12.63 26.74 36.82
C LEU F 766 12.51 25.99 38.14
N ALA F 767 11.60 25.01 38.20
CA ALA F 767 11.42 24.23 39.41
C ALA F 767 12.65 23.41 39.73
N VAL F 768 13.31 22.85 38.71
CA VAL F 768 14.54 22.11 38.94
C VAL F 768 15.62 23.03 39.49
N GLY F 769 15.71 24.24 38.95
CA GLY F 769 16.67 25.20 39.50
C GLY F 769 16.40 25.52 40.95
N THR F 770 15.14 25.76 41.29
CA THR F 770 14.80 26.08 42.68
C THR F 770 15.05 24.89 43.61
N TRP F 771 14.74 23.68 43.13
CA TRP F 771 14.98 22.49 43.94
C TRP F 771 16.47 22.27 44.15
N ILE F 772 17.29 22.54 43.14
CA ILE F 772 18.74 22.49 43.33
C ILE F 772 19.16 23.50 44.39
N THR F 773 18.61 24.71 44.31
CA THR F 773 18.96 25.75 45.28
C THR F 773 18.67 25.29 46.70
N VAL F 774 17.49 24.70 46.93
CA VAL F 774 17.13 24.33 48.31
C VAL F 774 17.83 23.05 48.75
N THR F 775 18.08 22.11 47.83
CA THR F 775 18.78 20.90 48.21
C THR F 775 20.26 21.14 48.46
N THR F 776 20.81 22.25 47.96
CA THR F 776 22.16 22.62 48.38
C THR F 776 22.20 22.95 49.86
N MET F 777 21.21 23.70 50.35
CA MET F 777 21.20 24.06 51.77
C MET F 777 20.83 22.88 52.65
N TYR F 778 19.99 21.97 52.16
CA TYR F 778 19.86 20.69 52.87
C TYR F 778 21.17 19.91 52.90
N ALA F 779 21.91 19.90 51.80
CA ALA F 779 23.14 19.12 51.76
C ALA F 779 24.20 19.70 52.70
N GLN F 780 24.42 21.01 52.63
CA GLN F 780 25.53 21.63 53.33
C GLN F 780 25.09 22.58 54.44
N GLY F 781 23.89 22.38 54.99
CA GLY F 781 23.42 23.19 56.09
C GLY F 781 22.80 24.50 55.63
N GLU F 782 22.11 25.16 56.57
CA GLU F 782 21.36 26.36 56.24
C GLU F 782 22.26 27.46 55.69
N ASN F 783 23.49 27.55 56.20
CA ASN F 783 24.40 28.62 55.83
C ASN F 783 25.70 28.06 55.25
N GLY F 784 25.59 27.01 54.43
CA GLY F 784 26.78 26.43 53.86
C GLY F 784 26.68 25.99 52.41
N GLY F 785 25.49 26.07 51.82
CA GLY F 785 25.30 25.51 50.50
C GLY F 785 25.52 26.52 49.40
N ILE F 786 24.42 26.96 48.77
CA ILE F 786 24.53 28.05 47.80
C ILE F 786 24.97 29.34 48.49
N VAL F 787 24.72 29.47 49.79
CA VAL F 787 25.20 30.57 50.60
C VAL F 787 26.61 30.24 51.08
N GLN F 788 27.45 31.26 51.25
CA GLN F 788 28.83 31.01 51.64
C GLN F 788 29.08 31.31 53.12
N ASN F 789 28.79 32.53 53.56
CA ASN F 789 29.11 32.90 54.94
C ASN F 789 27.95 32.65 55.89
N PHE F 790 26.78 33.22 55.59
CA PHE F 790 25.59 32.97 56.40
C PHE F 790 24.37 33.28 55.55
N GLY F 791 23.22 32.79 56.01
CA GLY F 791 21.98 33.02 55.32
C GLY F 791 20.86 32.24 55.96
N ASN F 792 19.70 32.27 55.31
CA ASN F 792 18.57 31.47 55.74
C ASN F 792 17.84 30.98 54.50
N MET F 793 17.27 29.78 54.63
CA MET F 793 16.71 29.09 53.47
C MET F 793 15.60 29.92 52.81
N ASP F 794 14.73 30.52 53.61
CA ASP F 794 13.52 31.10 53.06
C ASP F 794 13.82 32.35 52.23
N GLU F 795 14.68 33.23 52.73
CA GLU F 795 15.00 34.43 51.97
C GLU F 795 15.85 34.12 50.75
N VAL F 796 16.73 33.11 50.84
CA VAL F 796 17.50 32.70 49.67
C VAL F 796 16.59 32.15 48.59
N LEU F 797 15.63 31.31 48.98
CA LEU F 797 14.65 30.82 48.01
C LEU F 797 13.83 31.96 47.45
N PHE F 798 13.49 32.94 48.29
CA PHE F 798 12.76 34.11 47.81
C PHE F 798 13.53 34.83 46.71
N LEU F 799 14.82 35.09 46.95
CA LEU F 799 15.63 35.80 45.97
C LEU F 799 15.77 34.99 44.69
N GLN F 800 16.05 33.70 44.81
CA GLN F 800 16.24 32.86 43.63
C GLN F 800 14.96 32.79 42.81
N ILE F 801 13.83 32.56 43.47
CA ILE F 801 12.55 32.47 42.77
C ILE F 801 12.22 33.79 42.09
N SER F 802 12.39 34.90 42.81
CA SER F 802 12.08 36.20 42.23
C SER F 802 12.93 36.48 41.00
N LEU F 803 14.24 36.27 41.10
CA LEU F 803 15.11 36.55 39.97
C LEU F 803 14.78 35.67 38.77
N THR F 804 14.74 34.35 38.98
CA THR F 804 14.53 33.45 37.86
C THR F 804 13.12 33.58 37.29
N GLU F 805 12.16 34.06 38.08
CA GLU F 805 10.81 34.21 37.58
C GLU F 805 10.67 35.48 36.76
N ASN F 806 11.13 36.61 37.30
CA ASN F 806 10.98 37.86 36.58
C ASN F 806 11.85 37.91 35.34
N TRP F 807 13.05 37.33 35.39
CA TRP F 807 13.88 37.32 34.19
C TRP F 807 13.31 36.45 33.08
N LEU F 808 12.31 35.62 33.38
CA LEU F 808 11.73 34.76 32.35
C LEU F 808 11.09 35.56 31.23
N ILE F 809 10.66 36.79 31.51
CA ILE F 809 9.96 37.56 30.49
C ILE F 809 10.91 37.95 29.37
N PHE F 810 12.20 38.14 29.66
CA PHE F 810 13.16 38.53 28.63
C PHE F 810 13.37 37.46 27.57
N ILE F 811 13.09 36.20 27.86
CA ILE F 811 13.26 35.18 26.84
C ILE F 811 11.97 34.88 26.10
N THR F 812 10.81 35.13 26.71
CA THR F 812 9.55 34.94 26.00
C THR F 812 9.27 36.05 24.99
N ARG F 813 9.77 37.25 25.22
CA ARG F 813 9.54 38.38 24.34
C ARG F 813 10.64 38.51 23.28
N ALA F 814 10.94 37.42 22.58
CA ALA F 814 12.03 37.47 21.62
C ALA F 814 11.79 36.48 20.50
N ASN F 815 12.43 36.75 19.36
CA ASN F 815 12.45 35.83 18.22
C ASN F 815 13.80 35.13 18.27
N GLY F 816 13.80 33.91 18.78
CA GLY F 816 15.02 33.17 18.94
C GLY F 816 15.75 33.54 20.21
N PRO F 817 17.02 33.90 20.09
CA PRO F 817 17.81 34.23 21.28
C PRO F 817 17.29 35.48 21.97
N PHE F 818 17.45 35.52 23.29
CA PHE F 818 16.93 36.63 24.08
C PHE F 818 17.69 37.93 23.84
N TRP F 819 18.86 37.88 23.22
CA TRP F 819 19.65 39.07 22.96
C TRP F 819 19.37 39.68 21.60
N SER F 820 18.42 39.12 20.84
CA SER F 820 18.13 39.64 19.51
C SER F 820 17.62 41.08 19.59
N SER F 821 16.50 41.29 20.26
CA SER F 821 15.91 42.61 20.40
C SER F 821 16.21 43.16 21.79
N ILE F 822 16.38 44.48 21.87
CA ILE F 822 16.63 45.17 23.12
C ILE F 822 15.29 45.48 23.77
N PRO F 823 15.05 45.05 25.00
CA PRO F 823 13.77 45.38 25.65
C PRO F 823 13.66 46.88 25.92
N SER F 824 12.41 47.34 26.01
CA SER F 824 12.16 48.75 26.25
C SER F 824 12.65 49.14 27.63
N TRP F 825 12.93 50.44 27.79
CA TRP F 825 13.43 50.93 29.08
C TRP F 825 12.42 50.71 30.20
N GLN F 826 11.13 50.73 29.88
CA GLN F 826 10.11 50.58 30.91
C GLN F 826 10.15 49.18 31.52
N LEU F 827 10.14 48.15 30.66
CA LEU F 827 10.19 46.78 31.17
C LEU F 827 11.49 46.50 31.91
N SER F 828 12.62 46.92 31.34
CA SER F 828 13.90 46.68 31.99
C SER F 828 13.97 47.39 33.34
N GLY F 829 13.49 48.62 33.42
CA GLY F 829 13.49 49.33 34.68
C GLY F 829 12.58 48.70 35.70
N ALA F 830 11.36 48.33 35.29
CA ALA F 830 10.42 47.72 36.23
C ALA F 830 10.92 46.38 36.75
N ILE F 831 11.70 45.66 35.95
CA ILE F 831 12.22 44.38 36.40
C ILE F 831 13.47 44.55 37.24
N PHE F 832 14.35 45.49 36.87
CA PHE F 832 15.54 45.74 37.65
C PHE F 832 15.19 46.29 39.03
N LEU F 833 14.14 47.10 39.13
CA LEU F 833 13.71 47.60 40.43
C LEU F 833 13.21 46.46 41.31
N VAL F 834 12.46 45.51 40.73
CA VAL F 834 12.01 44.36 41.50
C VAL F 834 13.19 43.50 41.93
N ASP F 835 14.18 43.34 41.05
CA ASP F 835 15.36 42.57 41.41
C ASP F 835 16.12 43.24 42.55
N ILE F 836 16.21 44.57 42.53
CA ILE F 836 16.85 45.29 43.62
C ILE F 836 16.08 45.12 44.91
N LEU F 837 14.75 45.17 44.84
CA LEU F 837 13.95 44.97 46.06
C LEU F 837 14.13 43.57 46.62
N ALA F 838 14.15 42.56 45.76
CA ALA F 838 14.37 41.19 46.23
C ALA F 838 15.76 41.04 46.85
N THR F 839 16.77 41.65 46.23
CA THR F 839 18.11 41.58 46.77
C THR F 839 18.18 42.26 48.14
N CYS F 840 17.50 43.39 48.30
CA CYS F 840 17.46 44.05 49.60
C CYS F 840 16.74 43.19 50.64
N PHE F 841 15.62 42.59 50.25
CA PHE F 841 14.93 41.64 51.09
C PHE F 841 15.90 40.59 51.61
N THR F 842 16.70 40.01 50.72
CA THR F 842 17.60 38.95 51.12
C THR F 842 18.72 39.47 52.01
N ILE F 843 19.32 40.62 51.66
CA ILE F 843 20.47 41.11 52.40
C ILE F 843 20.08 41.46 53.83
N TRP F 844 18.93 42.11 54.01
CA TRP F 844 18.56 42.52 55.36
C TRP F 844 17.51 41.62 56.00
N GLY F 845 16.88 40.74 55.23
CA GLY F 845 15.99 39.75 55.81
C GLY F 845 14.88 40.30 56.65
N TRP F 846 14.18 41.33 56.17
CA TRP F 846 13.20 41.98 57.02
C TRP F 846 11.82 41.34 56.96
N PHE F 847 11.74 40.04 56.68
CA PHE F 847 10.52 39.29 56.97
C PHE F 847 10.83 37.95 57.61
N GLU F 848 12.10 37.67 57.90
CA GLU F 848 12.51 36.50 58.67
C GLU F 848 13.52 36.93 59.73
N HIS F 849 14.02 35.94 60.47
CA HIS F 849 14.75 36.22 61.71
C HIS F 849 16.24 36.44 61.52
N SER F 850 16.78 36.28 60.33
CA SER F 850 18.21 36.44 60.12
C SER F 850 18.47 36.99 58.73
N ASP F 851 19.62 37.62 58.58
CA ASP F 851 20.03 38.22 57.32
C ASP F 851 20.95 37.28 56.55
N THR F 852 21.26 37.67 55.32
CA THR F 852 22.03 36.86 54.40
C THR F 852 23.29 37.60 53.99
N SER F 853 24.37 36.85 53.79
CA SER F 853 25.67 37.46 53.48
C SER F 853 25.63 38.14 52.12
N ILE F 854 26.48 39.16 51.98
CA ILE F 854 26.55 39.90 50.73
C ILE F 854 27.17 39.07 49.62
N VAL F 855 27.91 38.01 49.96
CA VAL F 855 28.46 37.13 48.93
C VAL F 855 27.46 36.03 48.56
N ALA F 856 26.59 35.67 49.51
CA ALA F 856 25.54 34.70 49.20
C ALA F 856 24.60 35.24 48.13
N VAL F 857 24.24 36.51 48.21
CA VAL F 857 23.37 37.08 47.17
C VAL F 857 24.10 37.13 45.84
N VAL F 858 25.42 37.35 45.85
CA VAL F 858 26.17 37.32 44.59
C VAL F 858 26.11 35.93 43.98
N ARG F 859 26.31 34.90 44.80
CA ARG F 859 26.26 33.53 44.28
C ARG F 859 24.86 33.19 43.79
N ILE F 860 23.82 33.67 44.49
CA ILE F 860 22.45 33.44 44.05
C ILE F 860 22.21 34.12 42.71
N TRP F 861 22.73 35.34 42.53
CA TRP F 861 22.60 36.01 41.25
C TRP F 861 23.29 35.25 40.14
N ILE F 862 24.49 34.73 40.40
CA ILE F 862 25.21 33.97 39.38
C ILE F 862 24.44 32.72 39.01
N PHE F 863 23.94 31.99 40.01
CA PHE F 863 23.19 30.77 39.73
C PHE F 863 21.89 31.07 39.00
N SER F 864 21.22 32.15 39.38
CA SER F 864 19.98 32.53 38.71
C SER F 864 20.25 32.94 37.27
N PHE F 865 21.38 33.61 37.02
CA PHE F 865 21.74 33.94 35.64
C PHE F 865 22.05 32.70 34.84
N GLY F 866 22.70 31.70 35.45
CA GLY F 866 22.92 30.45 34.75
C GLY F 866 21.62 29.74 34.42
N ILE F 867 20.68 29.72 35.36
CA ILE F 867 19.37 29.12 35.10
C ILE F 867 18.66 29.88 34.01
N PHE F 868 18.76 31.22 34.03
CA PHE F 868 18.17 32.04 32.99
C PHE F 868 18.76 31.71 31.63
N CYS F 869 20.08 31.54 31.55
CA CYS F 869 20.72 31.23 30.28
C CYS F 869 20.31 29.87 29.77
N ILE F 870 20.28 28.85 30.64
CA ILE F 870 19.91 27.52 30.15
C ILE F 870 18.44 27.49 29.75
N MET F 871 17.60 28.21 30.48
CA MET F 871 16.17 28.29 30.14
C MET F 871 15.96 29.03 28.83
N GLY F 872 16.70 30.12 28.60
CA GLY F 872 16.62 30.80 27.33
C GLY F 872 17.15 29.97 26.18
N GLY F 873 18.20 29.19 26.42
CA GLY F 873 18.68 28.29 25.38
C GLY F 873 17.68 27.21 25.04
N VAL F 874 17.01 26.67 26.06
CA VAL F 874 15.94 25.71 25.81
C VAL F 874 14.82 26.35 24.99
N TYR F 875 14.44 27.57 25.35
CA TYR F 875 13.38 28.27 24.61
C TYR F 875 13.79 28.53 23.17
N TYR F 876 15.07 28.83 22.94
CA TYR F 876 15.54 29.14 21.60
C TYR F 876 15.64 27.87 20.76
N ILE F 877 16.11 26.76 21.35
CA ILE F 877 16.26 25.52 20.61
C ILE F 877 14.89 25.03 20.13
N LEU F 878 13.90 25.05 21.01
CA LEU F 878 12.58 24.51 20.70
C LEU F 878 11.66 25.55 20.04
N GLN F 879 12.16 26.74 19.76
CA GLN F 879 11.31 27.76 19.13
C GLN F 879 10.90 27.33 17.73
N ASP F 880 11.81 26.73 16.97
CA ASP F 880 11.47 26.22 15.64
C ASP F 880 12.06 24.82 15.44
N SER F 892 1.58 24.19 -5.38
CA SER F 892 1.49 22.78 -5.06
C SER F 892 0.08 22.40 -4.59
N PRO F 893 -0.42 21.27 -5.09
CA PRO F 893 -1.76 20.81 -4.66
C PRO F 893 -1.78 20.45 -3.19
N LYS F 894 -2.49 21.24 -2.38
CA LYS F 894 -2.56 21.02 -0.94
C LYS F 894 -3.68 20.04 -0.59
N GLY F 895 -3.53 18.81 -1.05
CA GLY F 895 -4.51 17.79 -0.74
C GLY F 895 -4.10 16.38 -1.08
N ASN F 896 -4.56 15.43 -0.28
CA ASN F 896 -4.44 14.01 -0.60
C ASN F 896 -5.60 13.62 -1.51
N GLN F 897 -5.78 12.31 -1.75
CA GLN F 897 -6.90 11.88 -2.57
C GLN F 897 -8.23 12.29 -1.94
N LYS F 898 -8.33 12.20 -0.62
CA LYS F 898 -9.56 12.56 0.06
C LYS F 898 -9.92 14.02 -0.17
N GLN F 899 -8.95 14.93 -0.03
CA GLN F 899 -9.24 16.35 -0.11
C GLN F 899 -9.62 16.75 -1.54
N ARG F 900 -8.83 16.33 -2.53
CA ARG F 900 -9.17 16.65 -3.91
C ARG F 900 -10.51 16.05 -4.29
N SER F 901 -10.78 14.82 -3.85
CA SER F 901 -12.07 14.21 -4.12
C SER F 901 -13.21 15.02 -3.50
N LEU F 902 -13.01 15.51 -2.27
CA LEU F 902 -14.05 16.29 -1.62
C LEU F 902 -14.32 17.60 -2.35
N GLU F 903 -13.26 18.31 -2.74
CA GLU F 903 -13.46 19.57 -3.46
C GLU F 903 -14.11 19.32 -4.82
N ASP F 904 -13.67 18.28 -5.52
CA ASP F 904 -14.28 17.94 -6.80
C ASP F 904 -15.76 17.62 -6.62
N PHE F 905 -16.10 16.87 -5.57
CA PHE F 905 -17.49 16.55 -5.30
C PHE F 905 -18.31 17.80 -5.01
N VAL F 906 -17.74 18.73 -4.24
CA VAL F 906 -18.46 19.96 -3.92
C VAL F 906 -18.77 20.75 -5.19
N VAL F 907 -17.75 20.96 -6.01
CA VAL F 907 -17.96 21.76 -7.23
C VAL F 907 -18.90 21.04 -8.19
N SER F 908 -18.75 19.71 -8.30
CA SER F 908 -19.61 18.94 -9.19
C SER F 908 -21.06 18.97 -8.75
N LEU F 909 -21.30 18.88 -7.43
CA LEU F 909 -22.69 18.93 -6.96
C LEU F 909 -23.28 20.31 -7.19
N GLN F 910 -22.47 21.36 -7.02
CA GLN F 910 -22.95 22.70 -7.38
C GLN F 910 -23.36 22.76 -8.86
N ARG F 911 -22.50 22.24 -9.73
CA ARG F 911 -22.76 22.31 -11.16
C ARG F 911 -23.99 21.50 -11.54
N VAL F 912 -24.14 20.28 -10.99
CA VAL F 912 -25.30 19.46 -11.34
C VAL F 912 -26.58 20.05 -10.76
N SER F 913 -26.49 20.68 -9.58
CA SER F 913 -27.66 21.39 -9.05
C SER F 913 -28.09 22.49 -9.99
N THR F 914 -27.14 23.27 -10.49
CA THR F 914 -27.48 24.30 -11.48
C THR F 914 -28.06 23.68 -12.74
N GLN F 915 -27.47 22.56 -13.19
CA GLN F 915 -27.87 21.96 -14.46
C GLN F 915 -29.30 21.45 -14.40
N HIS F 916 -29.63 20.78 -13.31
CA HIS F 916 -30.95 20.24 -13.14
C HIS F 916 -31.89 21.38 -12.93
N GLU F 917 -31.48 22.36 -12.16
CA GLU F 917 -32.36 23.49 -11.90
C GLU F 917 -32.75 24.19 -13.19
N LYS F 918 -31.85 24.17 -14.18
CA LYS F 918 -32.22 24.64 -15.51
C LYS F 918 -33.39 23.83 -16.07
N SER F 919 -33.47 22.54 -15.72
CA SER F 919 -34.58 21.67 -16.08
C SER F 919 -34.74 21.55 -17.59
N GLN F 920 -33.67 21.07 -18.24
CA GLN F 920 -33.61 20.82 -19.68
C GLN F 920 -34.34 21.86 -20.53
PB ADP G . 26.04 32.18 -29.48
O1B ADP G . 26.92 33.35 -29.77
O2B ADP G . 26.54 30.78 -29.21
O3B ADP G . 24.80 32.49 -28.66
PA ADP G . 24.05 32.94 -31.13
O1A ADP G . 24.74 34.29 -31.26
O2A ADP G . 22.67 32.83 -30.59
O3A ADP G . 25.13 31.83 -31.00
O5' ADP G . 23.73 33.00 -32.93
C5' ADP G . 23.51 31.71 -33.29
C4' ADP G . 22.97 31.75 -34.71
O4' ADP G . 22.96 33.11 -35.19
C3' ADP G . 23.90 30.98 -35.64
O3' ADP G . 23.18 30.58 -36.75
C2' ADP G . 24.91 32.04 -36.02
O2' ADP G . 25.51 31.79 -37.25
C1' ADP G . 23.95 33.25 -36.18
N9 ADP G . 24.66 34.48 -35.91
C8 ADP G . 25.38 34.82 -34.74
N7 ADP G . 25.91 36.06 -34.81
C5 ADP G . 25.53 36.53 -36.08
C6 ADP G . 25.78 37.73 -36.73
N6 ADP G . 26.51 38.72 -36.14
N1 ADP G . 25.28 37.96 -37.98
C2 ADP G . 24.56 36.93 -38.51
N3 ADP G . 24.23 35.73 -38.02
C4 ADP G . 24.75 35.56 -36.77
MG MG H . 26.87 32.67 -27.26
K K I . 23.44 34.75 -7.55
PB ADP J . 29.37 -12.08 -39.67
O1B ADP J . 30.67 -12.27 -40.40
O2B ADP J . 28.70 -13.14 -38.83
O3B ADP J . 29.17 -10.70 -39.08
PA ADP J . 28.27 -10.47 -41.52
O1A ADP J . 29.62 -10.37 -42.18
O2A ADP J . 27.57 -9.25 -41.00
O3A ADP J . 28.09 -11.89 -40.93
O5' ADP J . 27.53 -10.62 -43.19
C5' ADP J . 26.32 -11.19 -42.99
C4' ADP J . 25.57 -11.08 -44.31
O4' ADP J . 26.43 -10.49 -45.30
C3' ADP J . 25.22 -12.48 -44.83
O3' ADP J . 24.14 -12.37 -45.68
C2' ADP J . 26.48 -12.86 -45.60
O2' ADP J . 26.23 -13.77 -46.60
C1' ADP J . 26.78 -11.48 -46.25
N9 ADP J . 28.20 -11.35 -46.50
C8 ADP J . 29.26 -11.48 -45.57
N7 ADP J . 30.46 -11.30 -46.13
C5 ADP J . 30.17 -11.06 -47.48
C6 ADP J . 31.01 -10.80 -48.57
N6 ADP J . 32.37 -10.75 -48.43
N1 ADP J . 30.49 -10.58 -49.81
C2 ADP J . 29.13 -10.65 -49.88
N3 ADP J . 28.20 -10.89 -48.94
C4 ADP J . 28.77 -11.09 -47.72
MG MG K . 30.96 -11.95 -37.84
K K L . 37.04 -3.15 -20.80
PB ADP M . -5.29 -40.19 -30.64
O1B ADP M . -4.93 -41.53 -31.21
O2B ADP M . -6.20 -39.98 -29.46
O3B ADP M . -4.17 -39.16 -30.68
PA ADP M . -5.31 -38.92 -33.02
O1A ADP M . -4.68 -40.14 -33.63
O2A ADP M . -4.64 -37.59 -33.06
O3A ADP M . -6.29 -39.35 -31.89
O5' ADP M . -6.41 -38.81 -34.48
C5' ADP M . -7.46 -38.06 -34.09
C4' ADP M . -8.24 -37.72 -35.35
O4' ADP M . -7.63 -38.36 -36.48
C3' ADP M . -9.66 -38.28 -35.25
O3' ADP M . -10.48 -37.55 -36.09
C2' ADP M . -9.47 -39.69 -35.77
O2' ADP M . -10.64 -40.22 -36.31
C1' ADP M . -8.49 -39.40 -36.93
N9 ADP M . -7.67 -40.56 -37.18
C8 ADP M . -6.84 -41.25 -36.26
N7 ADP M . -6.20 -42.29 -36.83
C5 ADP M . -6.63 -42.27 -38.17
C6 ADP M . -6.31 -43.09 -39.25
N6 ADP M . -5.45 -44.14 -39.12
N1 ADP M . -6.87 -42.87 -40.48
C2 ADP M . -7.72 -41.80 -40.54
N3 ADP M . -8.12 -40.92 -39.60
C4 ADP M . -7.53 -41.20 -38.40
MG MG N . -3.68 -40.96 -29.00
K K O . 12.01 -37.17 -17.01
PB ADP P . -43.28 -24.06 -11.43
O1B ADP P . -44.27 -25.18 -11.39
O2B ADP P . -43.25 -22.90 -10.45
O3B ADP P . -41.88 -24.44 -11.86
PA ADP P . -43.12 -23.96 -14.12
O1A ADP P . -43.88 -25.27 -14.16
O2A ADP P . -41.75 -23.84 -14.69
O3A ADP P . -43.64 -23.11 -12.93
O5' ADP P . -44.14 -23.38 -15.52
C5' ADP P . -44.07 -22.03 -15.48
C4' ADP P . -44.67 -21.53 -16.78
O4' ADP P . -45.18 -22.64 -17.54
C3' ADP P . -45.87 -20.63 -16.49
O3' ADP P . -46.07 -19.80 -17.57
C2' ADP P . -47.00 -21.64 -16.38
O2' ADP P . -48.24 -21.09 -16.67
C1' ADP P . -46.59 -22.58 -17.54
N9 ADP P . -47.07 -23.92 -17.27
C8 ADP P . -46.82 -24.73 -16.14
N7 ADP P . -47.42 -25.93 -16.21
C5 ADP P . -48.08 -25.91 -17.45
C6 ADP P . -48.88 -26.86 -18.09
N6 ADP P . -49.13 -28.07 -17.53
N1 ADP P . -49.43 -26.59 -19.31
C2 ADP P . -49.14 -25.36 -19.82
N3 ADP P . -48.40 -24.35 -19.33
C4 ADP P . -47.87 -24.67 -18.12
MG MG Q . -42.40 -25.36 -9.59
K K R . -26.61 -33.26 0.04
PB ADP S . -46.61 20.20 -1.24
O1B ADP S . -48.01 20.44 -0.76
O2B ADP S . -45.41 21.01 -0.82
O3B ADP S . -46.25 18.74 -1.45
PA ADP S . -47.34 19.45 -3.72
O1A ADP S . -48.76 19.38 -3.24
O2A ADP S . -46.65 18.24 -4.27
O3A ADP S . -46.60 20.61 -3.00
O5' ADP S . -47.94 20.24 -5.26
C5' ADP S . -46.88 20.87 -5.78
C4' ADP S . -47.28 21.30 -7.18
O4' ADP S . -48.65 20.95 -7.42
C3' ADP S . -47.19 22.83 -7.30
O3' ADP S . -47.03 23.15 -8.64
C2' ADP S . -48.56 23.26 -6.81
O2' ADP S . -48.96 24.48 -7.32
C1' ADP S . -49.42 22.15 -7.47
N9 ADP S . -50.61 21.91 -6.68
C8 ADP S . -50.70 21.57 -5.31
N7 ADP S . -51.96 21.43 -4.90
C5 ADP S . -52.73 21.68 -6.05
C6 ADP S . -54.11 21.68 -6.25
N6 ADP S . -54.99 21.40 -5.24
N1 ADP S . -54.64 21.96 -7.48
C2 ADP S . -53.71 22.23 -8.45
N3 ADP S . -52.36 22.28 -8.41
C4 ADP S . -51.90 21.99 -7.16
MG MG T . -46.48 19.26 0.99
K K U . -40.20 4.64 13.29
PB ADP V . -11.96 48.31 -10.26
O1B ADP V . -12.42 49.70 -9.95
O2B ADP V . -10.51 47.85 -10.20
O3B ADP V . -12.91 47.21 -9.85
PA ADP V . -13.75 47.90 -12.23
O1A ADP V . -14.46 49.15 -11.79
O2A ADP V . -14.44 46.57 -12.22
O3A ADP V . -12.22 48.07 -12.04
O5' ADP V . -14.01 48.43 -13.97
C5' ADP V . -13.09 47.74 -14.69
C4' ADP V . -13.46 47.94 -16.15
O4' ADP V . -14.59 48.83 -16.25
C3' ADP V . -12.31 48.63 -16.88
O3' ADP V . -12.41 48.33 -18.23
C2' ADP V . -12.61 50.09 -16.63
O2' ADP V . -12.08 50.93 -17.61
C1' ADP V . -14.15 50.06 -16.79
N9 ADP V . -14.74 51.12 -16.00
C8 ADP V . -14.60 51.35 -14.61
N7 ADP V . -15.30 52.42 -14.19
C5 ADP V . -15.93 52.89 -15.36
C6 ADP V . -16.79 53.97 -15.57
N6 ADP V . -17.16 54.79 -14.55
N1 ADP V . -17.27 54.24 -16.82
C2 ADP V . -16.86 53.38 -17.79
N3 ADP V . -16.05 52.31 -17.75
C4 ADP V . -15.60 52.09 -16.48
MG MG W . -11.85 48.27 -7.85
K K X . -15.17 38.66 9.50
#